data_7FS0
#
_entry.id   7FS0
#
_cell.length_a   209.002
_cell.length_b   113.344
_cell.length_c   189.484
_cell.angle_alpha   90.000
_cell.angle_beta   91.120
_cell.angle_gamma   90.000
#
_symmetry.space_group_name_H-M   'C 1 2 1'
#
loop_
_entity.id
_entity.type
_entity.pdbx_description
1 polymer 'Pyruvate kinase PKLR'
2 non-polymer 1,6-di-O-phosphono-beta-D-fructofuranose
3 non-polymer 'OXALATE ION'
4 non-polymer 'MAGNESIUM ION'
5 non-polymer 'POTASSIUM ION'
6 non-polymer 3,4-dihydroxy-N-{2-[4-(3-hydroxybenzene-1-sulfonyl)phenyl]ethyl}benzene-1-sulfonamide
7 water water
#
_entity_poly.entity_id   1
_entity_poly.type   'polypeptide(L)'
_entity_poly.pdbx_seq_one_letter_code
;GSMEGPAGYLRRADVAQLTQELGTAFFQQQQLPAAMADTFLEHLCLLDIDSEPVAARSTSIIATIGPASRSVERLKEMIK
AGMNIARLNFSHGSHEYHAESIANVREAVESFAGSPLSYRPVAIALDTKGPGSGPGLSEQDVRDLRFGVEHGVDIVFASF
VRKASDVAAVRAALGPEGHGIKIISKIENHEGVKRFDEILEVSDGIMVARGDLGIEIPAEKVFLAQKMMIGRCNLAGKPV
VCATQMLESMITKPRPTRAETSDVANAVLDGADCIMLSGETAKGNFPVEAVKMQHAIAREAEAAVYHRQLFEELRRAAPL
SRDPTEVTAIGAVEAAFKCCAAAIIVLTTTGRSAQLLSRYRPRAAVIAVTRSAQAARQVHLCRGVFPLLYREPPEAIWAD
DVDRRVQFGIESGKLRGFLRVGDLVIVVTGWRPGSGYTNIMRVLSIS
;
_entity_poly.pdbx_strand_id   A,B,C,D,E,F,G,H
#
loop_
_chem_comp.id
_chem_comp.type
_chem_comp.name
_chem_comp.formula
FBP D-saccharide, beta linking 1,6-di-O-phosphono-beta-D-fructofuranose 'C6 H14 O12 P2'
K non-polymer 'POTASSIUM ION' 'K 1'
MG non-polymer 'MAGNESIUM ION' 'Mg 2'
O8X non-polymer 3,4-dihydroxy-N-{2-[4-(3-hydroxybenzene-1-sulfonyl)phenyl]ethyl}benzene-1-sulfonamide 'C20 H19 N O7 S2'
OXL non-polymer 'OXALATE ION' 'C2 O4 -2'
#
# COMPACT_ATOMS: atom_id res chain seq x y z
N ALA A 25 -15.08 -22.18 -22.29
CA ALA A 25 -16.45 -22.25 -21.80
C ALA A 25 -16.80 -23.62 -21.24
N PHE A 26 -16.29 -24.69 -21.85
CA PHE A 26 -16.52 -26.07 -21.40
C PHE A 26 -16.01 -26.25 -19.97
N PHE A 27 -14.82 -25.69 -19.68
CA PHE A 27 -14.19 -25.83 -18.38
C PHE A 27 -14.76 -24.90 -17.29
N GLN A 28 -15.71 -24.03 -17.62
CA GLN A 28 -16.38 -23.20 -16.62
C GLN A 28 -17.70 -23.87 -16.15
N GLN A 29 -18.31 -24.73 -17.00
CA GLN A 29 -19.55 -25.45 -16.69
C GLN A 29 -19.30 -26.68 -15.81
N GLN A 30 -20.40 -27.29 -15.31
CA GLN A 30 -20.51 -28.50 -14.47
C GLN A 30 -19.48 -28.61 -13.33
N GLN A 31 -19.21 -27.47 -12.66
CA GLN A 31 -18.26 -27.32 -11.55
C GLN A 31 -16.88 -27.87 -11.86
N LEU A 32 -16.43 -27.68 -13.12
CA LEU A 32 -15.10 -28.17 -13.51
C LEU A 32 -13.95 -27.44 -12.80
N PRO A 33 -14.00 -26.11 -12.51
CA PRO A 33 -12.92 -25.51 -11.70
C PRO A 33 -12.83 -26.15 -10.31
N ALA A 34 -14.00 -26.42 -9.67
CA ALA A 34 -14.06 -27.07 -8.35
C ALA A 34 -13.59 -28.54 -8.40
N ALA A 35 -13.77 -29.21 -9.54
CA ALA A 35 -13.34 -30.59 -9.73
C ALA A 35 -11.82 -30.72 -9.87
N MET A 36 -11.15 -29.66 -10.40
CA MET A 36 -9.70 -29.65 -10.57
C MET A 36 -8.92 -29.40 -9.26
N ALA A 37 -9.60 -28.98 -8.18
CA ALA A 37 -9.00 -28.66 -6.89
C ALA A 37 -8.19 -29.79 -6.26
N ASP A 38 -7.08 -29.42 -5.60
CA ASP A 38 -6.16 -30.39 -4.98
C ASP A 38 -6.58 -30.83 -3.58
N THR A 39 -7.49 -30.09 -2.93
CA THR A 39 -8.01 -30.43 -1.62
C THR A 39 -9.53 -30.27 -1.63
N PHE A 40 -10.21 -30.92 -0.70
CA PHE A 40 -11.65 -30.79 -0.55
C PHE A 40 -12.04 -29.35 -0.12
N LEU A 41 -11.18 -28.69 0.69
CA LEU A 41 -11.40 -27.32 1.12
C LEU A 41 -11.40 -26.40 -0.11
N GLU A 42 -10.40 -26.54 -1.00
CA GLU A 42 -10.29 -25.76 -2.25
C GLU A 42 -11.48 -26.04 -3.15
N HIS A 43 -11.94 -27.31 -3.19
CA HIS A 43 -13.10 -27.75 -3.93
C HIS A 43 -14.33 -26.97 -3.48
N LEU A 44 -14.60 -26.91 -2.15
CA LEU A 44 -15.74 -26.13 -1.63
C LEU A 44 -15.62 -24.64 -2.03
N CYS A 45 -14.41 -24.08 -1.86
CA CYS A 45 -14.11 -22.69 -2.18
C CYS A 45 -14.37 -22.34 -3.64
N LEU A 46 -14.19 -23.31 -4.54
CA LEU A 46 -14.38 -23.08 -5.97
C LEU A 46 -15.79 -23.36 -6.49
N LEU A 47 -16.72 -23.78 -5.61
CA LEU A 47 -18.10 -24.04 -6.06
C LEU A 47 -18.73 -22.74 -6.57
N ASP A 48 -19.33 -22.79 -7.77
CA ASP A 48 -19.85 -21.60 -8.44
C ASP A 48 -21.33 -21.74 -8.77
N ILE A 49 -22.16 -20.78 -8.29
CA ILE A 49 -23.59 -20.80 -8.59
C ILE A 49 -23.88 -20.49 -10.08
N ASP A 50 -22.93 -19.88 -10.78
CA ASP A 50 -23.04 -19.57 -12.21
C ASP A 50 -22.51 -20.71 -13.11
N SER A 51 -21.91 -21.77 -12.52
CA SER A 51 -21.43 -22.93 -13.27
C SER A 51 -22.62 -23.86 -13.49
N GLU A 52 -23.18 -23.85 -14.71
CA GLU A 52 -24.37 -24.64 -15.01
C GLU A 52 -24.11 -26.12 -15.22
N PRO A 53 -25.00 -26.98 -14.66
CA PRO A 53 -24.84 -28.42 -14.88
C PRO A 53 -25.10 -28.77 -16.36
N VAL A 54 -24.28 -29.66 -16.93
CA VAL A 54 -24.46 -30.01 -18.35
C VAL A 54 -24.80 -31.49 -18.51
N ALA A 55 -24.24 -32.36 -17.66
CA ALA A 55 -24.55 -33.78 -17.72
C ALA A 55 -26.00 -34.08 -17.32
N ALA A 56 -26.50 -35.23 -17.80
CA ALA A 56 -27.85 -35.67 -17.49
C ALA A 56 -27.92 -36.04 -16.01
N ARG A 57 -29.10 -35.86 -15.40
CA ARG A 57 -29.29 -36.17 -14.00
C ARG A 57 -29.18 -37.67 -13.77
N SER A 58 -28.22 -38.07 -12.96
CA SER A 58 -27.83 -39.44 -12.61
C SER A 58 -28.60 -40.11 -11.48
N THR A 59 -28.96 -39.37 -10.41
CA THR A 59 -29.63 -39.95 -9.25
C THR A 59 -31.08 -40.17 -9.61
N SER A 60 -31.57 -41.42 -9.56
CA SER A 60 -32.96 -41.68 -9.94
C SER A 60 -33.98 -41.19 -8.92
N ILE A 61 -35.17 -40.82 -9.43
CA ILE A 61 -36.24 -40.32 -8.60
C ILE A 61 -37.32 -41.37 -8.46
N ILE A 62 -37.62 -41.75 -7.21
CA ILE A 62 -38.69 -42.71 -6.93
C ILE A 62 -39.88 -41.88 -6.48
N ALA A 63 -41.02 -42.02 -7.15
CA ALA A 63 -42.20 -41.27 -6.79
C ALA A 63 -43.26 -42.23 -6.28
N THR A 64 -43.81 -41.96 -5.08
CA THR A 64 -44.87 -42.79 -4.54
C THR A 64 -46.20 -42.46 -5.24
N ILE A 65 -46.89 -43.49 -5.73
CA ILE A 65 -48.15 -43.32 -6.44
C ILE A 65 -49.32 -43.32 -5.46
N GLY A 66 -50.18 -42.33 -5.59
CA GLY A 66 -51.38 -42.21 -4.74
C GLY A 66 -52.47 -41.43 -5.43
N PRO A 67 -53.46 -40.95 -4.65
CA PRO A 67 -54.55 -40.16 -5.27
C PRO A 67 -54.08 -38.97 -6.11
N ALA A 68 -53.01 -38.28 -5.68
CA ALA A 68 -52.46 -37.12 -6.39
C ALA A 68 -51.69 -37.44 -7.67
N SER A 69 -51.32 -38.71 -7.88
CA SER A 69 -50.48 -39.08 -9.01
C SER A 69 -50.93 -40.35 -9.74
N ARG A 70 -52.24 -40.67 -9.69
CA ARG A 70 -52.73 -41.91 -10.29
C ARG A 70 -53.23 -41.80 -11.72
N SER A 71 -53.71 -40.63 -12.15
CA SER A 71 -54.25 -40.52 -13.50
C SER A 71 -53.19 -40.66 -14.57
N VAL A 72 -53.53 -41.30 -15.69
CA VAL A 72 -52.63 -41.53 -16.82
C VAL A 72 -52.00 -40.20 -17.33
N GLU A 73 -52.80 -39.13 -17.39
CA GLU A 73 -52.33 -37.83 -17.84
C GLU A 73 -51.33 -37.22 -16.84
N ARG A 74 -51.59 -37.42 -15.52
CA ARG A 74 -50.75 -36.96 -14.40
C ARG A 74 -49.39 -37.66 -14.44
N LEU A 75 -49.41 -38.98 -14.69
CA LEU A 75 -48.24 -39.84 -14.77
C LEU A 75 -47.36 -39.51 -15.97
N LYS A 76 -47.94 -39.06 -17.10
CA LYS A 76 -47.16 -38.64 -18.28
C LYS A 76 -46.35 -37.38 -17.95
N GLU A 77 -46.94 -36.47 -17.15
CA GLU A 77 -46.28 -35.26 -16.70
C GLU A 77 -45.13 -35.60 -15.77
N MET A 78 -45.34 -36.59 -14.87
CA MET A 78 -44.32 -37.04 -13.93
CA MET A 78 -44.31 -37.03 -13.92
C MET A 78 -43.17 -37.78 -14.61
N ILE A 79 -43.46 -38.50 -15.70
CA ILE A 79 -42.42 -39.19 -16.46
C ILE A 79 -41.55 -38.11 -17.12
N LYS A 80 -42.20 -37.11 -17.74
CA LYS A 80 -41.52 -35.99 -18.38
C LYS A 80 -40.70 -35.16 -17.37
N ALA A 81 -41.19 -35.03 -16.13
CA ALA A 81 -40.52 -34.30 -15.06
C ALA A 81 -39.25 -35.02 -14.53
N GLY A 82 -39.19 -36.35 -14.68
CA GLY A 82 -38.03 -37.11 -14.24
C GLY A 82 -38.26 -38.36 -13.41
N MET A 83 -39.51 -38.76 -13.14
CA MET A 83 -39.77 -39.98 -12.37
C MET A 83 -39.20 -41.21 -13.08
N ASN A 84 -38.37 -41.99 -12.39
CA ASN A 84 -37.76 -43.19 -12.98
C ASN A 84 -38.35 -44.46 -12.42
N ILE A 85 -38.79 -44.44 -11.14
CA ILE A 85 -39.36 -45.58 -10.45
C ILE A 85 -40.67 -45.16 -9.79
N ALA A 86 -41.71 -45.97 -9.97
CA ALA A 86 -43.03 -45.74 -9.38
C ALA A 86 -43.17 -46.64 -8.17
N ARG A 87 -43.39 -46.06 -6.98
CA ARG A 87 -43.51 -46.83 -5.75
C ARG A 87 -44.95 -47.03 -5.36
N LEU A 88 -45.36 -48.28 -5.14
CA LEU A 88 -46.72 -48.58 -4.69
C LEU A 88 -46.60 -48.93 -3.20
N ASN A 89 -47.19 -48.09 -2.34
CA ASN A 89 -47.13 -48.34 -0.90
C ASN A 89 -48.24 -49.30 -0.52
N PHE A 90 -47.87 -50.56 -0.23
CA PHE A 90 -48.87 -51.57 0.12
C PHE A 90 -49.37 -51.47 1.58
N SER A 91 -49.01 -50.39 2.29
CA SER A 91 -49.57 -50.13 3.62
C SER A 91 -51.02 -49.61 3.52
N HIS A 92 -51.39 -49.04 2.35
CA HIS A 92 -52.71 -48.49 2.05
C HIS A 92 -53.15 -49.01 0.68
N GLY A 93 -54.47 -49.08 0.48
CA GLY A 93 -55.04 -49.53 -0.78
C GLY A 93 -55.18 -51.04 -0.90
N SER A 94 -56.12 -51.46 -1.74
CA SER A 94 -56.40 -52.87 -2.00
C SER A 94 -55.59 -53.37 -3.22
N HIS A 95 -55.61 -54.69 -3.48
CA HIS A 95 -54.94 -55.25 -4.65
C HIS A 95 -55.56 -54.68 -5.94
N GLU A 96 -56.88 -54.45 -5.94
CA GLU A 96 -57.60 -53.88 -7.09
C GLU A 96 -57.09 -52.47 -7.39
N TYR A 97 -56.86 -51.68 -6.32
CA TYR A 97 -56.35 -50.32 -6.38
C TYR A 97 -54.95 -50.29 -6.98
N HIS A 98 -54.05 -51.14 -6.47
CA HIS A 98 -52.67 -51.20 -6.93
C HIS A 98 -52.54 -51.75 -8.33
N ALA A 99 -53.42 -52.70 -8.74
CA ALA A 99 -53.40 -53.21 -10.12
C ALA A 99 -53.77 -52.09 -11.10
N GLU A 100 -54.69 -51.19 -10.69
CA GLU A 100 -55.11 -50.06 -11.49
C GLU A 100 -53.98 -49.04 -11.60
N SER A 101 -53.23 -48.83 -10.50
CA SER A 101 -52.07 -47.93 -10.46
C SER A 101 -51.03 -48.44 -11.48
N ILE A 102 -50.71 -49.76 -11.43
CA ILE A 102 -49.76 -50.42 -12.32
C ILE A 102 -50.16 -50.22 -13.78
N ALA A 103 -51.45 -50.45 -14.08
CA ALA A 103 -51.98 -50.31 -15.43
C ALA A 103 -51.86 -48.87 -15.94
N ASN A 104 -52.16 -47.89 -15.06
CA ASN A 104 -52.08 -46.47 -15.41
C ASN A 104 -50.64 -46.04 -15.65
N VAL A 105 -49.70 -46.57 -14.85
CA VAL A 105 -48.28 -46.29 -15.00
C VAL A 105 -47.82 -46.85 -16.35
N ARG A 106 -48.12 -48.14 -16.63
CA ARG A 106 -47.76 -48.78 -17.89
C ARG A 106 -48.36 -48.10 -19.12
N GLU A 107 -49.59 -47.59 -19.01
CA GLU A 107 -50.23 -46.87 -20.10
C GLU A 107 -49.51 -45.55 -20.40
N ALA A 108 -49.18 -44.78 -19.35
CA ALA A 108 -48.45 -43.52 -19.50
C ALA A 108 -47.03 -43.77 -20.04
N VAL A 109 -46.36 -44.85 -19.60
CA VAL A 109 -45.01 -45.19 -20.05
C VAL A 109 -45.02 -45.56 -21.54
N GLU A 110 -45.96 -46.45 -21.93
CA GLU A 110 -46.03 -46.89 -23.31
C GLU A 110 -46.56 -45.85 -24.28
N SER A 111 -47.16 -44.76 -23.78
CA SER A 111 -47.60 -43.68 -24.65
C SER A 111 -46.40 -42.98 -25.37
N PHE A 112 -45.17 -43.19 -24.89
CA PHE A 112 -43.95 -42.62 -25.49
C PHE A 112 -43.14 -43.65 -26.32
N ALA A 113 -43.61 -44.91 -26.41
CA ALA A 113 -42.91 -45.99 -27.13
C ALA A 113 -42.87 -45.84 -28.65
N GLY A 114 -43.60 -44.88 -29.20
CA GLY A 114 -43.63 -44.60 -30.64
C GLY A 114 -42.29 -44.14 -31.17
N SER A 115 -41.48 -43.48 -30.32
CA SER A 115 -40.14 -43.02 -30.68
C SER A 115 -39.14 -43.80 -29.80
N PRO A 116 -38.61 -44.93 -30.31
CA PRO A 116 -37.69 -45.77 -29.50
C PRO A 116 -36.35 -45.12 -29.12
N LEU A 117 -35.88 -44.14 -29.91
CA LEU A 117 -34.65 -43.43 -29.61
C LEU A 117 -34.82 -42.45 -28.42
N SER A 118 -36.08 -42.14 -28.01
CA SER A 118 -36.34 -41.24 -26.88
C SER A 118 -37.24 -41.86 -25.77
N TYR A 119 -37.66 -43.12 -25.93
CA TYR A 119 -38.48 -43.82 -24.94
C TYR A 119 -37.73 -43.98 -23.61
N ARG A 120 -38.42 -43.62 -22.51
CA ARG A 120 -37.86 -43.74 -21.16
C ARG A 120 -38.55 -44.87 -20.38
N PRO A 121 -37.82 -45.97 -20.07
CA PRO A 121 -38.41 -47.03 -19.25
C PRO A 121 -38.68 -46.57 -17.81
N VAL A 122 -39.72 -47.08 -17.16
CA VAL A 122 -40.02 -46.72 -15.77
C VAL A 122 -40.21 -48.00 -14.96
N ALA A 123 -39.48 -48.15 -13.85
CA ALA A 123 -39.60 -49.34 -13.01
C ALA A 123 -40.83 -49.25 -12.09
N ILE A 124 -41.34 -50.40 -11.66
CA ILE A 124 -42.45 -50.46 -10.72
C ILE A 124 -41.98 -51.18 -9.48
N ALA A 125 -42.04 -50.52 -8.34
CA ALA A 125 -41.59 -51.08 -7.07
C ALA A 125 -42.73 -51.26 -6.09
N LEU A 126 -42.79 -52.43 -5.45
CA LEU A 126 -43.80 -52.74 -4.46
C LEU A 126 -43.19 -52.52 -3.09
N ASP A 127 -43.74 -51.60 -2.28
CA ASP A 127 -43.25 -51.38 -0.93
C ASP A 127 -44.15 -52.18 0.01
N THR A 128 -43.63 -53.21 0.68
CA THR A 128 -44.45 -54.06 1.56
C THR A 128 -44.94 -53.34 2.83
N LYS A 129 -46.04 -53.84 3.42
CA LYS A 129 -46.62 -53.27 4.63
C LYS A 129 -45.72 -53.52 5.85
N GLY A 130 -45.06 -54.66 5.90
CA GLY A 130 -44.16 -54.98 7.00
C GLY A 130 -44.69 -56.03 7.97
N PRO A 131 -43.84 -56.46 8.90
CA PRO A 131 -44.26 -57.50 9.86
C PRO A 131 -45.08 -57.00 11.05
N GLY A 132 -44.94 -55.71 11.37
CA GLY A 132 -45.62 -55.12 12.52
C GLY A 132 -45.12 -55.70 13.82
N SER A 133 -46.05 -56.15 14.66
CA SER A 133 -45.72 -56.78 15.94
C SER A 133 -45.07 -58.18 15.79
N GLY A 134 -45.33 -58.85 14.65
CA GLY A 134 -44.84 -60.18 14.35
C GLY A 134 -43.34 -60.34 14.27
N GLY A 136 -42.04 -62.85 12.04
CA GLY A 136 -41.50 -62.97 10.70
C GLY A 136 -42.36 -62.35 9.62
N LEU A 137 -42.36 -62.96 8.42
CA LEU A 137 -43.13 -62.47 7.27
C LEU A 137 -44.62 -62.62 7.51
N SER A 138 -45.35 -61.49 7.50
CA SER A 138 -46.79 -61.49 7.74
C SER A 138 -47.57 -62.17 6.59
N GLU A 139 -48.80 -62.62 6.88
CA GLU A 139 -49.63 -63.27 5.87
C GLU A 139 -49.99 -62.30 4.76
N GLN A 140 -50.22 -61.01 5.11
CA GLN A 140 -50.54 -60.00 4.11
C GLN A 140 -49.34 -59.78 3.19
N ASP A 141 -48.12 -59.76 3.75
CA ASP A 141 -46.91 -59.61 2.94
C ASP A 141 -46.75 -60.75 1.97
N VAL A 142 -47.05 -61.99 2.38
CA VAL A 142 -46.98 -63.14 1.48
C VAL A 142 -47.95 -62.99 0.31
N ARG A 143 -49.14 -62.47 0.58
CA ARG A 143 -50.15 -62.24 -0.45
C ARG A 143 -49.78 -61.10 -1.40
N ASP A 144 -49.21 -60.03 -0.85
CA ASP A 144 -48.81 -58.86 -1.62
C ASP A 144 -47.60 -59.18 -2.51
N LEU A 145 -46.66 -59.99 -2.00
CA LEU A 145 -45.49 -60.39 -2.77
C LEU A 145 -45.91 -61.27 -3.94
N ARG A 146 -46.89 -62.18 -3.73
CA ARG A 146 -47.41 -63.02 -4.83
C ARG A 146 -48.09 -62.14 -5.88
N PHE A 147 -48.79 -61.08 -5.45
CA PHE A 147 -49.45 -60.10 -6.32
C PHE A 147 -48.38 -59.41 -7.21
N GLY A 148 -47.27 -59.02 -6.60
CA GLY A 148 -46.17 -58.37 -7.31
C GLY A 148 -45.58 -59.25 -8.40
N VAL A 149 -45.40 -60.54 -8.10
CA VAL A 149 -44.88 -61.49 -9.07
C VAL A 149 -45.85 -61.64 -10.22
N GLU A 150 -47.16 -61.77 -9.91
CA GLU A 150 -48.22 -61.91 -10.91
C GLU A 150 -48.38 -60.67 -11.78
N HIS A 151 -48.10 -59.49 -11.22
CA HIS A 151 -48.23 -58.25 -11.97
C HIS A 151 -46.92 -57.73 -12.57
N GLY A 152 -45.85 -58.53 -12.48
CA GLY A 152 -44.55 -58.20 -13.05
C GLY A 152 -43.81 -57.00 -12.48
N VAL A 153 -43.84 -56.83 -11.14
CA VAL A 153 -43.09 -55.74 -10.52
C VAL A 153 -41.59 -56.00 -10.66
N ASP A 154 -40.80 -54.93 -10.70
CA ASP A 154 -39.37 -55.06 -10.88
C ASP A 154 -38.61 -55.06 -9.56
N ILE A 155 -39.11 -54.31 -8.56
CA ILE A 155 -38.42 -54.16 -7.28
C ILE A 155 -39.38 -54.37 -6.10
N VAL A 156 -38.84 -54.81 -4.97
CA VAL A 156 -39.58 -54.94 -3.71
C VAL A 156 -38.80 -54.13 -2.68
N PHE A 157 -39.45 -53.17 -2.03
CA PHE A 157 -38.85 -52.43 -0.93
C PHE A 157 -39.38 -53.17 0.29
N ALA A 158 -38.60 -54.09 0.85
CA ALA A 158 -39.03 -54.88 1.99
C ALA A 158 -38.97 -54.10 3.29
N SER A 159 -40.15 -53.81 3.89
CA SER A 159 -40.24 -53.06 5.15
C SER A 159 -39.69 -53.78 6.38
N PHE A 160 -39.18 -52.99 7.33
CA PHE A 160 -38.63 -53.40 8.62
C PHE A 160 -37.72 -54.65 8.58
N VAL A 161 -36.70 -54.65 7.71
CA VAL A 161 -35.76 -55.77 7.65
C VAL A 161 -34.85 -55.64 8.87
N ARG A 162 -34.71 -56.70 9.67
CA ARG A 162 -33.87 -56.65 10.87
C ARG A 162 -32.70 -57.65 10.86
N LYS A 163 -32.74 -58.65 9.98
CA LYS A 163 -31.70 -59.67 9.89
C LYS A 163 -31.70 -60.32 8.50
N ALA A 164 -30.65 -61.08 8.17
CA ALA A 164 -30.56 -61.74 6.88
C ALA A 164 -31.72 -62.73 6.60
N SER A 165 -32.25 -63.38 7.66
CA SER A 165 -33.36 -64.32 7.50
C SER A 165 -34.66 -63.66 7.02
N ASP A 166 -34.83 -62.35 7.30
CA ASP A 166 -36.00 -61.59 6.84
C ASP A 166 -35.95 -61.45 5.33
N VAL A 167 -34.74 -61.21 4.77
CA VAL A 167 -34.53 -61.09 3.33
C VAL A 167 -34.81 -62.43 2.65
N ALA A 168 -34.33 -63.53 3.26
CA ALA A 168 -34.53 -64.87 2.76
C ALA A 168 -36.02 -65.22 2.69
N ALA A 169 -36.80 -64.77 3.68
CA ALA A 169 -38.24 -65.00 3.73
C ALA A 169 -38.94 -64.26 2.59
N VAL A 170 -38.51 -63.03 2.27
CA VAL A 170 -39.07 -62.26 1.16
C VAL A 170 -38.74 -62.93 -0.17
N ARG A 171 -37.51 -63.44 -0.29
CA ARG A 171 -37.03 -64.14 -1.46
C ARG A 171 -37.87 -65.42 -1.69
N ALA A 172 -38.16 -66.16 -0.61
CA ALA A 172 -38.97 -67.37 -0.64
C ALA A 172 -40.43 -67.06 -1.09
N ALA A 173 -41.02 -65.97 -0.57
CA ALA A 173 -42.38 -65.53 -0.93
C ALA A 173 -42.51 -65.07 -2.38
N LEU A 174 -41.40 -64.65 -3.01
CA LEU A 174 -41.42 -64.29 -4.43
C LEU A 174 -41.46 -65.56 -5.33
N GLY A 175 -40.96 -66.68 -4.80
CA GLY A 175 -40.97 -67.98 -5.46
C GLY A 175 -40.06 -68.10 -6.66
N PRO A 176 -40.26 -69.20 -7.42
CA PRO A 176 -39.43 -69.42 -8.62
C PRO A 176 -39.78 -68.46 -9.78
N GLU A 177 -41.03 -67.98 -9.84
CA GLU A 177 -41.44 -67.04 -10.90
C GLU A 177 -40.88 -65.60 -10.66
N GLY A 178 -40.56 -65.28 -9.40
CA GLY A 178 -39.98 -63.99 -9.02
C GLY A 178 -38.51 -64.02 -8.66
N HIS A 179 -37.72 -64.80 -9.41
CA HIS A 179 -36.27 -64.93 -9.22
C HIS A 179 -35.50 -63.64 -9.64
N GLY A 180 -36.06 -62.91 -10.61
CA GLY A 180 -35.49 -61.70 -11.18
C GLY A 180 -35.83 -60.39 -10.50
N ILE A 181 -36.76 -60.40 -9.54
CA ILE A 181 -37.13 -59.18 -8.81
C ILE A 181 -36.00 -58.75 -7.85
N LYS A 182 -35.69 -57.44 -7.83
CA LYS A 182 -34.66 -56.92 -6.94
C LYS A 182 -35.22 -56.64 -5.54
N ILE A 183 -34.56 -57.13 -4.49
CA ILE A 183 -34.98 -56.87 -3.11
C ILE A 183 -34.14 -55.78 -2.47
N ILE A 184 -34.77 -54.63 -2.20
CA ILE A 184 -34.13 -53.49 -1.53
C ILE A 184 -34.63 -53.50 -0.08
N SER A 185 -33.75 -53.87 0.87
CA SER A 185 -34.13 -53.94 2.28
C SER A 185 -34.23 -52.57 2.94
N LYS A 186 -35.37 -52.29 3.59
CA LYS A 186 -35.56 -51.04 4.30
C LYS A 186 -35.02 -51.14 5.72
N ILE A 187 -34.07 -50.26 6.08
CA ILE A 187 -33.53 -50.25 7.43
C ILE A 187 -34.32 -49.19 8.19
N GLU A 188 -35.18 -49.62 9.13
CA GLU A 188 -36.09 -48.73 9.86
C GLU A 188 -35.94 -48.73 11.38
N ASN A 189 -34.99 -49.49 11.92
CA ASN A 189 -34.82 -49.57 13.38
C ASN A 189 -33.37 -49.85 13.81
N HIS A 190 -33.11 -49.86 15.15
CA HIS A 190 -31.79 -50.10 15.68
C HIS A 190 -31.22 -51.47 15.29
N GLU A 191 -32.06 -52.53 15.30
CA GLU A 191 -31.58 -53.86 14.96
C GLU A 191 -31.08 -53.95 13.52
N GLY A 192 -31.80 -53.30 12.61
CA GLY A 192 -31.42 -53.27 11.20
C GLY A 192 -30.09 -52.56 11.00
N VAL A 193 -29.88 -51.45 11.76
CA VAL A 193 -28.64 -50.70 11.70
C VAL A 193 -27.48 -51.55 12.24
N LYS A 194 -27.72 -52.26 13.35
CA LYS A 194 -26.68 -53.09 13.96
C LYS A 194 -26.35 -54.33 13.15
N ARG A 195 -27.35 -54.92 12.50
CA ARG A 195 -27.13 -56.11 11.68
C ARG A 195 -27.00 -55.78 10.19
N PHE A 196 -26.68 -54.51 9.86
CA PHE A 196 -26.56 -53.98 8.50
C PHE A 196 -25.72 -54.85 7.57
N ASP A 197 -24.51 -55.22 7.99
CA ASP A 197 -23.60 -55.99 7.14
C ASP A 197 -24.19 -57.30 6.65
N GLU A 198 -24.87 -58.05 7.53
CA GLU A 198 -25.46 -59.32 7.14
C GLU A 198 -26.70 -59.13 6.24
N ILE A 199 -27.42 -58.01 6.40
CA ILE A 199 -28.58 -57.68 5.59
C ILE A 199 -28.15 -57.28 4.18
N LEU A 200 -27.14 -56.38 4.07
CA LEU A 200 -26.62 -55.92 2.79
C LEU A 200 -26.05 -57.08 1.98
N GLU A 201 -25.37 -58.02 2.66
CA GLU A 201 -24.77 -59.19 2.01
C GLU A 201 -25.77 -59.99 1.20
N VAL A 202 -26.99 -60.15 1.72
CA VAL A 202 -28.03 -60.94 1.05
C VAL A 202 -29.07 -60.11 0.29
N SER A 203 -28.99 -58.77 0.35
CA SER A 203 -29.94 -57.91 -0.36
C SER A 203 -29.35 -57.41 -1.67
N ASP A 204 -30.21 -56.92 -2.57
CA ASP A 204 -29.75 -56.30 -3.82
C ASP A 204 -29.33 -54.83 -3.59
N GLY A 205 -29.90 -54.20 -2.56
CA GLY A 205 -29.65 -52.84 -2.15
C GLY A 205 -30.33 -52.49 -0.85
N ILE A 206 -30.23 -51.22 -0.42
CA ILE A 206 -30.79 -50.77 0.85
C ILE A 206 -31.59 -49.48 0.70
N MET A 207 -32.58 -49.29 1.57
CA MET A 207 -33.30 -48.03 1.64
C MET A 207 -33.14 -47.49 3.06
N VAL A 208 -32.71 -46.23 3.20
CA VAL A 208 -32.56 -45.56 4.49
C VAL A 208 -33.95 -44.98 4.74
N ALA A 209 -34.77 -45.74 5.46
CA ALA A 209 -36.15 -45.41 5.76
C ALA A 209 -36.14 -44.54 7.00
N ARG A 210 -35.86 -43.24 6.80
CA ARG A 210 -35.66 -42.24 7.85
C ARG A 210 -36.87 -41.95 8.74
N GLY A 211 -38.09 -42.12 8.23
CA GLY A 211 -39.31 -41.89 8.99
C GLY A 211 -39.39 -42.77 10.24
N ASP A 212 -39.41 -44.08 10.05
CA ASP A 212 -39.45 -45.01 11.19
C ASP A 212 -38.13 -45.00 11.95
N LEU A 213 -37.00 -44.89 11.23
CA LEU A 213 -35.67 -44.85 11.84
C LEU A 213 -35.54 -43.68 12.83
N GLY A 214 -36.15 -42.54 12.49
CA GLY A 214 -36.16 -41.34 13.33
C GLY A 214 -36.99 -41.44 14.59
N ILE A 215 -37.86 -42.45 14.67
CA ILE A 215 -38.71 -42.75 15.82
C ILE A 215 -38.06 -43.85 16.66
N GLU A 216 -37.44 -44.85 16.00
CA GLU A 216 -36.79 -45.99 16.64
C GLU A 216 -35.48 -45.61 17.34
N ILE A 217 -34.71 -44.70 16.72
CA ILE A 217 -33.45 -44.18 17.26
C ILE A 217 -33.57 -42.64 17.47
N PRO A 218 -32.74 -41.99 18.30
CA PRO A 218 -32.86 -40.52 18.47
C PRO A 218 -32.80 -39.78 17.14
N ALA A 219 -33.65 -38.76 16.96
CA ALA A 219 -33.71 -38.00 15.71
C ALA A 219 -32.35 -37.40 15.30
N GLU A 220 -31.54 -37.00 16.27
CA GLU A 220 -30.22 -36.41 16.02
C GLU A 220 -29.15 -37.44 15.62
N LYS A 221 -29.47 -38.74 15.61
CA LYS A 221 -28.52 -39.79 15.22
C LYS A 221 -28.79 -40.35 13.81
N VAL A 222 -29.95 -40.02 13.20
CA VAL A 222 -30.31 -40.54 11.89
C VAL A 222 -29.30 -40.20 10.80
N PHE A 223 -28.72 -38.98 10.81
CA PHE A 223 -27.74 -38.60 9.80
C PHE A 223 -26.49 -39.52 9.84
N LEU A 224 -26.13 -40.02 11.03
CA LEU A 224 -24.99 -40.91 11.16
C LEU A 224 -25.31 -42.26 10.50
N ALA A 225 -26.55 -42.77 10.72
CA ALA A 225 -27.02 -44.02 10.15
C ALA A 225 -27.12 -43.88 8.62
N GLN A 226 -27.64 -42.75 8.12
CA GLN A 226 -27.76 -42.50 6.69
C GLN A 226 -26.37 -42.50 6.04
N LYS A 227 -25.44 -41.68 6.57
CA LYS A 227 -24.10 -41.57 6.00
C LYS A 227 -23.32 -42.88 6.08
N MET A 228 -23.48 -43.65 7.17
CA MET A 228 -22.81 -44.94 7.31
C MET A 228 -23.33 -45.93 6.26
N MET A 229 -24.67 -46.08 6.16
CA MET A 229 -25.28 -47.02 5.23
C MET A 229 -24.99 -46.67 3.80
N ILE A 230 -25.06 -45.38 3.44
CA ILE A 230 -24.73 -44.97 2.08
C ILE A 230 -23.27 -45.32 1.73
N GLY A 231 -22.35 -45.02 2.65
CA GLY A 231 -20.94 -45.33 2.49
C GLY A 231 -20.67 -46.82 2.30
N ARG A 232 -21.32 -47.66 3.11
CA ARG A 232 -21.15 -49.11 3.02
C ARG A 232 -21.74 -49.66 1.73
N CYS A 233 -22.86 -49.08 1.25
CA CYS A 233 -23.46 -49.52 -0.02
C CYS A 233 -22.57 -49.11 -1.18
N ASN A 234 -21.99 -47.90 -1.13
CA ASN A 234 -21.06 -47.45 -2.17
C ASN A 234 -19.84 -48.37 -2.20
N LEU A 235 -19.36 -48.78 -1.01
CA LEU A 235 -18.24 -49.69 -0.85
CA LEU A 235 -18.24 -49.69 -0.87
C LEU A 235 -18.58 -51.04 -1.51
N ALA A 236 -19.78 -51.58 -1.21
CA ALA A 236 -20.27 -52.85 -1.73
C ALA A 236 -20.66 -52.84 -3.20
N GLY A 237 -20.91 -51.67 -3.75
CA GLY A 237 -21.35 -51.54 -5.14
C GLY A 237 -22.82 -51.89 -5.32
N LYS A 238 -23.62 -51.72 -4.25
CA LYS A 238 -25.06 -52.02 -4.27
C LYS A 238 -25.90 -50.74 -4.15
N PRO A 239 -27.05 -50.67 -4.86
CA PRO A 239 -27.87 -49.44 -4.78
C PRO A 239 -28.33 -49.04 -3.38
N VAL A 240 -28.38 -47.74 -3.13
CA VAL A 240 -28.86 -47.21 -1.85
C VAL A 240 -29.85 -46.07 -2.12
N VAL A 241 -31.00 -46.11 -1.44
CA VAL A 241 -32.06 -45.13 -1.60
C VAL A 241 -32.16 -44.28 -0.34
N CYS A 242 -32.28 -42.95 -0.48
CA CYS A 242 -32.53 -42.08 0.66
C CYS A 242 -34.00 -41.74 0.59
N ALA A 243 -34.70 -41.92 1.71
CA ALA A 243 -36.14 -41.71 1.72
C ALA A 243 -36.66 -40.92 2.92
N THR A 244 -37.88 -40.34 2.78
CA THR A 244 -38.77 -39.69 3.77
C THR A 244 -38.43 -38.25 4.18
N GLN A 245 -39.45 -37.37 4.00
CA GLN A 245 -39.50 -35.96 4.37
C GLN A 245 -38.47 -35.08 3.67
N MET A 246 -37.96 -35.54 2.50
CA MET A 246 -36.96 -34.80 1.72
C MET A 246 -37.47 -33.42 1.28
N LEU A 247 -38.72 -33.35 0.79
CA LEU A 247 -39.36 -32.09 0.37
C LEU A 247 -40.76 -31.99 1.02
N GLU A 248 -40.91 -32.46 2.25
CA GLU A 248 -42.15 -32.52 3.01
C GLU A 248 -43.08 -31.31 2.89
N SER A 249 -42.56 -30.08 3.02
CA SER A 249 -43.38 -28.86 2.92
C SER A 249 -44.06 -28.69 1.56
N MET A 250 -43.53 -29.34 0.50
CA MET A 250 -44.11 -29.29 -0.83
C MET A 250 -45.45 -30.08 -0.96
N ILE A 251 -45.88 -30.77 0.10
CA ILE A 251 -47.18 -31.44 0.11
C ILE A 251 -48.29 -30.35 0.02
N THR A 252 -48.07 -29.19 0.67
CA THR A 252 -49.02 -28.09 0.67
C THR A 252 -48.48 -26.81 0.00
N LYS A 253 -47.16 -26.60 -0.03
CA LYS A 253 -46.58 -25.37 -0.58
C LYS A 253 -45.87 -25.58 -1.93
N PRO A 254 -45.88 -24.58 -2.84
CA PRO A 254 -45.23 -24.76 -4.16
C PRO A 254 -43.70 -24.75 -4.18
N ARG A 255 -43.09 -24.25 -3.10
CA ARG A 255 -41.64 -24.17 -2.98
C ARG A 255 -41.22 -24.85 -1.66
N PRO A 256 -40.06 -25.54 -1.65
CA PRO A 256 -39.62 -26.19 -0.40
C PRO A 256 -38.86 -25.24 0.54
N THR A 257 -38.55 -25.71 1.75
CA THR A 257 -37.78 -24.93 2.71
C THR A 257 -36.25 -25.01 2.37
N ARG A 258 -35.45 -24.15 3.00
CA ARG A 258 -34.00 -24.14 2.80
C ARG A 258 -33.35 -25.44 3.30
N ALA A 259 -33.92 -26.04 4.36
CA ALA A 259 -33.46 -27.30 4.92
C ALA A 259 -33.73 -28.48 3.97
N GLU A 260 -34.86 -28.42 3.25
CA GLU A 260 -35.29 -29.46 2.34
C GLU A 260 -34.44 -29.55 1.08
N THR A 261 -34.13 -28.41 0.45
CA THR A 261 -33.25 -28.41 -0.73
C THR A 261 -31.84 -28.91 -0.33
N SER A 262 -31.38 -28.49 0.85
CA SER A 262 -30.11 -28.86 1.46
C SER A 262 -30.08 -30.39 1.68
N ASP A 263 -31.16 -30.96 2.24
CA ASP A 263 -31.27 -32.40 2.47
C ASP A 263 -31.13 -33.22 1.18
N VAL A 264 -31.83 -32.81 0.10
CA VAL A 264 -31.77 -33.50 -1.19
C VAL A 264 -30.35 -33.46 -1.72
N ALA A 265 -29.75 -32.28 -1.70
CA ALA A 265 -28.39 -32.07 -2.19
C ALA A 265 -27.39 -32.90 -1.41
N ASN A 266 -27.58 -32.99 -0.07
CA ASN A 266 -26.67 -33.75 0.77
C ASN A 266 -26.85 -35.23 0.62
N ALA A 267 -28.06 -35.72 0.31
CA ALA A 267 -28.26 -37.15 0.07
C ALA A 267 -27.48 -37.56 -1.20
N VAL A 268 -27.54 -36.73 -2.24
CA VAL A 268 -26.79 -36.96 -3.49
C VAL A 268 -25.28 -36.89 -3.19
N LEU A 269 -24.82 -35.83 -2.48
CA LEU A 269 -23.42 -35.69 -2.12
C LEU A 269 -22.92 -36.83 -1.22
N ASP A 270 -23.80 -37.45 -0.43
CA ASP A 270 -23.47 -38.58 0.45
C ASP A 270 -23.14 -39.84 -0.36
N GLY A 271 -23.79 -40.00 -1.52
CA GLY A 271 -23.57 -41.14 -2.41
C GLY A 271 -24.83 -41.94 -2.73
N ALA A 272 -26.03 -41.39 -2.43
CA ALA A 272 -27.30 -42.09 -2.69
C ALA A 272 -27.55 -42.29 -4.18
N ASP A 273 -27.91 -43.52 -4.56
CA ASP A 273 -28.23 -43.85 -5.95
C ASP A 273 -29.61 -43.34 -6.32
N CYS A 274 -30.56 -43.39 -5.37
CA CYS A 274 -31.92 -42.96 -5.59
C CYS A 274 -32.37 -42.04 -4.49
N ILE A 275 -33.26 -41.10 -4.83
CA ILE A 275 -33.92 -40.21 -3.88
C ILE A 275 -35.42 -40.43 -4.02
N MET A 276 -36.15 -40.36 -2.91
CA MET A 276 -37.57 -40.68 -2.92
C MET A 276 -38.52 -39.54 -2.52
N LEU A 277 -39.74 -39.61 -3.04
CA LEU A 277 -40.83 -38.71 -2.68
C LEU A 277 -41.96 -39.62 -2.19
N SER A 278 -42.48 -39.34 -0.98
CA SER A 278 -43.58 -40.14 -0.42
C SER A 278 -44.91 -39.34 -0.56
N GLY A 279 -45.34 -38.64 0.51
CA GLY A 279 -46.54 -37.82 0.51
C GLY A 279 -46.49 -36.70 -0.50
N GLU A 280 -45.29 -36.22 -0.82
CA GLU A 280 -45.08 -35.15 -1.79
C GLU A 280 -45.71 -35.48 -3.15
N THR A 281 -45.63 -36.75 -3.58
CA THR A 281 -46.21 -37.20 -4.86
C THR A 281 -47.51 -38.03 -4.69
N ALA A 282 -47.63 -38.74 -3.56
CA ALA A 282 -48.80 -39.58 -3.29
C ALA A 282 -50.07 -38.79 -2.97
N LYS A 283 -49.99 -37.78 -2.09
CA LYS A 283 -51.17 -37.03 -1.68
C LYS A 283 -51.07 -35.51 -1.80
N GLY A 284 -49.86 -34.99 -1.98
CA GLY A 284 -49.61 -33.56 -2.03
C GLY A 284 -50.20 -32.81 -3.21
N ASN A 285 -50.32 -31.49 -3.07
CA ASN A 285 -50.88 -30.59 -4.08
C ASN A 285 -49.93 -30.28 -5.24
N PHE A 286 -48.63 -30.62 -5.12
CA PHE A 286 -47.66 -30.32 -6.17
C PHE A 286 -46.78 -31.55 -6.51
N PRO A 287 -47.38 -32.70 -6.93
CA PRO A 287 -46.55 -33.88 -7.22
C PRO A 287 -45.54 -33.71 -8.35
N VAL A 288 -45.93 -33.05 -9.44
CA VAL A 288 -45.05 -32.82 -10.58
C VAL A 288 -43.93 -31.85 -10.20
N GLU A 289 -44.27 -30.79 -9.43
CA GLU A 289 -43.35 -29.77 -8.97
C GLU A 289 -42.32 -30.35 -8.00
N ALA A 290 -42.70 -31.38 -7.21
CA ALA A 290 -41.79 -32.04 -6.28
C ALA A 290 -40.76 -32.86 -7.07
N VAL A 291 -41.19 -33.53 -8.15
CA VAL A 291 -40.30 -34.31 -9.02
C VAL A 291 -39.33 -33.36 -9.73
N LYS A 292 -39.85 -32.24 -10.26
CA LYS A 292 -39.03 -31.23 -10.94
C LYS A 292 -37.98 -30.65 -9.98
N MET A 293 -38.37 -30.43 -8.72
CA MET A 293 -37.48 -29.90 -7.71
C MET A 293 -36.35 -30.90 -7.39
N GLN A 294 -36.69 -32.18 -7.20
CA GLN A 294 -35.67 -33.20 -6.93
C GLN A 294 -34.72 -33.33 -8.10
N HIS A 295 -35.24 -33.23 -9.33
CA HIS A 295 -34.44 -33.29 -10.54
C HIS A 295 -33.43 -32.13 -10.59
N ALA A 296 -33.90 -30.89 -10.34
CA ALA A 296 -33.09 -29.68 -10.37
C ALA A 296 -31.97 -29.72 -9.35
N ILE A 297 -32.27 -30.14 -8.10
CA ILE A 297 -31.27 -30.22 -7.03
C ILE A 297 -30.25 -31.32 -7.31
N ALA A 298 -30.72 -32.52 -7.71
CA ALA A 298 -29.81 -33.64 -7.99
C ALA A 298 -28.78 -33.31 -9.06
N ARG A 299 -29.19 -32.63 -10.14
CA ARG A 299 -28.28 -32.23 -11.20
C ARG A 299 -27.17 -31.31 -10.67
N GLU A 300 -27.56 -30.35 -9.80
CA GLU A 300 -26.61 -29.40 -9.22
C GLU A 300 -25.65 -30.12 -8.30
N ALA A 301 -26.18 -31.03 -7.45
CA ALA A 301 -25.39 -31.78 -6.48
C ALA A 301 -24.43 -32.77 -7.11
N GLU A 302 -24.83 -33.39 -8.23
CA GLU A 302 -23.97 -34.33 -8.95
C GLU A 302 -22.74 -33.66 -9.54
N ALA A 303 -22.89 -32.43 -10.04
CA ALA A 303 -21.77 -31.67 -10.56
C ALA A 303 -20.82 -31.24 -9.43
N ALA A 304 -21.36 -31.03 -8.20
CA ALA A 304 -20.58 -30.63 -7.03
C ALA A 304 -19.83 -31.80 -6.35
N VAL A 305 -19.97 -33.03 -6.86
CA VAL A 305 -19.26 -34.19 -6.31
C VAL A 305 -17.74 -34.01 -6.59
N TYR A 306 -16.89 -34.29 -5.58
CA TYR A 306 -15.46 -34.15 -5.71
C TYR A 306 -14.87 -35.46 -6.25
N HIS A 307 -15.06 -35.71 -7.56
CA HIS A 307 -14.62 -36.94 -8.24
C HIS A 307 -13.16 -37.29 -8.04
N ARG A 308 -12.28 -36.29 -7.85
CA ARG A 308 -10.86 -36.56 -7.66
C ARG A 308 -10.61 -37.48 -6.45
N GLN A 309 -11.17 -37.11 -5.29
CA GLN A 309 -11.01 -37.92 -4.11
C GLN A 309 -11.91 -39.15 -4.15
N LEU A 310 -13.15 -38.99 -4.60
CA LEU A 310 -14.12 -40.09 -4.67
C LEU A 310 -13.60 -41.27 -5.51
N PHE A 311 -13.15 -41.00 -6.75
CA PHE A 311 -12.66 -42.07 -7.61
C PHE A 311 -11.47 -42.77 -7.02
N GLU A 312 -10.55 -41.99 -6.43
CA GLU A 312 -9.38 -42.60 -5.81
C GLU A 312 -9.74 -43.50 -4.64
N GLU A 313 -10.65 -43.05 -3.80
CA GLU A 313 -11.09 -43.82 -2.65
C GLU A 313 -11.85 -45.07 -3.05
N LEU A 314 -12.71 -44.97 -4.08
CA LEU A 314 -13.46 -46.13 -4.57
C LEU A 314 -12.50 -47.14 -5.17
N ARG A 315 -11.52 -46.66 -5.93
CA ARG A 315 -10.48 -47.46 -6.53
C ARG A 315 -9.70 -48.23 -5.46
N ARG A 316 -9.16 -47.54 -4.45
CA ARG A 316 -8.37 -48.12 -3.37
C ARG A 316 -9.19 -49.11 -2.54
N ALA A 317 -10.45 -48.77 -2.23
CA ALA A 317 -11.30 -49.62 -1.40
C ALA A 317 -11.84 -50.85 -2.09
N ALA A 318 -11.92 -50.83 -3.42
CA ALA A 318 -12.42 -51.98 -4.15
C ALA A 318 -11.35 -53.05 -4.16
N PRO A 319 -11.71 -54.29 -3.83
CA PRO A 319 -10.71 -55.36 -3.78
C PRO A 319 -10.26 -55.82 -5.16
N LEU A 320 -9.12 -56.50 -5.21
CA LEU A 320 -8.62 -57.04 -6.47
C LEU A 320 -9.61 -58.10 -6.99
N SER A 321 -9.79 -58.18 -8.29
CA SER A 321 -10.76 -59.10 -8.85
C SER A 321 -10.24 -59.81 -10.02
N ARG A 322 -10.69 -61.05 -10.22
CA ARG A 322 -10.31 -61.81 -11.39
CA ARG A 322 -10.30 -61.82 -11.39
C ARG A 322 -11.49 -62.03 -12.37
N ASP A 323 -12.61 -61.31 -12.15
CA ASP A 323 -13.80 -61.36 -12.99
C ASP A 323 -13.56 -60.33 -14.08
N PRO A 324 -13.53 -60.77 -15.35
CA PRO A 324 -13.25 -59.82 -16.44
C PRO A 324 -14.24 -58.66 -16.57
N THR A 325 -15.48 -58.82 -16.11
CA THR A 325 -16.47 -57.75 -16.18
C THR A 325 -16.04 -56.64 -15.21
N GLU A 326 -15.64 -57.02 -13.98
CA GLU A 326 -15.16 -56.12 -12.93
C GLU A 326 -13.88 -55.39 -13.40
N VAL A 327 -12.94 -56.15 -14.00
CA VAL A 327 -11.68 -55.64 -14.51
C VAL A 327 -11.89 -54.67 -15.69
N THR A 328 -12.84 -54.98 -16.59
CA THR A 328 -13.14 -54.11 -17.72
C THR A 328 -13.85 -52.84 -17.24
N ALA A 329 -14.72 -52.96 -16.22
CA ALA A 329 -15.44 -51.82 -15.68
C ALA A 329 -14.51 -50.74 -15.16
N ILE A 330 -13.47 -51.11 -14.37
CA ILE A 330 -12.55 -50.13 -13.84
C ILE A 330 -11.69 -49.52 -14.94
N GLY A 331 -11.26 -50.34 -15.90
CA GLY A 331 -10.46 -49.87 -17.02
C GLY A 331 -11.23 -48.87 -17.87
N ALA A 332 -12.54 -49.11 -18.07
CA ALA A 332 -13.41 -48.24 -18.84
C ALA A 332 -13.66 -46.92 -18.11
N VAL A 333 -13.85 -46.95 -16.78
CA VAL A 333 -14.08 -45.71 -16.02
C VAL A 333 -12.80 -44.85 -15.97
N GLU A 334 -11.63 -45.51 -15.89
CA GLU A 334 -10.35 -44.83 -15.91
C GLU A 334 -10.15 -44.15 -17.27
N ALA A 335 -10.47 -44.86 -18.36
CA ALA A 335 -10.34 -44.35 -19.73
C ALA A 335 -11.29 -43.20 -19.98
N ALA A 336 -12.51 -43.27 -19.42
CA ALA A 336 -13.52 -42.21 -19.54
C ALA A 336 -13.04 -40.91 -18.87
N PHE A 337 -12.42 -41.02 -17.69
CA PHE A 337 -11.90 -39.85 -17.00
C PHE A 337 -10.71 -39.25 -17.77
N LYS A 338 -9.87 -40.09 -18.35
CA LYS A 338 -8.69 -39.66 -19.09
C LYS A 338 -9.00 -38.76 -20.30
N CYS A 339 -10.08 -39.04 -21.00
CA CYS A 339 -10.45 -38.26 -22.19
C CYS A 339 -11.66 -37.37 -22.02
N CYS A 340 -12.26 -37.32 -20.80
CA CYS A 340 -13.49 -36.57 -20.54
C CYS A 340 -14.58 -37.10 -21.48
N ALA A 341 -14.72 -38.43 -21.50
CA ALA A 341 -15.68 -39.13 -22.34
C ALA A 341 -17.08 -38.66 -22.03
N ALA A 342 -17.86 -38.40 -23.08
CA ALA A 342 -19.24 -37.95 -22.92
C ALA A 342 -20.12 -39.05 -22.32
N ALA A 343 -19.83 -40.31 -22.67
CA ALA A 343 -20.60 -41.43 -22.19
C ALA A 343 -19.80 -42.74 -22.25
N ILE A 344 -20.27 -43.76 -21.55
CA ILE A 344 -19.75 -45.11 -21.60
C ILE A 344 -20.95 -45.92 -22.09
N ILE A 345 -20.89 -46.48 -23.30
CA ILE A 345 -21.98 -47.26 -23.84
C ILE A 345 -21.70 -48.70 -23.54
N VAL A 346 -22.62 -49.38 -22.83
CA VAL A 346 -22.43 -50.77 -22.46
C VAL A 346 -23.60 -51.66 -22.91
N LEU A 347 -23.28 -52.87 -23.39
CA LEU A 347 -24.28 -53.87 -23.81
C LEU A 347 -24.48 -54.77 -22.61
N THR A 348 -25.71 -54.87 -22.14
CA THR A 348 -25.97 -55.69 -20.97
C THR A 348 -27.27 -56.48 -21.10
N THR A 349 -27.28 -57.71 -20.57
CA THR A 349 -28.46 -58.55 -20.62
C THR A 349 -29.22 -58.44 -19.30
N THR A 350 -28.50 -58.56 -18.18
CA THR A 350 -29.05 -58.50 -16.83
C THR A 350 -28.91 -57.13 -16.15
N GLY A 351 -28.09 -56.25 -16.73
CA GLY A 351 -27.79 -54.94 -16.15
C GLY A 351 -26.51 -54.93 -15.32
N ARG A 352 -25.90 -56.11 -15.09
CA ARG A 352 -24.70 -56.24 -14.26
C ARG A 352 -23.50 -55.46 -14.76
N SER A 353 -23.18 -55.52 -16.05
CA SER A 353 -22.06 -54.76 -16.61
C SER A 353 -22.21 -53.25 -16.37
N ALA A 354 -23.45 -52.75 -16.46
CA ALA A 354 -23.73 -51.35 -16.21
C ALA A 354 -23.58 -51.04 -14.70
N GLN A 355 -24.00 -51.97 -13.82
CA GLN A 355 -23.88 -51.79 -12.40
C GLN A 355 -22.40 -51.72 -11.96
N LEU A 356 -21.55 -52.57 -12.54
CA LEU A 356 -20.13 -52.55 -12.22
C LEU A 356 -19.42 -51.30 -12.72
N LEU A 357 -19.92 -50.66 -13.77
CA LEU A 357 -19.37 -49.39 -14.24
C LEU A 357 -19.78 -48.29 -13.24
N SER A 358 -21.07 -48.29 -12.85
CA SER A 358 -21.73 -47.37 -11.93
C SER A 358 -21.08 -47.27 -10.54
N ARG A 359 -20.58 -48.40 -10.02
CA ARG A 359 -19.96 -48.43 -8.69
C ARG A 359 -18.70 -47.55 -8.58
N TYR A 360 -18.02 -47.31 -9.72
CA TYR A 360 -16.84 -46.45 -9.74
C TYR A 360 -17.18 -44.97 -9.93
N ARG A 361 -18.49 -44.62 -9.90
CA ARG A 361 -19.03 -43.27 -10.00
C ARG A 361 -18.39 -42.42 -11.08
N PRO A 362 -18.46 -42.85 -12.35
CA PRO A 362 -17.89 -42.02 -13.41
C PRO A 362 -18.70 -40.73 -13.60
N ARG A 363 -18.05 -39.69 -14.12
CA ARG A 363 -18.74 -38.46 -14.47
C ARG A 363 -19.48 -38.70 -15.84
N ALA A 364 -18.92 -39.58 -16.72
CA ALA A 364 -19.53 -39.97 -18.00
C ALA A 364 -20.81 -40.78 -17.76
N ALA A 365 -21.84 -40.53 -18.57
CA ALA A 365 -23.11 -41.24 -18.44
C ALA A 365 -22.94 -42.68 -18.88
N VAL A 366 -23.52 -43.63 -18.14
CA VAL A 366 -23.43 -45.03 -18.53
C VAL A 366 -24.68 -45.37 -19.31
N ILE A 367 -24.60 -45.34 -20.64
CA ILE A 367 -25.73 -45.66 -21.50
C ILE A 367 -25.80 -47.19 -21.67
N ALA A 368 -26.78 -47.83 -21.00
CA ALA A 368 -26.91 -49.28 -21.05
C ALA A 368 -27.92 -49.69 -22.13
N VAL A 369 -27.45 -50.34 -23.26
CA VAL A 369 -28.28 -50.86 -24.37
C VAL A 369 -28.64 -52.33 -24.10
N THR A 370 -29.92 -52.59 -23.79
CA THR A 370 -30.40 -53.93 -23.43
C THR A 370 -31.64 -54.34 -24.20
N ARG A 371 -31.81 -55.66 -24.40
CA ARG A 371 -33.01 -56.23 -25.00
C ARG A 371 -34.05 -56.58 -23.92
N SER A 372 -33.59 -56.87 -22.67
CA SER A 372 -34.47 -57.19 -21.56
C SER A 372 -35.16 -55.91 -21.12
N ALA A 373 -36.50 -55.88 -21.11
CA ALA A 373 -37.27 -54.73 -20.65
C ALA A 373 -37.20 -54.62 -19.11
N GLN A 374 -37.12 -55.76 -18.39
CA GLN A 374 -37.01 -55.73 -16.95
C GLN A 374 -35.67 -55.17 -16.49
N ALA A 375 -34.57 -55.57 -17.14
CA ALA A 375 -33.24 -55.04 -16.81
C ALA A 375 -33.20 -53.54 -17.08
N ALA A 376 -33.83 -53.07 -18.16
CA ALA A 376 -33.90 -51.64 -18.48
C ALA A 376 -34.61 -50.86 -17.36
N ARG A 377 -35.65 -51.44 -16.76
CA ARG A 377 -36.36 -50.80 -15.67
C ARG A 377 -35.54 -50.84 -14.39
N GLN A 378 -34.94 -52.00 -14.08
CA GLN A 378 -34.18 -52.18 -12.85
C GLN A 378 -32.84 -51.41 -12.76
N VAL A 379 -32.19 -51.08 -13.87
CA VAL A 379 -30.91 -50.35 -13.80
C VAL A 379 -31.07 -48.90 -13.33
N HIS A 380 -32.32 -48.40 -13.20
CA HIS A 380 -32.57 -47.09 -12.61
C HIS A 380 -32.10 -47.07 -11.14
N LEU A 381 -32.00 -48.25 -10.49
CA LEU A 381 -31.51 -48.34 -9.11
C LEU A 381 -30.03 -47.91 -8.99
N CYS A 382 -29.27 -47.96 -10.09
CA CYS A 382 -27.85 -47.62 -10.14
C CYS A 382 -27.64 -46.22 -10.66
N ARG A 383 -26.95 -45.38 -9.87
CA ARG A 383 -26.69 -44.01 -10.24
C ARG A 383 -25.87 -43.89 -11.52
N GLY A 384 -26.35 -43.05 -12.44
CA GLY A 384 -25.62 -42.79 -13.69
C GLY A 384 -25.85 -43.76 -14.82
N VAL A 385 -26.77 -44.72 -14.65
CA VAL A 385 -27.10 -45.66 -15.71
C VAL A 385 -28.38 -45.20 -16.42
N PHE A 386 -28.26 -44.97 -17.74
CA PHE A 386 -29.34 -44.51 -18.61
C PHE A 386 -29.78 -45.67 -19.51
N PRO A 387 -30.87 -46.36 -19.14
CA PRO A 387 -31.30 -47.52 -19.94
C PRO A 387 -31.96 -47.23 -21.30
N LEU A 388 -31.54 -47.99 -22.31
CA LEU A 388 -32.11 -47.92 -23.65
C LEU A 388 -32.61 -49.31 -24.01
N LEU A 389 -33.86 -49.41 -24.47
CA LEU A 389 -34.39 -50.73 -24.86
C LEU A 389 -34.16 -50.94 -26.34
N TYR A 390 -33.45 -52.02 -26.70
CA TYR A 390 -33.18 -52.32 -28.10
C TYR A 390 -34.33 -53.13 -28.73
N ARG A 391 -35.04 -52.49 -29.69
CA ARG A 391 -36.17 -53.12 -30.39
C ARG A 391 -35.96 -53.15 -31.94
N GLU A 392 -34.76 -52.81 -32.41
CA GLU A 392 -34.48 -52.81 -33.84
CA GLU A 392 -34.42 -52.82 -33.84
C GLU A 392 -34.26 -54.27 -34.31
N PRO A 393 -34.46 -54.54 -35.63
CA PRO A 393 -34.31 -55.93 -36.13
C PRO A 393 -32.91 -56.55 -35.91
N PRO A 394 -32.86 -57.88 -35.75
CA PRO A 394 -31.56 -58.53 -35.51
C PRO A 394 -30.68 -58.72 -36.74
N GLU A 395 -29.36 -58.59 -36.59
CA GLU A 395 -28.45 -58.86 -37.71
C GLU A 395 -28.07 -60.35 -37.69
N ALA A 396 -27.78 -60.92 -38.87
CA ALA A 396 -27.47 -62.34 -38.96
C ALA A 396 -26.09 -62.66 -38.33
N ILE A 397 -25.10 -61.77 -38.54
CA ILE A 397 -23.78 -61.92 -37.96
C ILE A 397 -23.77 -61.28 -36.58
N TRP A 398 -23.43 -62.05 -35.50
CA TRP A 398 -23.42 -61.53 -34.12
C TRP A 398 -22.57 -60.27 -33.98
N ALA A 399 -21.41 -60.23 -34.65
CA ALA A 399 -20.53 -59.04 -34.66
C ALA A 399 -21.26 -57.80 -35.20
N ASP A 400 -22.16 -57.98 -36.19
CA ASP A 400 -22.96 -56.91 -36.79
C ASP A 400 -24.12 -56.51 -35.84
N ASP A 401 -24.66 -57.49 -35.08
CA ASP A 401 -25.73 -57.24 -34.12
C ASP A 401 -25.22 -56.32 -32.98
N VAL A 402 -23.97 -56.58 -32.56
CA VAL A 402 -23.24 -55.86 -31.53
C VAL A 402 -23.01 -54.44 -32.02
N ASP A 403 -22.33 -54.24 -33.17
CA ASP A 403 -22.07 -52.92 -33.72
CA ASP A 403 -22.07 -52.90 -33.70
C ASP A 403 -23.35 -52.12 -33.97
N ARG A 404 -24.46 -52.81 -34.29
CA ARG A 404 -25.73 -52.11 -34.50
C ARG A 404 -26.28 -51.61 -33.17
N ARG A 405 -26.16 -52.41 -32.10
CA ARG A 405 -26.60 -51.97 -30.79
C ARG A 405 -25.72 -50.82 -30.26
N VAL A 406 -24.42 -50.84 -30.61
CA VAL A 406 -23.50 -49.76 -30.24
C VAL A 406 -23.91 -48.46 -30.97
N GLN A 407 -24.32 -48.56 -32.25
CA GLN A 407 -24.82 -47.43 -33.05
C GLN A 407 -26.18 -46.92 -32.56
N PHE A 408 -27.00 -47.82 -31.99
CA PHE A 408 -28.27 -47.48 -31.41
C PHE A 408 -28.04 -46.53 -30.21
N GLY A 409 -27.08 -46.89 -29.35
CA GLY A 409 -26.71 -46.09 -28.20
C GLY A 409 -26.22 -44.72 -28.61
N ILE A 410 -25.38 -44.68 -29.67
CA ILE A 410 -24.87 -43.43 -30.20
C ILE A 410 -25.98 -42.54 -30.76
N GLU A 411 -26.93 -43.11 -31.50
CA GLU A 411 -28.06 -42.35 -32.03
C GLU A 411 -29.01 -41.83 -30.94
N SER A 412 -29.40 -42.69 -29.98
CA SER A 412 -30.26 -42.26 -28.86
C SER A 412 -29.54 -41.21 -28.00
N GLY A 413 -28.22 -41.34 -27.87
CA GLY A 413 -27.40 -40.41 -27.13
C GLY A 413 -27.39 -39.06 -27.80
N LYS A 414 -27.21 -39.04 -29.12
CA LYS A 414 -27.17 -37.82 -29.92
C LYS A 414 -28.50 -37.10 -29.84
N LEU A 415 -29.61 -37.85 -30.00
CA LEU A 415 -30.95 -37.31 -29.95
C LEU A 415 -31.25 -36.69 -28.59
N ARG A 416 -30.81 -37.35 -27.51
CA ARG A 416 -31.10 -36.86 -26.16
C ARG A 416 -30.13 -35.81 -25.61
N GLY A 417 -29.10 -35.47 -26.37
CA GLY A 417 -28.15 -34.45 -25.95
C GLY A 417 -26.94 -34.95 -25.17
N PHE A 418 -26.84 -36.28 -24.95
CA PHE A 418 -25.67 -36.85 -24.27
C PHE A 418 -24.42 -36.76 -25.14
N LEU A 419 -24.57 -36.90 -26.47
CA LEU A 419 -23.44 -36.92 -27.37
C LEU A 419 -23.53 -35.91 -28.49
N ARG A 420 -22.38 -35.48 -28.96
CA ARG A 420 -22.22 -34.59 -30.10
C ARG A 420 -21.08 -35.13 -30.97
N VAL A 421 -21.05 -34.73 -32.24
CA VAL A 421 -19.97 -35.14 -33.14
C VAL A 421 -18.64 -34.58 -32.62
N GLY A 422 -17.62 -35.42 -32.59
CA GLY A 422 -16.33 -35.02 -32.04
C GLY A 422 -16.10 -35.47 -30.62
N ASP A 423 -17.15 -35.94 -29.92
CA ASP A 423 -17.01 -36.46 -28.56
C ASP A 423 -16.29 -37.82 -28.59
N LEU A 424 -15.69 -38.19 -27.46
CA LEU A 424 -15.12 -39.53 -27.32
C LEU A 424 -16.05 -40.36 -26.43
N VAL A 425 -16.24 -41.62 -26.77
CA VAL A 425 -17.06 -42.52 -25.97
C VAL A 425 -16.28 -43.78 -25.71
N ILE A 426 -16.60 -44.42 -24.59
CA ILE A 426 -15.98 -45.69 -24.24
C ILE A 426 -17.05 -46.72 -24.46
N VAL A 427 -16.77 -47.77 -25.25
CA VAL A 427 -17.77 -48.79 -25.52
C VAL A 427 -17.37 -50.07 -24.85
N VAL A 428 -18.26 -50.63 -24.02
CA VAL A 428 -18.01 -51.85 -23.27
C VAL A 428 -18.87 -53.01 -23.79
N THR A 429 -18.23 -54.04 -24.34
CA THR A 429 -18.87 -55.24 -24.91
C THR A 429 -18.21 -56.56 -24.37
N GLY A 430 -18.72 -57.70 -24.81
CA GLY A 430 -18.22 -59.03 -24.48
C GLY A 430 -17.71 -59.77 -25.71
N TRP A 431 -17.03 -60.91 -25.52
CA TRP A 431 -16.43 -61.70 -26.60
C TRP A 431 -17.39 -62.76 -27.23
N ARG A 432 -18.47 -63.08 -26.53
CA ARG A 432 -19.43 -64.06 -27.01
C ARG A 432 -20.83 -63.70 -26.49
N PRO A 433 -21.91 -64.13 -27.17
CA PRO A 433 -23.26 -63.79 -26.66
C PRO A 433 -23.60 -64.40 -25.30
N GLY A 434 -24.61 -63.86 -24.65
CA GLY A 434 -25.02 -64.33 -23.33
C GLY A 434 -24.43 -63.49 -22.22
N SER A 435 -25.08 -63.50 -21.07
CA SER A 435 -24.65 -62.75 -19.91
C SER A 435 -23.34 -63.34 -19.32
N GLY A 436 -22.52 -62.47 -18.71
CA GLY A 436 -21.31 -62.85 -18.01
C GLY A 436 -20.00 -62.85 -18.78
N TYR A 437 -20.00 -62.39 -20.04
CA TYR A 437 -18.77 -62.43 -20.85
C TYR A 437 -18.22 -61.07 -21.25
N THR A 438 -18.59 -59.98 -20.52
CA THR A 438 -18.04 -58.64 -20.82
C THR A 438 -16.52 -58.67 -20.56
N ASN A 439 -15.73 -58.19 -21.53
CA ASN A 439 -14.28 -58.17 -21.40
C ASN A 439 -13.61 -57.17 -22.36
N ILE A 440 -14.37 -56.37 -23.12
CA ILE A 440 -13.78 -55.47 -24.10
C ILE A 440 -14.13 -54.01 -23.84
N MET A 441 -13.15 -53.12 -24.05
CA MET A 441 -13.35 -51.70 -23.93
CA MET A 441 -13.30 -51.68 -23.90
C MET A 441 -12.72 -51.01 -25.15
N ARG A 442 -13.48 -50.14 -25.81
CA ARG A 442 -13.02 -49.45 -27.01
C ARG A 442 -13.16 -47.94 -26.89
N VAL A 443 -12.20 -47.19 -27.43
CA VAL A 443 -12.27 -45.73 -27.45
C VAL A 443 -12.75 -45.33 -28.84
N LEU A 444 -13.94 -44.73 -28.92
CA LEU A 444 -14.57 -44.38 -30.18
C LEU A 444 -14.82 -42.88 -30.31
N SER A 445 -14.59 -42.33 -31.49
CA SER A 445 -14.85 -40.91 -31.75
C SER A 445 -16.23 -40.81 -32.41
N ILE A 446 -17.09 -39.94 -31.89
CA ILE A 446 -18.43 -39.78 -32.44
C ILE A 446 -18.43 -39.08 -33.79
N SER A 447 -18.94 -39.82 -34.80
CA SER A 447 -19.10 -39.46 -36.21
C SER A 447 -17.77 -39.07 -36.91
N ARG B 12 -6.99 -55.37 4.69
CA ARG B 12 -7.05 -56.79 4.38
C ARG B 12 -8.27 -57.16 3.53
N ALA B 13 -9.39 -56.42 3.67
CA ALA B 13 -10.60 -56.73 2.91
C ALA B 13 -10.44 -56.48 1.39
N ASP B 14 -9.49 -55.61 1.00
CA ASP B 14 -9.23 -55.33 -0.43
C ASP B 14 -8.36 -56.41 -1.12
N VAL B 15 -7.89 -57.42 -0.37
CA VAL B 15 -7.10 -58.51 -0.91
C VAL B 15 -7.60 -59.89 -0.42
N ALA B 16 -8.50 -59.94 0.58
CA ALA B 16 -8.99 -61.16 1.22
C ALA B 16 -9.41 -62.28 0.27
N GLN B 17 -10.23 -61.96 -0.76
CA GLN B 17 -10.67 -62.97 -1.71
C GLN B 17 -9.56 -63.40 -2.64
N LEU B 18 -8.80 -62.44 -3.20
CA LEU B 18 -7.67 -62.81 -4.05
C LEU B 18 -6.57 -63.56 -3.29
N THR B 19 -6.54 -63.44 -1.94
CA THR B 19 -5.61 -64.11 -1.04
C THR B 19 -6.06 -65.55 -0.87
N GLN B 20 -7.37 -65.78 -0.70
CA GLN B 20 -7.89 -67.13 -0.59
C GLN B 20 -7.70 -67.87 -1.91
N GLU B 21 -7.89 -67.18 -3.05
CA GLU B 21 -7.74 -67.75 -4.38
C GLU B 21 -6.30 -68.00 -4.79
N LEU B 22 -5.46 -66.96 -4.80
CA LEU B 22 -4.07 -67.10 -5.22
C LEU B 22 -3.12 -67.68 -4.16
N GLY B 23 -3.55 -67.63 -2.90
CA GLY B 23 -2.78 -68.19 -1.79
C GLY B 23 -1.94 -67.20 -1.05
N THR B 24 -1.62 -67.52 0.23
CA THR B 24 -0.78 -66.67 1.06
C THR B 24 0.62 -66.56 0.48
N ALA B 25 1.15 -67.65 -0.10
CA ALA B 25 2.49 -67.63 -0.67
C ALA B 25 2.65 -66.63 -1.82
N PHE B 26 1.62 -66.45 -2.64
CA PHE B 26 1.66 -65.51 -3.76
C PHE B 26 1.88 -64.08 -3.26
N PHE B 27 1.18 -63.74 -2.17
CA PHE B 27 1.22 -62.41 -1.60
C PHE B 27 2.46 -62.15 -0.71
N GLN B 28 3.33 -63.15 -0.48
CA GLN B 28 4.59 -62.93 0.22
C GLN B 28 5.73 -62.60 -0.79
N GLN B 29 5.62 -63.07 -2.05
CA GLN B 29 6.62 -62.84 -3.08
C GLN B 29 6.51 -61.44 -3.70
N GLN B 30 7.53 -61.06 -4.53
CA GLN B 30 7.70 -59.81 -5.29
C GLN B 30 7.34 -58.52 -4.53
N GLN B 31 7.71 -58.46 -3.24
CA GLN B 31 7.46 -57.35 -2.32
C GLN B 31 6.01 -56.92 -2.27
N LEU B 32 5.09 -57.90 -2.36
CA LEU B 32 3.67 -57.59 -2.34
C LEU B 32 3.22 -57.04 -0.99
N PRO B 33 3.71 -57.47 0.19
CA PRO B 33 3.28 -56.81 1.44
C PRO B 33 3.68 -55.34 1.44
N ALA B 34 4.90 -55.01 0.93
CA ALA B 34 5.40 -53.63 0.84
C ALA B 34 4.62 -52.81 -0.17
N ALA B 35 4.09 -53.45 -1.20
CA ALA B 35 3.31 -52.77 -2.24
C ALA B 35 1.89 -52.40 -1.75
N MET B 36 1.34 -53.17 -0.80
CA MET B 36 0.01 -52.92 -0.22
C MET B 36 0.01 -51.78 0.83
N ALA B 37 1.19 -51.29 1.24
CA ALA B 37 1.33 -50.26 2.27
C ALA B 37 0.64 -48.95 1.94
N ASP B 38 0.09 -48.29 2.96
CA ASP B 38 -0.64 -47.03 2.80
C ASP B 38 0.27 -45.79 2.77
N THR B 39 1.52 -45.91 3.24
CA THR B 39 2.46 -44.81 3.21
C THR B 39 3.81 -45.33 2.70
N PHE B 40 4.64 -44.42 2.20
CA PHE B 40 5.99 -44.76 1.72
C PHE B 40 6.87 -45.26 2.90
N LEU B 41 6.67 -44.69 4.10
CA LEU B 41 7.37 -45.11 5.31
C LEU B 41 7.05 -46.58 5.62
N GLU B 42 5.76 -46.93 5.58
CA GLU B 42 5.29 -48.31 5.82
C GLU B 42 5.84 -49.25 4.74
N HIS B 43 5.91 -48.74 3.49
CA HIS B 43 6.44 -49.46 2.33
C HIS B 43 7.89 -49.84 2.60
N LEU B 44 8.73 -48.88 3.03
CA LEU B 44 10.14 -49.17 3.36
C LEU B 44 10.21 -50.23 4.47
N CYS B 45 9.43 -50.05 5.55
CA CYS B 45 9.37 -50.94 6.70
C CYS B 45 9.01 -52.36 6.31
N LEU B 46 8.18 -52.54 5.28
CA LEU B 46 7.75 -53.86 4.86
C LEU B 46 8.64 -54.53 3.83
N LEU B 47 9.72 -53.88 3.39
CA LEU B 47 10.63 -54.51 2.41
C LEU B 47 11.26 -55.77 3.04
N ASP B 48 11.24 -56.89 2.32
CA ASP B 48 11.67 -58.16 2.87
C ASP B 48 12.75 -58.81 1.99
N ILE B 49 13.92 -59.15 2.58
CA ILE B 49 14.97 -59.80 1.81
C ILE B 49 14.60 -61.26 1.40
N ASP B 50 13.63 -61.85 2.10
CA ASP B 50 13.11 -63.19 1.81
C ASP B 50 11.95 -63.19 0.80
N SER B 51 11.49 -62.01 0.36
CA SER B 51 10.44 -61.88 -0.63
C SER B 51 11.10 -61.95 -2.00
N GLU B 52 11.01 -63.10 -2.66
CA GLU B 52 11.68 -63.31 -3.94
C GLU B 52 11.00 -62.65 -5.13
N PRO B 53 11.80 -62.03 -6.02
CA PRO B 53 11.21 -61.45 -7.24
C PRO B 53 10.66 -62.54 -8.15
N VAL B 54 9.49 -62.32 -8.75
CA VAL B 54 8.84 -63.31 -9.61
C VAL B 54 8.77 -62.79 -11.05
N ALA B 55 8.48 -61.49 -11.22
CA ALA B 55 8.36 -60.88 -12.54
C ALA B 55 9.67 -60.90 -13.32
N ALA B 56 9.58 -60.84 -14.67
CA ALA B 56 10.75 -60.78 -15.51
C ALA B 56 11.40 -59.40 -15.33
N ARG B 57 12.71 -59.31 -15.49
CA ARG B 57 13.44 -58.06 -15.28
C ARG B 57 13.07 -57.08 -16.35
N SER B 58 12.54 -55.92 -15.96
CA SER B 58 12.04 -54.93 -16.88
C SER B 58 12.99 -53.77 -17.27
N THR B 59 13.99 -53.40 -16.46
CA THR B 59 14.93 -52.33 -16.82
C THR B 59 15.98 -52.94 -17.75
N SER B 60 16.15 -52.38 -18.93
CA SER B 60 17.09 -52.94 -19.90
C SER B 60 18.54 -52.66 -19.57
N ILE B 61 19.39 -53.59 -19.97
CA ILE B 61 20.82 -53.48 -19.72
C ILE B 61 21.54 -53.14 -21.01
N ILE B 62 22.26 -52.02 -21.01
CA ILE B 62 23.07 -51.62 -22.14
C ILE B 62 24.49 -52.04 -21.82
N ALA B 63 25.12 -52.87 -22.67
CA ALA B 63 26.49 -53.29 -22.45
C ALA B 63 27.38 -52.69 -23.52
N THR B 64 28.46 -52.02 -23.11
CA THR B 64 29.40 -51.46 -24.07
C THR B 64 30.28 -52.58 -24.62
N ILE B 65 30.39 -52.66 -25.95
CA ILE B 65 31.16 -53.69 -26.61
C ILE B 65 32.61 -53.26 -26.76
N GLY B 66 33.52 -54.13 -26.39
CA GLY B 66 34.94 -53.88 -26.50
C GLY B 66 35.74 -55.16 -26.58
N PRO B 67 37.07 -55.07 -26.35
CA PRO B 67 37.90 -56.28 -26.39
C PRO B 67 37.39 -57.45 -25.52
N ALA B 68 36.83 -57.14 -24.33
CA ALA B 68 36.33 -58.15 -23.40
C ALA B 68 35.01 -58.81 -23.80
N SER B 69 34.29 -58.20 -24.74
CA SER B 69 32.95 -58.67 -25.09
C SER B 69 32.69 -58.72 -26.60
N ARG B 70 33.74 -58.88 -27.42
CA ARG B 70 33.60 -58.87 -28.87
C ARG B 70 33.41 -60.21 -29.53
N SER B 71 33.91 -61.31 -28.93
CA SER B 71 33.77 -62.62 -29.54
C SER B 71 32.33 -63.09 -29.57
N VAL B 72 31.94 -63.75 -30.66
CA VAL B 72 30.60 -64.29 -30.87
C VAL B 72 30.15 -65.20 -29.72
N GLU B 73 31.07 -66.03 -29.20
CA GLU B 73 30.77 -66.95 -28.10
C GLU B 73 30.52 -66.20 -26.80
N ARG B 74 31.29 -65.11 -26.57
CA ARG B 74 31.18 -64.26 -25.38
C ARG B 74 29.86 -63.49 -25.42
N LEU B 75 29.47 -62.99 -26.60
CA LEU B 75 28.23 -62.27 -26.81
C LEU B 75 27.01 -63.16 -26.58
N LYS B 76 27.09 -64.46 -26.90
CA LYS B 76 25.98 -65.39 -26.65
C LYS B 76 25.75 -65.55 -25.14
N GLU B 77 26.86 -65.55 -24.35
CA GLU B 77 26.79 -65.63 -22.89
C GLU B 77 26.17 -64.34 -22.33
N MET B 78 26.52 -63.18 -22.90
CA MET B 78 26.00 -61.88 -22.48
CA MET B 78 26.00 -61.88 -22.48
C MET B 78 24.51 -61.73 -22.82
N ILE B 79 24.08 -62.30 -23.97
CA ILE B 79 22.67 -62.25 -24.35
C ILE B 79 21.88 -63.09 -23.34
N LYS B 80 22.39 -64.29 -23.04
CA LYS B 80 21.79 -65.19 -22.06
C LYS B 80 21.75 -64.57 -20.66
N ALA B 81 22.77 -63.77 -20.29
CA ALA B 81 22.87 -63.09 -19.00
C ALA B 81 21.89 -61.93 -18.83
N GLY B 82 21.44 -61.34 -19.95
CA GLY B 82 20.49 -60.24 -19.92
C GLY B 82 20.77 -59.00 -20.75
N MET B 83 21.87 -58.94 -21.52
CA MET B 83 22.16 -57.77 -22.35
C MET B 83 21.04 -57.54 -23.39
N ASN B 84 20.47 -56.33 -23.41
CA ASN B 84 19.39 -56.00 -24.35
C ASN B 84 19.84 -55.07 -25.45
N ILE B 85 20.82 -54.21 -25.15
CA ILE B 85 21.33 -53.21 -26.09
C ILE B 85 22.85 -53.28 -26.07
N ALA B 86 23.47 -53.29 -27.25
CA ALA B 86 24.91 -53.32 -27.42
C ALA B 86 25.35 -51.90 -27.79
N ARG B 87 26.22 -51.29 -26.97
CA ARG B 87 26.69 -49.94 -27.20
C ARG B 87 28.06 -49.93 -27.87
N LEU B 88 28.19 -49.21 -28.97
CA LEU B 88 29.45 -49.06 -29.68
C LEU B 88 29.96 -47.67 -29.40
N ASN B 89 31.05 -47.57 -28.63
CA ASN B 89 31.60 -46.27 -28.29
C ASN B 89 32.47 -45.78 -29.41
N PHE B 90 31.99 -44.78 -30.17
CA PHE B 90 32.76 -44.25 -31.30
C PHE B 90 33.87 -43.27 -30.90
N SER B 91 34.16 -43.15 -29.60
CA SER B 91 35.31 -42.37 -29.14
C SER B 91 36.62 -43.15 -29.39
N HIS B 92 36.53 -44.50 -29.52
CA HIS B 92 37.65 -45.41 -29.76
C HIS B 92 37.28 -46.38 -30.88
N GLY B 93 38.28 -46.91 -31.57
CA GLY B 93 38.07 -47.87 -32.66
C GLY B 93 37.75 -47.24 -34.00
N SER B 94 38.08 -47.96 -35.07
CA SER B 94 37.84 -47.51 -36.44
C SER B 94 36.48 -48.00 -36.94
N HIS B 95 36.05 -47.53 -38.13
CA HIS B 95 34.81 -47.99 -38.72
C HIS B 95 34.86 -49.51 -39.00
N GLU B 96 36.04 -50.01 -39.38
CA GLU B 96 36.24 -51.45 -39.64
C GLU B 96 36.06 -52.27 -38.37
N TYR B 97 36.54 -51.74 -37.24
CA TYR B 97 36.42 -52.35 -35.92
C TYR B 97 34.95 -52.45 -35.51
N HIS B 98 34.22 -51.33 -35.63
CA HIS B 98 32.81 -51.28 -35.23
C HIS B 98 31.92 -52.10 -36.15
N ALA B 99 32.25 -52.20 -37.46
CA ALA B 99 31.48 -53.04 -38.36
C ALA B 99 31.63 -54.53 -37.97
N GLU B 100 32.81 -54.91 -37.49
CA GLU B 100 33.09 -56.27 -37.02
C GLU B 100 32.33 -56.55 -35.73
N SER B 101 32.25 -55.55 -34.83
CA SER B 101 31.50 -55.66 -33.57
C SER B 101 30.02 -55.92 -33.90
N ILE B 102 29.46 -55.11 -34.82
CA ILE B 102 28.07 -55.22 -35.28
C ILE B 102 27.80 -56.61 -35.83
N ALA B 103 28.70 -57.11 -36.68
CA ALA B 103 28.57 -58.44 -37.29
C ALA B 103 28.59 -59.55 -36.24
N ASN B 104 29.49 -59.43 -35.25
CA ASN B 104 29.60 -60.42 -34.17
C ASN B 104 28.37 -60.43 -33.28
N VAL B 105 27.81 -59.24 -33.03
CA VAL B 105 26.58 -59.10 -32.24
C VAL B 105 25.44 -59.77 -33.00
N ARG B 106 25.27 -59.41 -34.29
CA ARG B 106 24.23 -59.99 -35.15
C ARG B 106 24.34 -61.51 -35.28
N GLU B 107 25.56 -62.04 -35.36
CA GLU B 107 25.77 -63.48 -35.46
C GLU B 107 25.33 -64.19 -34.16
N ALA B 108 25.73 -63.65 -32.99
CA ALA B 108 25.32 -64.20 -31.70
C ALA B 108 23.80 -64.08 -31.48
N VAL B 109 23.19 -62.97 -31.92
CA VAL B 109 21.74 -62.77 -31.80
C VAL B 109 20.96 -63.76 -32.67
N GLU B 110 21.38 -63.90 -33.94
CA GLU B 110 20.70 -64.79 -34.87
C GLU B 110 20.94 -66.26 -34.60
N SER B 111 21.94 -66.61 -33.77
CA SER B 111 22.16 -68.00 -33.38
C SER B 111 20.97 -68.59 -32.58
N PHE B 112 20.09 -67.73 -32.04
CA PHE B 112 18.90 -68.13 -31.28
C PHE B 112 17.58 -68.02 -32.11
N ALA B 113 17.65 -67.55 -33.38
CA ALA B 113 16.47 -67.34 -34.25
C ALA B 113 15.75 -68.61 -34.70
N GLY B 114 16.34 -69.77 -34.44
CA GLY B 114 15.75 -71.07 -34.78
C GLY B 114 14.41 -71.29 -34.13
N SER B 115 14.26 -70.77 -32.90
CA SER B 115 13.01 -70.89 -32.18
C SER B 115 12.44 -69.49 -32.01
N PRO B 116 11.49 -69.10 -32.87
CA PRO B 116 10.89 -67.76 -32.77
C PRO B 116 10.09 -67.46 -31.49
N LEU B 117 9.57 -68.50 -30.83
CA LEU B 117 8.84 -68.35 -29.58
C LEU B 117 9.81 -68.02 -28.40
N SER B 118 11.14 -68.19 -28.58
CA SER B 118 12.14 -67.90 -27.53
C SER B 118 13.29 -66.93 -27.98
N TYR B 119 13.25 -66.46 -29.23
CA TYR B 119 14.25 -65.53 -29.77
C TYR B 119 14.21 -64.21 -29.03
N ARG B 120 15.41 -63.72 -28.65
CA ARG B 120 15.57 -62.44 -27.96
C ARG B 120 16.23 -61.38 -28.84
N PRO B 121 15.48 -60.35 -29.27
CA PRO B 121 16.10 -59.30 -30.10
C PRO B 121 17.11 -58.44 -29.31
N VAL B 122 18.16 -57.94 -29.96
CA VAL B 122 19.15 -57.09 -29.28
C VAL B 122 19.38 -55.82 -30.10
N ALA B 123 19.21 -54.63 -29.49
CA ALA B 123 19.41 -53.37 -30.20
C ALA B 123 20.89 -53.01 -30.33
N ILE B 124 21.24 -52.21 -31.33
CA ILE B 124 22.61 -51.75 -31.53
C ILE B 124 22.60 -50.25 -31.47
N ALA B 125 23.34 -49.68 -30.52
CA ALA B 125 23.40 -48.24 -30.33
C ALA B 125 24.77 -47.68 -30.62
N LEU B 126 24.83 -46.58 -31.37
CA LEU B 126 26.08 -45.91 -31.70
C LEU B 126 26.22 -44.73 -30.76
N ASP B 127 27.29 -44.71 -29.95
CA ASP B 127 27.53 -43.57 -29.06
C ASP B 127 28.55 -42.67 -29.77
N THR B 128 28.15 -41.43 -30.14
CA THR B 128 29.03 -40.53 -30.88
C THR B 128 30.20 -40.02 -30.05
N LYS B 129 31.29 -39.60 -30.72
CA LYS B 129 32.49 -39.08 -30.06
C LYS B 129 32.23 -37.70 -29.43
N GLY B 130 31.40 -36.89 -30.06
CA GLY B 130 31.05 -35.57 -29.54
C GLY B 130 31.68 -34.40 -30.27
N PRO B 131 31.28 -33.17 -29.91
CA PRO B 131 31.80 -31.99 -30.61
C PRO B 131 33.17 -31.49 -30.17
N GLY B 132 33.58 -31.86 -28.96
CA GLY B 132 34.85 -31.42 -28.40
C GLY B 132 34.86 -29.91 -28.17
N SER B 133 35.90 -29.24 -28.66
CA SER B 133 36.01 -27.79 -28.52
C SER B 133 35.01 -27.02 -29.42
N GLY B 134 34.52 -27.67 -30.48
CA GLY B 134 33.61 -27.08 -31.45
C GLY B 134 32.22 -26.71 -30.96
N PRO B 135 31.56 -25.77 -31.67
CA PRO B 135 30.20 -25.36 -31.27
C PRO B 135 29.08 -26.28 -31.75
N GLY B 136 29.26 -26.90 -32.91
CA GLY B 136 28.25 -27.79 -33.49
C GLY B 136 28.74 -29.20 -33.78
N LEU B 137 28.07 -29.86 -34.73
CA LEU B 137 28.36 -31.23 -35.11
C LEU B 137 29.72 -31.36 -35.78
N SER B 138 30.61 -32.16 -35.20
CA SER B 138 31.95 -32.36 -35.73
C SER B 138 31.93 -33.16 -37.06
N GLU B 139 33.00 -33.04 -37.86
CA GLU B 139 33.09 -33.76 -39.12
C GLU B 139 33.15 -35.26 -38.90
N GLN B 140 33.83 -35.71 -37.83
CA GLN B 140 33.90 -37.13 -37.49
C GLN B 140 32.53 -37.66 -37.12
N ASP B 141 31.75 -36.88 -36.36
CA ASP B 141 30.38 -37.26 -36.01
C ASP B 141 29.51 -37.43 -37.25
N VAL B 142 29.64 -36.55 -38.23
CA VAL B 142 28.88 -36.66 -39.48
C VAL B 142 29.21 -37.97 -40.20
N ARG B 143 30.49 -38.35 -40.20
CA ARG B 143 30.95 -39.59 -40.83
C ARG B 143 30.49 -40.84 -40.07
N ASP B 144 30.52 -40.78 -38.74
CA ASP B 144 30.11 -41.90 -37.89
C ASP B 144 28.61 -42.10 -37.93
N LEU B 145 27.83 -41.01 -37.99
CA LEU B 145 26.39 -41.10 -38.08
C LEU B 145 25.98 -41.69 -39.43
N ARG B 146 26.70 -41.32 -40.52
CA ARG B 146 26.47 -41.87 -41.85
C ARG B 146 26.75 -43.40 -41.85
N PHE B 147 27.79 -43.84 -41.09
CA PHE B 147 28.18 -45.25 -40.91
C PHE B 147 27.04 -46.00 -40.22
N GLY B 148 26.48 -45.40 -39.17
CA GLY B 148 25.38 -46.00 -38.41
C GLY B 148 24.16 -46.26 -39.27
N VAL B 149 23.83 -45.31 -40.14
CA VAL B 149 22.70 -45.45 -41.05
C VAL B 149 22.97 -46.61 -42.03
N GLU B 150 24.18 -46.64 -42.59
CA GLU B 150 24.59 -47.69 -43.54
C GLU B 150 24.64 -49.07 -42.91
N HIS B 151 24.95 -49.15 -41.62
CA HIS B 151 25.02 -50.44 -40.92
C HIS B 151 23.76 -50.81 -40.12
N GLY B 152 22.69 -50.02 -40.28
CA GLY B 152 21.41 -50.28 -39.65
C GLY B 152 21.35 -50.22 -38.13
N VAL B 153 22.01 -49.21 -37.53
CA VAL B 153 21.93 -49.06 -36.07
C VAL B 153 20.52 -48.63 -35.69
N ASP B 154 20.10 -48.98 -34.48
CA ASP B 154 18.76 -48.66 -34.02
C ASP B 154 18.72 -47.37 -33.21
N ILE B 155 19.78 -47.07 -32.46
CA ILE B 155 19.82 -45.91 -31.57
C ILE B 155 21.13 -45.14 -31.73
N VAL B 156 21.07 -43.83 -31.45
CA VAL B 156 22.24 -42.97 -31.42
C VAL B 156 22.26 -42.31 -30.03
N PHE B 157 23.35 -42.47 -29.28
CA PHE B 157 23.52 -41.79 -28.01
C PHE B 157 24.37 -40.56 -28.41
N ALA B 158 23.72 -39.41 -28.62
CA ALA B 158 24.41 -38.21 -29.07
C ALA B 158 25.14 -37.53 -27.93
N SER B 159 26.48 -37.52 -28.00
CA SER B 159 27.32 -36.89 -26.96
C SER B 159 27.21 -35.36 -26.88
N PHE B 160 27.39 -34.83 -25.66
CA PHE B 160 27.38 -33.41 -25.29
C PHE B 160 26.28 -32.57 -25.96
N VAL B 161 25.01 -32.99 -25.81
CA VAL B 161 23.90 -32.20 -26.32
C VAL B 161 23.72 -31.01 -25.37
N ARG B 162 23.73 -29.78 -25.90
CA ARG B 162 23.62 -28.54 -25.13
C ARG B 162 22.35 -27.72 -25.37
N LYS B 163 21.65 -27.99 -26.49
CA LYS B 163 20.46 -27.25 -26.89
C LYS B 163 19.67 -28.05 -27.93
N ALA B 164 18.42 -27.64 -28.23
CA ALA B 164 17.59 -28.33 -29.20
C ALA B 164 18.22 -28.38 -30.62
N SER B 165 18.98 -27.34 -31.00
CA SER B 165 19.62 -27.31 -32.32
C SER B 165 20.68 -28.40 -32.52
N ASP B 166 21.29 -28.88 -31.42
CA ASP B 166 22.28 -29.95 -31.47
C ASP B 166 21.60 -31.25 -31.90
N VAL B 167 20.40 -31.50 -31.36
CA VAL B 167 19.67 -32.73 -31.68
C VAL B 167 19.19 -32.64 -33.16
N ALA B 168 18.78 -31.45 -33.62
CA ALA B 168 18.36 -31.24 -35.00
C ALA B 168 19.52 -31.52 -35.98
N ALA B 169 20.75 -31.15 -35.58
CA ALA B 169 21.95 -31.40 -36.38
C ALA B 169 22.21 -32.89 -36.50
N VAL B 170 22.01 -33.66 -35.42
CA VAL B 170 22.19 -35.12 -35.46
C VAL B 170 21.13 -35.77 -36.35
N ARG B 171 19.90 -35.27 -36.28
CA ARG B 171 18.80 -35.75 -37.11
CA ARG B 171 18.80 -35.77 -37.11
C ARG B 171 19.09 -35.49 -38.59
N ALA B 172 19.62 -34.29 -38.91
CA ALA B 172 19.99 -33.90 -40.27
C ALA B 172 21.12 -34.80 -40.80
N ALA B 173 22.13 -35.07 -39.96
CA ALA B 173 23.23 -35.93 -40.38
C ALA B 173 22.80 -37.36 -40.66
N LEU B 174 21.77 -37.87 -39.96
CA LEU B 174 21.27 -39.22 -40.22
C LEU B 174 20.62 -39.33 -41.61
N GLY B 175 20.11 -38.21 -42.12
CA GLY B 175 19.51 -38.13 -43.45
C GLY B 175 18.16 -38.78 -43.57
N PRO B 176 17.72 -38.94 -44.82
CA PRO B 176 16.38 -39.53 -45.05
C PRO B 176 16.28 -41.02 -44.70
N GLU B 177 17.38 -41.75 -44.87
CA GLU B 177 17.40 -43.18 -44.55
C GLU B 177 17.42 -43.49 -43.05
N GLY B 178 17.93 -42.55 -42.26
CA GLY B 178 17.99 -42.72 -40.81
C GLY B 178 16.89 -42.02 -40.06
N HIS B 179 15.69 -41.99 -40.63
CA HIS B 179 14.56 -41.35 -39.97
C HIS B 179 13.98 -42.19 -38.82
N GLY B 180 14.12 -43.51 -38.92
CA GLY B 180 13.62 -44.45 -37.92
C GLY B 180 14.52 -44.66 -36.72
N ILE B 181 15.78 -44.18 -36.80
CA ILE B 181 16.75 -44.32 -35.71
C ILE B 181 16.35 -43.41 -34.55
N LYS B 182 16.44 -43.93 -33.31
CA LYS B 182 16.08 -43.16 -32.12
C LYS B 182 17.27 -42.33 -31.62
N ILE B 183 17.04 -41.04 -31.34
CA ILE B 183 18.10 -40.18 -30.81
C ILE B 183 17.95 -39.98 -29.29
N ILE B 184 18.90 -40.52 -28.52
CA ILE B 184 18.96 -40.38 -27.07
C ILE B 184 20.04 -39.33 -26.78
N SER B 185 19.63 -38.13 -26.35
CA SER B 185 20.57 -37.05 -26.08
C SER B 185 21.30 -37.24 -24.76
N LYS B 186 22.65 -37.18 -24.79
CA LYS B 186 23.43 -37.29 -23.57
C LYS B 186 23.58 -35.93 -22.91
N ILE B 187 23.15 -35.81 -21.63
CA ILE B 187 23.29 -34.56 -20.89
C ILE B 187 24.58 -34.69 -20.09
N GLU B 188 25.62 -33.94 -20.48
CA GLU B 188 26.95 -34.06 -19.89
C GLU B 188 27.51 -32.77 -19.27
N ASN B 189 26.75 -31.67 -19.28
CA ASN B 189 27.25 -30.40 -18.73
C ASN B 189 26.13 -29.50 -18.15
N HIS B 190 26.49 -28.35 -17.55
CA HIS B 190 25.54 -27.42 -16.95
C HIS B 190 24.54 -26.88 -17.97
N GLU B 191 24.98 -26.55 -19.19
CA GLU B 191 24.08 -26.00 -20.20
C GLU B 191 22.99 -27.00 -20.60
N GLY B 192 23.36 -28.26 -20.73
CA GLY B 192 22.42 -29.33 -21.06
C GLY B 192 21.38 -29.50 -19.96
N VAL B 193 21.82 -29.38 -18.69
CA VAL B 193 20.91 -29.49 -17.55
C VAL B 193 19.96 -28.31 -17.53
N LYS B 194 20.47 -27.10 -17.78
CA LYS B 194 19.64 -25.90 -17.79
C LYS B 194 18.66 -25.82 -18.97
N ARG B 195 19.08 -26.33 -20.13
CA ARG B 195 18.21 -26.32 -21.31
C ARG B 195 17.54 -27.68 -21.54
N PHE B 196 17.44 -28.51 -20.47
CA PHE B 196 16.87 -29.84 -20.49
C PHE B 196 15.50 -29.93 -21.18
N ASP B 197 14.56 -29.09 -20.80
CA ASP B 197 13.20 -29.12 -21.35
C ASP B 197 13.14 -29.01 -22.86
N GLU B 198 13.93 -28.09 -23.45
CA GLU B 198 13.95 -27.93 -24.89
C GLU B 198 14.63 -29.11 -25.59
N ILE B 199 15.61 -29.75 -24.92
CA ILE B 199 16.33 -30.89 -25.46
C ILE B 199 15.42 -32.13 -25.47
N LEU B 200 14.75 -32.39 -24.34
CA LEU B 200 13.85 -33.53 -24.22
C LEU B 200 12.71 -33.44 -25.22
N GLU B 201 12.20 -32.23 -25.45
CA GLU B 201 11.08 -32.01 -26.37
C GLU B 201 11.38 -32.54 -27.77
N VAL B 202 12.61 -32.34 -28.25
CA VAL B 202 13.00 -32.77 -29.58
C VAL B 202 13.75 -34.11 -29.64
N SER B 203 14.06 -34.72 -28.49
CA SER B 203 14.77 -36.00 -28.46
C SER B 203 13.81 -37.16 -28.23
N ASP B 204 14.25 -38.39 -28.55
CA ASP B 204 13.45 -39.58 -28.27
C ASP B 204 13.57 -40.02 -26.80
N GLY B 205 14.71 -39.67 -26.18
CA GLY B 205 15.02 -39.97 -24.79
C GLY B 205 16.28 -39.26 -24.34
N ILE B 206 16.71 -39.53 -23.11
CA ILE B 206 17.88 -38.87 -22.52
C ILE B 206 18.82 -39.90 -21.87
N MET B 207 20.11 -39.57 -21.82
CA MET B 207 21.07 -40.36 -21.08
C MET B 207 21.71 -39.42 -20.06
N VAL B 208 21.72 -39.86 -18.78
CA VAL B 208 22.35 -39.11 -17.70
C VAL B 208 23.80 -39.60 -17.74
N ALA B 209 24.63 -38.84 -18.46
CA ALA B 209 26.03 -39.16 -18.70
C ALA B 209 26.79 -38.59 -17.52
N ARG B 210 26.82 -39.37 -16.41
CA ARG B 210 27.39 -38.96 -15.14
C ARG B 210 28.90 -38.72 -15.13
N GLY B 211 29.64 -39.38 -16.00
CA GLY B 211 31.09 -39.20 -16.07
C GLY B 211 31.49 -37.75 -16.36
N ASP B 212 31.06 -37.23 -17.51
CA ASP B 212 31.38 -35.84 -17.86
C ASP B 212 30.62 -34.87 -17.01
N LEU B 213 29.35 -35.19 -16.68
CA LEU B 213 28.51 -34.34 -15.85
C LEU B 213 29.15 -34.10 -14.47
N GLY B 214 29.81 -35.13 -13.91
CA GLY B 214 30.51 -35.06 -12.65
C GLY B 214 31.76 -34.20 -12.66
N ILE B 215 32.28 -33.87 -13.85
CA ILE B 215 33.46 -33.01 -14.04
C ILE B 215 33.01 -31.58 -14.35
N GLU B 216 31.90 -31.44 -15.12
CA GLU B 216 31.36 -30.14 -15.53
C GLU B 216 30.66 -29.40 -14.41
N ILE B 217 29.95 -30.16 -13.55
CA ILE B 217 29.25 -29.61 -12.38
C ILE B 217 29.85 -30.26 -11.11
N PRO B 218 29.66 -29.68 -9.89
CA PRO B 218 30.22 -30.30 -8.69
C PRO B 218 29.77 -31.75 -8.54
N ALA B 219 30.69 -32.64 -8.15
CA ALA B 219 30.36 -34.05 -8.00
C ALA B 219 29.17 -34.32 -7.04
N GLU B 220 29.02 -33.49 -6.02
CA GLU B 220 27.93 -33.64 -5.04
C GLU B 220 26.58 -33.18 -5.55
N LYS B 221 26.50 -32.60 -6.76
CA LYS B 221 25.24 -32.15 -7.36
C LYS B 221 24.70 -33.09 -8.42
N VAL B 222 25.50 -34.08 -8.88
CA VAL B 222 25.09 -35.00 -9.95
C VAL B 222 23.82 -35.79 -9.61
N PHE B 223 23.65 -36.23 -8.35
CA PHE B 223 22.45 -36.98 -7.98
C PHE B 223 21.18 -36.14 -8.17
N LEU B 224 21.27 -34.81 -8.00
CA LEU B 224 20.11 -33.92 -8.18
C LEU B 224 19.74 -33.89 -9.65
N ALA B 225 20.75 -33.80 -10.54
CA ALA B 225 20.59 -33.78 -11.98
C ALA B 225 20.02 -35.10 -12.44
N GLN B 226 20.55 -36.23 -11.94
CA GLN B 226 20.05 -37.55 -12.29
C GLN B 226 18.57 -37.70 -11.90
N LYS B 227 18.23 -37.43 -10.64
CA LYS B 227 16.86 -37.56 -10.15
C LYS B 227 15.88 -36.61 -10.84
N MET B 228 16.31 -35.36 -11.16
CA MET B 228 15.47 -34.42 -11.88
C MET B 228 15.18 -34.91 -13.32
N MET B 229 16.24 -35.27 -14.05
CA MET B 229 16.10 -35.71 -15.43
C MET B 229 15.29 -36.97 -15.53
N ILE B 230 15.52 -37.94 -14.63
CA ILE B 230 14.71 -39.18 -14.65
C ILE B 230 13.22 -38.86 -14.42
N GLY B 231 12.93 -38.00 -13.42
CA GLY B 231 11.58 -37.59 -13.11
C GLY B 231 10.88 -36.90 -14.27
N ARG B 232 11.59 -35.98 -14.97
CA ARG B 232 11.03 -35.27 -16.12
C ARG B 232 10.82 -36.21 -17.29
N CYS B 233 11.70 -37.21 -17.49
CA CYS B 233 11.52 -38.20 -18.55
C CYS B 233 10.35 -39.10 -18.23
N ASN B 234 10.16 -39.48 -16.97
CA ASN B 234 9.02 -40.29 -16.56
C ASN B 234 7.73 -39.50 -16.78
N LEU B 235 7.76 -38.20 -16.50
CA LEU B 235 6.62 -37.33 -16.68
C LEU B 235 6.29 -37.23 -18.20
N ALA B 236 7.32 -37.06 -19.05
CA ALA B 236 7.17 -36.97 -20.51
C ALA B 236 6.86 -38.30 -21.19
N GLY B 237 7.12 -39.41 -20.53
CA GLY B 237 6.92 -40.73 -21.11
C GLY B 237 8.00 -41.10 -22.11
N LYS B 238 9.21 -40.55 -21.96
CA LYS B 238 10.33 -40.81 -22.85
C LYS B 238 11.44 -41.59 -22.15
N PRO B 239 12.12 -42.52 -22.86
CA PRO B 239 13.17 -43.32 -22.19
C PRO B 239 14.32 -42.53 -21.58
N VAL B 240 14.79 -43.00 -20.43
CA VAL B 240 15.91 -42.37 -19.74
C VAL B 240 16.91 -43.46 -19.34
N VAL B 241 18.18 -43.22 -19.65
CA VAL B 241 19.27 -44.16 -19.35
C VAL B 241 20.14 -43.59 -18.25
N CYS B 242 20.50 -44.42 -17.28
CA CYS B 242 21.46 -44.00 -16.25
C CYS B 242 22.79 -44.65 -16.63
N ALA B 243 23.83 -43.84 -16.69
CA ALA B 243 25.12 -44.35 -17.15
C ALA B 243 26.32 -43.94 -16.29
N THR B 244 27.43 -44.71 -16.41
CA THR B 244 28.80 -44.50 -15.92
C THR B 244 29.06 -44.85 -14.44
N GLN B 245 30.04 -45.73 -14.23
CA GLN B 245 30.61 -46.18 -12.97
C GLN B 245 29.64 -46.90 -12.05
N MET B 246 28.56 -47.46 -12.62
CA MET B 246 27.55 -48.18 -11.85
C MET B 246 28.12 -49.39 -11.12
N LEU B 247 28.98 -50.20 -11.79
CA LEU B 247 29.62 -51.36 -11.17
C LEU B 247 31.13 -51.32 -11.47
N GLU B 248 31.72 -50.11 -11.50
CA GLU B 248 33.11 -49.82 -11.80
C GLU B 248 34.14 -50.83 -11.24
N SER B 249 34.06 -51.19 -9.95
CA SER B 249 35.01 -52.13 -9.35
C SER B 249 34.96 -53.53 -9.98
N MET B 250 33.87 -53.88 -10.68
CA MET B 250 33.75 -55.18 -11.33
C MET B 250 34.62 -55.29 -12.61
N ILE B 251 35.32 -54.21 -13.00
CA ILE B 251 36.26 -54.26 -14.11
C ILE B 251 37.42 -55.23 -13.72
N THR B 252 37.81 -55.25 -12.43
CA THR B 252 38.89 -56.10 -11.93
C THR B 252 38.42 -57.12 -10.88
N LYS B 253 37.34 -56.84 -10.14
CA LYS B 253 36.89 -57.73 -9.08
C LYS B 253 35.62 -58.50 -9.41
N PRO B 254 35.45 -59.74 -8.90
CA PRO B 254 34.23 -60.52 -9.22
C PRO B 254 32.95 -60.07 -8.52
N ARG B 255 33.08 -59.27 -7.45
CA ARG B 255 31.94 -58.74 -6.70
C ARG B 255 32.04 -57.21 -6.64
N PRO B 256 30.89 -56.50 -6.72
CA PRO B 256 30.96 -55.02 -6.66
C PRO B 256 30.99 -54.48 -5.21
N THR B 257 31.20 -53.17 -5.05
CA THR B 257 31.18 -52.55 -3.73
C THR B 257 29.72 -52.35 -3.24
N ARG B 258 29.54 -52.02 -1.95
CA ARG B 258 28.20 -51.78 -1.40
C ARG B 258 27.56 -50.53 -2.00
N ALA B 259 28.39 -49.55 -2.39
CA ALA B 259 27.91 -48.32 -3.03
C ALA B 259 27.43 -48.58 -4.46
N GLU B 260 28.08 -49.52 -5.16
CA GLU B 260 27.75 -49.89 -6.53
C GLU B 260 26.43 -50.61 -6.65
N THR B 261 26.16 -51.61 -5.80
CA THR B 261 24.87 -52.30 -5.84
C THR B 261 23.73 -51.33 -5.49
N SER B 262 24.02 -50.43 -4.53
CA SER B 262 23.11 -49.39 -4.08
C SER B 262 22.80 -48.44 -5.25
N ASP B 263 23.82 -48.01 -5.99
CA ASP B 263 23.66 -47.12 -7.14
C ASP B 263 22.75 -47.72 -8.22
N VAL B 264 22.95 -49.01 -8.55
CA VAL B 264 22.13 -49.69 -9.55
C VAL B 264 20.68 -49.73 -9.10
N ALA B 265 20.47 -50.17 -7.85
CA ALA B 265 19.15 -50.26 -7.27
C ALA B 265 18.45 -48.92 -7.24
N ASN B 266 19.19 -47.85 -6.91
CA ASN B 266 18.62 -46.52 -6.82
C ASN B 266 18.34 -45.93 -8.17
N ALA B 267 19.09 -46.29 -9.22
CA ALA B 267 18.79 -45.78 -10.56
C ALA B 267 17.43 -46.38 -11.02
N VAL B 268 17.22 -47.67 -10.74
CA VAL B 268 15.97 -48.36 -11.04
C VAL B 268 14.84 -47.72 -10.21
N LEU B 269 15.04 -47.54 -8.88
CA LEU B 269 14.04 -46.93 -8.02
C LEU B 269 13.74 -45.48 -8.41
N ASP B 270 14.70 -44.77 -8.99
CA ASP B 270 14.53 -43.39 -9.46
C ASP B 270 13.55 -43.32 -10.63
N GLY B 271 13.54 -44.35 -11.49
CA GLY B 271 12.67 -44.42 -12.66
C GLY B 271 13.39 -44.63 -13.98
N ALA B 272 14.68 -45.02 -13.94
CA ALA B 272 15.46 -45.23 -15.16
C ALA B 272 14.93 -46.39 -15.99
N ASP B 273 14.77 -46.17 -17.29
CA ASP B 273 14.33 -47.22 -18.20
C ASP B 273 15.47 -48.19 -18.51
N CYS B 274 16.69 -47.67 -18.63
CA CYS B 274 17.85 -48.46 -18.94
C CYS B 274 18.97 -48.16 -17.97
N ILE B 275 19.79 -49.17 -17.69
CA ILE B 275 21.02 -49.06 -16.90
C ILE B 275 22.18 -49.49 -17.80
N MET B 276 23.33 -48.82 -17.67
CA MET B 276 24.46 -49.08 -18.56
C MET B 276 25.73 -49.63 -17.88
N LEU B 277 26.52 -50.37 -18.68
CA LEU B 277 27.83 -50.87 -18.29
C LEU B 277 28.79 -50.34 -19.35
N SER B 278 29.87 -49.67 -18.92
CA SER B 278 30.86 -49.14 -19.86
C SER B 278 32.13 -50.08 -19.81
N GLY B 279 33.16 -49.69 -19.06
CA GLY B 279 34.38 -50.48 -18.90
C GLY B 279 34.12 -51.86 -18.32
N GLU B 280 33.07 -52.00 -17.53
CA GLU B 280 32.70 -53.28 -16.91
C GLU B 280 32.53 -54.41 -17.94
N THR B 281 32.02 -54.09 -19.13
CA THR B 281 31.83 -55.09 -20.17
C THR B 281 32.80 -54.89 -21.34
N ALA B 282 33.19 -53.62 -21.60
CA ALA B 282 34.09 -53.32 -22.69
C ALA B 282 35.52 -53.85 -22.46
N LYS B 283 36.12 -53.64 -21.28
CA LYS B 283 37.50 -54.04 -20.99
C LYS B 283 37.68 -54.90 -19.74
N GLY B 284 36.70 -54.96 -18.85
CA GLY B 284 36.80 -55.68 -17.58
C GLY B 284 36.99 -57.19 -17.66
N ASN B 285 37.44 -57.78 -16.58
CA ASN B 285 37.67 -59.21 -16.46
C ASN B 285 36.39 -60.01 -16.19
N PHE B 286 35.27 -59.34 -15.87
CA PHE B 286 34.04 -60.07 -15.59
C PHE B 286 32.84 -59.48 -16.37
N PRO B 287 32.87 -59.40 -17.73
CA PRO B 287 31.75 -58.78 -18.45
C PRO B 287 30.41 -59.48 -18.26
N VAL B 288 30.40 -60.81 -18.28
CA VAL B 288 29.18 -61.59 -18.12
C VAL B 288 28.63 -61.45 -16.67
N GLU B 289 29.54 -61.47 -15.69
CA GLU B 289 29.21 -61.35 -14.26
C GLU B 289 28.67 -59.95 -13.94
N ALA B 290 29.11 -58.90 -14.67
CA ALA B 290 28.62 -57.54 -14.50
C ALA B 290 27.18 -57.43 -15.00
N VAL B 291 26.88 -58.10 -16.14
CA VAL B 291 25.53 -58.13 -16.71
C VAL B 291 24.61 -58.90 -15.77
N LYS B 292 25.08 -60.06 -15.26
CA LYS B 292 24.30 -60.87 -14.32
C LYS B 292 24.00 -60.09 -13.04
N MET B 293 24.97 -59.29 -12.57
CA MET B 293 24.81 -58.48 -11.38
C MET B 293 23.77 -57.39 -11.61
N GLN B 294 23.85 -56.66 -12.74
CA GLN B 294 22.85 -55.64 -13.04
C GLN B 294 21.45 -56.24 -13.16
N HIS B 295 21.35 -57.44 -13.74
CA HIS B 295 20.08 -58.15 -13.89
C HIS B 295 19.49 -58.49 -12.50
N ALA B 296 20.32 -59.05 -11.61
CA ALA B 296 19.91 -59.46 -10.28
C ALA B 296 19.43 -58.30 -9.46
N ILE B 297 20.16 -57.16 -9.48
CA ILE B 297 19.80 -55.96 -8.72
C ILE B 297 18.53 -55.32 -9.31
N ALA B 298 18.44 -55.18 -10.63
CA ALA B 298 17.25 -54.59 -11.27
C ALA B 298 15.98 -55.34 -10.93
N ARG B 299 16.00 -56.68 -10.93
CA ARG B 299 14.83 -57.50 -10.57
C ARG B 299 14.40 -57.29 -9.12
N GLU B 300 15.35 -57.08 -8.23
CA GLU B 300 15.05 -56.85 -6.83
C GLU B 300 14.48 -55.44 -6.66
N ALA B 301 15.08 -54.43 -7.34
CA ALA B 301 14.68 -53.04 -7.26
C ALA B 301 13.34 -52.77 -7.88
N GLU B 302 13.00 -53.46 -8.97
CA GLU B 302 11.71 -53.30 -9.63
C GLU B 302 10.56 -53.77 -8.75
N ALA B 303 10.76 -54.86 -8.00
CA ALA B 303 9.75 -55.34 -7.08
C ALA B 303 9.58 -54.36 -5.90
N ALA B 304 10.67 -53.63 -5.51
CA ALA B 304 10.65 -52.66 -4.42
C ALA B 304 10.04 -51.31 -4.80
N VAL B 305 9.64 -51.11 -6.07
CA VAL B 305 9.00 -49.87 -6.50
C VAL B 305 7.63 -49.73 -5.78
N TYR B 306 7.30 -48.53 -5.29
CA TYR B 306 6.05 -48.32 -4.57
C TYR B 306 4.99 -47.92 -5.59
N HIS B 307 4.47 -48.92 -6.34
CA HIS B 307 3.51 -48.71 -7.41
C HIS B 307 2.27 -47.96 -7.01
N ARG B 308 1.82 -48.10 -5.74
CA ARG B 308 0.61 -47.40 -5.27
C ARG B 308 0.73 -45.89 -5.47
N GLN B 309 1.81 -45.28 -4.95
CA GLN B 309 1.99 -43.85 -5.11
C GLN B 309 2.43 -43.49 -6.52
N LEU B 310 3.36 -44.27 -7.09
CA LEU B 310 3.87 -44.03 -8.43
C LEU B 310 2.75 -43.95 -9.48
N PHE B 311 1.84 -44.96 -9.52
CA PHE B 311 0.74 -44.98 -10.48
C PHE B 311 -0.18 -43.79 -10.32
N GLU B 312 -0.58 -43.46 -9.07
CA GLU B 312 -1.43 -42.30 -8.79
C GLU B 312 -0.78 -41.00 -9.23
N GLU B 313 0.53 -40.85 -8.99
CA GLU B 313 1.24 -39.65 -9.36
C GLU B 313 1.38 -39.51 -10.86
N LEU B 314 1.67 -40.63 -11.57
CA LEU B 314 1.77 -40.61 -13.04
C LEU B 314 0.40 -40.27 -13.64
N ARG B 315 -0.66 -40.87 -13.07
CA ARG B 315 -2.04 -40.64 -13.43
C ARG B 315 -2.41 -39.14 -13.26
N ARG B 316 -2.21 -38.57 -12.06
CA ARG B 316 -2.52 -37.17 -11.73
C ARG B 316 -1.69 -36.19 -12.58
N ALA B 317 -0.41 -36.47 -12.79
CA ALA B 317 0.46 -35.57 -13.54
C ALA B 317 0.21 -35.61 -15.05
N ALA B 318 -0.29 -36.74 -15.58
CA ALA B 318 -0.53 -36.83 -17.01
C ALA B 318 -1.77 -36.00 -17.35
N PRO B 319 -1.65 -35.13 -18.36
CA PRO B 319 -2.81 -34.32 -18.76
C PRO B 319 -3.87 -35.16 -19.46
N LEU B 320 -5.10 -34.62 -19.55
CA LEU B 320 -6.18 -35.31 -20.24
C LEU B 320 -5.81 -35.52 -21.70
N SER B 321 -6.21 -36.66 -22.27
CA SER B 321 -5.85 -36.95 -23.64
C SER B 321 -6.99 -37.38 -24.47
N ARG B 322 -6.99 -36.98 -25.73
CA ARG B 322 -8.02 -37.40 -26.66
C ARG B 322 -7.45 -38.37 -27.72
N ASP B 323 -6.19 -38.84 -27.54
CA ASP B 323 -5.55 -39.78 -28.42
C ASP B 323 -5.98 -41.15 -27.93
N PRO B 324 -6.68 -41.92 -28.75
CA PRO B 324 -7.18 -43.23 -28.29
C PRO B 324 -6.09 -44.21 -27.83
N THR B 325 -4.86 -44.08 -28.36
CA THR B 325 -3.77 -44.96 -27.94
C THR B 325 -3.43 -44.65 -26.46
N GLU B 326 -3.32 -43.38 -26.14
CA GLU B 326 -3.04 -42.89 -24.80
C GLU B 326 -4.16 -43.29 -23.82
N VAL B 327 -5.42 -43.13 -24.24
CA VAL B 327 -6.60 -43.47 -23.45
C VAL B 327 -6.68 -44.97 -23.19
N THR B 328 -6.36 -45.78 -24.21
CA THR B 328 -6.39 -47.23 -24.07
C THR B 328 -5.27 -47.71 -23.17
N ALA B 329 -4.09 -47.08 -23.28
CA ALA B 329 -2.94 -47.42 -22.47
C ALA B 329 -3.23 -47.30 -20.97
N ILE B 330 -3.84 -46.18 -20.52
CA ILE B 330 -4.13 -46.00 -19.10
C ILE B 330 -5.22 -46.97 -18.62
N GLY B 331 -6.22 -47.22 -19.47
CA GLY B 331 -7.28 -48.16 -19.14
C GLY B 331 -6.74 -49.57 -18.98
N ALA B 332 -5.80 -49.96 -19.85
CA ALA B 332 -5.16 -51.27 -19.81
C ALA B 332 -4.28 -51.46 -18.58
N VAL B 333 -3.51 -50.42 -18.19
CA VAL B 333 -2.66 -50.50 -17.01
C VAL B 333 -3.50 -50.56 -15.74
N GLU B 334 -4.61 -49.83 -15.71
CA GLU B 334 -5.54 -49.83 -14.59
C GLU B 334 -6.14 -51.23 -14.43
N ALA B 335 -6.54 -51.85 -15.56
CA ALA B 335 -7.14 -53.18 -15.57
C ALA B 335 -6.13 -54.23 -15.12
N ALA B 336 -4.88 -54.09 -15.56
CA ALA B 336 -3.80 -55.00 -15.18
C ALA B 336 -3.54 -54.98 -13.65
N PHE B 337 -3.57 -53.79 -13.03
CA PHE B 337 -3.37 -53.68 -11.59
C PHE B 337 -4.56 -54.29 -10.84
N LYS B 338 -5.78 -54.11 -11.35
CA LYS B 338 -7.01 -54.61 -10.74
C LYS B 338 -7.04 -56.11 -10.54
N CYS B 339 -6.52 -56.85 -11.51
CA CYS B 339 -6.56 -58.32 -11.47
C CYS B 339 -5.23 -58.99 -11.24
N CYS B 340 -4.15 -58.20 -11.04
CA CYS B 340 -2.78 -58.74 -10.89
C CYS B 340 -2.43 -59.49 -12.17
N ALA B 341 -2.71 -58.86 -13.33
CA ALA B 341 -2.47 -59.46 -14.65
C ALA B 341 -1.03 -59.84 -14.80
N ALA B 342 -0.81 -61.04 -15.33
CA ALA B 342 0.54 -61.53 -15.53
C ALA B 342 1.27 -60.74 -16.64
N ALA B 343 0.53 -60.25 -17.63
CA ALA B 343 1.12 -59.53 -18.74
C ALA B 343 0.07 -58.66 -19.47
N ILE B 344 0.54 -57.71 -20.27
CA ILE B 344 -0.26 -56.91 -21.15
C ILE B 344 0.31 -57.21 -22.53
N ILE B 345 -0.46 -57.86 -23.41
CA ILE B 345 0.02 -58.18 -24.75
C ILE B 345 -0.44 -57.09 -25.69
N VAL B 346 0.48 -56.44 -26.39
CA VAL B 346 0.15 -55.35 -27.29
C VAL B 346 0.70 -55.54 -28.70
N LEU B 347 -0.11 -55.22 -29.73
CA LEU B 347 0.30 -55.30 -31.12
C LEU B 347 0.80 -53.93 -31.49
N THR B 348 2.03 -53.84 -32.00
CA THR B 348 2.60 -52.54 -32.34
C THR B 348 3.47 -52.59 -33.60
N THR B 349 3.43 -51.51 -34.40
CA THR B 349 4.18 -51.43 -35.63
C THR B 349 5.47 -50.65 -35.38
N THR B 350 5.34 -49.47 -34.73
CA THR B 350 6.45 -48.58 -34.42
C THR B 350 6.98 -48.74 -32.99
N GLY B 351 6.23 -49.42 -32.12
CA GLY B 351 6.57 -49.58 -30.71
C GLY B 351 5.84 -48.57 -29.83
N ARG B 352 5.14 -47.59 -30.43
CA ARG B 352 4.45 -46.52 -29.70
C ARG B 352 3.38 -47.00 -28.71
N SER B 353 2.51 -47.92 -29.10
CA SER B 353 1.49 -48.45 -28.19
C SER B 353 2.10 -49.08 -26.94
N ALA B 354 3.25 -49.76 -27.12
CA ALA B 354 3.97 -50.38 -26.01
C ALA B 354 4.60 -49.29 -25.13
N GLN B 355 5.11 -48.21 -25.74
CA GLN B 355 5.71 -47.10 -25.03
C GLN B 355 4.67 -46.39 -24.15
N LEU B 356 3.46 -46.20 -24.68
CA LEU B 356 2.41 -45.54 -23.92
C LEU B 356 1.90 -46.39 -22.76
N LEU B 357 2.02 -47.72 -22.86
CA LEU B 357 1.65 -48.60 -21.75
C LEU B 357 2.75 -48.48 -20.66
N SER B 358 4.01 -48.53 -21.09
CA SER B 358 5.22 -48.45 -20.31
C SER B 358 5.33 -47.17 -19.44
N ARG B 359 4.85 -46.01 -19.96
CA ARG B 359 4.91 -44.74 -19.23
C ARG B 359 4.10 -44.75 -17.92
N TYR B 360 3.07 -45.59 -17.83
CA TYR B 360 2.29 -45.72 -16.60
C TYR B 360 2.86 -46.73 -15.63
N ARG B 361 4.06 -47.25 -15.90
CA ARG B 361 4.83 -48.16 -15.07
C ARG B 361 4.03 -49.30 -14.49
N PRO B 362 3.42 -50.15 -15.35
CA PRO B 362 2.69 -51.30 -14.80
C PRO B 362 3.63 -52.33 -14.20
N ARG B 363 3.13 -53.10 -13.25
CA ARG B 363 3.87 -54.21 -12.69
C ARG B 363 3.80 -55.40 -13.70
N ALA B 364 2.70 -55.52 -14.51
CA ALA B 364 2.54 -56.55 -15.55
C ALA B 364 3.50 -56.30 -16.69
N ALA B 365 4.06 -57.39 -17.23
CA ALA B 365 5.01 -57.31 -18.35
C ALA B 365 4.30 -56.87 -19.61
N VAL B 366 4.88 -55.95 -20.37
CA VAL B 366 4.26 -55.51 -21.62
C VAL B 366 4.88 -56.31 -22.74
N ILE B 367 4.19 -57.39 -23.18
CA ILE B 367 4.68 -58.24 -24.27
C ILE B 367 4.28 -57.60 -25.60
N ALA B 368 5.23 -57.00 -26.32
CA ALA B 368 4.96 -56.30 -27.56
C ALA B 368 5.19 -57.20 -28.77
N VAL B 369 4.12 -57.53 -29.53
CA VAL B 369 4.18 -58.37 -30.74
C VAL B 369 4.27 -57.48 -31.96
N THR B 370 5.37 -57.58 -32.68
CA THR B 370 5.60 -56.74 -33.84
C THR B 370 6.20 -57.51 -35.01
N ARG B 371 5.95 -57.03 -36.22
CA ARG B 371 6.58 -57.59 -37.41
C ARG B 371 7.86 -56.78 -37.75
N SER B 372 8.02 -55.56 -37.20
CA SER B 372 9.19 -54.74 -37.43
C SER B 372 10.36 -55.18 -36.54
N ALA B 373 11.41 -55.72 -37.16
CA ALA B 373 12.60 -56.14 -36.43
C ALA B 373 13.27 -54.93 -35.74
N GLN B 374 13.24 -53.74 -36.38
CA GLN B 374 13.81 -52.55 -35.77
C GLN B 374 13.00 -52.10 -34.55
N ALA B 375 11.67 -52.10 -34.63
CA ALA B 375 10.83 -51.73 -33.50
C ALA B 375 11.04 -52.70 -32.35
N ALA B 376 11.19 -54.01 -32.65
CA ALA B 376 11.44 -55.02 -31.63
C ALA B 376 12.77 -54.72 -30.87
N ARG B 377 13.80 -54.23 -31.59
CA ARG B 377 15.06 -53.90 -30.96
C ARG B 377 14.94 -52.60 -30.17
N GLN B 378 14.30 -51.57 -30.74
CA GLN B 378 14.16 -50.27 -30.12
C GLN B 378 13.25 -50.20 -28.87
N VAL B 379 12.27 -51.13 -28.72
CA VAL B 379 11.41 -51.07 -27.54
C VAL B 379 12.13 -51.47 -26.25
N HIS B 380 13.38 -51.95 -26.33
CA HIS B 380 14.19 -52.22 -25.15
C HIS B 380 14.49 -50.90 -24.40
N LEU B 381 14.41 -49.73 -25.09
CA LEU B 381 14.59 -48.43 -24.46
C LEU B 381 13.49 -48.15 -23.41
N CYS B 382 12.31 -48.81 -23.52
CA CYS B 382 11.17 -48.60 -22.65
C CYS B 382 11.07 -49.68 -21.61
N ARG B 383 11.05 -49.27 -20.33
CA ARG B 383 11.00 -50.20 -19.22
C ARG B 383 9.77 -51.09 -19.24
N GLY B 384 10.00 -52.39 -19.10
CA GLY B 384 8.91 -53.35 -19.01
C GLY B 384 8.35 -53.86 -20.31
N VAL B 385 8.97 -53.47 -21.43
CA VAL B 385 8.53 -53.95 -22.73
C VAL B 385 9.39 -55.15 -23.19
N PHE B 386 8.75 -56.29 -23.42
CA PHE B 386 9.36 -57.54 -23.85
C PHE B 386 9.01 -57.80 -25.33
N PRO B 387 9.92 -57.48 -26.24
CA PRO B 387 9.62 -57.62 -27.67
C PRO B 387 9.59 -59.03 -28.24
N LEU B 388 8.56 -59.33 -29.04
CA LEU B 388 8.42 -60.58 -29.75
C LEU B 388 8.36 -60.27 -31.22
N LEU B 389 9.27 -60.86 -32.00
CA LEU B 389 9.28 -60.64 -33.44
C LEU B 389 8.44 -61.72 -34.13
N TYR B 390 7.34 -61.30 -34.79
CA TYR B 390 6.41 -62.15 -35.53
C TYR B 390 6.94 -62.27 -36.97
N ARG B 391 7.26 -63.50 -37.40
CA ARG B 391 7.82 -63.75 -38.72
C ARG B 391 6.84 -64.31 -39.75
N GLU B 392 5.62 -64.69 -39.34
CA GLU B 392 4.62 -65.23 -40.26
C GLU B 392 4.10 -64.23 -41.29
N PRO B 393 3.85 -64.71 -42.53
CA PRO B 393 3.30 -63.81 -43.54
C PRO B 393 1.82 -63.49 -43.25
N PRO B 394 1.36 -62.31 -43.71
CA PRO B 394 -0.03 -61.91 -43.40
C PRO B 394 -1.13 -62.84 -43.86
N GLU B 395 -2.11 -63.10 -42.99
CA GLU B 395 -3.31 -63.89 -43.26
C GLU B 395 -4.22 -63.10 -44.22
N ALA B 396 -5.15 -63.80 -44.88
CA ALA B 396 -6.07 -63.15 -45.80
C ALA B 396 -7.03 -62.21 -45.07
N ILE B 397 -7.67 -62.66 -44.00
CA ILE B 397 -8.55 -61.80 -43.23
C ILE B 397 -7.71 -61.12 -42.13
N TRP B 398 -7.70 -59.78 -42.10
CA TRP B 398 -6.95 -59.00 -41.12
C TRP B 398 -7.33 -59.36 -39.69
N ALA B 399 -8.62 -59.54 -39.41
CA ALA B 399 -9.11 -59.91 -38.10
C ALA B 399 -8.58 -61.27 -37.61
N ASP B 400 -8.18 -62.15 -38.53
CA ASP B 400 -7.60 -63.45 -38.16
C ASP B 400 -6.06 -63.35 -38.02
N ASP B 401 -5.42 -62.41 -38.73
CA ASP B 401 -3.99 -62.17 -38.64
C ASP B 401 -3.69 -61.62 -37.24
N VAL B 402 -4.52 -60.66 -36.76
CA VAL B 402 -4.45 -60.04 -35.45
C VAL B 402 -4.58 -61.11 -34.37
N ASP B 403 -5.61 -61.98 -34.46
CA ASP B 403 -5.86 -63.04 -33.49
C ASP B 403 -4.75 -64.09 -33.42
N ARG B 404 -3.99 -64.25 -34.51
CA ARG B 404 -2.86 -65.15 -34.55
C ARG B 404 -1.67 -64.51 -33.83
N ARG B 405 -1.49 -63.20 -33.98
CA ARG B 405 -0.43 -62.45 -33.29
C ARG B 405 -0.66 -62.42 -31.77
N VAL B 406 -1.92 -62.33 -31.31
CA VAL B 406 -2.28 -62.36 -29.90
C VAL B 406 -1.98 -63.75 -29.30
N GLN B 407 -2.37 -64.81 -30.04
CA GLN B 407 -2.10 -66.20 -29.64
C GLN B 407 -0.62 -66.52 -29.63
N PHE B 408 0.16 -65.90 -30.53
CA PHE B 408 1.62 -66.01 -30.59
C PHE B 408 2.21 -65.44 -29.30
N GLY B 409 1.68 -64.30 -28.83
CA GLY B 409 2.09 -63.65 -27.60
C GLY B 409 1.78 -64.50 -26.39
N ILE B 410 0.60 -65.15 -26.39
CA ILE B 410 0.20 -66.05 -25.31
C ILE B 410 1.07 -67.30 -25.28
N GLU B 411 1.35 -67.89 -26.45
CA GLU B 411 2.20 -69.07 -26.54
C GLU B 411 3.65 -68.76 -26.17
N SER B 412 4.22 -67.62 -26.64
CA SER B 412 5.58 -67.23 -26.24
C SER B 412 5.64 -66.97 -24.74
N GLY B 413 4.59 -66.34 -24.21
CA GLY B 413 4.47 -66.01 -22.80
C GLY B 413 4.38 -67.25 -21.93
N LYS B 414 3.72 -68.29 -22.42
CA LYS B 414 3.59 -69.54 -21.68
C LYS B 414 4.91 -70.28 -21.70
N LEU B 415 5.56 -70.33 -22.89
CA LEU B 415 6.82 -70.98 -23.13
C LEU B 415 7.91 -70.36 -22.30
N ARG B 416 7.94 -69.01 -22.17
CA ARG B 416 8.98 -68.34 -21.40
C ARG B 416 8.72 -68.20 -19.90
N GLY B 417 7.57 -68.65 -19.42
CA GLY B 417 7.25 -68.58 -18.01
C GLY B 417 6.52 -67.33 -17.55
N PHE B 418 6.22 -66.38 -18.48
CA PHE B 418 5.46 -65.17 -18.13
C PHE B 418 4.01 -65.52 -17.79
N LEU B 419 3.43 -66.52 -18.47
CA LEU B 419 2.03 -66.86 -18.29
C LEU B 419 1.83 -68.30 -17.91
N ARG B 420 0.83 -68.50 -17.07
CA ARG B 420 0.39 -69.78 -16.55
C ARG B 420 -1.13 -69.92 -16.77
N VAL B 421 -1.62 -71.17 -16.77
CA VAL B 421 -3.03 -71.41 -16.92
C VAL B 421 -3.77 -70.86 -15.68
N GLY B 422 -4.84 -70.12 -15.90
CA GLY B 422 -5.57 -69.46 -14.83
C GLY B 422 -5.21 -68.00 -14.67
N ASP B 423 -4.13 -67.54 -15.34
CA ASP B 423 -3.72 -66.14 -15.31
C ASP B 423 -4.68 -65.28 -16.12
N LEU B 424 -4.70 -63.98 -15.82
CA LEU B 424 -5.46 -63.03 -16.62
C LEU B 424 -4.43 -62.19 -17.38
N VAL B 425 -4.75 -61.88 -18.62
CA VAL B 425 -3.89 -61.05 -19.45
C VAL B 425 -4.75 -59.94 -20.05
N ILE B 426 -4.14 -58.79 -20.31
CA ILE B 426 -4.82 -57.66 -20.91
C ILE B 426 -4.29 -57.60 -22.32
N VAL B 427 -5.16 -57.55 -23.34
CA VAL B 427 -4.71 -57.50 -24.73
C VAL B 427 -5.06 -56.17 -25.34
N VAL B 428 -4.06 -55.48 -25.88
CA VAL B 428 -4.24 -54.16 -26.48
C VAL B 428 -4.01 -54.20 -28.00
N THR B 429 -5.06 -53.90 -28.79
CA THR B 429 -5.06 -53.90 -30.27
C THR B 429 -5.73 -52.59 -30.84
N GLY B 430 -5.86 -52.50 -32.18
CA GLY B 430 -6.49 -51.38 -32.87
C GLY B 430 -7.66 -51.81 -33.74
N TRP B 431 -8.40 -50.85 -34.30
CA TRP B 431 -9.60 -51.12 -35.09
C TRP B 431 -9.33 -51.31 -36.61
N ARG B 432 -8.16 -50.90 -37.08
CA ARG B 432 -7.79 -51.01 -38.48
C ARG B 432 -6.28 -51.15 -38.61
N PRO B 433 -5.77 -51.68 -39.74
CA PRO B 433 -4.32 -51.84 -39.90
C PRO B 433 -3.58 -50.51 -39.98
N GLY B 434 -2.28 -50.57 -39.74
CA GLY B 434 -1.44 -49.39 -39.78
C GLY B 434 -1.22 -48.82 -38.39
N SER B 435 -0.13 -48.08 -38.24
CA SER B 435 0.22 -47.46 -36.99
C SER B 435 -0.73 -46.31 -36.64
N GLY B 436 -0.95 -46.10 -35.34
CA GLY B 436 -1.74 -45.00 -34.83
C GLY B 436 -3.21 -45.26 -34.54
N TYR B 437 -3.68 -46.51 -34.67
CA TYR B 437 -5.11 -46.80 -34.48
C TYR B 437 -5.43 -47.70 -33.31
N THR B 438 -4.51 -47.82 -32.33
CA THR B 438 -4.79 -48.62 -31.12
C THR B 438 -5.96 -48.00 -30.35
N ASN B 439 -6.97 -48.81 -29.99
CA ASN B 439 -8.14 -48.32 -29.29
C ASN B 439 -8.91 -49.42 -28.54
N ILE B 440 -8.40 -50.66 -28.51
CA ILE B 440 -9.12 -51.76 -27.88
C ILE B 440 -8.34 -52.42 -26.75
N MET B 441 -9.04 -52.74 -25.66
CA MET B 441 -8.45 -53.44 -24.53
CA MET B 441 -8.47 -53.41 -24.49
C MET B 441 -9.37 -54.60 -24.15
N ARG B 442 -8.79 -55.82 -24.02
CA ARG B 442 -9.55 -57.03 -23.68
C ARG B 442 -8.99 -57.77 -22.49
N VAL B 443 -9.87 -58.33 -21.65
CA VAL B 443 -9.44 -59.11 -20.50
C VAL B 443 -9.60 -60.58 -20.90
N LEU B 444 -8.50 -61.34 -20.95
CA LEU B 444 -8.54 -62.75 -21.36
CA LEU B 444 -8.53 -62.74 -21.36
C LEU B 444 -8.00 -63.69 -20.26
N SER B 445 -8.66 -64.84 -20.08
CA SER B 445 -8.23 -65.83 -19.08
C SER B 445 -7.40 -66.90 -19.79
N ILE B 446 -6.20 -67.21 -19.26
CA ILE B 446 -5.32 -68.16 -19.89
C ILE B 446 -5.79 -69.61 -19.66
N SER B 447 -6.06 -70.33 -20.76
CA SER B 447 -6.48 -71.73 -20.70
C SER B 447 -5.38 -72.66 -21.30
N GLU C 21 -4.34 -46.86 29.84
CA GLU C 21 -4.20 -45.51 30.40
C GLU C 21 -5.51 -44.71 30.32
N LEU C 22 -6.27 -44.87 29.21
CA LEU C 22 -7.56 -44.20 29.01
C LEU C 22 -8.76 -45.19 28.99
N GLY C 23 -8.49 -46.44 28.62
CA GLY C 23 -9.50 -47.48 28.56
C GLY C 23 -10.09 -47.69 27.18
N THR C 24 -10.59 -48.91 26.93
CA THR C 24 -11.21 -49.26 25.65
C THR C 24 -12.50 -48.47 25.43
N ALA C 25 -13.25 -48.19 26.52
CA ALA C 25 -14.49 -47.44 26.47
C ALA C 25 -14.28 -46.03 25.94
N PHE C 26 -13.15 -45.38 26.30
CA PHE C 26 -12.83 -44.03 25.84
C PHE C 26 -12.76 -43.98 24.31
N PHE C 27 -12.11 -44.98 23.71
CA PHE C 27 -11.91 -45.04 22.28
C PHE C 27 -13.14 -45.50 21.47
N GLN C 28 -14.24 -45.88 22.14
CA GLN C 28 -15.48 -46.20 21.44
C GLN C 28 -16.42 -44.97 21.36
N GLN C 29 -16.27 -44.00 22.29
CA GLN C 29 -17.06 -42.77 22.34
C GLN C 29 -16.56 -41.72 21.33
N GLN C 30 -17.35 -40.63 21.15
CA GLN C 30 -17.15 -39.45 20.31
C GLN C 30 -16.58 -39.75 18.90
N GLN C 31 -17.10 -40.82 18.27
CA GLN C 31 -16.72 -41.30 16.93
C GLN C 31 -15.23 -41.47 16.76
N LEU C 32 -14.53 -41.93 17.81
CA LEU C 32 -13.10 -42.15 17.73
C LEU C 32 -12.70 -43.26 16.74
N PRO C 33 -13.44 -44.39 16.58
CA PRO C 33 -13.08 -45.35 15.52
C PRO C 33 -13.16 -44.71 14.12
N ALA C 34 -14.19 -43.88 13.86
CA ALA C 34 -14.37 -43.17 12.59
C ALA C 34 -13.30 -42.09 12.37
N ALA C 35 -12.78 -41.51 13.46
CA ALA C 35 -11.72 -40.49 13.41
C ALA C 35 -10.37 -41.09 13.04
N MET C 36 -10.13 -42.37 13.40
CA MET C 36 -8.87 -43.06 13.10
C MET C 36 -8.75 -43.51 11.63
N ALA C 37 -9.86 -43.47 10.86
CA ALA C 37 -9.92 -43.94 9.47
C ALA C 37 -8.93 -43.26 8.53
N ASP C 38 -8.39 -44.05 7.58
CA ASP C 38 -7.40 -43.58 6.61
C ASP C 38 -8.00 -42.91 5.38
N THR C 39 -9.30 -43.12 5.13
CA THR C 39 -10.00 -42.46 4.03
C THR C 39 -11.33 -41.91 4.54
N PHE C 40 -11.90 -40.94 3.80
CA PHE C 40 -13.20 -40.37 4.12
C PHE C 40 -14.31 -41.43 3.98
N LEU C 41 -14.17 -42.33 2.98
CA LEU C 41 -15.12 -43.41 2.75
C LEU C 41 -15.15 -44.35 3.98
N GLU C 42 -13.95 -44.75 4.49
CA GLU C 42 -13.82 -45.58 5.69
C GLU C 42 -14.38 -44.85 6.91
N HIS C 43 -14.18 -43.52 6.99
CA HIS C 43 -14.68 -42.66 8.04
C HIS C 43 -16.20 -42.74 8.07
N LEU C 44 -16.89 -42.57 6.91
CA LEU C 44 -18.35 -42.69 6.84
C LEU C 44 -18.80 -44.08 7.31
N CYS C 45 -18.13 -45.13 6.80
CA CYS C 45 -18.43 -46.52 7.12
C CYS C 45 -18.32 -46.83 8.59
N LEU C 46 -17.42 -46.14 9.30
CA LEU C 46 -17.22 -46.37 10.73
C LEU C 46 -18.08 -45.52 11.65
N LEU C 47 -18.94 -44.63 11.10
CA LEU C 47 -19.83 -43.81 11.94
C LEU C 47 -20.76 -44.72 12.72
N ASP C 48 -20.85 -44.52 14.02
CA ASP C 48 -21.61 -45.39 14.90
C ASP C 48 -22.69 -44.64 15.66
N ILE C 49 -23.96 -45.07 15.52
CA ILE C 49 -25.06 -44.43 16.26
C ILE C 49 -24.98 -44.69 17.79
N ASP C 50 -24.24 -45.73 18.19
CA ASP C 50 -24.02 -46.08 19.60
C ASP C 50 -22.80 -45.35 20.20
N SER C 51 -22.01 -44.62 19.38
CA SER C 51 -20.85 -43.88 19.85
C SER C 51 -21.34 -42.52 20.37
N GLU C 52 -21.42 -42.37 21.69
CA GLU C 52 -21.95 -41.16 22.30
C GLU C 52 -20.99 -39.98 22.31
N PRO C 53 -21.53 -38.77 22.04
CA PRO C 53 -20.66 -37.58 22.11
C PRO C 53 -20.28 -37.27 23.56
N VAL C 54 -19.01 -36.89 23.78
CA VAL C 54 -18.56 -36.60 25.14
C VAL C 54 -18.13 -35.16 25.32
N ALA C 55 -17.55 -34.57 24.27
CA ALA C 55 -17.13 -33.16 24.32
C ALA C 55 -18.34 -32.19 24.45
N ALA C 56 -18.08 -30.98 24.98
CA ALA C 56 -19.09 -29.93 25.09
C ALA C 56 -19.44 -29.48 23.65
N ARG C 57 -20.70 -29.06 23.44
CA ARG C 57 -21.15 -28.60 22.13
C ARG C 57 -20.43 -27.32 21.73
N SER C 58 -19.73 -27.34 20.61
CA SER C 58 -18.90 -26.26 20.16
C SER C 58 -19.51 -25.26 19.14
N THR C 59 -20.52 -25.65 18.34
CA THR C 59 -21.17 -24.71 17.39
C THR C 59 -22.16 -23.87 18.17
N SER C 60 -22.01 -22.53 18.16
CA SER C 60 -22.91 -21.67 18.94
C SER C 60 -24.31 -21.55 18.36
N ILE C 61 -25.27 -21.31 19.23
CA ILE C 61 -26.66 -21.20 18.84
C ILE C 61 -27.11 -19.76 18.96
N ILE C 62 -27.58 -19.18 17.83
CA ILE C 62 -28.11 -17.83 17.84
C ILE C 62 -29.63 -17.96 17.86
N ALA C 63 -30.28 -17.36 18.87
CA ALA C 63 -31.72 -17.44 18.95
C ALA C 63 -32.32 -16.07 18.73
N THR C 64 -33.29 -15.96 17.81
CA THR C 64 -33.95 -14.68 17.57
C THR C 64 -34.96 -14.40 18.67
N ILE C 65 -34.89 -13.22 19.28
CA ILE C 65 -35.77 -12.81 20.35
C ILE C 65 -37.06 -12.18 19.77
N GLY C 66 -38.19 -12.65 20.25
CA GLY C 66 -39.49 -12.14 19.83
C GLY C 66 -40.54 -12.38 20.89
N PRO C 67 -41.82 -12.28 20.53
CA PRO C 67 -42.88 -12.51 21.51
C PRO C 67 -42.77 -13.84 22.28
N ALA C 68 -42.36 -14.92 21.57
CA ALA C 68 -42.21 -16.28 22.15
C ALA C 68 -41.00 -16.46 23.06
N SER C 69 -40.05 -15.52 23.06
CA SER C 69 -38.83 -15.67 23.83
C SER C 69 -38.37 -14.40 24.54
N ARG C 70 -39.29 -13.50 24.87
CA ARG C 70 -38.92 -12.23 25.47
C ARG C 70 -38.90 -12.16 26.98
N SER C 71 -39.71 -12.99 27.64
CA SER C 71 -39.81 -12.94 29.10
C SER C 71 -38.52 -13.40 29.78
N VAL C 72 -38.14 -12.75 30.89
CA VAL C 72 -36.94 -13.06 31.65
C VAL C 72 -36.88 -14.55 32.02
N GLU C 73 -38.03 -15.11 32.44
CA GLU C 73 -38.10 -16.52 32.81
C GLU C 73 -37.89 -17.46 31.62
N ARG C 74 -38.44 -17.08 30.45
CA ARG C 74 -38.29 -17.85 29.22
C ARG C 74 -36.84 -17.81 28.72
N LEU C 75 -36.18 -16.65 28.85
CA LEU C 75 -34.79 -16.47 28.47
C LEU C 75 -33.84 -17.29 29.35
N LYS C 76 -34.17 -17.47 30.65
CA LYS C 76 -33.36 -18.31 31.54
C LYS C 76 -33.41 -19.76 31.09
N GLU C 77 -34.57 -20.22 30.60
CA GLU C 77 -34.73 -21.57 30.08
C GLU C 77 -33.91 -21.74 28.80
N MET C 78 -33.90 -20.71 27.92
CA MET C 78 -33.16 -20.74 26.67
CA MET C 78 -33.16 -20.74 26.67
C MET C 78 -31.66 -20.67 26.90
N ILE C 79 -31.21 -19.98 27.96
CA ILE C 79 -29.78 -19.92 28.30
C ILE C 79 -29.37 -21.32 28.75
N LYS C 80 -30.18 -21.95 29.62
CA LYS C 80 -29.96 -23.31 30.11
C LYS C 80 -29.98 -24.34 28.97
N ALA C 81 -30.80 -24.11 27.95
CA ALA C 81 -30.90 -25.01 26.80
C ALA C 81 -29.70 -24.94 25.84
N GLY C 82 -28.98 -23.82 25.85
CA GLY C 82 -27.82 -23.63 25.00
C GLY C 82 -27.69 -22.36 24.18
N MET C 83 -28.64 -21.40 24.29
CA MET C 83 -28.54 -20.14 23.53
C MET C 83 -27.29 -19.37 23.93
N ASN C 84 -26.45 -19.02 22.93
CA ASN C 84 -25.21 -18.27 23.22
C ASN C 84 -25.30 -16.81 22.78
N ILE C 85 -26.08 -16.55 21.72
CA ILE C 85 -26.24 -15.22 21.13
C ILE C 85 -27.73 -14.93 20.96
N ALA C 86 -28.15 -13.75 21.41
CA ALA C 86 -29.53 -13.28 21.30
C ALA C 86 -29.61 -12.32 20.11
N ARG C 87 -30.44 -12.65 19.11
CA ARG C 87 -30.60 -11.82 17.92
C ARG C 87 -31.82 -10.93 18.00
N LEU C 88 -31.64 -9.63 17.82
CA LEU C 88 -32.73 -8.64 17.80
C LEU C 88 -32.98 -8.26 16.35
N ASN C 89 -34.13 -8.69 15.79
CA ASN C 89 -34.46 -8.41 14.40
C ASN C 89 -35.04 -7.02 14.29
N PHE C 90 -34.24 -6.07 13.78
CA PHE C 90 -34.70 -4.69 13.68
C PHE C 90 -35.63 -4.43 12.47
N SER C 91 -36.09 -5.51 11.79
CA SER C 91 -37.10 -5.37 10.76
C SER C 91 -38.49 -5.12 11.39
N HIS C 92 -38.68 -5.50 12.67
CA HIS C 92 -39.92 -5.34 13.41
C HIS C 92 -39.58 -4.76 14.79
N GLY C 93 -40.55 -4.12 15.41
CA GLY C 93 -40.37 -3.56 16.74
C GLY C 93 -39.72 -2.20 16.77
N SER C 94 -40.02 -1.45 17.83
CA SER C 94 -39.49 -0.11 18.03
C SER C 94 -38.21 -0.14 18.85
N HIS C 95 -37.50 1.01 18.98
CA HIS C 95 -36.31 1.08 19.81
C HIS C 95 -36.66 0.77 21.27
N GLU C 96 -37.84 1.17 21.73
CA GLU C 96 -38.32 0.93 23.10
C GLU C 96 -38.49 -0.59 23.33
N TYR C 97 -39.03 -1.29 22.32
CA TYR C 97 -39.26 -2.74 22.34
C TYR C 97 -37.91 -3.47 22.43
N HIS C 98 -36.94 -3.10 21.58
CA HIS C 98 -35.62 -3.73 21.57
C HIS C 98 -34.80 -3.41 22.79
N ALA C 99 -34.94 -2.20 23.38
CA ALA C 99 -34.24 -1.88 24.62
C ALA C 99 -34.75 -2.78 25.76
N GLU C 100 -36.06 -3.12 25.75
CA GLU C 100 -36.69 -4.00 26.71
C GLU C 100 -36.20 -5.43 26.51
N SER C 101 -36.05 -5.87 25.26
CA SER C 101 -35.52 -7.19 24.94
C SER C 101 -34.08 -7.31 25.50
N ILE C 102 -33.22 -6.29 25.27
CA ILE C 102 -31.85 -6.22 25.76
C ILE C 102 -31.83 -6.31 27.28
N ALA C 103 -32.69 -5.55 27.94
CA ALA C 103 -32.75 -5.54 29.41
C ALA C 103 -33.16 -6.91 29.95
N ASN C 104 -34.13 -7.56 29.30
CA ASN C 104 -34.62 -8.89 29.71
C ASN C 104 -33.54 -9.95 29.52
N VAL C 105 -32.76 -9.83 28.42
CA VAL C 105 -31.66 -10.75 28.14
C VAL C 105 -30.61 -10.57 29.22
N ARG C 106 -30.19 -9.32 29.48
CA ARG C 106 -29.19 -9.01 30.51
C ARG C 106 -29.61 -9.45 31.90
N GLU C 107 -30.89 -9.33 32.22
CA GLU C 107 -31.41 -9.76 33.53
C GLU C 107 -31.34 -11.27 33.67
N ALA C 108 -31.76 -12.02 32.65
CA ALA C 108 -31.70 -13.47 32.67
C ALA C 108 -30.24 -13.96 32.71
N VAL C 109 -29.32 -13.30 31.99
CA VAL C 109 -27.90 -13.65 31.99
C VAL C 109 -27.28 -13.41 33.37
N GLU C 110 -27.52 -12.23 33.97
CA GLU C 110 -26.95 -11.90 35.27
C GLU C 110 -27.58 -12.64 36.44
N SER C 111 -28.74 -13.28 36.24
CA SER C 111 -29.34 -14.10 37.29
C SER C 111 -28.46 -15.33 37.66
N PHE C 112 -27.52 -15.71 36.79
CA PHE C 112 -26.62 -16.82 37.03
C PHE C 112 -25.21 -16.35 37.47
N ALA C 113 -25.03 -15.05 37.79
CA ALA C 113 -23.73 -14.49 38.13
C ALA C 113 -23.13 -14.95 39.48
N GLY C 114 -23.84 -15.80 40.21
CA GLY C 114 -23.33 -16.31 41.47
C GLY C 114 -22.57 -17.63 41.31
N SER C 115 -23.32 -18.68 40.94
CA SER C 115 -22.81 -20.03 40.67
C SER C 115 -22.06 -20.06 39.30
N PRO C 116 -20.72 -20.28 39.28
CA PRO C 116 -20.00 -20.25 37.99
C PRO C 116 -20.37 -21.38 37.04
N LEU C 117 -20.88 -22.50 37.57
CA LEU C 117 -21.32 -23.71 36.85
C LEU C 117 -22.47 -23.41 35.85
N SER C 118 -23.26 -22.36 36.14
CA SER C 118 -24.38 -21.91 35.31
C SER C 118 -24.11 -20.53 34.66
N TYR C 119 -23.14 -19.73 35.20
CA TYR C 119 -22.82 -18.43 34.60
C TYR C 119 -22.12 -18.55 33.27
N ARG C 120 -22.85 -18.18 32.24
CA ARG C 120 -22.33 -18.13 30.90
C ARG C 120 -22.59 -16.74 30.27
N PRO C 121 -21.59 -16.09 29.67
CA PRO C 121 -21.86 -14.81 29.00
C PRO C 121 -22.71 -15.03 27.75
N VAL C 122 -23.66 -14.12 27.43
CA VAL C 122 -24.51 -14.24 26.24
C VAL C 122 -24.35 -12.98 25.39
N ALA C 123 -24.05 -13.13 24.09
CA ALA C 123 -23.84 -11.98 23.22
C ALA C 123 -25.17 -11.41 22.77
N ILE C 124 -25.19 -10.10 22.43
CA ILE C 124 -26.39 -9.47 21.89
C ILE C 124 -26.09 -8.95 20.51
N ALA C 125 -26.83 -9.45 19.52
CA ALA C 125 -26.61 -9.07 18.14
C ALA C 125 -27.79 -8.29 17.56
N LEU C 126 -27.51 -7.19 16.86
CA LEU C 126 -28.52 -6.38 16.21
C LEU C 126 -28.57 -6.77 14.75
N ASP C 127 -29.71 -7.26 14.25
CA ASP C 127 -29.85 -7.61 12.85
C ASP C 127 -30.54 -6.38 12.19
N THR C 128 -29.83 -5.69 11.28
CA THR C 128 -30.40 -4.50 10.62
C THR C 128 -31.55 -4.81 9.67
N LYS C 129 -32.43 -3.80 9.43
CA LYS C 129 -33.57 -3.92 8.53
C LYS C 129 -33.13 -4.05 7.07
N GLY C 130 -32.07 -3.35 6.70
CA GLY C 130 -31.54 -3.42 5.35
C GLY C 130 -31.83 -2.21 4.50
N PRO C 131 -31.25 -2.16 3.29
CA PRO C 131 -31.44 -0.98 2.42
C PRO C 131 -32.76 -1.02 1.64
N GLY C 134 -32.35 -0.01 -2.07
CA GLY C 134 -31.88 1.33 -1.70
C GLY C 134 -30.44 1.63 -2.07
N PRO C 135 -30.19 2.92 -2.49
CA PRO C 135 -28.85 3.33 -2.97
C PRO C 135 -27.69 3.40 -1.96
N GLY C 136 -27.99 3.60 -0.70
CA GLY C 136 -26.96 3.61 0.35
C GLY C 136 -27.49 2.97 1.62
N LEU C 137 -26.80 3.18 2.74
CA LEU C 137 -27.28 2.73 4.04
C LEU C 137 -28.56 3.55 4.38
N SER C 138 -29.64 2.89 4.79
CA SER C 138 -30.90 3.57 5.06
C SER C 138 -30.90 4.42 6.30
N GLU C 139 -31.74 5.46 6.34
CA GLU C 139 -31.85 6.35 7.48
C GLU C 139 -32.21 5.56 8.74
N GLN C 140 -33.07 4.56 8.59
CA GLN C 140 -33.46 3.72 9.71
C GLN C 140 -32.26 2.91 10.18
N ASP C 141 -31.47 2.36 9.24
CA ASP C 141 -30.27 1.60 9.60
C ASP C 141 -29.27 2.44 10.35
N VAL C 142 -29.06 3.70 9.94
CA VAL C 142 -28.15 4.61 10.65
C VAL C 142 -28.62 4.82 12.09
N ARG C 143 -29.92 4.95 12.29
CA ARG C 143 -30.51 5.17 13.60
C ARG C 143 -30.46 3.97 14.48
N ASP C 144 -30.69 2.79 13.89
CA ASP C 144 -30.66 1.52 14.60
C ASP C 144 -29.23 1.13 14.99
N LEU C 145 -28.26 1.41 14.11
CA LEU C 145 -26.84 1.18 14.40
C LEU C 145 -26.40 2.04 15.55
N ARG C 146 -26.83 3.31 15.57
CA ARG C 146 -26.50 4.22 16.68
C ARG C 146 -27.11 3.72 18.00
N PHE C 147 -28.32 3.16 17.93
CA PHE C 147 -29.00 2.58 19.08
C PHE C 147 -28.16 1.42 19.65
N GLY C 148 -27.64 0.57 18.74
CA GLY C 148 -26.81 -0.56 19.12
C GLY C 148 -25.55 -0.15 19.87
N VAL C 149 -24.90 0.94 19.40
CA VAL C 149 -23.71 1.46 20.05
C VAL C 149 -24.08 1.97 21.44
N GLU C 150 -25.17 2.71 21.54
CA GLU C 150 -25.63 3.27 22.81
C GLU C 150 -26.04 2.21 23.80
N HIS C 151 -26.56 1.08 23.32
CA HIS C 151 -26.98 -0.01 24.20
C HIS C 151 -25.94 -1.14 24.37
N GLY C 152 -24.72 -0.92 23.86
CA GLY C 152 -23.62 -1.86 24.00
C GLY C 152 -23.77 -3.21 23.35
N VAL C 153 -24.31 -3.25 22.11
CA VAL C 153 -24.44 -4.54 21.41
C VAL C 153 -23.05 -5.02 21.03
N ASP C 154 -22.92 -6.33 20.88
CA ASP C 154 -21.62 -6.92 20.58
C ASP C 154 -21.45 -7.19 19.10
N ILE C 155 -22.55 -7.54 18.41
CA ILE C 155 -22.50 -7.91 16.99
C ILE C 155 -23.58 -7.20 16.18
N VAL C 156 -23.31 -6.98 14.88
CA VAL C 156 -24.27 -6.43 13.94
C VAL C 156 -24.37 -7.45 12.81
N PHE C 157 -25.56 -7.95 12.51
CA PHE C 157 -25.77 -8.80 11.34
C PHE C 157 -26.29 -7.81 10.27
N ALA C 158 -25.40 -7.34 9.40
CA ALA C 158 -25.77 -6.35 8.41
C ALA C 158 -26.51 -6.97 7.24
N SER C 159 -27.80 -6.60 7.07
CA SER C 159 -28.64 -7.12 6.00
C SER C 159 -28.26 -6.66 4.60
N PHE C 160 -28.49 -7.55 3.62
CA PHE C 160 -28.27 -7.32 2.19
C PHE C 160 -26.93 -6.65 1.82
N VAL C 161 -25.81 -7.22 2.29
CA VAL C 161 -24.51 -6.69 1.95
C VAL C 161 -24.23 -7.15 0.52
N ARG C 162 -23.86 -6.20 -0.37
CA ARG C 162 -23.62 -6.52 -1.76
C ARG C 162 -22.21 -6.30 -2.21
N LYS C 163 -21.48 -5.44 -1.52
CA LYS C 163 -20.12 -5.06 -1.89
C LYS C 163 -19.36 -4.59 -0.66
N ALA C 164 -18.03 -4.43 -0.77
CA ALA C 164 -17.21 -3.96 0.34
C ALA C 164 -17.62 -2.60 0.86
N SER C 165 -18.11 -1.69 -0.02
CA SER C 165 -18.53 -0.35 0.38
C SER C 165 -19.77 -0.36 1.31
N ASP C 166 -20.58 -1.40 1.25
CA ASP C 166 -21.73 -1.56 2.14
C ASP C 166 -21.24 -1.80 3.56
N VAL C 167 -20.18 -2.64 3.72
CA VAL C 167 -19.59 -2.94 5.01
C VAL C 167 -18.96 -1.69 5.58
N ALA C 168 -18.26 -0.91 4.73
CA ALA C 168 -17.62 0.33 5.14
C ALA C 168 -18.65 1.31 5.67
N ALA C 169 -19.85 1.36 5.05
CA ALA C 169 -20.94 2.24 5.48
C ALA C 169 -21.45 1.84 6.87
N VAL C 170 -21.58 0.54 7.12
CA VAL C 170 -22.00 0.03 8.42
C VAL C 170 -20.92 0.32 9.47
N ARG C 171 -19.68 0.17 9.10
CA ARG C 171 -18.51 0.44 9.95
C ARG C 171 -18.50 1.91 10.35
N ALA C 172 -18.74 2.82 9.37
CA ALA C 172 -18.81 4.29 9.56
C ALA C 172 -19.92 4.65 10.51
N ALA C 173 -21.07 3.94 10.40
CA ALA C 173 -22.22 4.15 11.23
C ALA C 173 -22.03 3.65 12.65
N LEU C 174 -21.05 2.76 12.89
CA LEU C 174 -20.81 2.33 14.27
C LEU C 174 -20.06 3.45 15.08
N GLY C 175 -20.21 4.68 14.58
CA GLY C 175 -19.85 5.99 15.10
C GLY C 175 -18.49 6.03 15.65
N PRO C 176 -18.26 6.99 16.57
CA PRO C 176 -16.92 7.08 17.18
C PRO C 176 -16.64 5.97 18.21
N GLU C 177 -17.70 5.55 18.96
CA GLU C 177 -17.63 4.61 20.08
C GLU C 177 -17.88 3.13 19.81
N GLY C 178 -18.25 2.71 18.61
CA GLY C 178 -18.59 1.29 18.36
C GLY C 178 -17.70 0.49 17.44
N HIS C 179 -16.44 0.90 17.28
CA HIS C 179 -15.48 0.22 16.45
C HIS C 179 -15.13 -1.20 16.94
N GLY C 180 -15.46 -1.55 18.20
CA GLY C 180 -15.24 -2.89 18.72
C GLY C 180 -16.34 -3.88 18.41
N ILE C 181 -17.48 -3.39 17.90
CA ILE C 181 -18.59 -4.24 17.54
C ILE C 181 -18.19 -5.07 16.31
N LYS C 182 -18.55 -6.36 16.28
CA LYS C 182 -18.23 -7.23 15.16
C LYS C 182 -19.31 -7.12 14.05
N ILE C 183 -18.89 -6.96 12.79
CA ILE C 183 -19.83 -6.88 11.70
C ILE C 183 -19.86 -8.19 10.94
N ILE C 184 -21.00 -8.90 11.02
CA ILE C 184 -21.22 -10.14 10.30
C ILE C 184 -22.12 -9.80 9.08
N SER C 185 -21.56 -9.82 7.85
CA SER C 185 -22.27 -9.45 6.64
C SER C 185 -23.20 -10.55 6.18
N LYS C 186 -24.47 -10.21 5.96
CA LYS C 186 -25.43 -11.18 5.49
C LYS C 186 -25.40 -11.23 3.97
N ILE C 187 -25.14 -12.42 3.39
CA ILE C 187 -25.14 -12.59 1.95
C ILE C 187 -26.51 -13.08 1.59
N GLU C 188 -27.33 -12.20 0.95
CA GLU C 188 -28.73 -12.50 0.62
C GLU C 188 -29.08 -12.45 -0.87
N ASN C 189 -28.12 -12.20 -1.76
CA ASN C 189 -28.44 -12.10 -3.20
C ASN C 189 -27.26 -12.51 -4.12
N HIS C 190 -27.46 -12.56 -5.45
CA HIS C 190 -26.43 -12.93 -6.39
C HIS C 190 -25.20 -12.02 -6.35
N GLU C 191 -25.42 -10.70 -6.19
CA GLU C 191 -24.29 -9.77 -6.15
C GLU C 191 -23.37 -10.02 -4.95
N GLY C 192 -23.96 -10.31 -3.79
CA GLY C 192 -23.21 -10.63 -2.58
C GLY C 192 -22.40 -11.90 -2.75
N VAL C 193 -23.00 -12.92 -3.42
CA VAL C 193 -22.30 -14.17 -3.69
C VAL C 193 -21.12 -13.92 -4.65
N LYS C 194 -21.35 -13.14 -5.71
CA LYS C 194 -20.31 -12.84 -6.68
C LYS C 194 -19.18 -11.96 -6.14
N ARG C 195 -19.53 -11.01 -5.26
CA ARG C 195 -18.53 -10.13 -4.66
C ARG C 195 -18.08 -10.61 -3.27
N PHE C 196 -18.31 -11.89 -2.94
CA PHE C 196 -17.99 -12.50 -1.66
C PHE C 196 -16.59 -12.21 -1.14
N ASP C 197 -15.56 -12.43 -1.93
CA ASP C 197 -14.18 -12.23 -1.49
C ASP C 197 -13.90 -10.83 -0.97
N GLU C 198 -14.40 -9.80 -1.67
CA GLU C 198 -14.18 -8.42 -1.24
C GLU C 198 -15.00 -8.08 0.02
N ILE C 199 -16.16 -8.74 0.20
CA ILE C 199 -17.00 -8.53 1.37
C ILE C 199 -16.36 -9.19 2.61
N LEU C 200 -15.91 -10.44 2.48
CA LEU C 200 -15.30 -11.17 3.57
C LEU C 200 -14.02 -10.48 4.03
N GLU C 201 -13.25 -9.94 3.10
CA GLU C 201 -12.00 -9.25 3.42
C GLU C 201 -12.20 -8.10 4.43
N VAL C 202 -13.31 -7.37 4.30
CA VAL C 202 -13.60 -6.22 5.17
C VAL C 202 -14.60 -6.53 6.30
N SER C 203 -15.18 -7.73 6.33
CA SER C 203 -16.13 -8.10 7.38
C SER C 203 -15.45 -8.95 8.47
N ASP C 204 -16.09 -9.05 9.62
CA ASP C 204 -15.59 -9.91 10.71
C ASP C 204 -16.00 -11.36 10.51
N GLY C 205 -17.10 -11.57 9.83
CA GLY C 205 -17.65 -12.86 9.51
C GLY C 205 -18.80 -12.73 8.52
N ILE C 206 -19.45 -13.84 8.21
CA ILE C 206 -20.51 -13.89 7.21
C ILE C 206 -21.70 -14.67 7.74
N MET C 207 -22.89 -14.32 7.26
CA MET C 207 -24.08 -15.08 7.55
C MET C 207 -24.65 -15.52 6.19
N VAL C 208 -24.91 -16.83 6.03
CA VAL C 208 -25.52 -17.38 4.83
C VAL C 208 -26.99 -17.23 5.08
N ALA C 209 -27.55 -16.11 4.62
CA ALA C 209 -28.95 -15.72 4.82
C ALA C 209 -29.75 -16.38 3.73
N ARG C 210 -30.07 -17.67 3.95
CA ARG C 210 -30.71 -18.55 2.99
C ARG C 210 -32.12 -18.17 2.58
N GLY C 211 -32.86 -17.49 3.44
CA GLY C 211 -34.22 -17.05 3.14
C GLY C 211 -34.29 -16.16 1.90
N ASP C 212 -33.64 -15.01 1.95
CA ASP C 212 -33.63 -14.10 0.81
C ASP C 212 -32.78 -14.65 -0.33
N LEU C 213 -31.68 -15.34 -0.01
CA LEU C 213 -30.81 -15.94 -1.01
C LEU C 213 -31.57 -16.95 -1.88
N GLY C 214 -32.49 -17.69 -1.27
CA GLY C 214 -33.33 -18.67 -1.95
C GLY C 214 -34.38 -18.09 -2.88
N ILE C 215 -34.65 -16.78 -2.75
CA ILE C 215 -35.60 -16.02 -3.57
C ILE C 215 -34.82 -15.28 -4.70
N GLU C 216 -33.62 -14.75 -4.36
CA GLU C 216 -32.77 -14.01 -5.28
C GLU C 216 -32.09 -14.90 -6.32
N ILE C 217 -31.70 -16.10 -5.91
CA ILE C 217 -31.06 -17.10 -6.79
C ILE C 217 -31.96 -18.37 -6.81
N PRO C 218 -31.82 -19.25 -7.82
CA PRO C 218 -32.64 -20.48 -7.83
C PRO C 218 -32.52 -21.27 -6.54
N ALA C 219 -33.63 -21.79 -6.03
CA ALA C 219 -33.64 -22.53 -4.77
C ALA C 219 -32.67 -23.73 -4.76
N GLU C 220 -32.49 -24.38 -5.91
CA GLU C 220 -31.60 -25.53 -6.03
C GLU C 220 -30.11 -25.15 -6.06
N LYS C 221 -29.77 -23.85 -6.07
CA LYS C 221 -28.37 -23.43 -6.07
C LYS C 221 -27.87 -22.94 -4.71
N VAL C 222 -28.77 -22.74 -3.74
CA VAL C 222 -28.43 -22.22 -2.41
C VAL C 222 -27.38 -23.10 -1.69
N PHE C 223 -27.48 -24.43 -1.78
CA PHE C 223 -26.52 -25.30 -1.12
C PHE C 223 -25.08 -25.07 -1.63
N LEU C 224 -24.93 -24.69 -2.92
CA LEU C 224 -23.60 -24.43 -3.48
C LEU C 224 -23.04 -23.16 -2.85
N ALA C 225 -23.89 -22.14 -2.69
CA ALA C 225 -23.53 -20.86 -2.09
C ALA C 225 -23.18 -21.06 -0.62
N GLN C 226 -23.98 -21.86 0.11
CA GLN C 226 -23.70 -22.14 1.51
C GLN C 226 -22.33 -22.84 1.67
N LYS C 227 -22.13 -23.95 0.95
CA LYS C 227 -20.90 -24.70 1.05
C LYS C 227 -19.68 -23.91 0.62
N MET C 228 -19.82 -23.05 -0.40
CA MET C 228 -18.72 -22.22 -0.87
C MET C 228 -18.32 -21.17 0.19
N MET C 229 -19.31 -20.44 0.70
CA MET C 229 -19.09 -19.40 1.68
C MET C 229 -18.53 -19.96 2.97
N ILE C 230 -19.07 -21.09 3.45
CA ILE C 230 -18.53 -21.73 4.66
C ILE C 230 -17.04 -22.12 4.45
N GLY C 231 -16.75 -22.74 3.32
CA GLY C 231 -15.39 -23.12 2.99
C GLY C 231 -14.41 -21.96 2.95
N ARG C 232 -14.81 -20.85 2.33
CA ARG C 232 -13.98 -19.66 2.23
C ARG C 232 -13.79 -18.99 3.58
N CYS C 233 -14.81 -19.03 4.44
CA CYS C 233 -14.69 -18.47 5.79
C CYS C 233 -13.76 -19.32 6.62
N ASN C 234 -13.85 -20.66 6.49
CA ASN C 234 -12.95 -21.57 7.19
C ASN C 234 -11.52 -21.34 6.74
N LEU C 235 -11.31 -21.12 5.44
CA LEU C 235 -9.99 -20.84 4.89
C LEU C 235 -9.45 -19.52 5.46
N ALA C 236 -10.30 -18.46 5.52
CA ALA C 236 -9.93 -17.13 6.06
C ALA C 236 -9.82 -17.08 7.57
N GLY C 237 -10.41 -18.05 8.28
CA GLY C 237 -10.39 -18.09 9.73
C GLY C 237 -11.37 -17.12 10.35
N LYS C 238 -12.48 -16.82 9.64
CA LYS C 238 -13.51 -15.89 10.09
C LYS C 238 -14.82 -16.59 10.37
N PRO C 239 -15.58 -16.16 11.40
CA PRO C 239 -16.85 -16.84 11.72
C PRO C 239 -17.87 -16.87 10.58
N VAL C 240 -18.61 -17.97 10.49
CA VAL C 240 -19.63 -18.13 9.48
C VAL C 240 -20.87 -18.69 10.14
N VAL C 241 -22.01 -18.06 9.88
CA VAL C 241 -23.28 -18.44 10.46
C VAL C 241 -24.16 -19.06 9.38
N CYS C 242 -24.81 -20.18 9.66
CA CYS C 242 -25.78 -20.75 8.74
C CYS C 242 -27.14 -20.36 9.31
N ALA C 243 -28.00 -19.76 8.47
CA ALA C 243 -29.28 -19.26 8.95
C ALA C 243 -30.45 -19.64 8.04
N THR C 244 -31.68 -19.60 8.64
CA THR C 244 -33.02 -19.67 8.05
C THR C 244 -33.53 -21.06 7.64
N GLN C 245 -34.71 -21.39 8.20
CA GLN C 245 -35.51 -22.58 7.99
C GLN C 245 -34.84 -23.88 8.40
N MET C 246 -33.82 -23.80 9.32
CA MET C 246 -33.09 -24.96 9.81
C MET C 246 -34.00 -25.97 10.52
N LEU C 247 -34.90 -25.48 11.38
CA LEU C 247 -35.87 -26.33 12.08
C LEU C 247 -37.28 -25.71 11.95
N GLU C 248 -37.59 -25.13 10.76
CA GLU C 248 -38.83 -24.44 10.43
C GLU C 248 -40.11 -25.09 10.95
N SER C 249 -40.28 -26.40 10.76
CA SER C 249 -41.47 -27.11 11.22
C SER C 249 -41.66 -27.06 12.75
N MET C 250 -40.60 -26.79 13.50
CA MET C 250 -40.69 -26.66 14.96
C MET C 250 -41.38 -25.36 15.43
N ILE C 251 -41.76 -24.47 14.51
CA ILE C 251 -42.54 -23.28 14.86
C ILE C 251 -43.93 -23.75 15.37
N THR C 252 -44.49 -24.81 14.78
CA THR C 252 -45.78 -25.34 15.17
C THR C 252 -45.72 -26.78 15.74
N LYS C 253 -44.70 -27.58 15.37
CA LYS C 253 -44.61 -28.97 15.80
C LYS C 253 -43.50 -29.23 16.84
N PRO C 254 -43.67 -30.19 17.78
CA PRO C 254 -42.63 -30.40 18.81
C PRO C 254 -41.37 -31.14 18.35
N ARG C 255 -41.44 -31.78 17.18
CA ARG C 255 -40.33 -32.52 16.60
C ARG C 255 -40.09 -32.04 15.17
N PRO C 256 -38.83 -31.93 14.73
CA PRO C 256 -38.56 -31.49 13.35
C PRO C 256 -38.64 -32.61 12.32
N THR C 257 -38.56 -32.25 11.03
CA THR C 257 -38.60 -33.24 9.96
C THR C 257 -37.20 -33.89 9.80
N ARG C 258 -37.11 -34.97 9.02
CA ARG C 258 -35.85 -35.66 8.74
C ARG C 258 -34.89 -34.78 7.95
N ALA C 259 -35.42 -33.90 7.09
CA ALA C 259 -34.64 -32.96 6.29
C ALA C 259 -34.04 -31.86 7.16
N GLU C 260 -34.77 -31.44 8.20
CA GLU C 260 -34.35 -30.40 9.13
C GLU C 260 -33.21 -30.81 10.04
N THR C 261 -33.28 -32.00 10.64
CA THR C 261 -32.18 -32.49 11.48
C THR C 261 -30.91 -32.70 10.60
N SER C 262 -31.12 -33.20 9.38
CA SER C 262 -30.09 -33.42 8.38
C SER C 262 -29.41 -32.08 8.04
N ASP C 263 -30.21 -31.03 7.79
CA ASP C 263 -29.71 -29.69 7.47
C ASP C 263 -28.81 -29.13 8.59
N VAL C 264 -29.24 -29.25 9.86
CA VAL C 264 -28.45 -28.76 11.00
C VAL C 264 -27.13 -29.50 11.06
N ALA C 265 -27.18 -30.84 10.96
CA ALA C 265 -26.01 -31.69 10.99
C ALA C 265 -25.03 -31.38 9.88
N ASN C 266 -25.57 -31.12 8.67
CA ASN C 266 -24.75 -30.82 7.52
C ASN C 266 -24.18 -29.43 7.57
N ALA C 267 -24.85 -28.46 8.19
CA ALA C 267 -24.28 -27.12 8.35
C ALA C 267 -23.04 -27.22 9.26
N VAL C 268 -23.14 -28.01 10.35
CA VAL C 268 -22.03 -28.25 11.27
C VAL C 268 -20.89 -28.98 10.51
N LEU C 269 -21.22 -30.06 9.81
CA LEU C 269 -20.23 -30.81 9.02
C LEU C 269 -19.58 -29.97 7.91
N ASP C 270 -20.30 -28.98 7.36
CA ASP C 270 -19.81 -28.06 6.32
C ASP C 270 -18.70 -27.16 6.89
N GLY C 271 -18.82 -26.76 8.15
CA GLY C 271 -17.84 -25.91 8.81
C GLY C 271 -18.40 -24.66 9.45
N ALA C 272 -19.73 -24.59 9.63
CA ALA C 272 -20.38 -23.42 10.24
C ALA C 272 -20.01 -23.24 11.70
N ASP C 273 -19.62 -22.00 12.08
CA ASP C 273 -19.30 -21.68 13.46
C ASP C 273 -20.56 -21.53 14.28
N CYS C 274 -21.60 -20.94 13.69
CA CYS C 274 -22.86 -20.71 14.38
C CYS C 274 -24.00 -21.23 13.57
N ILE C 275 -25.05 -21.66 14.26
CA ILE C 275 -26.30 -22.07 13.65
C ILE C 275 -27.38 -21.17 14.25
N MET C 276 -28.38 -20.79 13.42
CA MET C 276 -29.39 -19.85 13.86
C MET C 276 -30.82 -20.39 13.89
N LEU C 277 -31.64 -19.79 14.77
CA LEU C 277 -33.06 -20.03 14.86
C LEU C 277 -33.74 -18.66 14.67
N SER C 278 -34.69 -18.57 13.73
CA SER C 278 -35.41 -17.31 13.49
C SER C 278 -36.83 -17.40 14.10
N GLY C 279 -37.84 -17.71 13.28
CA GLY C 279 -39.23 -17.88 13.71
C GLY C 279 -39.39 -18.97 14.75
N GLU C 280 -38.50 -19.99 14.72
CA GLU C 280 -38.49 -21.11 15.65
C GLU C 280 -38.44 -20.64 17.11
N THR C 281 -37.66 -19.58 17.39
CA THR C 281 -37.53 -19.02 18.73
C THR C 281 -38.27 -17.65 18.91
N ALA C 282 -38.41 -16.88 17.83
CA ALA C 282 -39.07 -15.58 17.87
C ALA C 282 -40.59 -15.64 18.04
N LYS C 283 -41.27 -16.52 17.28
CA LYS C 283 -42.73 -16.58 17.32
C LYS C 283 -43.33 -18.01 17.50
N GLY C 284 -42.51 -19.05 17.34
CA GLY C 284 -42.96 -20.44 17.43
C GLY C 284 -43.42 -20.91 18.80
N ASN C 285 -44.13 -22.04 18.81
CA ASN C 285 -44.69 -22.66 20.01
C ASN C 285 -43.68 -23.46 20.84
N PHE C 286 -42.48 -23.74 20.27
CA PHE C 286 -41.48 -24.53 20.97
C PHE C 286 -40.09 -23.87 20.93
N PRO C 287 -39.91 -22.61 21.41
CA PRO C 287 -38.58 -21.97 21.33
C PRO C 287 -37.47 -22.70 22.09
N VAL C 288 -37.76 -23.17 23.31
CA VAL C 288 -36.76 -23.86 24.12
C VAL C 288 -36.41 -25.22 23.50
N GLU C 289 -37.43 -25.93 22.99
CA GLU C 289 -37.28 -27.24 22.34
C GLU C 289 -36.48 -27.15 21.04
N ALA C 290 -36.56 -26.01 20.33
CA ALA C 290 -35.81 -25.78 19.10
C ALA C 290 -34.31 -25.59 19.45
N VAL C 291 -34.02 -24.87 20.56
CA VAL C 291 -32.65 -24.67 21.03
C VAL C 291 -32.06 -26.01 21.46
N LYS C 292 -32.84 -26.80 22.21
CA LYS C 292 -32.42 -28.12 22.68
C LYS C 292 -32.11 -29.04 21.51
N MET C 293 -32.92 -28.97 20.45
CA MET C 293 -32.74 -29.78 19.26
C MET C 293 -31.47 -29.40 18.52
N GLN C 294 -31.21 -28.09 18.34
CA GLN C 294 -29.97 -27.64 17.69
C GLN C 294 -28.74 -28.07 18.47
N HIS C 295 -28.84 -27.99 19.81
CA HIS C 295 -27.76 -28.42 20.69
C HIS C 295 -27.45 -29.93 20.49
N ALA C 296 -28.49 -30.76 20.52
CA ALA C 296 -28.38 -32.21 20.40
C ALA C 296 -27.74 -32.63 19.06
N ILE C 297 -28.20 -32.04 17.95
CA ILE C 297 -27.68 -32.35 16.63
C ILE C 297 -26.22 -31.88 16.47
N ALA C 298 -25.93 -30.64 16.90
CA ALA C 298 -24.58 -30.09 16.78
C ALA C 298 -23.53 -30.95 17.49
N ARG C 299 -23.85 -31.44 18.71
CA ARG C 299 -22.94 -32.31 19.47
C ARG C 299 -22.61 -33.59 18.69
N GLU C 300 -23.64 -34.18 18.05
CA GLU C 300 -23.48 -35.40 17.29
C GLU C 300 -22.63 -35.15 16.05
N ALA C 301 -22.93 -34.05 15.34
CA ALA C 301 -22.24 -33.68 14.11
C ALA C 301 -20.78 -33.29 14.33
N GLU C 302 -20.47 -32.64 15.45
CA GLU C 302 -19.10 -32.25 15.77
C GLU C 302 -18.20 -33.47 15.97
N ALA C 303 -18.75 -34.54 16.60
CA ALA C 303 -17.97 -35.76 16.79
C ALA C 303 -17.76 -36.48 15.46
N ALA C 304 -18.69 -36.33 14.50
CA ALA C 304 -18.59 -36.96 13.19
C ALA C 304 -17.66 -36.23 12.21
N VAL C 305 -17.07 -35.10 12.62
CA VAL C 305 -16.13 -34.36 11.77
C VAL C 305 -14.87 -35.23 11.54
N TYR C 306 -14.37 -35.29 10.30
CA TYR C 306 -13.20 -36.09 9.95
C TYR C 306 -11.94 -35.25 10.18
N HIS C 307 -11.57 -35.06 11.44
CA HIS C 307 -10.45 -34.22 11.83
C HIS C 307 -9.13 -34.55 11.13
N ARG C 308 -8.90 -35.82 10.77
CA ARG C 308 -7.65 -36.20 10.11
C ARG C 308 -7.41 -35.43 8.82
N GLN C 309 -8.41 -35.42 7.92
CA GLN C 309 -8.31 -34.71 6.65
C GLN C 309 -8.50 -33.21 6.88
N LEU C 310 -9.48 -32.83 7.73
CA LEU C 310 -9.76 -31.43 8.01
C LEU C 310 -8.53 -30.68 8.50
N PHE C 311 -7.84 -31.20 9.54
CA PHE C 311 -6.69 -30.55 10.08
C PHE C 311 -5.55 -30.42 9.07
N GLU C 312 -5.29 -31.48 8.29
CA GLU C 312 -4.24 -31.45 7.26
C GLU C 312 -4.56 -30.43 6.17
N GLU C 313 -5.83 -30.35 5.77
CA GLU C 313 -6.24 -29.41 4.74
C GLU C 313 -6.19 -27.99 5.22
N LEU C 314 -6.63 -27.73 6.48
CA LEU C 314 -6.53 -26.40 7.08
C LEU C 314 -5.07 -26.00 7.18
N ARG C 315 -4.22 -26.98 7.55
CA ARG C 315 -2.79 -26.85 7.67
C ARG C 315 -2.14 -26.47 6.35
N ARG C 316 -2.40 -27.23 5.29
CA ARG C 316 -1.86 -27.03 3.95
C ARG C 316 -2.39 -25.73 3.31
N ALA C 317 -3.67 -25.42 3.51
CA ALA C 317 -4.26 -24.22 2.92
C ALA C 317 -3.82 -22.94 3.61
N ALA C 318 -3.50 -23.01 4.93
CA ALA C 318 -3.10 -21.83 5.65
C ALA C 318 -1.70 -21.46 5.21
N PRO C 319 -1.48 -20.19 4.86
CA PRO C 319 -0.15 -19.79 4.40
C PRO C 319 0.86 -19.78 5.53
N LEU C 320 2.16 -19.75 5.19
CA LEU C 320 3.19 -19.64 6.22
C LEU C 320 3.02 -18.33 6.97
N SER C 321 3.22 -18.35 8.28
CA SER C 321 3.02 -17.15 9.04
C SER C 321 4.18 -16.85 9.91
N ARG C 322 4.47 -15.58 10.05
CA ARG C 322 5.52 -15.14 10.95
C ARG C 322 4.93 -14.40 12.17
N ASP C 323 3.59 -14.48 12.36
CA ASP C 323 2.90 -13.87 13.51
C ASP C 323 2.96 -14.94 14.58
N PRO C 324 3.61 -14.64 15.71
CA PRO C 324 3.75 -15.66 16.76
C PRO C 324 2.44 -16.21 17.29
N THR C 325 1.34 -15.44 17.25
CA THR C 325 0.05 -15.91 17.72
C THR C 325 -0.43 -17.04 16.81
N GLU C 326 -0.31 -16.82 15.50
CA GLU C 326 -0.72 -17.81 14.49
CA GLU C 326 -0.72 -17.79 14.49
C GLU C 326 0.15 -19.07 14.57
N VAL C 327 1.46 -18.89 14.75
CA VAL C 327 2.43 -19.99 14.88
C VAL C 327 2.17 -20.80 16.16
N THR C 328 1.86 -20.12 17.29
CA THR C 328 1.56 -20.78 18.54
C THR C 328 0.24 -21.53 18.46
N ALA C 329 -0.75 -20.95 17.79
CA ALA C 329 -2.06 -21.57 17.66
C ALA C 329 -1.98 -22.93 16.97
N ILE C 330 -1.23 -23.04 15.85
CA ILE C 330 -1.11 -24.33 15.16
C ILE C 330 -0.31 -25.35 15.98
N GLY C 331 0.73 -24.90 16.66
CA GLY C 331 1.53 -25.74 17.53
C GLY C 331 0.68 -26.30 18.66
N ALA C 332 -0.19 -25.47 19.23
CA ALA C 332 -1.08 -25.85 20.34
C ALA C 332 -2.12 -26.83 19.91
N VAL C 333 -2.71 -26.65 18.73
CA VAL C 333 -3.73 -27.56 18.21
C VAL C 333 -3.09 -28.93 17.84
N GLU C 334 -1.88 -28.91 17.31
CA GLU C 334 -1.13 -30.12 17.00
CA GLU C 334 -1.13 -30.12 16.99
C GLU C 334 -0.84 -30.90 18.28
N ALA C 335 -0.42 -30.18 19.36
CA ALA C 335 -0.12 -30.79 20.64
C ALA C 335 -1.38 -31.37 21.29
N ALA C 336 -2.52 -30.68 21.14
CA ALA C 336 -3.78 -31.13 21.70
C ALA C 336 -4.23 -32.44 21.04
N PHE C 337 -4.04 -32.57 19.72
CA PHE C 337 -4.41 -33.79 19.01
C PHE C 337 -3.49 -34.94 19.41
N LYS C 338 -2.19 -34.67 19.58
CA LYS C 338 -1.21 -35.68 19.96
C LYS C 338 -1.52 -36.38 21.27
N CYS C 339 -2.03 -35.65 22.28
CA CYS C 339 -2.30 -36.26 23.60
C CYS C 339 -3.76 -36.41 23.93
N CYS C 340 -4.67 -36.08 22.98
CA CYS C 340 -6.10 -36.08 23.22
C CYS C 340 -6.44 -35.19 24.41
N ALA C 341 -5.87 -33.95 24.38
CA ALA C 341 -6.02 -32.94 25.42
C ALA C 341 -7.48 -32.67 25.65
N ALA C 342 -7.84 -32.56 26.92
CA ALA C 342 -9.23 -32.29 27.30
C ALA C 342 -9.66 -30.89 26.87
N ALA C 343 -8.74 -29.93 26.90
CA ALA C 343 -9.02 -28.55 26.58
C ALA C 343 -7.71 -27.81 26.23
N ILE C 344 -7.86 -26.61 25.63
CA ILE C 344 -6.79 -25.68 25.35
C ILE C 344 -7.19 -24.44 26.11
N ILE C 345 -6.47 -24.05 27.14
CA ILE C 345 -6.79 -22.86 27.92
C ILE C 345 -5.97 -21.71 27.39
N VAL C 346 -6.64 -20.65 26.93
CA VAL C 346 -5.96 -19.51 26.34
C VAL C 346 -6.34 -18.19 27.03
N LEU C 347 -5.35 -17.34 27.30
CA LEU C 347 -5.57 -16.03 27.89
C LEU C 347 -5.71 -15.06 26.70
N THR C 348 -6.80 -14.30 26.66
CA THR C 348 -7.05 -13.41 25.54
C THR C 348 -7.69 -12.10 25.98
N THR C 349 -7.26 -10.99 25.40
CA THR C 349 -7.81 -9.68 25.74
C THR C 349 -8.92 -9.30 24.74
N THR C 350 -8.64 -9.49 23.45
CA THR C 350 -9.55 -9.14 22.36
C THR C 350 -10.33 -10.37 21.83
N GLY C 351 -9.90 -11.58 22.17
CA GLY C 351 -10.50 -12.82 21.68
C GLY C 351 -9.72 -13.41 20.52
N ARG C 352 -8.70 -12.69 20.02
CA ARG C 352 -7.96 -13.11 18.83
C ARG C 352 -7.21 -14.40 18.99
N SER C 353 -6.47 -14.60 20.10
CA SER C 353 -5.75 -15.84 20.32
C SER C 353 -6.69 -17.06 20.31
N ALA C 354 -7.90 -16.90 20.85
CA ALA C 354 -8.89 -17.96 20.87
C ALA C 354 -9.41 -18.21 19.46
N GLN C 355 -9.59 -17.15 18.66
CA GLN C 355 -10.05 -17.27 17.29
C GLN C 355 -9.02 -18.01 16.43
N LEU C 356 -7.72 -17.72 16.60
CA LEU C 356 -6.68 -18.39 15.83
C LEU C 356 -6.54 -19.85 16.22
N LEU C 357 -6.92 -20.25 17.45
CA LEU C 357 -6.90 -21.64 17.84
C LEU C 357 -8.07 -22.34 17.16
N SER C 358 -9.25 -21.71 17.23
CA SER C 358 -10.52 -22.13 16.67
C SER C 358 -10.48 -22.40 15.14
N ARG C 359 -9.70 -21.62 14.36
CA ARG C 359 -9.61 -21.80 12.91
C ARG C 359 -9.02 -23.15 12.49
N TYR C 360 -8.19 -23.77 13.37
CA TYR C 360 -7.62 -25.09 13.11
C TYR C 360 -8.52 -26.24 13.55
N ARG C 361 -9.74 -25.92 13.97
CA ARG C 361 -10.79 -26.83 14.37
C ARG C 361 -10.33 -27.95 15.29
N PRO C 362 -9.80 -27.63 16.48
CA PRO C 362 -9.38 -28.69 17.38
C PRO C 362 -10.56 -29.47 17.94
N ARG C 363 -10.33 -30.71 18.32
CA ARG C 363 -11.35 -31.50 18.99
C ARG C 363 -11.39 -31.06 20.49
N ALA C 364 -10.27 -30.55 21.05
CA ALA C 364 -10.21 -30.06 22.43
C ALA C 364 -10.96 -28.73 22.54
N ALA C 365 -11.64 -28.50 23.65
CA ALA C 365 -12.38 -27.26 23.89
C ALA C 365 -11.42 -26.12 24.08
N VAL C 366 -11.70 -24.95 23.50
CA VAL C 366 -10.83 -23.79 23.69
C VAL C 366 -11.41 -22.95 24.80
N ILE C 367 -10.92 -23.11 26.04
CA ILE C 367 -11.38 -22.33 27.18
C ILE C 367 -10.66 -20.97 27.18
N ALA C 368 -11.38 -19.89 26.82
CA ALA C 368 -10.78 -18.56 26.72
C ALA C 368 -11.03 -17.76 27.97
N VAL C 369 -9.98 -17.41 28.69
CA VAL C 369 -10.04 -16.62 29.93
C VAL C 369 -9.74 -15.17 29.58
N THR C 370 -10.71 -14.30 29.85
CA THR C 370 -10.57 -12.90 29.52
C THR C 370 -11.08 -11.98 30.60
N ARG C 371 -10.52 -10.76 30.68
CA ARG C 371 -11.06 -9.73 31.55
C ARG C 371 -12.07 -8.84 30.79
N SER C 372 -12.14 -8.93 29.45
CA SER C 372 -13.05 -8.13 28.64
C SER C 372 -14.40 -8.78 28.52
N ALA C 373 -15.41 -8.16 29.11
CA ALA C 373 -16.77 -8.69 29.03
C ALA C 373 -17.28 -8.75 27.60
N GLN C 374 -16.91 -7.76 26.77
CA GLN C 374 -17.31 -7.76 25.37
C GLN C 374 -16.67 -8.91 24.59
N ALA C 375 -15.34 -9.11 24.77
CA ALA C 375 -14.62 -10.20 24.11
C ALA C 375 -15.19 -11.55 24.55
N ALA C 376 -15.55 -11.71 25.82
CA ALA C 376 -16.16 -12.93 26.30
C ALA C 376 -17.50 -13.23 25.58
N ARG C 377 -18.29 -12.17 25.30
CA ARG C 377 -19.53 -12.35 24.58
C ARG C 377 -19.26 -12.62 23.10
N GLN C 378 -18.35 -11.86 22.49
CA GLN C 378 -18.08 -12.00 21.06
C GLN C 378 -17.40 -13.31 20.64
N VAL C 379 -16.65 -14.00 21.54
CA VAL C 379 -15.98 -15.23 21.10
C VAL C 379 -16.96 -16.39 20.87
N HIS C 380 -18.26 -16.21 21.20
CA HIS C 380 -19.28 -17.21 20.87
C HIS C 380 -19.40 -17.34 19.32
N LEU C 381 -18.97 -16.32 18.55
CA LEU C 381 -18.98 -16.40 17.09
C LEU C 381 -18.02 -17.47 16.55
N CYS C 382 -17.01 -17.86 17.34
CA CYS C 382 -15.98 -18.84 16.98
C CYS C 382 -16.28 -20.20 17.55
N ARG C 383 -16.32 -21.20 16.65
CA ARG C 383 -16.61 -22.57 17.02
C ARG C 383 -15.60 -23.15 18.01
N GLY C 384 -16.11 -23.68 19.11
CA GLY C 384 -15.30 -24.35 20.10
C GLY C 384 -14.67 -23.49 21.15
N VAL C 385 -15.02 -22.20 21.19
CA VAL C 385 -14.48 -21.28 22.20
C VAL C 385 -15.48 -21.11 23.34
N PHE C 386 -15.03 -21.47 24.57
CA PHE C 386 -15.84 -21.43 25.78
C PHE C 386 -15.35 -20.26 26.65
N PRO C 387 -16.04 -19.10 26.60
CA PRO C 387 -15.54 -17.93 27.33
C PRO C 387 -15.72 -17.94 28.84
N LEU C 388 -14.68 -17.48 29.56
CA LEU C 388 -14.72 -17.31 31.01
C LEU C 388 -14.36 -15.87 31.30
N LEU C 389 -15.23 -15.14 32.00
CA LEU C 389 -14.97 -13.75 32.38
C LEU C 389 -14.32 -13.67 33.74
N TYR C 390 -13.14 -13.08 33.76
CA TYR C 390 -12.33 -12.96 34.95
C TYR C 390 -12.51 -11.62 35.63
N ARG C 391 -12.97 -11.64 36.85
CA ARG C 391 -13.27 -10.41 37.58
C ARG C 391 -12.36 -10.12 38.79
N GLU C 392 -11.34 -10.91 39.00
CA GLU C 392 -10.46 -10.77 40.14
C GLU C 392 -9.59 -9.54 40.08
N PRO C 393 -9.23 -8.99 41.25
CA PRO C 393 -8.32 -7.84 41.24
C PRO C 393 -6.90 -8.27 40.83
N PRO C 394 -6.27 -7.51 39.93
CA PRO C 394 -4.92 -7.88 39.44
C PRO C 394 -3.88 -8.04 40.51
N GLU C 395 -2.97 -9.02 40.34
CA GLU C 395 -1.83 -9.25 41.24
C GLU C 395 -0.74 -8.23 40.87
N ALA C 396 0.17 -7.94 41.82
CA ALA C 396 1.25 -6.99 41.56
C ALA C 396 2.26 -7.59 40.57
N ILE C 397 2.58 -8.88 40.71
CA ILE C 397 3.48 -9.55 39.79
C ILE C 397 2.67 -10.16 38.63
N TRP C 398 2.97 -9.72 37.42
CA TRP C 398 2.30 -10.17 36.21
C TRP C 398 2.29 -11.69 36.00
N ALA C 399 3.41 -12.37 36.18
CA ALA C 399 3.48 -13.82 36.08
C ALA C 399 2.53 -14.48 37.08
N ASP C 400 2.42 -13.92 38.31
CA ASP C 400 1.46 -14.45 39.29
C ASP C 400 0.04 -14.31 38.78
N ASP C 401 -0.30 -13.14 38.18
CA ASP C 401 -1.61 -12.82 37.63
C ASP C 401 -1.96 -13.78 36.50
N VAL C 402 -0.96 -14.13 35.66
CA VAL C 402 -1.13 -15.08 34.57
C VAL C 402 -1.51 -16.47 35.14
N ASP C 403 -0.78 -16.98 36.14
CA ASP C 403 -1.05 -18.29 36.78
C ASP C 403 -2.40 -18.32 37.44
N ARG C 404 -2.79 -17.21 38.08
CA ARG C 404 -4.11 -17.11 38.65
C ARG C 404 -5.22 -17.26 37.60
N ARG C 405 -5.02 -16.70 36.39
CA ARG C 405 -6.02 -16.88 35.34
C ARG C 405 -5.97 -18.26 34.75
N VAL C 406 -4.79 -18.87 34.61
CA VAL C 406 -4.68 -20.24 34.12
C VAL C 406 -5.39 -21.20 35.09
N GLN C 407 -5.15 -21.04 36.41
CA GLN C 407 -5.85 -21.83 37.44
C GLN C 407 -7.36 -21.59 37.50
N PHE C 408 -7.79 -20.38 37.15
CA PHE C 408 -9.23 -20.08 37.04
C PHE C 408 -9.84 -20.88 35.91
N GLY C 409 -9.13 -20.96 34.80
CA GLY C 409 -9.56 -21.75 33.65
C GLY C 409 -9.67 -23.20 34.00
N ILE C 410 -8.67 -23.74 34.71
CA ILE C 410 -8.69 -25.12 35.18
C ILE C 410 -9.80 -25.40 36.20
N GLU C 411 -10.00 -24.52 37.20
CA GLU C 411 -11.03 -24.78 38.20
C GLU C 411 -12.41 -24.67 37.59
N SER C 412 -12.62 -23.76 36.63
CA SER C 412 -13.92 -23.67 35.94
C SER C 412 -14.11 -24.91 35.09
N GLY C 413 -13.08 -25.31 34.35
CA GLY C 413 -13.13 -26.50 33.53
C GLY C 413 -13.44 -27.75 34.31
N LYS C 414 -12.97 -27.82 35.56
CA LYS C 414 -13.22 -28.97 36.46
C LYS C 414 -14.69 -28.94 36.92
N LEU C 415 -15.14 -27.75 37.32
CA LEU C 415 -16.48 -27.52 37.81
C LEU C 415 -17.53 -27.88 36.75
N ARG C 416 -17.26 -27.53 35.49
CA ARG C 416 -18.20 -27.74 34.38
C ARG C 416 -18.10 -29.10 33.72
N GLY C 417 -17.13 -29.92 34.09
CA GLY C 417 -16.98 -31.25 33.53
C GLY C 417 -16.04 -31.38 32.35
N PHE C 418 -15.41 -30.28 31.93
CA PHE C 418 -14.45 -30.32 30.83
C PHE C 418 -13.17 -31.07 31.26
N LEU C 419 -12.75 -30.90 32.54
CA LEU C 419 -11.49 -31.45 33.03
C LEU C 419 -11.63 -32.30 34.28
N ARG C 420 -10.65 -33.19 34.48
CA ARG C 420 -10.52 -34.07 35.63
C ARG C 420 -9.03 -34.17 35.97
N VAL C 421 -8.71 -34.54 37.21
CA VAL C 421 -7.31 -34.70 37.63
C VAL C 421 -6.67 -35.83 36.80
N GLY C 422 -5.47 -35.59 36.32
CA GLY C 422 -4.80 -36.54 35.44
C GLY C 422 -4.95 -36.22 33.95
N ASP C 423 -5.86 -35.29 33.59
CA ASP C 423 -6.01 -34.88 32.20
C ASP C 423 -4.83 -34.02 31.76
N LEU C 424 -4.60 -33.95 30.45
CA LEU C 424 -3.59 -33.07 29.89
C LEU C 424 -4.34 -31.89 29.26
N VAL C 425 -3.77 -30.70 29.45
CA VAL C 425 -4.31 -29.49 28.84
C VAL C 425 -3.17 -28.76 28.18
N ILE C 426 -3.49 -27.99 27.15
CA ILE C 426 -2.52 -27.17 26.47
C ILE C 426 -2.84 -25.77 26.91
N VAL C 427 -1.84 -25.02 27.32
CA VAL C 427 -2.03 -23.68 27.81
C VAL C 427 -1.33 -22.68 26.93
N VAL C 428 -2.10 -21.74 26.36
CA VAL C 428 -1.58 -20.73 25.48
C VAL C 428 -1.58 -19.35 26.15
N THR C 429 -0.37 -18.77 26.32
CA THR C 429 -0.16 -17.47 26.94
C THR C 429 0.85 -16.62 26.07
N GLY C 430 1.22 -15.44 26.55
CA GLY C 430 2.17 -14.56 25.88
C GLY C 430 3.31 -14.18 26.78
N TRP C 431 4.34 -13.55 26.25
CA TRP C 431 5.54 -13.21 26.99
C TRP C 431 5.50 -11.89 27.75
N ARG C 432 4.51 -11.04 27.43
CA ARG C 432 4.37 -9.76 28.09
C ARG C 432 2.91 -9.33 28.09
N PRO C 433 2.48 -8.41 28.99
CA PRO C 433 1.07 -8.01 29.04
C PRO C 433 0.62 -7.26 27.79
N GLY C 434 -0.68 -7.21 27.58
CA GLY C 434 -1.25 -6.51 26.46
C GLY C 434 -1.56 -7.47 25.33
N SER C 435 -2.46 -7.08 24.48
CA SER C 435 -2.87 -7.87 23.35
C SER C 435 -1.75 -7.95 22.30
N GLY C 436 -1.70 -9.06 21.58
CA GLY C 436 -0.77 -9.25 20.47
C GLY C 436 0.54 -9.92 20.73
N TYR C 437 0.77 -10.42 21.96
CA TYR C 437 2.04 -11.04 22.31
C TYR C 437 1.96 -12.51 22.63
N THR C 438 0.89 -13.23 22.23
CA THR C 438 0.79 -14.68 22.46
C THR C 438 1.93 -15.39 21.75
N ASN C 439 2.71 -16.22 22.46
CA ASN C 439 3.83 -16.94 21.86
C ASN C 439 4.23 -18.20 22.65
N ILE C 440 3.49 -18.58 23.71
CA ILE C 440 3.86 -19.72 24.54
C ILE C 440 2.79 -20.77 24.56
N MET C 441 3.19 -22.03 24.48
CA MET C 441 2.34 -23.18 24.55
C MET C 441 2.97 -24.13 25.60
N ARG C 442 2.24 -24.46 26.68
CA ARG C 442 2.72 -25.36 27.74
C ARG C 442 1.81 -26.63 27.75
N VAL C 443 2.39 -27.81 28.03
CA VAL C 443 1.64 -29.06 28.16
C VAL C 443 1.58 -29.26 29.66
N LEU C 444 0.37 -29.20 30.21
CA LEU C 444 0.16 -29.27 31.65
C LEU C 444 -0.70 -30.44 32.05
N SER C 445 -0.34 -31.07 33.15
CA SER C 445 -1.09 -32.18 33.72
CA SER C 445 -1.08 -32.18 33.74
C SER C 445 -2.00 -31.59 34.81
N ILE C 446 -3.30 -31.89 34.76
CA ILE C 446 -4.25 -31.38 35.73
C ILE C 446 -4.05 -32.05 37.09
N SER C 447 -3.77 -31.23 38.11
CA SER C 447 -3.60 -31.67 39.50
C SER C 447 -4.73 -31.08 40.39
N GLY D 23 12.35 -12.31 1.03
CA GLY D 23 13.00 -12.07 -0.25
C GLY D 23 12.81 -13.19 -1.26
N THR D 24 12.84 -12.84 -2.56
CA THR D 24 12.68 -13.83 -3.63
C THR D 24 13.85 -14.83 -3.65
N ALA D 25 15.06 -14.34 -3.34
CA ALA D 25 16.26 -15.15 -3.31
C ALA D 25 16.15 -16.27 -2.29
N PHE D 26 15.51 -16.01 -1.13
CA PHE D 26 15.35 -17.01 -0.07
C PHE D 26 14.60 -18.22 -0.57
N PHE D 27 13.54 -17.99 -1.36
CA PHE D 27 12.69 -19.06 -1.86
C PHE D 27 13.27 -19.82 -3.08
N GLN D 28 14.42 -19.38 -3.62
CA GLN D 28 15.09 -20.12 -4.69
C GLN D 28 16.15 -21.10 -4.11
N GLN D 29 16.69 -20.80 -2.90
CA GLN D 29 17.69 -21.62 -2.22
C GLN D 29 17.05 -22.84 -1.53
N GLN D 30 17.92 -23.77 -1.03
CA GLN D 30 17.65 -25.00 -0.28
C GLN D 30 16.47 -25.84 -0.80
N GLN D 31 16.36 -25.94 -2.14
CA GLN D 31 15.33 -26.68 -2.88
C GLN D 31 13.93 -26.31 -2.44
N LEU D 32 13.69 -25.01 -2.15
CA LEU D 32 12.37 -24.57 -1.71
C LEU D 32 11.30 -24.72 -2.81
N PRO D 33 11.57 -24.47 -4.11
CA PRO D 33 10.54 -24.75 -5.12
C PRO D 33 10.14 -26.24 -5.13
N ALA D 34 11.13 -27.16 -5.02
CA ALA D 34 10.89 -28.61 -4.99
C ALA D 34 10.16 -29.06 -3.69
N ALA D 35 10.34 -28.31 -2.59
CA ALA D 35 9.70 -28.60 -1.32
C ALA D 35 8.23 -28.24 -1.32
N MET D 36 7.83 -27.23 -2.12
CA MET D 36 6.44 -26.79 -2.23
C MET D 36 5.56 -27.70 -3.11
N ALA D 37 6.18 -28.63 -3.87
CA ALA D 37 5.50 -29.54 -4.79
C ALA D 37 4.40 -30.39 -4.15
N ASP D 38 3.32 -30.64 -4.90
CA ASP D 38 2.16 -31.40 -4.42
C ASP D 38 2.30 -32.91 -4.57
N THR D 39 3.26 -33.37 -5.40
CA THR D 39 3.54 -34.79 -5.58
C THR D 39 5.04 -35.00 -5.54
N PHE D 40 5.47 -36.24 -5.25
CA PHE D 40 6.87 -36.62 -5.26
C PHE D 40 7.47 -36.50 -6.67
N LEU D 41 6.67 -36.79 -7.71
CA LEU D 41 7.10 -36.66 -9.10
C LEU D 41 7.43 -35.21 -9.41
N GLU D 42 6.56 -34.28 -9.02
CA GLU D 42 6.76 -32.83 -9.23
C GLU D 42 7.98 -32.36 -8.44
N HIS D 43 8.17 -32.92 -7.22
CA HIS D 43 9.29 -32.65 -6.34
C HIS D 43 10.60 -33.00 -7.07
N LEU D 44 10.71 -34.23 -7.64
CA LEU D 44 11.90 -34.60 -8.42
C LEU D 44 12.13 -33.64 -9.59
N CYS D 45 11.06 -33.33 -10.33
CA CYS D 45 11.11 -32.44 -11.49
C CYS D 45 11.57 -31.05 -11.16
N LEU D 46 11.32 -30.58 -9.94
CA LEU D 46 11.73 -29.24 -9.54
C LEU D 46 13.11 -29.18 -8.90
N LEU D 47 13.83 -30.31 -8.73
CA LEU D 47 15.16 -30.30 -8.12
C LEU D 47 16.10 -29.48 -8.98
N ASP D 48 16.84 -28.56 -8.38
CA ASP D 48 17.66 -27.60 -9.10
C ASP D 48 19.10 -27.65 -8.65
N ILE D 49 20.03 -27.89 -9.58
CA ILE D 49 21.45 -27.90 -9.25
C ILE D 49 21.99 -26.51 -8.89
N ASP D 50 21.26 -25.44 -9.26
CA ASP D 50 21.63 -24.06 -8.92
C ASP D 50 21.01 -23.60 -7.59
N SER D 51 20.16 -24.43 -6.96
CA SER D 51 19.55 -24.10 -5.67
C SER D 51 20.55 -24.49 -4.60
N GLU D 52 21.26 -23.51 -4.03
CA GLU D 52 22.28 -23.78 -3.03
C GLU D 52 21.77 -24.13 -1.65
N PRO D 53 22.38 -25.13 -1.01
CA PRO D 53 21.93 -25.49 0.35
C PRO D 53 22.26 -24.39 1.33
N VAL D 54 21.34 -24.11 2.29
CA VAL D 54 21.48 -23.00 3.26
C VAL D 54 21.53 -23.47 4.69
N ALA D 55 20.82 -24.56 4.97
CA ALA D 55 20.82 -25.15 6.29
C ALA D 55 22.18 -25.79 6.61
N ALA D 56 22.47 -25.93 7.91
CA ALA D 56 23.68 -26.62 8.35
C ALA D 56 23.50 -28.11 8.06
N ARG D 57 24.60 -28.81 7.80
CA ARG D 57 24.55 -30.23 7.48
C ARG D 57 24.10 -31.01 8.70
N SER D 58 23.01 -31.74 8.57
CA SER D 58 22.38 -32.43 9.67
C SER D 58 22.71 -33.92 9.85
N THR D 59 23.12 -34.64 8.80
CA THR D 59 23.51 -36.05 8.93
C THR D 59 24.95 -36.09 9.48
N SER D 60 25.18 -36.76 10.59
CA SER D 60 26.48 -36.87 11.22
CA SER D 60 26.49 -36.86 11.23
C SER D 60 27.48 -37.70 10.44
N ILE D 61 28.76 -37.35 10.54
CA ILE D 61 29.80 -38.10 9.88
C ILE D 61 30.62 -38.87 10.92
N ILE D 62 30.68 -40.20 10.78
CA ILE D 62 31.50 -41.02 11.65
C ILE D 62 32.78 -41.34 10.90
N ALA D 63 33.95 -41.01 11.46
CA ALA D 63 35.21 -41.33 10.79
C ALA D 63 35.98 -42.32 11.61
N THR D 64 36.40 -43.40 10.96
CA THR D 64 37.20 -44.43 11.63
C THR D 64 38.63 -43.92 11.81
N ILE D 65 39.15 -44.03 13.03
CA ILE D 65 40.49 -43.58 13.35
C ILE D 65 41.52 -44.69 13.08
N GLY D 66 42.59 -44.35 12.40
CA GLY D 66 43.66 -45.28 12.10
C GLY D 66 44.99 -44.57 11.84
N PRO D 67 45.97 -45.26 11.24
CA PRO D 67 47.24 -44.61 10.94
C PRO D 67 47.14 -43.27 10.19
N ALA D 68 46.18 -43.17 9.25
CA ALA D 68 45.99 -41.97 8.42
C ALA D 68 45.32 -40.81 9.13
N SER D 69 44.72 -41.06 10.29
CA SER D 69 43.96 -40.02 10.98
C SER D 69 44.22 -39.97 12.48
N ARG D 70 45.39 -40.43 12.93
CA ARG D 70 45.69 -40.49 14.34
C ARG D 70 46.41 -39.27 14.87
N SER D 71 47.05 -38.50 14.01
CA SER D 71 47.79 -37.32 14.36
C SER D 71 46.91 -36.22 14.95
N VAL D 72 47.27 -35.60 16.09
CA VAL D 72 46.49 -34.49 16.70
C VAL D 72 46.21 -33.36 15.68
N GLU D 73 47.20 -33.00 14.87
CA GLU D 73 47.03 -31.94 13.86
C GLU D 73 46.08 -32.35 12.75
N ARG D 74 46.13 -33.63 12.34
CA ARG D 74 45.26 -34.21 11.31
C ARG D 74 43.81 -34.26 11.83
N LEU D 75 43.62 -34.65 13.09
CA LEU D 75 42.31 -34.70 13.73
C LEU D 75 41.66 -33.30 13.84
N LYS D 76 42.44 -32.22 14.02
CA LYS D 76 41.92 -30.86 14.07
C LYS D 76 41.34 -30.49 12.72
N GLU D 77 42.02 -30.91 11.63
CA GLU D 77 41.55 -30.68 10.27
C GLU D 77 40.25 -31.43 10.01
N MET D 78 40.16 -32.68 10.51
CA MET D 78 38.96 -33.51 10.35
CA MET D 78 38.96 -33.50 10.34
C MET D 78 37.78 -32.98 11.14
N ILE D 79 38.05 -32.36 12.32
CA ILE D 79 36.97 -31.77 13.12
C ILE D 79 36.43 -30.57 12.34
N LYS D 80 37.33 -29.73 11.82
CA LYS D 80 36.96 -28.56 11.03
C LYS D 80 36.19 -28.96 9.73
N ALA D 81 36.54 -30.12 9.14
CA ALA D 81 35.92 -30.64 7.93
C ALA D 81 34.50 -31.18 8.16
N GLY D 82 34.20 -31.59 9.38
CA GLY D 82 32.86 -32.10 9.68
C GLY D 82 32.74 -33.37 10.49
N MET D 83 33.86 -34.04 10.88
CA MET D 83 33.79 -35.27 11.67
C MET D 83 33.06 -35.03 13.00
N ASN D 84 32.02 -35.83 13.28
CA ASN D 84 31.24 -35.69 14.51
C ASN D 84 31.50 -36.80 15.49
N ILE D 85 31.78 -38.00 14.97
CA ILE D 85 32.02 -39.19 15.79
C ILE D 85 33.29 -39.87 15.32
N ALA D 86 34.16 -40.23 16.27
CA ALA D 86 35.41 -40.92 16.01
C ALA D 86 35.21 -42.39 16.33
N ARG D 87 35.37 -43.26 15.34
CA ARG D 87 35.17 -44.69 15.53
C ARG D 87 36.50 -45.42 15.74
N LEU D 88 36.59 -46.20 16.81
CA LEU D 88 37.77 -47.00 17.13
C LEU D 88 37.42 -48.42 16.78
N ASN D 89 38.03 -48.98 15.72
CA ASN D 89 37.73 -50.33 15.31
C ASN D 89 38.53 -51.31 16.12
N PHE D 90 37.89 -52.01 17.08
CA PHE D 90 38.62 -52.94 17.94
C PHE D 90 38.95 -54.30 17.26
N SER D 91 38.72 -54.41 15.94
CA SER D 91 39.14 -55.59 15.18
C SER D 91 40.67 -55.55 14.90
N HIS D 92 41.29 -54.35 14.98
CA HIS D 92 42.70 -54.07 14.78
C HIS D 92 43.23 -53.22 15.94
N GLY D 93 44.48 -53.37 16.26
CA GLY D 93 45.11 -52.60 17.32
C GLY D 93 44.92 -53.16 18.71
N SER D 94 45.84 -52.81 19.60
CA SER D 94 45.82 -53.21 21.00
C SER D 94 45.12 -52.13 21.86
N HIS D 95 44.91 -52.42 23.17
CA HIS D 95 44.33 -51.45 24.09
C HIS D 95 45.22 -50.20 24.21
N GLU D 96 46.53 -50.40 24.15
CA GLU D 96 47.51 -49.30 24.23
C GLU D 96 47.36 -48.36 23.04
N TYR D 97 47.11 -48.97 21.85
CA TYR D 97 46.94 -48.24 20.60
C TYR D 97 45.68 -47.39 20.66
N HIS D 98 44.56 -47.99 21.10
CA HIS D 98 43.28 -47.31 21.17
C HIS D 98 43.24 -46.24 22.24
N ALA D 99 43.96 -46.44 23.37
CA ALA D 99 44.02 -45.40 24.39
C ALA D 99 44.73 -44.16 23.85
N GLU D 100 45.75 -44.37 22.99
CA GLU D 100 46.51 -43.28 22.35
C GLU D 100 45.60 -42.55 21.35
N SER D 101 44.75 -43.31 20.61
CA SER D 101 43.81 -42.73 19.64
C SER D 101 42.84 -41.81 20.38
N ILE D 102 42.25 -42.31 21.49
CA ILE D 102 41.32 -41.57 22.35
C ILE D 102 41.96 -40.29 22.83
N ALA D 103 43.19 -40.37 23.32
CA ALA D 103 43.93 -39.21 23.84
C ALA D 103 44.16 -38.16 22.75
N ASN D 104 44.54 -38.61 21.54
CA ASN D 104 44.79 -37.70 20.42
C ASN D 104 43.51 -37.03 19.95
N VAL D 105 42.39 -37.78 19.97
CA VAL D 105 41.10 -37.24 19.62
C VAL D 105 40.72 -36.17 20.62
N ARG D 106 40.78 -36.51 21.92
CA ARG D 106 40.45 -35.56 22.99
C ARG D 106 41.33 -34.32 22.99
N GLU D 107 42.61 -34.46 22.67
CA GLU D 107 43.52 -33.30 22.57
C GLU D 107 43.11 -32.37 21.42
N ALA D 108 42.82 -32.92 20.24
CA ALA D 108 42.38 -32.11 19.12
C ALA D 108 41.02 -31.46 19.39
N VAL D 109 40.10 -32.18 20.04
CA VAL D 109 38.77 -31.65 20.36
C VAL D 109 38.89 -30.51 21.37
N GLU D 110 39.64 -30.70 22.45
CA GLU D 110 39.79 -29.68 23.48
C GLU D 110 40.64 -28.49 23.07
N SER D 111 41.40 -28.59 21.97
CA SER D 111 42.17 -27.45 21.46
C SER D 111 41.25 -26.31 20.99
N PHE D 112 39.95 -26.57 20.79
CA PHE D 112 38.97 -25.57 20.39
C PHE D 112 38.08 -25.11 21.55
N ALA D 113 38.27 -25.63 22.78
CA ALA D 113 37.47 -25.26 23.93
C ALA D 113 37.70 -23.81 24.45
N GLY D 114 38.73 -23.12 23.96
CA GLY D 114 39.00 -21.74 24.31
C GLY D 114 37.92 -20.78 23.83
N SER D 115 37.20 -21.14 22.77
CA SER D 115 36.09 -20.35 22.25
C SER D 115 34.82 -21.20 22.41
N PRO D 116 34.10 -21.05 23.54
CA PRO D 116 32.92 -21.91 23.77
C PRO D 116 31.76 -21.73 22.80
N LEU D 117 31.65 -20.54 22.18
CA LEU D 117 30.59 -20.29 21.21
C LEU D 117 30.81 -21.03 19.89
N SER D 118 32.04 -21.55 19.65
CA SER D 118 32.33 -22.26 18.40
C SER D 118 32.88 -23.70 18.65
N TYR D 119 33.03 -24.12 19.91
CA TYR D 119 33.49 -25.46 20.26
C TYR D 119 32.53 -26.52 19.73
N ARG D 120 33.09 -27.53 19.06
CA ARG D 120 32.35 -28.65 18.51
C ARG D 120 32.66 -29.91 19.28
N PRO D 121 31.69 -30.47 20.00
CA PRO D 121 31.94 -31.74 20.70
C PRO D 121 32.10 -32.90 19.71
N VAL D 122 32.92 -33.91 20.05
CA VAL D 122 33.10 -35.06 19.16
C VAL D 122 32.95 -36.32 19.98
N ALA D 123 32.03 -37.22 19.57
CA ALA D 123 31.80 -38.47 20.29
C ALA D 123 32.87 -39.50 19.99
N ILE D 124 33.10 -40.45 20.90
CA ILE D 124 34.04 -41.53 20.71
C ILE D 124 33.27 -42.83 20.79
N ALA D 125 33.30 -43.60 19.71
CA ALA D 125 32.58 -44.86 19.61
C ALA D 125 33.53 -46.03 19.52
N LEU D 126 33.27 -47.09 20.29
CA LEU D 126 34.07 -48.30 20.27
C LEU D 126 33.34 -49.31 19.42
N ASP D 127 33.95 -49.78 18.34
CA ASP D 127 33.33 -50.79 17.49
C ASP D 127 33.94 -52.13 17.92
N THR D 128 33.13 -53.04 18.48
CA THR D 128 33.65 -54.32 18.98
C THR D 128 34.11 -55.27 17.86
N LYS D 129 35.02 -56.22 18.18
CA LYS D 129 35.53 -57.19 17.24
C LYS D 129 34.45 -58.21 16.84
N GLY D 130 33.59 -58.58 17.76
CA GLY D 130 32.52 -59.51 17.48
C GLY D 130 32.72 -60.89 18.06
N PRO D 131 31.68 -61.75 17.92
CA PRO D 131 31.76 -63.09 18.52
C PRO D 131 32.53 -64.13 17.73
N GLY D 132 32.70 -63.92 16.44
CA GLY D 132 33.38 -64.86 15.56
C GLY D 132 32.63 -66.18 15.48
N SER D 133 33.36 -67.29 15.70
CA SER D 133 32.74 -68.62 15.69
C SER D 133 31.82 -68.88 16.90
N GLY D 134 32.02 -68.15 17.99
CA GLY D 134 31.24 -68.30 19.22
C GLY D 134 29.77 -67.96 19.16
N PRO D 135 29.00 -68.49 20.13
CA PRO D 135 27.55 -68.22 20.16
C PRO D 135 27.14 -66.88 20.80
N GLY D 136 27.87 -66.49 21.84
CA GLY D 136 27.62 -65.26 22.59
C GLY D 136 28.79 -64.32 22.64
N LEU D 137 28.84 -63.51 23.71
CA LEU D 137 29.85 -62.48 23.90
C LEU D 137 31.23 -63.09 24.12
N SER D 138 32.17 -62.77 23.23
CA SER D 138 33.52 -63.29 23.33
C SER D 138 34.27 -62.71 24.53
N GLU D 139 35.34 -63.40 24.99
CA GLU D 139 36.12 -62.92 26.13
C GLU D 139 36.84 -61.63 25.78
N GLN D 140 37.30 -61.48 24.51
CA GLN D 140 37.97 -60.26 24.06
C GLN D 140 36.99 -59.11 24.09
N ASP D 141 35.72 -59.33 23.66
CA ASP D 141 34.70 -58.30 23.70
C ASP D 141 34.43 -57.84 25.12
N VAL D 142 34.41 -58.77 26.10
CA VAL D 142 34.21 -58.39 27.49
C VAL D 142 35.35 -57.48 27.98
N ARG D 143 36.57 -57.78 27.58
CA ARG D 143 37.73 -56.97 27.94
C ARG D 143 37.74 -55.60 27.26
N ASP D 144 37.35 -55.56 25.98
CA ASP D 144 37.29 -54.31 25.20
C ASP D 144 36.18 -53.41 25.70
N LEU D 145 35.04 -54.00 26.09
CA LEU D 145 33.92 -53.23 26.62
C LEU D 145 34.29 -52.59 27.95
N ARG D 146 35.02 -53.33 28.81
CA ARG D 146 35.46 -52.75 30.07
CA ARG D 146 35.47 -52.77 30.08
C ARG D 146 36.49 -51.64 29.85
N PHE D 147 37.32 -51.77 28.80
CA PHE D 147 38.27 -50.74 28.41
C PHE D 147 37.49 -49.45 28.02
N GLY D 148 36.43 -49.61 27.26
CA GLY D 148 35.59 -48.50 26.84
C GLY D 148 34.97 -47.75 28.02
N VAL D 149 34.48 -48.50 29.02
CA VAL D 149 33.92 -47.89 30.22
C VAL D 149 35.04 -47.13 30.98
N GLU D 150 36.23 -47.75 31.13
CA GLU D 150 37.34 -47.11 31.80
C GLU D 150 37.86 -45.89 31.10
N HIS D 151 37.76 -45.85 29.76
CA HIS D 151 38.23 -44.70 29.00
C HIS D 151 37.14 -43.70 28.61
N GLY D 152 35.92 -43.90 29.10
CA GLY D 152 34.82 -42.99 28.90
C GLY D 152 34.25 -42.89 27.52
N VAL D 153 34.12 -44.02 26.81
CA VAL D 153 33.53 -43.98 25.46
C VAL D 153 32.06 -43.64 25.56
N ASP D 154 31.52 -43.00 24.52
CA ASP D 154 30.13 -42.60 24.52
C ASP D 154 29.22 -43.63 23.86
N ILE D 155 29.71 -44.33 22.84
CA ILE D 155 28.91 -45.26 22.07
C ILE D 155 29.65 -46.58 21.87
N VAL D 156 28.90 -47.67 21.71
CA VAL D 156 29.41 -48.97 21.39
C VAL D 156 28.70 -49.41 20.13
N PHE D 157 29.43 -49.75 19.08
CA PHE D 157 28.86 -50.31 17.87
C PHE D 157 29.08 -51.80 18.08
N ALA D 158 28.05 -52.52 18.61
CA ALA D 158 28.18 -53.94 18.92
C ALA D 158 28.12 -54.80 17.65
N SER D 159 29.23 -55.46 17.30
CA SER D 159 29.31 -56.29 16.10
C SER D 159 28.47 -57.58 16.17
N PHE D 160 27.99 -58.01 14.99
CA PHE D 160 27.20 -59.22 14.75
C PHE D 160 26.09 -59.49 15.80
N VAL D 161 25.21 -58.50 16.00
CA VAL D 161 24.07 -58.68 16.90
C VAL D 161 23.07 -59.54 16.14
N ARG D 162 22.62 -60.65 16.76
CA ARG D 162 21.68 -61.58 16.15
C ARG D 162 20.34 -61.65 16.85
N LYS D 163 20.30 -61.28 18.14
CA LYS D 163 19.08 -61.36 18.92
C LYS D 163 19.12 -60.39 20.08
N ALA D 164 18.00 -60.17 20.77
CA ALA D 164 17.93 -59.26 21.89
C ALA D 164 18.89 -59.64 23.03
N SER D 165 19.14 -60.95 23.25
CA SER D 165 20.04 -61.40 24.32
C SER D 165 21.49 -60.97 24.10
N ASP D 166 21.90 -60.76 22.83
CA ASP D 166 23.24 -60.28 22.50
C ASP D 166 23.40 -58.84 23.02
N VAL D 167 22.36 -58.00 22.87
CA VAL D 167 22.37 -56.62 23.34
C VAL D 167 22.46 -56.62 24.88
N ALA D 168 21.69 -57.51 25.54
CA ALA D 168 21.69 -57.61 26.99
C ALA D 168 23.07 -58.01 27.52
N ALA D 169 23.78 -58.90 26.79
CA ALA D 169 25.13 -59.32 27.18
C ALA D 169 26.10 -58.15 27.07
N VAL D 170 25.97 -57.28 26.03
CA VAL D 170 26.81 -56.10 25.89
C VAL D 170 26.53 -55.12 27.01
N ARG D 171 25.26 -54.97 27.36
CA ARG D 171 24.83 -54.08 28.43
C ARG D 171 25.42 -54.56 29.76
N ALA D 172 25.39 -55.89 30.01
CA ALA D 172 25.93 -56.49 31.22
C ALA D 172 27.44 -56.28 31.30
N ALA D 173 28.16 -56.47 30.17
CA ALA D 173 29.62 -56.26 30.14
C ALA D 173 30.03 -54.82 30.43
N LEU D 174 29.19 -53.85 30.07
CA LEU D 174 29.46 -52.45 30.35
C LEU D 174 29.38 -52.15 31.86
N GLY D 175 28.62 -52.97 32.60
CA GLY D 175 28.51 -52.85 34.05
C GLY D 175 27.72 -51.66 34.52
N PRO D 176 27.79 -51.39 35.83
CA PRO D 176 27.04 -50.26 36.40
C PRO D 176 27.56 -48.88 35.98
N GLU D 177 28.88 -48.77 35.73
CA GLU D 177 29.48 -47.50 35.30
C GLU D 177 29.17 -47.15 33.83
N GLY D 178 28.91 -48.16 33.02
CA GLY D 178 28.59 -47.94 31.62
C GLY D 178 27.10 -47.93 31.32
N HIS D 179 26.28 -47.38 32.24
CA HIS D 179 24.82 -47.34 32.02
CA HIS D 179 24.83 -47.33 32.02
C HIS D 179 24.45 -46.24 31.01
N GLY D 180 25.20 -45.14 31.00
CA GLY D 180 24.98 -44.01 30.10
C GLY D 180 25.51 -44.18 28.68
N ILE D 181 26.34 -45.21 28.40
CA ILE D 181 26.86 -45.48 27.07
C ILE D 181 25.74 -45.96 26.15
N LYS D 182 25.68 -45.45 24.90
CA LYS D 182 24.66 -45.86 23.93
C LYS D 182 25.08 -47.12 23.17
N ILE D 183 24.20 -48.12 23.07
CA ILE D 183 24.48 -49.33 22.31
C ILE D 183 23.81 -49.29 20.93
N ILE D 184 24.62 -49.22 19.87
CA ILE D 184 24.13 -49.24 18.50
C ILE D 184 24.43 -50.65 17.97
N SER D 185 23.39 -51.46 17.77
CA SER D 185 23.56 -52.83 17.29
C SER D 185 23.87 -52.92 15.81
N LYS D 186 24.95 -53.61 15.44
CA LYS D 186 25.29 -53.79 14.04
C LYS D 186 24.58 -54.99 13.46
N ILE D 187 23.79 -54.76 12.38
CA ILE D 187 23.09 -55.86 11.73
C ILE D 187 23.98 -56.28 10.58
N GLU D 188 24.60 -57.50 10.70
CA GLU D 188 25.56 -57.96 9.70
C GLU D 188 25.21 -59.29 9.03
N ASN D 189 24.06 -59.89 9.36
CA ASN D 189 23.69 -61.19 8.79
C ASN D 189 22.16 -61.38 8.67
N HIS D 190 21.71 -62.51 8.07
CA HIS D 190 20.29 -62.80 7.88
C HIS D 190 19.52 -62.90 9.21
N GLU D 191 20.11 -63.50 10.24
CA GLU D 191 19.41 -63.64 11.54
C GLU D 191 19.11 -62.28 12.16
N GLY D 192 20.07 -61.36 12.06
CA GLY D 192 19.91 -60.01 12.59
C GLY D 192 18.81 -59.27 11.85
N VAL D 193 18.73 -59.45 10.52
CA VAL D 193 17.69 -58.84 9.71
C VAL D 193 16.31 -59.42 10.08
N LYS D 194 16.24 -60.74 10.28
CA LYS D 194 14.98 -61.38 10.65
C LYS D 194 14.53 -61.08 12.07
N ARG D 195 15.46 -60.96 13.00
CA ARG D 195 15.13 -60.63 14.38
C ARG D 195 15.27 -59.14 14.70
N PHE D 196 15.27 -58.28 13.65
CA PHE D 196 15.43 -56.84 13.73
C PHE D 196 14.56 -56.17 14.79
N ASP D 197 13.26 -56.42 14.79
CA ASP D 197 12.34 -55.78 15.72
C ASP D 197 12.71 -55.99 17.17
N GLU D 198 13.08 -57.22 17.55
CA GLU D 198 13.45 -57.49 18.94
C GLU D 198 14.80 -56.86 19.32
N ILE D 199 15.70 -56.71 18.34
CA ILE D 199 17.01 -56.10 18.54
C ILE D 199 16.85 -54.58 18.74
N LEU D 200 16.10 -53.91 17.83
CA LEU D 200 15.85 -52.48 17.90
C LEU D 200 15.15 -52.11 19.19
N GLU D 201 14.21 -52.94 19.65
CA GLU D 201 13.48 -52.69 20.89
C GLU D 201 14.39 -52.48 22.09
N VAL D 202 15.45 -53.28 22.19
CA VAL D 202 16.37 -53.20 23.34
C VAL D 202 17.67 -52.39 23.06
N SER D 203 17.88 -51.94 21.81
CA SER D 203 19.06 -51.16 21.45
C SER D 203 18.75 -49.66 21.45
N ASP D 204 19.78 -48.82 21.48
CA ASP D 204 19.61 -47.38 21.38
C ASP D 204 19.49 -46.93 19.91
N GLY D 205 20.03 -47.72 18.98
CA GLY D 205 19.99 -47.50 17.55
C GLY D 205 20.56 -48.68 16.80
N ILE D 206 20.73 -48.54 15.46
CA ILE D 206 21.21 -49.61 14.59
C ILE D 206 22.27 -49.13 13.62
N MET D 207 23.17 -50.04 13.21
CA MET D 207 24.12 -49.75 12.16
C MET D 207 23.88 -50.78 11.04
N VAL D 208 23.71 -50.33 9.81
CA VAL D 208 23.53 -51.20 8.65
C VAL D 208 24.95 -51.46 8.19
N ALA D 209 25.51 -52.58 8.67
CA ALA D 209 26.89 -52.98 8.45
C ALA D 209 26.93 -53.74 7.15
N ARG D 210 26.98 -52.99 6.04
CA ARG D 210 26.87 -53.50 4.67
C ARG D 210 27.99 -54.42 4.21
N GLY D 211 29.18 -54.27 4.76
CA GLY D 211 30.30 -55.15 4.38
C GLY D 211 30.02 -56.62 4.66
N ASP D 212 29.78 -56.99 5.93
CA ASP D 212 29.48 -58.37 6.28
C ASP D 212 28.10 -58.78 5.79
N LEU D 213 27.12 -57.87 5.84
CA LEU D 213 25.76 -58.13 5.36
C LEU D 213 25.76 -58.51 3.87
N GLY D 214 26.63 -57.90 3.08
CA GLY D 214 26.77 -58.20 1.67
C GLY D 214 27.38 -59.55 1.35
N ILE D 215 28.01 -60.19 2.32
CA ILE D 215 28.63 -61.51 2.22
C ILE D 215 27.66 -62.57 2.80
N GLU D 216 26.92 -62.23 3.88
CA GLU D 216 25.98 -63.13 4.53
C GLU D 216 24.71 -63.32 3.74
N ILE D 217 24.23 -62.26 3.09
CA ILE D 217 23.04 -62.28 2.25
C ILE D 217 23.44 -61.91 0.79
N PRO D 218 22.63 -62.25 -0.25
CA PRO D 218 23.03 -61.88 -1.62
C PRO D 218 23.30 -60.38 -1.75
N ALA D 219 24.36 -60.00 -2.47
CA ALA D 219 24.75 -58.61 -2.64
C ALA D 219 23.64 -57.74 -3.19
N GLU D 220 22.79 -58.29 -4.06
CA GLU D 220 21.70 -57.55 -4.67
C GLU D 220 20.49 -57.35 -3.72
N LYS D 221 20.52 -57.91 -2.52
CA LYS D 221 19.44 -57.75 -1.55
C LYS D 221 19.77 -56.74 -0.43
N VAL D 222 21.04 -56.30 -0.31
CA VAL D 222 21.48 -55.40 0.75
C VAL D 222 20.72 -54.08 0.75
N PHE D 223 20.42 -53.49 -0.43
CA PHE D 223 19.66 -52.24 -0.47
C PHE D 223 18.25 -52.38 0.15
N LEU D 224 17.63 -53.57 0.06
CA LEU D 224 16.32 -53.80 0.66
C LEU D 224 16.45 -53.79 2.17
N ALA D 225 17.52 -54.42 2.70
CA ALA D 225 17.78 -54.50 4.14
C ALA D 225 18.11 -53.11 4.66
N GLN D 226 18.93 -52.34 3.94
CA GLN D 226 19.27 -50.97 4.32
C GLN D 226 18.01 -50.11 4.40
N LYS D 227 17.21 -50.06 3.31
CA LYS D 227 16.01 -49.26 3.25
C LYS D 227 14.98 -49.66 4.30
N MET D 228 14.84 -50.98 4.57
CA MET D 228 13.89 -51.46 5.59
C MET D 228 14.31 -51.00 6.98
N MET D 229 15.58 -51.25 7.34
CA MET D 229 16.10 -50.92 8.66
C MET D 229 16.07 -49.44 8.91
N ILE D 230 16.46 -48.63 7.92
CA ILE D 230 16.39 -47.17 8.06
C ILE D 230 14.94 -46.72 8.32
N GLY D 231 14.01 -47.25 7.54
CA GLY D 231 12.58 -46.94 7.70
C GLY D 231 12.05 -47.27 9.07
N ARG D 232 12.39 -48.48 9.59
CA ARG D 232 11.93 -48.91 10.91
C ARG D 232 12.56 -48.12 12.03
N CYS D 233 13.81 -47.68 11.86
CA CYS D 233 14.47 -46.81 12.85
C CYS D 233 13.85 -45.44 12.83
N ASN D 234 13.51 -44.91 11.66
CA ASN D 234 12.84 -43.62 11.55
C ASN D 234 11.48 -43.69 12.22
N LEU D 235 10.76 -44.80 12.00
CA LEU D 235 9.46 -45.03 12.62
C LEU D 235 9.59 -45.08 14.17
N ALA D 236 10.61 -45.78 14.68
CA ALA D 236 10.88 -45.93 16.10
C ALA D 236 11.45 -44.69 16.76
N GLY D 237 12.02 -43.77 15.97
CA GLY D 237 12.67 -42.57 16.49
C GLY D 237 14.03 -42.88 17.10
N LYS D 238 14.73 -43.90 16.56
CA LYS D 238 16.04 -44.32 17.08
C LYS D 238 17.11 -44.11 16.01
N PRO D 239 18.34 -43.71 16.39
CA PRO D 239 19.37 -43.45 15.37
C PRO D 239 19.75 -44.64 14.49
N VAL D 240 20.06 -44.36 13.24
CA VAL D 240 20.44 -45.38 12.28
C VAL D 240 21.65 -44.90 11.50
N VAL D 241 22.67 -45.76 11.43
CA VAL D 241 23.92 -45.45 10.74
C VAL D 241 23.99 -46.27 9.45
N CYS D 242 24.40 -45.63 8.34
CA CYS D 242 24.67 -46.36 7.13
C CYS D 242 26.20 -46.47 7.06
N ALA D 243 26.72 -47.70 6.86
CA ALA D 243 28.16 -47.89 6.88
C ALA D 243 28.67 -48.74 5.72
N THR D 244 29.99 -48.60 5.43
CA THR D 244 30.88 -49.41 4.58
C THR D 244 30.80 -49.15 3.07
N GLN D 245 31.99 -48.82 2.52
CA GLN D 245 32.33 -48.60 1.12
C GLN D 245 31.61 -47.45 0.49
N MET D 246 31.15 -46.46 1.30
CA MET D 246 30.43 -45.29 0.80
C MET D 246 31.26 -44.45 -0.16
N LEU D 247 32.55 -44.22 0.17
CA LEU D 247 33.48 -43.45 -0.69
C LEU D 247 34.80 -44.25 -0.83
N GLU D 248 34.70 -45.59 -0.91
CA GLU D 248 35.81 -46.53 -1.00
C GLU D 248 36.97 -46.13 -1.91
N SER D 249 36.68 -45.66 -3.13
CA SER D 249 37.73 -45.27 -4.08
C SER D 249 38.57 -44.10 -3.58
N MET D 250 38.07 -43.30 -2.61
CA MET D 250 38.86 -42.20 -2.06
C MET D 250 39.97 -42.63 -1.12
N ILE D 251 40.13 -43.95 -0.89
CA ILE D 251 41.26 -44.47 -0.13
C ILE D 251 42.55 -44.19 -0.93
N THR D 252 42.50 -44.30 -2.28
CA THR D 252 43.65 -44.06 -3.15
C THR D 252 43.46 -42.88 -4.10
N LYS D 253 42.20 -42.53 -4.46
CA LYS D 253 41.94 -41.47 -5.42
C LYS D 253 41.39 -40.19 -4.79
N PRO D 254 41.73 -39.02 -5.36
CA PRO D 254 41.30 -37.77 -4.75
C PRO D 254 39.81 -37.41 -4.92
N ARG D 255 39.12 -38.07 -5.86
CA ARG D 255 37.70 -37.85 -6.12
C ARG D 255 36.97 -39.20 -6.13
N PRO D 256 35.70 -39.27 -5.65
CA PRO D 256 34.98 -40.55 -5.66
C PRO D 256 34.31 -40.87 -7.00
N THR D 257 33.80 -42.09 -7.13
CA THR D 257 33.09 -42.52 -8.35
C THR D 257 31.65 -41.96 -8.35
N ARG D 258 30.96 -42.02 -9.49
CA ARG D 258 29.59 -41.54 -9.60
C ARG D 258 28.64 -42.37 -8.74
N ALA D 259 28.94 -43.67 -8.57
CA ALA D 259 28.16 -44.58 -7.74
C ALA D 259 28.29 -44.24 -6.25
N GLU D 260 29.49 -43.80 -5.82
CA GLU D 260 29.81 -43.44 -4.46
C GLU D 260 29.11 -42.17 -3.99
N THR D 261 29.14 -41.09 -4.79
CA THR D 261 28.43 -39.86 -4.41
C THR D 261 26.90 -40.15 -4.34
N SER D 262 26.40 -40.96 -5.28
CA SER D 262 25.02 -41.40 -5.37
C SER D 262 24.64 -42.17 -4.11
N ASP D 263 25.49 -43.11 -3.68
CA ASP D 263 25.28 -43.92 -2.48
C ASP D 263 25.13 -43.03 -1.22
N VAL D 264 26.01 -42.04 -1.04
CA VAL D 264 25.97 -41.14 0.09
C VAL D 264 24.67 -40.36 0.09
N ALA D 265 24.32 -39.78 -1.06
CA ALA D 265 23.10 -39.02 -1.24
C ALA D 265 21.86 -39.85 -0.95
N ASN D 266 21.86 -41.11 -1.40
CA ASN D 266 20.72 -41.98 -1.21
C ASN D 266 20.62 -42.48 0.21
N ALA D 267 21.73 -42.65 0.94
CA ALA D 267 21.65 -43.03 2.35
C ALA D 267 20.97 -41.89 3.15
N VAL D 268 21.33 -40.62 2.84
CA VAL D 268 20.71 -39.44 3.44
C VAL D 268 19.22 -39.36 3.05
N LEU D 269 18.90 -39.51 1.76
CA LEU D 269 17.51 -39.51 1.30
C LEU D 269 16.68 -40.68 1.89
N ASP D 270 17.32 -41.82 2.19
CA ASP D 270 16.66 -42.96 2.80
C ASP D 270 16.17 -42.65 4.22
N GLY D 271 16.92 -41.80 4.95
CA GLY D 271 16.60 -41.43 6.33
C GLY D 271 17.68 -41.71 7.33
N ALA D 272 18.93 -41.99 6.87
CA ALA D 272 20.03 -42.29 7.80
C ALA D 272 20.40 -41.09 8.65
N ASP D 273 20.57 -41.31 9.95
CA ASP D 273 20.99 -40.26 10.87
C ASP D 273 22.48 -40.00 10.72
N CYS D 274 23.27 -41.07 10.51
CA CYS D 274 24.70 -40.98 10.39
C CYS D 274 25.18 -41.69 9.16
N ILE D 275 26.28 -41.19 8.59
CA ILE D 275 26.99 -41.83 7.48
C ILE D 275 28.42 -42.08 7.95
N MET D 276 29.01 -43.20 7.53
CA MET D 276 30.33 -43.57 8.01
C MET D 276 31.45 -43.65 6.96
N LEU D 277 32.69 -43.45 7.41
CA LEU D 277 33.91 -43.62 6.62
C LEU D 277 34.76 -44.65 7.38
N SER D 278 35.21 -45.71 6.71
CA SER D 278 36.03 -46.76 7.34
C SER D 278 37.50 -46.56 6.86
N GLY D 279 37.95 -47.33 5.84
CA GLY D 279 39.28 -47.20 5.26
C GLY D 279 39.59 -45.84 4.71
N GLU D 280 38.56 -45.10 4.25
CA GLU D 280 38.71 -43.74 3.74
C GLU D 280 39.35 -42.82 4.70
N THR D 281 39.07 -42.95 6.03
CA THR D 281 39.72 -42.10 7.04
C THR D 281 40.77 -42.88 7.87
N ALA D 282 40.63 -44.19 8.00
CA ALA D 282 41.55 -45.00 8.79
C ALA D 282 42.91 -45.22 8.14
N LYS D 283 42.96 -45.61 6.85
CA LYS D 283 44.21 -45.93 6.19
C LYS D 283 44.48 -45.21 4.88
N GLY D 284 43.51 -44.50 4.35
CA GLY D 284 43.66 -43.86 3.06
C GLY D 284 44.55 -42.66 2.97
N ASN D 285 44.67 -42.09 1.77
CA ASN D 285 45.47 -40.89 1.56
C ASN D 285 44.61 -39.61 1.54
N PHE D 286 43.28 -39.73 1.69
CA PHE D 286 42.41 -38.57 1.64
C PHE D 286 41.42 -38.55 2.83
N PRO D 287 41.87 -38.66 4.12
CA PRO D 287 40.89 -38.68 5.21
C PRO D 287 40.16 -37.35 5.40
N VAL D 288 40.84 -36.22 5.17
CA VAL D 288 40.17 -34.92 5.30
C VAL D 288 39.22 -34.67 4.14
N GLU D 289 39.67 -35.03 2.94
CA GLU D 289 38.88 -34.87 1.74
C GLU D 289 37.68 -35.74 1.74
N ALA D 290 37.77 -36.97 2.26
CA ALA D 290 36.63 -37.89 2.33
C ALA D 290 35.56 -37.32 3.29
N VAL D 291 35.97 -36.67 4.39
CA VAL D 291 35.05 -36.07 5.32
C VAL D 291 34.38 -34.86 4.64
N LYS D 292 35.17 -34.04 3.94
CA LYS D 292 34.63 -32.89 3.22
C LYS D 292 33.65 -33.32 2.13
N MET D 293 33.93 -34.43 1.46
CA MET D 293 33.04 -34.97 0.43
C MET D 293 31.72 -35.43 1.02
N GLN D 294 31.74 -36.18 2.12
CA GLN D 294 30.52 -36.62 2.78
C GLN D 294 29.69 -35.42 3.25
N HIS D 295 30.35 -34.40 3.77
CA HIS D 295 29.71 -33.18 4.22
C HIS D 295 28.98 -32.48 3.05
N ALA D 296 29.67 -32.29 1.91
CA ALA D 296 29.12 -31.62 0.74
C ALA D 296 27.90 -32.35 0.17
N ILE D 297 27.96 -33.69 0.05
CA ILE D 297 26.85 -34.48 -0.48
C ILE D 297 25.67 -34.47 0.48
N ALA D 298 25.91 -34.67 1.79
CA ALA D 298 24.85 -34.69 2.78
C ALA D 298 24.04 -33.40 2.81
N ARG D 299 24.70 -32.25 2.70
CA ARG D 299 24.01 -30.94 2.66
C ARG D 299 23.08 -30.84 1.46
N GLU D 300 23.53 -31.32 0.29
CA GLU D 300 22.74 -31.28 -0.92
C GLU D 300 21.54 -32.19 -0.78
N ALA D 301 21.76 -33.41 -0.28
CA ALA D 301 20.73 -34.42 -0.15
C ALA D 301 19.66 -34.05 0.89
N GLU D 302 20.06 -33.37 1.99
CA GLU D 302 19.13 -32.95 3.03
C GLU D 302 18.15 -31.89 2.53
N ALA D 303 18.60 -30.99 1.65
CA ALA D 303 17.71 -30.00 1.07
C ALA D 303 16.75 -30.65 0.08
N ALA D 304 17.15 -31.76 -0.56
CA ALA D 304 16.32 -32.51 -1.50
C ALA D 304 15.29 -33.44 -0.84
N VAL D 305 15.25 -33.50 0.50
CA VAL D 305 14.27 -34.33 1.20
C VAL D 305 12.87 -33.73 0.98
N TYR D 306 11.88 -34.56 0.69
CA TYR D 306 10.52 -34.09 0.44
C TYR D 306 9.75 -34.02 1.78
N HIS D 307 10.07 -33.00 2.59
CA HIS D 307 9.50 -32.83 3.93
C HIS D 307 7.97 -32.81 3.97
N ARG D 308 7.29 -32.39 2.87
CA ARG D 308 5.83 -32.36 2.85
C ARG D 308 5.24 -33.76 3.14
N GLN D 309 5.70 -34.77 2.38
CA GLN D 309 5.22 -36.13 2.58
C GLN D 309 5.84 -36.74 3.83
N LEU D 310 7.16 -36.55 4.02
CA LEU D 310 7.86 -37.09 5.18
C LEU D 310 7.24 -36.68 6.52
N PHE D 311 7.01 -35.39 6.74
CA PHE D 311 6.43 -34.93 8.01
C PHE D 311 5.06 -35.51 8.24
N GLU D 312 4.19 -35.54 7.21
CA GLU D 312 2.85 -36.07 7.33
C GLU D 312 2.87 -37.54 7.69
N GLU D 313 3.76 -38.30 7.04
CA GLU D 313 3.89 -39.72 7.30
C GLU D 313 4.42 -40.01 8.69
N LEU D 314 5.40 -39.23 9.16
CA LEU D 314 5.93 -39.38 10.52
C LEU D 314 4.86 -39.03 11.56
N ARG D 315 4.07 -37.97 11.33
CA ARG D 315 2.99 -37.59 12.26
C ARG D 315 1.93 -38.68 12.33
N ARG D 316 1.46 -39.16 11.15
CA ARG D 316 0.44 -40.20 11.06
C ARG D 316 0.92 -41.48 11.71
N ALA D 317 2.17 -41.88 11.47
CA ALA D 317 2.71 -43.10 12.03
C ALA D 317 3.03 -43.06 13.49
N ALA D 318 3.27 -41.87 14.04
CA ALA D 318 3.58 -41.77 15.47
C ALA D 318 2.31 -41.92 16.27
N PRO D 319 2.34 -42.79 17.29
CA PRO D 319 1.12 -43.00 18.10
C PRO D 319 0.84 -41.82 19.04
N LEU D 320 -0.39 -41.77 19.58
CA LEU D 320 -0.74 -40.73 20.54
C LEU D 320 0.13 -40.89 21.79
N SER D 321 0.47 -39.79 22.43
CA SER D 321 1.32 -39.82 23.60
C SER D 321 0.81 -38.95 24.69
N ARG D 322 1.02 -39.34 25.93
CA ARG D 322 0.68 -38.51 27.07
C ARG D 322 1.93 -37.96 27.79
N ASP D 323 3.12 -38.12 27.17
CA ASP D 323 4.37 -37.65 27.73
C ASP D 323 4.50 -36.24 27.24
N PRO D 324 4.57 -35.25 28.17
CA PRO D 324 4.70 -33.84 27.75
C PRO D 324 5.91 -33.52 26.88
N THR D 325 7.02 -34.27 26.99
CA THR D 325 8.19 -34.02 26.15
C THR D 325 7.83 -34.35 24.70
N GLU D 326 7.18 -35.49 24.48
CA GLU D 326 6.79 -35.98 23.19
C GLU D 326 5.74 -35.04 22.57
N VAL D 327 4.78 -34.58 23.40
CA VAL D 327 3.72 -33.66 22.99
C VAL D 327 4.26 -32.29 22.61
N THR D 328 5.22 -31.79 23.37
CA THR D 328 5.87 -30.50 23.10
C THR D 328 6.72 -30.60 21.84
N ALA D 329 7.40 -31.75 21.63
CA ALA D 329 8.24 -31.98 20.45
C ALA D 329 7.46 -31.84 19.15
N ILE D 330 6.28 -32.47 19.06
CA ILE D 330 5.48 -32.39 17.83
C ILE D 330 4.91 -31.00 17.64
N GLY D 331 4.47 -30.36 18.71
CA GLY D 331 3.97 -28.99 18.65
C GLY D 331 5.03 -28.04 18.17
N ALA D 332 6.28 -28.19 18.64
CA ALA D 332 7.42 -27.36 18.28
C ALA D 332 7.82 -27.57 16.83
N VAL D 333 7.81 -28.81 16.32
CA VAL D 333 8.16 -29.07 14.94
C VAL D 333 7.09 -28.50 14.00
N GLU D 334 5.82 -28.60 14.39
CA GLU D 334 4.72 -28.06 13.62
CA GLU D 334 4.72 -28.06 13.62
C GLU D 334 4.84 -26.52 13.55
N ALA D 335 5.17 -25.88 14.68
CA ALA D 335 5.36 -24.44 14.77
C ALA D 335 6.55 -23.99 13.94
N ALA D 336 7.63 -24.77 13.93
CA ALA D 336 8.84 -24.47 13.17
C ALA D 336 8.55 -24.48 11.65
N PHE D 337 7.72 -25.43 11.19
CA PHE D 337 7.37 -25.49 9.79
C PHE D 337 6.44 -24.32 9.42
N LYS D 338 5.56 -23.94 10.30
CA LYS D 338 4.62 -22.84 10.08
C LYS D 338 5.28 -21.49 9.81
N CYS D 339 6.39 -21.20 10.46
CA CYS D 339 7.07 -19.91 10.28
C CYS D 339 8.41 -20.01 9.55
N CYS D 340 8.81 -21.21 9.07
CA CYS D 340 10.12 -21.42 8.46
C CYS D 340 11.21 -21.03 9.46
N ALA D 341 11.04 -21.51 10.72
CA ALA D 341 11.98 -21.22 11.82
C ALA D 341 13.40 -21.61 11.44
N ALA D 342 14.37 -20.77 11.71
CA ALA D 342 15.77 -21.07 11.40
C ALA D 342 16.31 -22.18 12.26
N ALA D 343 15.79 -22.31 13.49
CA ALA D 343 16.27 -23.29 14.45
C ALA D 343 15.23 -23.56 15.55
N ILE D 344 15.39 -24.67 16.25
CA ILE D 344 14.63 -25.05 17.43
C ILE D 344 15.69 -25.14 18.49
N ILE D 345 15.72 -24.23 19.46
CA ILE D 345 16.71 -24.28 20.53
C ILE D 345 16.12 -25.06 21.71
N VAL D 346 16.75 -26.15 22.12
CA VAL D 346 16.22 -26.99 23.19
C VAL D 346 17.25 -27.17 24.32
N LEU D 347 16.77 -27.10 25.58
CA LEU D 347 17.64 -27.33 26.73
C LEU D 347 17.46 -28.80 27.06
N THR D 348 18.57 -29.55 27.18
CA THR D 348 18.47 -30.98 27.43
C THR D 348 19.59 -31.47 28.34
N THR D 349 19.28 -32.41 29.24
CA THR D 349 20.27 -32.94 30.18
C THR D 349 20.80 -34.25 29.65
N THR D 350 19.89 -35.15 29.19
CA THR D 350 20.23 -36.46 28.69
C THR D 350 20.28 -36.52 27.15
N GLY D 351 19.78 -35.48 26.47
CA GLY D 351 19.68 -35.44 25.01
C GLY D 351 18.32 -35.88 24.51
N ARG D 352 17.46 -36.42 25.40
CA ARG D 352 16.15 -36.94 25.02
C ARG D 352 15.22 -35.94 24.37
N SER D 353 15.10 -34.72 24.90
CA SER D 353 14.23 -33.69 24.30
C SER D 353 14.63 -33.38 22.89
N ALA D 354 15.94 -33.38 22.62
CA ALA D 354 16.46 -33.13 21.28
C ALA D 354 16.16 -34.31 20.36
N GLN D 355 16.25 -35.53 20.88
CA GLN D 355 15.96 -36.73 20.12
C GLN D 355 14.50 -36.79 19.69
N LEU D 356 13.58 -36.40 20.58
CA LEU D 356 12.16 -36.39 20.27
C LEU D 356 11.78 -35.31 19.26
N LEU D 357 12.55 -34.22 19.20
CA LEU D 357 12.32 -33.19 18.18
C LEU D 357 12.81 -33.74 16.82
N SER D 358 14.01 -34.36 16.83
CA SER D 358 14.72 -34.94 15.68
C SER D 358 13.91 -36.02 14.95
N ARG D 359 13.13 -36.83 15.67
CA ARG D 359 12.35 -37.92 15.07
C ARG D 359 11.28 -37.42 14.09
N TYR D 360 10.81 -36.18 14.25
CA TYR D 360 9.84 -35.58 13.34
C TYR D 360 10.50 -34.92 12.13
N ARG D 361 11.83 -35.07 11.98
CA ARG D 361 12.64 -34.57 10.88
C ARG D 361 12.33 -33.14 10.48
N PRO D 362 12.47 -32.18 11.41
CA PRO D 362 12.25 -30.79 11.03
C PRO D 362 13.32 -30.29 10.05
N ARG D 363 12.97 -29.29 9.26
CA ARG D 363 13.92 -28.63 8.38
C ARG D 363 14.78 -27.68 9.27
N ALA D 364 14.20 -27.12 10.37
CA ALA D 364 14.90 -26.27 11.31
C ALA D 364 15.95 -27.05 12.09
N ALA D 365 17.12 -26.45 12.30
CA ALA D 365 18.20 -27.09 13.06
C ALA D 365 17.79 -27.22 14.49
N VAL D 366 18.07 -28.37 15.13
CA VAL D 366 17.76 -28.53 16.54
C VAL D 366 19.03 -28.21 17.33
N ILE D 367 19.14 -26.98 17.83
CA ILE D 367 20.30 -26.58 18.60
C ILE D 367 20.09 -27.02 20.06
N ALA D 368 20.82 -28.05 20.50
CA ALA D 368 20.65 -28.59 21.82
C ALA D 368 21.70 -28.01 22.76
N VAL D 369 21.27 -27.25 23.78
CA VAL D 369 22.16 -26.68 24.78
C VAL D 369 22.16 -27.59 26.01
N THR D 370 23.35 -28.09 26.36
CA THR D 370 23.46 -29.02 27.49
C THR D 370 24.69 -28.74 28.33
N ARG D 371 24.64 -29.13 29.61
CA ARG D 371 25.82 -29.08 30.48
C ARG D 371 26.51 -30.46 30.51
N SER D 372 25.84 -31.52 30.04
CA SER D 372 26.44 -32.84 30.01
C SER D 372 27.35 -32.98 28.79
N ALA D 373 28.65 -33.09 29.01
CA ALA D 373 29.60 -33.29 27.92
C ALA D 373 29.31 -34.62 27.20
N GLN D 374 28.89 -35.66 27.93
CA GLN D 374 28.55 -36.94 27.30
C GLN D 374 27.30 -36.85 26.43
N ALA D 375 26.25 -36.18 26.90
CA ALA D 375 25.03 -35.99 26.12
C ALA D 375 25.32 -35.17 24.89
N ALA D 376 26.18 -34.16 25.00
CA ALA D 376 26.58 -33.32 23.86
C ALA D 376 27.27 -34.16 22.79
N ARG D 377 28.09 -35.15 23.20
CA ARG D 377 28.74 -36.02 22.26
C ARG D 377 27.77 -37.01 21.65
N GLN D 378 26.90 -37.61 22.48
CA GLN D 378 25.94 -38.63 22.03
C GLN D 378 24.79 -38.12 21.14
N VAL D 379 24.38 -36.84 21.23
CA VAL D 379 23.28 -36.37 20.37
C VAL D 379 23.66 -36.27 18.90
N HIS D 380 24.95 -36.41 18.55
CA HIS D 380 25.39 -36.48 17.16
C HIS D 380 24.76 -37.72 16.48
N LEU D 381 24.31 -38.74 17.25
CA LEU D 381 23.66 -39.90 16.66
C LEU D 381 22.31 -39.54 16.05
N CYS D 382 21.70 -38.40 16.45
CA CYS D 382 20.38 -37.93 15.97
C CYS D 382 20.51 -36.89 14.92
N ARG D 383 19.90 -37.13 13.76
CA ARG D 383 19.99 -36.19 12.64
C ARG D 383 19.41 -34.83 12.95
N GLY D 384 20.18 -33.81 12.63
CA GLY D 384 19.72 -32.43 12.80
C GLY D 384 19.90 -31.86 14.18
N VAL D 385 20.59 -32.57 15.08
CA VAL D 385 20.83 -32.06 16.42
C VAL D 385 22.25 -31.50 16.48
N PHE D 386 22.37 -30.22 16.81
CA PHE D 386 23.63 -29.51 16.89
C PHE D 386 23.95 -29.23 18.34
N PRO D 387 24.82 -30.04 18.95
CA PRO D 387 25.08 -29.87 20.38
C PRO D 387 25.99 -28.71 20.76
N LEU D 388 25.58 -27.99 21.81
CA LEU D 388 26.38 -26.91 22.36
C LEU D 388 26.63 -27.27 23.81
N LEU D 389 27.89 -27.28 24.22
CA LEU D 389 28.25 -27.55 25.60
C LEU D 389 28.32 -26.24 26.39
N TYR D 390 27.48 -26.13 27.41
CA TYR D 390 27.36 -24.96 28.26
C TYR D 390 28.24 -25.17 29.48
N ARG D 391 29.22 -24.29 29.69
CA ARG D 391 30.22 -24.49 30.74
C ARG D 391 30.03 -23.67 31.99
N GLU D 392 29.17 -22.65 31.95
CA GLU D 392 28.94 -21.82 33.12
C GLU D 392 28.28 -22.55 34.29
N PRO D 393 28.70 -22.26 35.52
CA PRO D 393 28.03 -22.88 36.69
C PRO D 393 26.62 -22.29 36.85
N PRO D 394 25.70 -23.05 37.43
CA PRO D 394 24.31 -22.58 37.54
C PRO D 394 24.10 -21.27 38.26
N GLU D 395 23.25 -20.42 37.71
CA GLU D 395 22.81 -19.17 38.32
C GLU D 395 21.93 -19.48 39.54
N ALA D 396 21.80 -18.52 40.46
CA ALA D 396 21.00 -18.73 41.66
C ALA D 396 19.51 -18.77 41.28
N ILE D 397 19.08 -17.91 40.35
CA ILE D 397 17.69 -17.90 39.90
C ILE D 397 17.58 -18.84 38.69
N TRP D 398 16.84 -19.95 38.84
CA TRP D 398 16.69 -20.93 37.78
C TRP D 398 16.17 -20.37 36.47
N ALA D 399 15.17 -19.48 36.47
CA ALA D 399 14.71 -18.87 35.23
C ALA D 399 15.81 -18.04 34.56
N ASP D 400 16.76 -17.52 35.31
CA ASP D 400 17.88 -16.78 34.73
C ASP D 400 18.89 -17.77 34.09
N ASP D 401 19.14 -18.92 34.75
CA ASP D 401 20.02 -19.95 34.24
C ASP D 401 19.48 -20.52 32.91
N VAL D 402 18.15 -20.63 32.80
CA VAL D 402 17.51 -21.11 31.61
C VAL D 402 17.73 -20.09 30.49
N ASP D 403 17.40 -18.82 30.74
CA ASP D 403 17.56 -17.75 29.75
C ASP D 403 18.98 -17.62 29.30
N ARG D 404 19.97 -17.76 30.21
CA ARG D 404 21.37 -17.68 29.86
C ARG D 404 21.79 -18.77 28.88
N ARG D 405 21.21 -19.96 29.03
CA ARG D 405 21.50 -21.04 28.13
C ARG D 405 20.88 -20.80 26.77
N VAL D 406 19.64 -20.32 26.73
CA VAL D 406 18.94 -20.00 25.50
C VAL D 406 19.70 -18.94 24.73
N GLN D 407 20.20 -17.91 25.45
CA GLN D 407 21.02 -16.84 24.84
C GLN D 407 22.34 -17.36 24.32
N PHE D 408 22.93 -18.33 25.00
CA PHE D 408 24.14 -18.98 24.56
C PHE D 408 23.89 -19.70 23.19
N GLY D 409 22.72 -20.33 23.05
CA GLY D 409 22.30 -21.02 21.84
C GLY D 409 22.12 -20.02 20.72
N ILE D 410 21.53 -18.85 21.01
CA ILE D 410 21.35 -17.78 20.03
C ILE D 410 22.68 -17.20 19.60
N GLU D 411 23.61 -16.94 20.54
CA GLU D 411 24.92 -16.39 20.24
C GLU D 411 25.79 -17.36 19.45
N SER D 412 25.77 -18.64 19.83
CA SER D 412 26.52 -19.68 19.11
C SER D 412 25.96 -19.83 17.73
N GLY D 413 24.63 -19.84 17.60
CA GLY D 413 23.91 -20.00 16.35
C GLY D 413 24.17 -18.84 15.42
N LYS D 414 24.33 -17.62 15.95
CA LYS D 414 24.63 -16.42 15.15
C LYS D 414 26.07 -16.49 14.64
N LEU D 415 27.01 -16.82 15.52
CA LEU D 415 28.41 -16.98 15.20
C LEU D 415 28.63 -18.03 14.12
N ARG D 416 27.91 -19.16 14.21
CA ARG D 416 28.07 -20.26 13.27
C ARG D 416 27.28 -20.16 11.97
N GLY D 417 26.45 -19.12 11.82
CA GLY D 417 25.67 -18.95 10.61
C GLY D 417 24.30 -19.58 10.60
N PHE D 418 23.88 -20.22 11.71
CA PHE D 418 22.52 -20.81 11.79
C PHE D 418 21.45 -19.71 11.87
N LEU D 419 21.76 -18.60 12.54
CA LEU D 419 20.79 -17.57 12.79
C LEU D 419 21.26 -16.21 12.37
N ARG D 420 20.30 -15.36 12.05
CA ARG D 420 20.50 -13.96 11.73
C ARG D 420 19.39 -13.15 12.43
N VAL D 421 19.61 -11.86 12.60
CA VAL D 421 18.61 -10.97 13.19
C VAL D 421 17.35 -10.95 12.29
N GLY D 422 16.20 -11.10 12.91
CA GLY D 422 14.95 -11.16 12.16
C GLY D 422 14.44 -12.57 11.94
N ASP D 423 15.27 -13.58 12.21
CA ASP D 423 14.83 -14.98 12.13
C ASP D 423 13.84 -15.30 13.27
N LEU D 424 13.00 -16.30 13.06
CA LEU D 424 12.14 -16.80 14.11
C LEU D 424 12.76 -18.11 14.61
N VAL D 425 12.71 -18.33 15.89
CA VAL D 425 13.25 -19.53 16.50
C VAL D 425 12.19 -20.12 17.47
N ILE D 426 12.12 -21.43 17.60
CA ILE D 426 11.21 -22.09 18.54
C ILE D 426 12.09 -22.50 19.72
N VAL D 427 11.76 -22.05 20.93
CA VAL D 427 12.52 -22.35 22.15
C VAL D 427 11.75 -23.37 22.99
N VAL D 428 12.35 -24.55 23.25
CA VAL D 428 11.80 -25.68 23.99
C VAL D 428 12.53 -25.87 25.27
N THR D 429 11.81 -25.69 26.40
CA THR D 429 12.30 -25.78 27.78
C THR D 429 11.29 -26.59 28.66
N GLY D 430 11.56 -26.69 29.95
CA GLY D 430 10.73 -27.38 30.92
C GLY D 430 10.32 -26.49 32.06
N TRP D 431 9.42 -26.99 32.93
CA TRP D 431 8.87 -26.22 34.04
C TRP D 431 9.66 -26.29 35.36
N ARG D 432 10.59 -27.23 35.48
CA ARG D 432 11.43 -27.38 36.67
C ARG D 432 12.77 -27.99 36.27
N PRO D 433 13.82 -27.83 37.11
CA PRO D 433 15.12 -28.44 36.78
C PRO D 433 15.11 -29.97 36.76
N GLY D 434 16.11 -30.56 36.14
CA GLY D 434 16.22 -32.00 36.04
C GLY D 434 15.62 -32.54 34.77
N SER D 435 16.05 -33.74 34.40
CA SER D 435 15.61 -34.41 33.20
CA SER D 435 15.60 -34.41 33.18
C SER D 435 14.16 -34.83 33.28
N GLY D 436 13.49 -34.88 32.13
CA GLY D 436 12.13 -35.38 32.01
C GLY D 436 10.98 -34.41 32.15
N TYR D 437 11.26 -33.10 32.32
CA TYR D 437 10.19 -32.12 32.53
C TYR D 437 9.98 -31.12 31.42
N THR D 438 10.47 -31.40 30.18
CA THR D 438 10.23 -30.51 29.04
C THR D 438 8.71 -30.43 28.77
N ASN D 439 8.17 -29.22 28.67
CA ASN D 439 6.74 -29.03 28.42
C ASN D 439 6.41 -27.65 27.83
N ILE D 440 7.42 -26.79 27.54
CA ILE D 440 7.15 -25.45 27.03
C ILE D 440 7.76 -25.26 25.65
N MET D 441 7.01 -24.60 24.78
CA MET D 441 7.40 -24.27 23.43
C MET D 441 7.05 -22.78 23.24
N ARG D 442 8.06 -21.95 22.96
CA ARG D 442 7.78 -20.53 22.76
C ARG D 442 8.37 -19.98 21.41
N VAL D 443 7.63 -19.09 20.72
CA VAL D 443 8.05 -18.50 19.44
C VAL D 443 8.88 -17.28 19.71
N LEU D 444 10.14 -17.27 19.33
CA LEU D 444 11.05 -16.17 19.62
C LEU D 444 11.63 -15.50 18.35
N SER D 445 11.78 -14.17 18.36
CA SER D 445 12.33 -13.42 17.24
C SER D 445 13.76 -13.07 17.56
N ILE D 446 14.69 -13.34 16.63
CA ILE D 446 16.10 -13.05 16.88
C ILE D 446 16.39 -11.56 16.78
N SER D 447 16.90 -10.98 17.87
CA SER D 447 17.28 -9.57 17.94
C SER D 447 18.83 -9.49 18.13
N ALA E 25 27.25 21.02 8.16
CA ALA E 25 27.26 21.99 7.07
C ALA E 25 26.91 23.40 7.55
N PHE E 26 27.40 24.41 6.80
CA PHE E 26 27.13 25.82 7.07
C PHE E 26 25.62 26.08 7.01
N PHE E 27 24.95 25.49 6.01
CA PHE E 27 23.54 25.70 5.78
C PHE E 27 22.62 24.89 6.72
N GLN E 28 23.18 24.03 7.59
CA GLN E 28 22.38 23.33 8.59
C GLN E 28 22.37 24.08 9.95
N GLN E 29 23.41 24.91 10.20
CA GLN E 29 23.54 25.72 11.42
C GLN E 29 22.68 27.00 11.36
N GLN E 30 22.58 27.71 12.51
CA GLN E 30 21.88 28.97 12.78
C GLN E 30 20.49 29.09 12.13
N GLN E 31 19.72 27.99 12.16
CA GLN E 31 18.36 27.86 11.61
C GLN E 31 18.26 28.30 10.15
N LEU E 32 19.30 28.00 9.36
CA LEU E 32 19.29 28.40 7.95
C LEU E 32 18.23 27.67 7.13
N PRO E 33 17.90 26.37 7.35
CA PRO E 33 16.79 25.77 6.60
C PRO E 33 15.47 26.50 6.90
N ALA E 34 15.22 26.86 8.18
CA ALA E 34 14.01 27.60 8.60
C ALA E 34 13.97 29.03 8.04
N ALA E 35 15.15 29.63 7.82
CA ALA E 35 15.27 30.98 7.26
C ALA E 35 14.94 31.01 5.77
N MET E 36 15.18 29.90 5.04
CA MET E 36 14.90 29.81 3.60
C MET E 36 13.41 29.58 3.27
N ALA E 37 12.57 29.27 4.28
CA ALA E 37 11.14 28.99 4.13
C ALA E 37 10.35 30.11 3.48
N ASP E 38 9.34 29.74 2.66
CA ASP E 38 8.51 30.70 1.94
C ASP E 38 7.34 31.24 2.74
N THR E 39 6.97 30.58 3.84
CA THR E 39 5.89 31.04 4.72
C THR E 39 6.36 30.93 6.18
N PHE E 40 5.70 31.67 7.08
CA PHE E 40 5.99 31.63 8.50
C PHE E 40 5.66 30.24 9.08
N LEU E 41 4.59 29.60 8.56
CA LEU E 41 4.21 28.26 8.98
C LEU E 41 5.32 27.28 8.66
N GLU E 42 5.88 27.33 7.41
CA GLU E 42 6.98 26.46 6.99
CA GLU E 42 6.96 26.43 7.01
C GLU E 42 8.23 26.74 7.82
N HIS E 43 8.44 28.02 8.18
CA HIS E 43 9.56 28.47 8.99
C HIS E 43 9.48 27.79 10.36
N LEU E 44 8.30 27.82 11.03
CA LEU E 44 8.12 27.14 12.32
C LEU E 44 8.40 25.65 12.18
N CYS E 45 7.85 25.02 11.11
CA CYS E 45 8.01 23.60 10.84
C CYS E 45 9.47 23.19 10.69
N LEU E 46 10.30 24.08 10.15
CA LEU E 46 11.70 23.77 9.91
C LEU E 46 12.64 24.10 11.07
N LEU E 47 12.13 24.65 12.19
CA LEU E 47 12.99 24.97 13.36
C LEU E 47 13.59 23.69 13.89
N ASP E 48 14.89 23.68 14.13
CA ASP E 48 15.62 22.49 14.51
C ASP E 48 16.38 22.66 15.82
N ILE E 49 16.13 21.78 16.80
CA ILE E 49 16.85 21.85 18.08
C ILE E 49 18.35 21.47 17.93
N ASP E 50 18.70 20.76 16.85
CA ASP E 50 20.06 20.37 16.54
C ASP E 50 20.81 21.41 15.71
N SER E 51 20.12 22.48 15.25
CA SER E 51 20.74 23.54 14.45
C SER E 51 21.38 24.53 15.43
N GLU E 52 22.72 24.46 15.58
CA GLU E 52 23.41 25.29 16.56
C GLU E 52 23.61 26.75 16.14
N PRO E 53 23.39 27.68 17.09
CA PRO E 53 23.63 29.10 16.77
C PRO E 53 25.12 29.36 16.56
N VAL E 54 25.45 30.16 15.55
CA VAL E 54 26.85 30.44 15.27
C VAL E 54 27.17 31.94 15.45
N ALA E 55 26.20 32.80 15.14
CA ALA E 55 26.35 34.24 15.31
C ALA E 55 26.51 34.65 16.79
N ALA E 56 27.14 35.80 17.03
CA ALA E 56 27.29 36.32 18.38
C ALA E 56 25.92 36.78 18.89
N ARG E 57 25.72 36.71 20.21
CA ARG E 57 24.46 37.11 20.81
C ARG E 57 24.27 38.61 20.67
N SER E 58 23.19 39.02 19.99
CA SER E 58 22.93 40.40 19.65
C SER E 58 21.98 41.19 20.58
N THR E 59 21.08 40.53 21.34
CA THR E 59 20.19 41.24 22.27
C THR E 59 20.98 41.49 23.54
N SER E 60 21.12 42.76 23.96
CA SER E 60 21.91 43.07 25.15
C SER E 60 21.24 42.70 26.46
N ILE E 61 22.05 42.38 27.45
CA ILE E 61 21.57 42.00 28.77
C ILE E 61 21.81 43.13 29.77
N ILE E 62 20.75 43.61 30.40
CA ILE E 62 20.85 44.63 31.42
C ILE E 62 20.75 43.90 32.77
N ALA E 63 21.76 44.07 33.64
CA ALA E 63 21.72 43.42 34.95
C ALA E 63 21.62 44.46 36.04
N THR E 64 20.64 44.30 36.95
CA THR E 64 20.47 45.24 38.05
C THR E 64 21.52 44.93 39.12
N ILE E 65 22.25 45.97 39.55
CA ILE E 65 23.30 45.83 40.57
C ILE E 65 22.70 45.96 41.98
N GLY E 66 23.05 45.02 42.84
CA GLY E 66 22.61 45.03 44.23
C GLY E 66 23.55 44.24 45.12
N PRO E 67 23.10 43.86 46.32
CA PRO E 67 23.98 43.08 47.23
C PRO E 67 24.60 41.83 46.62
N ALA E 68 23.83 41.12 45.77
CA ALA E 68 24.27 39.88 45.11
C ALA E 68 25.27 40.07 43.97
N SER E 69 25.41 41.30 43.47
CA SER E 69 26.26 41.55 42.30
C SER E 69 27.12 42.80 42.42
N ARG E 70 27.46 43.22 43.64
CA ARG E 70 28.23 44.44 43.83
C ARG E 70 29.75 44.27 43.89
N SER E 71 30.25 43.09 44.29
CA SER E 71 31.71 42.91 44.40
C SER E 71 32.40 42.92 43.06
N VAL E 72 33.58 43.53 43.00
CA VAL E 72 34.40 43.64 41.79
C VAL E 72 34.65 42.27 41.14
N GLU E 73 34.91 41.24 41.96
CA GLU E 73 35.15 39.88 41.47
C GLU E 73 33.87 39.27 40.86
N ARG E 74 32.71 39.52 41.48
CA ARG E 74 31.42 39.03 41.01
C ARG E 74 31.04 39.72 39.69
N LEU E 75 31.32 41.02 39.57
CA LEU E 75 31.06 41.80 38.37
C LEU E 75 31.92 41.34 37.19
N LYS E 76 33.16 40.87 37.45
CA LYS E 76 34.01 40.35 36.38
C LYS E 76 33.40 39.06 35.80
N GLU E 77 32.80 38.23 36.67
CA GLU E 77 32.13 37.00 36.24
C GLU E 77 30.89 37.35 35.41
N MET E 78 30.13 38.40 35.81
CA MET E 78 28.94 38.84 35.09
CA MET E 78 28.94 38.84 35.09
C MET E 78 29.28 39.47 33.75
N ILE E 79 30.43 40.15 33.65
CA ILE E 79 30.86 40.73 32.38
C ILE E 79 31.19 39.57 31.44
N LYS E 80 31.95 38.58 31.94
CA LYS E 80 32.29 37.39 31.18
C LYS E 80 31.05 36.57 30.74
N ALA E 81 30.00 36.53 31.58
CA ALA E 81 28.74 35.83 31.33
C ALA E 81 27.89 36.52 30.24
N GLY E 82 28.05 37.83 30.05
CA GLY E 82 27.33 38.55 29.03
C GLY E 82 26.67 39.86 29.39
N MET E 83 26.82 40.35 30.63
CA MET E 83 26.21 41.64 31.03
C MET E 83 26.78 42.79 30.18
N ASN E 84 25.89 43.56 29.54
CA ASN E 84 26.31 44.68 28.70
C ASN E 84 26.00 46.03 29.33
N ILE E 85 24.95 46.09 30.15
CA ILE E 85 24.50 47.30 30.82
C ILE E 85 24.28 47.01 32.30
N ALA E 86 24.81 47.87 33.19
CA ALA E 86 24.63 47.75 34.63
C ALA E 86 23.55 48.74 35.06
N ARG E 87 22.47 48.25 35.68
CA ARG E 87 21.38 49.11 36.11
C ARG E 87 21.46 49.42 37.60
N LEU E 88 21.38 50.70 37.96
CA LEU E 88 21.38 51.15 39.35
C LEU E 88 19.98 51.58 39.69
N ASN E 89 19.29 50.83 40.55
CA ASN E 89 17.92 51.15 40.91
C ASN E 89 17.92 52.21 42.01
N PHE E 90 17.58 53.45 41.66
CA PHE E 90 17.58 54.53 42.65
C PHE E 90 16.34 54.55 43.56
N SER E 91 15.51 53.51 43.51
CA SER E 91 14.40 53.36 44.45
C SER E 91 14.92 52.91 45.84
N HIS E 92 16.12 52.31 45.88
CA HIS E 92 16.79 51.83 47.09
C HIS E 92 18.25 52.30 47.10
N GLY E 93 18.82 52.45 48.27
CA GLY E 93 20.21 52.84 48.39
C GLY E 93 20.45 54.34 48.36
N SER E 94 21.54 54.76 48.97
CA SER E 94 21.93 56.16 49.04
C SER E 94 22.86 56.53 47.87
N HIS E 95 23.18 57.83 47.70
CA HIS E 95 24.11 58.27 46.67
C HIS E 95 25.50 57.66 46.91
N GLU E 96 25.89 57.49 48.19
CA GLU E 96 27.18 56.90 48.56
C GLU E 96 27.24 55.43 48.11
N TYR E 97 26.12 54.71 48.27
CA TYR E 97 25.97 53.32 47.89
C TYR E 97 26.11 53.17 46.37
N HIS E 98 25.38 53.99 45.60
CA HIS E 98 25.41 53.95 44.14
C HIS E 98 26.73 54.39 43.55
N ALA E 99 27.42 55.37 44.19
CA ALA E 99 28.75 55.78 43.72
C ALA E 99 29.74 54.62 43.87
N GLU E 100 29.60 53.82 44.93
CA GLU E 100 30.44 52.65 45.18
C GLU E 100 30.15 51.56 44.16
N SER E 101 28.86 51.38 43.79
CA SER E 101 28.44 50.42 42.77
C SER E 101 29.09 50.80 41.43
N ILE E 102 29.01 52.09 41.04
CA ILE E 102 29.60 52.63 39.82
C ILE E 102 31.10 52.36 39.78
N ALA E 103 31.79 52.65 40.90
CA ALA E 103 33.22 52.45 41.00
C ALA E 103 33.59 50.99 40.84
N ASN E 104 32.81 50.07 41.46
CA ASN E 104 33.06 48.63 41.38
C ASN E 104 32.82 48.11 39.97
N VAL E 105 31.79 48.64 39.28
CA VAL E 105 31.51 48.28 37.90
C VAL E 105 32.67 48.73 37.02
N ARG E 106 33.08 50.00 37.14
CA ARG E 106 34.19 50.57 36.37
C ARG E 106 35.50 49.84 36.61
N GLU E 107 35.75 49.41 37.84
CA GLU E 107 36.97 48.67 38.17
C GLU E 107 36.97 47.31 37.48
N ALA E 108 35.85 46.57 37.54
CA ALA E 108 35.71 45.26 36.88
C ALA E 108 35.79 45.41 35.35
N VAL E 109 35.19 46.47 34.78
CA VAL E 109 35.24 46.72 33.33
C VAL E 109 36.65 47.04 32.85
N GLU E 110 37.34 47.95 33.56
CA GLU E 110 38.69 48.35 33.19
C GLU E 110 39.75 47.29 33.48
N SER E 111 39.43 46.25 34.28
CA SER E 111 40.36 45.15 34.50
C SER E 111 40.66 44.35 33.20
N PHE E 112 39.82 44.52 32.16
CA PHE E 112 39.98 43.87 30.85
C PHE E 112 40.55 44.82 29.76
N ALA E 113 40.81 46.11 30.10
CA ALA E 113 41.31 47.12 29.15
C ALA E 113 42.75 46.91 28.67
N GLY E 114 43.47 45.98 29.29
CA GLY E 114 44.84 45.64 28.91
C GLY E 114 44.94 45.08 27.49
N SER E 115 43.88 44.40 27.05
CA SER E 115 43.81 43.83 25.72
C SER E 115 42.68 44.58 24.96
N PRO E 116 43.01 45.66 24.21
CA PRO E 116 41.96 46.43 23.50
C PRO E 116 41.21 45.69 22.39
N LEU E 117 41.81 44.62 21.82
CA LEU E 117 41.19 43.78 20.80
C LEU E 117 40.07 42.87 21.40
N SER E 118 40.02 42.72 22.74
CA SER E 118 39.00 41.91 23.41
C SER E 118 38.22 42.67 24.52
N TYR E 119 38.54 43.96 24.75
CA TYR E 119 37.87 44.79 25.75
C TYR E 119 36.38 44.95 25.41
N ARG E 120 35.54 44.70 26.42
CA ARG E 120 34.10 44.83 26.29
C ARG E 120 33.59 46.02 27.08
N PRO E 121 33.12 47.08 26.38
CA PRO E 121 32.55 48.22 27.11
C PRO E 121 31.25 47.84 27.83
N VAL E 122 30.96 48.45 28.98
CA VAL E 122 29.74 48.18 29.74
C VAL E 122 29.08 49.51 30.07
N ALA E 123 27.82 49.70 29.68
CA ALA E 123 27.11 50.93 29.97
C ALA E 123 26.61 50.97 31.42
N ILE E 124 26.41 52.17 31.97
CA ILE E 124 25.87 52.34 33.31
C ILE E 124 24.58 53.12 33.20
N ALA E 125 23.48 52.54 33.67
CA ALA E 125 22.17 53.16 33.58
C ALA E 125 21.60 53.47 34.95
N LEU E 126 21.06 54.67 35.11
CA LEU E 126 20.43 55.10 36.35
C LEU E 126 18.94 54.95 36.19
N ASP E 127 18.30 54.12 37.03
CA ASP E 127 16.85 53.96 36.97
C ASP E 127 16.29 54.87 38.07
N THR E 128 15.53 55.92 37.69
CA THR E 128 14.99 56.85 38.67
C THR E 128 13.92 56.26 39.57
N LYS E 129 13.70 56.86 40.75
CA LYS E 129 12.69 56.40 41.72
C LYS E 129 11.27 56.68 41.21
N GLY E 130 11.08 57.79 40.51
CA GLY E 130 9.79 58.15 39.94
C GLY E 130 9.07 59.25 40.66
N PRO E 131 7.93 59.69 40.12
CA PRO E 131 7.16 60.76 40.77
C PRO E 131 6.31 60.27 41.95
N GLY E 136 4.55 65.83 38.79
CA GLY E 136 5.71 66.01 37.92
C GLY E 136 6.99 65.41 38.47
N LEU E 137 8.14 65.95 38.04
CA LEU E 137 9.47 65.48 38.48
C LEU E 137 9.69 65.75 39.96
N SER E 138 9.88 64.68 40.74
CA SER E 138 10.09 64.79 42.18
C SER E 138 11.44 65.46 42.52
N GLU E 139 11.57 66.00 43.74
CA GLU E 139 12.81 66.64 44.18
C GLU E 139 13.94 65.63 44.28
N GLN E 140 13.64 64.39 44.71
CA GLN E 140 14.64 63.32 44.81
C GLN E 140 15.14 62.98 43.41
N ASP E 141 14.24 62.91 42.41
CA ASP E 141 14.63 62.64 41.03
C ASP E 141 15.56 63.71 40.49
N VAL E 142 15.30 64.99 40.81
CA VAL E 142 16.18 66.08 40.37
C VAL E 142 17.59 65.90 40.95
N ARG E 143 17.68 65.47 42.21
CA ARG E 143 18.95 65.22 42.88
C ARG E 143 19.69 64.00 42.34
N ASP E 144 18.94 62.93 42.05
CA ASP E 144 19.50 61.69 41.51
C ASP E 144 19.97 61.87 40.08
N LEU E 145 19.22 62.64 39.28
CA LEU E 145 19.62 62.92 37.90
C LEU E 145 20.90 63.75 37.87
N ARG E 146 21.03 64.71 38.79
CA ARG E 146 22.25 65.51 38.89
C ARG E 146 23.44 64.60 39.27
N PHE E 147 23.21 63.62 40.16
CA PHE E 147 24.20 62.65 40.58
C PHE E 147 24.69 61.84 39.36
N GLY E 148 23.75 61.42 38.51
CA GLY E 148 24.06 60.67 37.31
C GLY E 148 24.95 61.44 36.36
N VAL E 149 24.68 62.73 36.16
CA VAL E 149 25.49 63.58 35.31
C VAL E 149 26.89 63.71 35.88
N GLU E 150 26.99 63.94 37.20
CA GLU E 150 28.26 64.07 37.91
C GLU E 150 29.09 62.79 37.89
N HIS E 151 28.42 61.64 37.89
CA HIS E 151 29.12 60.36 37.87
C HIS E 151 29.26 59.73 36.48
N GLY E 152 28.88 60.47 35.43
CA GLY E 152 29.03 60.04 34.05
C GLY E 152 28.21 58.84 33.59
N VAL E 153 26.94 58.75 34.04
CA VAL E 153 26.09 57.65 33.60
C VAL E 153 25.78 57.82 32.11
N ASP E 154 25.54 56.70 31.42
CA ASP E 154 25.28 56.73 29.99
C ASP E 154 23.79 56.79 29.68
N ILE E 155 22.97 56.14 30.50
CA ILE E 155 21.54 56.02 30.25
C ILE E 155 20.73 56.36 31.50
N VAL E 156 19.51 56.87 31.30
CA VAL E 156 18.56 57.11 32.36
C VAL E 156 17.30 56.34 32.00
N PHE E 157 16.85 55.46 32.90
CA PHE E 157 15.60 54.75 32.71
C PHE E 157 14.62 55.59 33.53
N ALA E 158 13.90 56.50 32.89
CA ALA E 158 12.99 57.40 33.58
C ALA E 158 11.70 56.70 33.99
N SER E 159 11.47 56.52 35.30
CA SER E 159 10.28 55.87 35.82
C SER E 159 8.98 56.64 35.61
N PHE E 160 7.88 55.87 35.47
CA PHE E 160 6.50 56.34 35.30
C PHE E 160 6.32 57.53 34.35
N VAL E 161 6.85 57.42 33.11
CA VAL E 161 6.68 58.48 32.12
C VAL E 161 5.24 58.37 31.63
N ARG E 162 4.49 59.48 31.67
CA ARG E 162 3.09 59.51 31.27
C ARG E 162 2.77 60.45 30.10
N LYS E 163 3.71 61.31 29.72
CA LYS E 163 3.51 62.25 28.63
C LYS E 163 4.86 62.80 28.15
N ALA E 164 4.88 63.48 26.99
CA ALA E 164 6.11 64.05 26.46
C ALA E 164 6.76 65.10 27.41
N SER E 165 5.94 65.84 28.19
CA SER E 165 6.48 66.84 29.12
C SER E 165 7.29 66.21 30.26
N ASP E 166 7.02 64.95 30.61
CA ASP E 166 7.78 64.22 31.63
C ASP E 166 9.21 64.00 31.13
N VAL E 167 9.36 63.64 29.84
CA VAL E 167 10.67 63.42 29.22
C VAL E 167 11.45 64.73 29.19
N ALA E 168 10.77 65.82 28.83
CA ALA E 168 11.38 67.14 28.77
C ALA E 168 11.91 67.57 30.14
N ALA E 169 11.17 67.23 31.22
CA ALA E 169 11.56 67.55 32.59
C ALA E 169 12.82 66.77 32.98
N VAL E 170 12.94 65.50 32.57
CA VAL E 170 14.14 64.71 32.83
C VAL E 170 15.33 65.27 32.06
N ARG E 171 15.10 65.70 30.82
CA ARG E 171 16.11 66.29 29.96
C ARG E 171 16.63 67.60 30.59
N ALA E 172 15.71 68.42 31.12
CA ALA E 172 16.03 69.69 31.78
C ALA E 172 16.86 69.46 33.05
N ALA E 173 16.50 68.46 33.88
CA ALA E 173 17.19 68.10 35.11
C ALA E 173 18.62 67.57 34.86
N LEU E 174 18.87 67.00 33.68
CA LEU E 174 20.21 66.54 33.31
C LEU E 174 21.13 67.76 33.00
N GLY E 175 20.54 68.87 32.58
CA GLY E 175 21.24 70.11 32.30
C GLY E 175 22.07 70.10 31.03
N PRO E 176 22.91 71.14 30.86
CA PRO E 176 23.75 71.21 29.65
C PRO E 176 24.87 70.16 29.60
N GLU E 177 25.36 69.72 30.79
CA GLU E 177 26.41 68.72 30.88
C GLU E 177 25.91 67.29 30.55
N GLY E 178 24.63 67.02 30.78
CA GLY E 178 24.05 65.71 30.52
C GLY E 178 23.28 65.64 29.22
N HIS E 179 23.75 66.33 28.20
CA HIS E 179 23.08 66.33 26.89
C HIS E 179 23.32 65.03 26.10
N GLY E 180 24.44 64.36 26.36
CA GLY E 180 24.78 63.11 25.68
C GLY E 180 24.16 61.86 26.28
N ILE E 181 23.57 61.97 27.48
CA ILE E 181 22.93 60.83 28.15
C ILE E 181 21.65 60.43 27.41
N LYS E 182 21.41 59.12 27.25
CA LYS E 182 20.22 58.61 26.57
C LYS E 182 19.06 58.45 27.54
N ILE E 183 17.88 58.96 27.18
CA ILE E 183 16.69 58.82 28.02
C ILE E 183 15.77 57.72 27.51
N ILE E 184 15.65 56.64 28.26
CA ILE E 184 14.79 55.51 27.96
C ILE E 184 13.55 55.63 28.86
N SER E 185 12.40 56.00 28.29
CA SER E 185 11.19 56.20 29.07
C SER E 185 10.54 54.88 29.49
N LYS E 186 10.27 54.71 30.78
CA LYS E 186 9.60 53.51 31.27
C LYS E 186 8.10 53.68 31.17
N ILE E 187 7.43 52.77 30.45
CA ILE E 187 5.98 52.80 30.34
C ILE E 187 5.46 51.85 31.40
N GLU E 188 4.84 52.39 32.48
CA GLU E 188 4.40 51.59 33.62
C GLU E 188 2.92 51.68 33.94
N ASN E 189 2.14 52.42 33.14
CA ASN E 189 0.69 52.59 33.43
C ASN E 189 -0.14 52.81 32.17
N HIS E 190 -1.49 52.87 32.31
CA HIS E 190 -2.39 53.08 31.18
C HIS E 190 -2.15 54.39 30.42
N GLU E 191 -1.86 55.49 31.14
CA GLU E 191 -1.62 56.78 30.48
C GLU E 191 -0.39 56.74 29.58
N GLY E 192 0.66 56.08 30.04
CA GLY E 192 1.89 55.95 29.27
C GLY E 192 1.65 55.14 28.02
N VAL E 193 0.83 54.08 28.13
CA VAL E 193 0.48 53.23 26.98
C VAL E 193 -0.34 54.03 25.98
N LYS E 194 -1.32 54.81 26.47
CA LYS E 194 -2.17 55.62 25.60
C LYS E 194 -1.44 56.81 24.95
N ARG E 195 -0.50 57.41 25.66
CA ARG E 195 0.28 58.51 25.11
C ARG E 195 1.64 58.09 24.56
N PHE E 196 1.80 56.78 24.27
CA PHE E 196 3.03 56.16 23.78
C PHE E 196 3.70 56.91 22.62
N ASP E 197 2.95 57.24 21.57
CA ASP E 197 3.51 57.89 20.39
C ASP E 197 4.20 59.20 20.69
N GLU E 198 3.59 60.04 21.54
CA GLU E 198 4.19 61.32 21.90
C GLU E 198 5.43 61.15 22.80
N ILE E 199 5.45 60.10 23.61
CA ILE E 199 6.56 59.79 24.49
C ILE E 199 7.76 59.28 23.68
N LEU E 200 7.52 58.33 22.76
CA LEU E 200 8.56 57.76 21.92
C LEU E 200 9.19 58.84 21.02
N GLU E 201 8.39 59.77 20.53
CA GLU E 201 8.86 60.85 19.67
C GLU E 201 9.97 61.66 20.31
N VAL E 202 9.86 61.94 21.61
CA VAL E 202 10.84 62.74 22.34
C VAL E 202 11.85 61.94 23.16
N SER E 203 11.71 60.60 23.22
CA SER E 203 12.63 59.74 23.97
C SER E 203 13.66 59.10 23.05
N ASP E 204 14.73 58.60 23.62
CA ASP E 204 15.74 57.86 22.86
C ASP E 204 15.34 56.40 22.65
N GLY E 205 14.53 55.87 23.56
CA GLY E 205 14.00 54.53 23.54
C GLY E 205 12.95 54.32 24.62
N ILE E 206 12.48 53.07 24.76
CA ILE E 206 11.43 52.73 25.71
C ILE E 206 11.76 51.49 26.52
N MET E 207 11.23 51.40 27.75
CA MET E 207 11.33 50.20 28.54
C MET E 207 9.92 49.74 28.86
N VAL E 208 9.61 48.46 28.59
CA VAL E 208 8.31 47.88 28.90
C VAL E 208 8.47 47.40 30.34
N ALA E 209 8.08 48.27 31.28
CA ALA E 209 8.21 48.04 32.71
C ALA E 209 7.00 47.23 33.15
N ARG E 210 7.07 45.91 32.93
CA ARG E 210 5.98 44.98 33.14
C ARG E 210 5.51 44.81 34.58
N GLY E 211 6.38 45.06 35.56
CA GLY E 211 5.99 44.94 36.96
C GLY E 211 4.87 45.88 37.35
N ASP E 212 5.08 47.19 37.21
CA ASP E 212 4.04 48.17 37.54
C ASP E 212 2.94 48.14 36.50
N LEU E 213 3.27 47.92 35.21
CA LEU E 213 2.28 47.85 34.14
C LEU E 213 1.28 46.73 34.41
N GLY E 214 1.73 45.61 34.97
CA GLY E 214 0.88 44.47 35.32
C GLY E 214 -0.08 44.72 36.46
N ILE E 215 0.17 45.79 37.25
CA ILE E 215 -0.66 46.19 38.38
C ILE E 215 -1.62 47.32 37.93
N GLU E 216 -1.13 48.23 37.06
CA GLU E 216 -1.90 49.37 36.56
C GLU E 216 -2.95 48.97 35.55
N ILE E 217 -2.63 47.99 34.70
CA ILE E 217 -3.55 47.45 33.70
C ILE E 217 -3.79 45.96 34.01
N PRO E 218 -4.88 45.31 33.52
CA PRO E 218 -5.09 43.87 33.81
C PRO E 218 -3.89 43.03 33.41
N ALA E 219 -3.52 42.06 34.24
CA ALA E 219 -2.34 41.23 34.00
C ALA E 219 -2.38 40.51 32.62
N GLU E 220 -3.58 40.13 32.18
CA GLU E 220 -3.77 39.45 30.90
C GLU E 220 -3.63 40.38 29.68
N LYS E 221 -3.47 41.70 29.88
CA LYS E 221 -3.33 42.64 28.78
C LYS E 221 -1.88 43.09 28.54
N VAL E 222 -0.96 42.78 29.48
CA VAL E 222 0.43 43.24 29.40
C VAL E 222 1.15 42.74 28.12
N PHE E 223 0.88 41.51 27.66
CA PHE E 223 1.51 41.01 26.43
C PHE E 223 1.12 41.85 25.19
N LEU E 224 -0.10 42.43 25.20
CA LEU E 224 -0.54 43.28 24.09
C LEU E 224 0.26 44.56 24.09
N ALA E 225 0.46 45.15 25.29
CA ALA E 225 1.22 46.38 25.48
C ALA E 225 2.69 46.14 25.11
N GLN E 226 3.27 44.99 25.54
CA GLN E 226 4.64 44.65 25.21
C GLN E 226 4.84 44.54 23.70
N LYS E 227 4.00 43.71 23.05
CA LYS E 227 4.12 43.48 21.61
C LYS E 227 3.87 44.75 20.80
N MET E 228 2.92 45.61 21.24
CA MET E 228 2.63 46.87 20.55
C MET E 228 3.83 47.82 20.65
N MET E 229 4.35 48.03 21.87
CA MET E 229 5.45 48.95 22.10
C MET E 229 6.71 48.49 21.40
N ILE E 230 7.02 47.18 21.47
CA ILE E 230 8.18 46.66 20.75
C ILE E 230 8.06 46.91 19.23
N GLY E 231 6.88 46.62 18.67
CA GLY E 231 6.61 46.83 17.26
C GLY E 231 6.77 48.27 16.83
N ARG E 232 6.22 49.20 17.61
CA ARG E 232 6.33 50.63 17.31
C ARG E 232 7.76 51.14 17.43
N CYS E 233 8.54 50.60 18.39
CA CYS E 233 9.95 50.99 18.52
C CYS E 233 10.75 50.44 17.37
N ASN E 234 10.47 49.22 16.92
CA ASN E 234 11.14 48.63 15.77
C ASN E 234 10.85 49.46 14.52
N LEU E 235 9.59 49.91 14.38
CA LEU E 235 9.18 50.74 13.28
C LEU E 235 9.94 52.08 13.31
N ALA E 236 10.05 52.72 14.51
CA ALA E 236 10.75 53.98 14.72
C ALA E 236 12.27 53.90 14.63
N GLY E 237 12.82 52.69 14.79
CA GLY E 237 14.25 52.46 14.79
C GLY E 237 14.89 52.92 16.09
N LYS E 238 14.13 52.87 17.21
CA LYS E 238 14.59 53.29 18.55
C LYS E 238 14.66 52.10 19.51
N PRO E 239 15.67 52.05 20.39
CA PRO E 239 15.79 50.89 21.28
C PRO E 239 14.60 50.62 22.19
N VAL E 240 14.32 49.32 22.41
CA VAL E 240 13.24 48.91 23.30
C VAL E 240 13.74 47.81 24.23
N VAL E 241 13.48 47.97 25.53
CA VAL E 241 13.89 47.03 26.56
C VAL E 241 12.68 46.26 27.09
N CYS E 242 12.80 44.93 27.26
CA CYS E 242 11.76 44.15 27.92
C CYS E 242 12.25 43.90 29.33
N ALA E 243 11.43 44.20 30.32
CA ALA E 243 11.87 44.08 31.71
C ALA E 243 10.87 43.40 32.63
N THR E 244 11.39 42.88 33.79
CA THR E 244 10.71 42.37 34.98
C THR E 244 10.12 40.95 34.89
N GLN E 245 10.57 40.12 35.85
CA GLN E 245 10.15 38.74 36.13
C GLN E 245 10.46 37.76 35.00
N MET E 246 11.44 38.09 34.13
CA MET E 246 11.83 37.25 33.01
C MET E 246 12.34 35.89 33.44
N LEU E 247 13.18 35.84 34.48
CA LEU E 247 13.72 34.60 35.06
C LEU E 247 13.53 34.62 36.59
N GLU E 248 12.40 35.17 37.06
CA GLU E 248 12.06 35.37 38.46
C GLU E 248 12.39 34.20 39.40
N SER E 249 12.05 32.96 39.03
CA SER E 249 12.32 31.79 39.87
C SER E 249 13.83 31.56 40.12
N MET E 250 14.71 32.12 39.26
CA MET E 250 16.15 32.01 39.44
C MET E 250 16.69 32.85 40.61
N ILE E 251 15.83 33.65 41.29
CA ILE E 251 16.24 34.37 42.49
C ILE E 251 16.59 33.33 43.59
N THR E 252 15.86 32.22 43.66
CA THR E 252 16.08 31.17 44.64
C THR E 252 16.53 29.83 44.02
N LYS E 253 16.18 29.54 42.75
CA LYS E 253 16.48 28.25 42.11
C LYS E 253 17.55 28.35 41.03
N PRO E 254 18.40 27.31 40.83
CA PRO E 254 19.48 27.41 39.81
C PRO E 254 19.05 27.30 38.34
N ARG E 255 17.82 26.79 38.12
CA ARG E 255 17.26 26.63 36.78
C ARG E 255 15.91 27.33 36.72
N PRO E 256 15.58 27.97 35.57
CA PRO E 256 14.29 28.68 35.48
C PRO E 256 13.13 27.74 35.11
N THR E 257 11.89 28.26 35.15
CA THR E 257 10.72 27.49 34.76
C THR E 257 10.60 27.46 33.22
N ARG E 258 9.71 26.60 32.68
CA ARG E 258 9.50 26.51 31.24
C ARG E 258 8.88 27.80 30.70
N ALA E 259 8.06 28.50 31.52
CA ALA E 259 7.44 29.76 31.15
C ALA E 259 8.45 30.90 31.05
N GLU E 260 9.47 30.86 31.91
CA GLU E 260 10.52 31.86 31.96
C GLU E 260 11.45 31.82 30.77
N THR E 261 11.92 30.63 30.36
CA THR E 261 12.77 30.52 29.17
C THR E 261 11.98 30.94 27.92
N SER E 262 10.70 30.56 27.87
CA SER E 262 9.75 30.89 26.83
C SER E 262 9.59 32.41 26.73
N ASP E 263 9.42 33.11 27.89
CA ASP E 263 9.28 34.56 27.97
C ASP E 263 10.49 35.28 27.39
N VAL E 264 11.70 34.84 27.74
CA VAL E 264 12.94 35.45 27.24
C VAL E 264 13.02 35.28 25.72
N ALA E 265 12.76 34.05 25.24
CA ALA E 265 12.79 33.74 23.82
C ALA E 265 11.78 34.56 23.05
N ASN E 266 10.60 34.75 23.62
CA ASN E 266 9.55 35.50 22.97
C ASN E 266 9.80 36.99 22.99
N ALA E 267 10.49 37.52 24.03
CA ALA E 267 10.84 38.95 24.04
C ALA E 267 11.82 39.23 22.87
N VAL E 268 12.80 38.31 22.66
CA VAL E 268 13.75 38.43 21.55
C VAL E 268 13.00 38.29 20.23
N LEU E 269 12.14 37.27 20.09
CA LEU E 269 11.36 37.08 18.86
C LEU E 269 10.40 38.24 18.57
N ASP E 270 9.92 38.94 19.62
CA ASP E 270 9.05 40.12 19.50
C ASP E 270 9.77 41.29 18.84
N GLY E 271 11.07 41.41 19.10
CA GLY E 271 11.90 42.48 18.54
C GLY E 271 12.62 43.34 19.57
N ALA E 272 12.69 42.87 20.84
CA ALA E 272 13.34 43.62 21.91
C ALA E 272 14.84 43.76 21.67
N ASP E 273 15.36 44.99 21.81
CA ASP E 273 16.78 45.25 21.67
C ASP E 273 17.52 44.79 22.92
N CYS E 274 16.91 44.95 24.09
CA CYS E 274 17.53 44.57 25.36
C CYS E 274 16.57 43.75 26.20
N ILE E 275 17.12 42.84 26.98
CA ILE E 275 16.38 42.06 27.97
C ILE E 275 16.99 42.36 29.34
N MET E 276 16.17 42.41 30.39
CA MET E 276 16.64 42.82 31.72
C MET E 276 16.49 41.77 32.83
N LEU E 277 17.36 41.89 33.83
CA LEU E 277 17.32 41.08 35.04
C LEU E 277 17.22 42.07 36.20
N SER E 278 16.23 41.91 37.09
CA SER E 278 16.08 42.79 38.26
C SER E 278 16.57 42.04 39.52
N GLY E 279 15.64 41.47 40.31
CA GLY E 279 15.96 40.70 41.51
C GLY E 279 16.86 39.52 41.25
N GLU E 280 16.78 38.96 40.03
CA GLU E 280 17.60 37.82 39.61
C GLU E 280 19.10 38.09 39.78
N THR E 281 19.54 39.34 39.49
CA THR E 281 20.94 39.73 39.63
C THR E 281 21.20 40.64 40.87
N ALA E 282 20.19 41.41 41.27
CA ALA E 282 20.34 42.34 42.39
C ALA E 282 20.39 41.65 43.76
N LYS E 283 19.47 40.71 44.02
CA LYS E 283 19.40 40.07 45.33
C LYS E 283 19.40 38.54 45.32
N GLY E 284 19.25 37.94 44.15
CA GLY E 284 19.15 36.50 43.99
C GLY E 284 20.38 35.71 44.34
N ASN E 285 20.21 34.42 44.50
CA ASN E 285 21.28 33.49 44.83
C ASN E 285 22.08 33.04 43.61
N PHE E 286 21.60 33.32 42.38
CA PHE E 286 22.28 32.89 41.16
C PHE E 286 22.40 34.03 40.12
N PRO E 287 23.02 35.18 40.47
CA PRO E 287 23.10 36.29 39.49
C PRO E 287 23.88 35.97 38.20
N VAL E 288 25.00 35.26 38.30
CA VAL E 288 25.80 34.92 37.13
C VAL E 288 25.06 33.90 36.24
N GLU E 289 24.41 32.92 36.88
CA GLU E 289 23.64 31.88 36.22
C GLU E 289 22.41 32.46 35.48
N ALA E 290 21.83 33.55 36.01
CA ALA E 290 20.71 34.23 35.37
C ALA E 290 21.17 34.94 34.08
N VAL E 291 22.37 35.55 34.12
CA VAL E 291 22.95 36.23 32.96
C VAL E 291 23.29 35.17 31.89
N LYS E 292 23.90 34.06 32.32
CA LYS E 292 24.26 32.97 31.38
C LYS E 292 23.03 32.40 30.69
N MET E 293 21.93 32.27 31.45
CA MET E 293 20.68 31.76 30.93
C MET E 293 20.09 32.71 29.90
N GLN E 294 20.06 34.02 30.17
CA GLN E 294 19.55 35.00 29.21
C GLN E 294 20.38 35.00 27.94
N HIS E 295 21.70 34.85 28.07
CA HIS E 295 22.60 34.80 26.94
C HIS E 295 22.29 33.57 26.04
N ALA E 296 22.14 32.38 26.68
CA ALA E 296 21.89 31.13 25.98
C ALA E 296 20.59 31.17 25.19
N ILE E 297 19.50 31.67 25.81
CA ILE E 297 18.19 31.76 25.19
C ILE E 297 18.20 32.78 24.05
N ALA E 298 18.78 33.97 24.28
CA ALA E 298 18.80 35.02 23.27
C ALA E 298 19.49 34.57 21.97
N ARG E 299 20.62 33.85 22.08
CA ARG E 299 21.34 33.34 20.93
C ARG E 299 20.46 32.40 20.09
N GLU E 300 19.72 31.52 20.78
CA GLU E 300 18.84 30.56 20.13
C GLU E 300 17.69 31.28 19.44
N ALA E 301 17.08 32.25 20.12
CA ALA E 301 15.94 33.01 19.62
C ALA E 301 16.29 33.91 18.45
N GLU E 302 17.50 34.48 18.44
CA GLU E 302 17.95 35.35 17.35
C GLU E 302 18.11 34.57 16.05
N ALA E 303 18.59 33.32 16.13
CA ALA E 303 18.70 32.47 14.94
C ALA E 303 17.31 32.05 14.42
N ALA E 304 16.31 31.94 15.31
CA ALA E 304 14.94 31.57 14.96
C ALA E 304 14.10 32.73 14.37
N VAL E 305 14.67 33.94 14.28
CA VAL E 305 13.96 35.07 13.70
C VAL E 305 13.73 34.79 12.20
N TYR E 306 12.52 35.09 11.69
CA TYR E 306 12.19 34.85 10.29
C TYR E 306 12.57 36.09 9.47
N HIS E 307 13.88 36.25 9.22
CA HIS E 307 14.43 37.41 8.53
C HIS E 307 13.82 37.70 7.16
N ARG E 308 13.34 36.68 6.46
CA ARG E 308 12.74 36.89 5.13
C ARG E 308 11.55 37.86 5.19
N GLN E 309 10.61 37.59 6.10
CA GLN E 309 9.45 38.46 6.24
C GLN E 309 9.83 39.74 7.00
N LEU E 310 10.64 39.60 8.10
CA LEU E 310 11.04 40.74 8.90
C LEU E 310 11.74 41.82 8.08
N PHE E 311 12.76 41.47 7.29
CA PHE E 311 13.48 42.42 6.45
C PHE E 311 12.57 43.10 5.45
N GLU E 312 11.73 42.32 4.79
CA GLU E 312 10.78 42.88 3.84
C GLU E 312 9.84 43.87 4.49
N GLU E 313 9.30 43.56 5.65
CA GLU E 313 8.39 44.43 6.39
C GLU E 313 9.06 45.72 6.90
N LEU E 314 10.30 45.59 7.39
CA LEU E 314 11.08 46.74 7.86
C LEU E 314 11.44 47.63 6.69
N ARG E 315 11.93 47.03 5.61
CA ARG E 315 12.26 47.68 4.34
C ARG E 315 11.00 48.49 3.83
N ARG E 316 9.83 47.85 3.80
CA ARG E 316 8.56 48.40 3.31
C ARG E 316 8.07 49.56 4.18
N ALA E 317 8.19 49.41 5.50
CA ALA E 317 7.72 50.40 6.45
C ALA E 317 8.68 51.58 6.65
N ALA E 318 9.99 51.41 6.39
CA ALA E 318 10.96 52.51 6.54
C ALA E 318 10.71 53.49 5.42
N PRO E 319 10.58 54.79 5.74
CA PRO E 319 10.23 55.76 4.70
C PRO E 319 11.35 56.06 3.74
N LEU E 320 11.02 56.64 2.58
CA LEU E 320 12.03 57.08 1.61
C LEU E 320 12.85 58.20 2.27
N SER E 321 14.15 58.21 2.01
CA SER E 321 15.03 59.14 2.65
C SER E 321 16.03 59.66 1.69
N ARG E 322 16.44 60.89 1.90
CA ARG E 322 17.53 61.51 1.14
C ARG E 322 18.77 61.75 2.01
N ASP E 323 18.82 61.15 3.22
CA ASP E 323 19.95 61.22 4.13
C ASP E 323 20.86 60.10 3.70
N PRO E 324 22.08 60.43 3.27
CA PRO E 324 23.00 59.38 2.79
C PRO E 324 23.33 58.30 3.80
N THR E 325 23.26 58.58 5.11
CA THR E 325 23.54 57.58 6.13
C THR E 325 22.43 56.52 6.07
N GLU E 326 21.16 56.96 6.02
CA GLU E 326 19.99 56.11 5.95
C GLU E 326 20.04 55.26 4.64
N VAL E 327 20.38 55.91 3.51
CA VAL E 327 20.50 55.27 2.20
C VAL E 327 21.63 54.22 2.15
N THR E 328 22.75 54.51 2.76
CA THR E 328 23.88 53.60 2.82
C THR E 328 23.56 52.41 3.75
N ALA E 329 22.85 52.68 4.87
CA ALA E 329 22.50 51.64 5.83
C ALA E 329 21.66 50.54 5.18
N ILE E 330 20.62 50.92 4.41
CA ILE E 330 19.77 49.91 3.77
C ILE E 330 20.51 49.15 2.66
N GLY E 331 21.35 49.85 1.90
CA GLY E 331 22.16 49.24 0.86
C GLY E 331 23.13 48.23 1.44
N ALA E 332 23.74 48.56 2.61
CA ALA E 332 24.68 47.68 3.30
C ALA E 332 23.99 46.44 3.85
N VAL E 333 22.79 46.58 4.43
CA VAL E 333 22.07 45.44 4.99
C VAL E 333 21.60 44.50 3.86
N GLU E 334 21.19 45.08 2.73
CA GLU E 334 20.79 44.31 1.56
C GLU E 334 21.99 43.51 1.03
N ALA E 335 23.17 44.15 0.95
CA ALA E 335 24.39 43.53 0.46
C ALA E 335 24.84 42.40 1.41
N ALA E 336 24.69 42.61 2.73
CA ALA E 336 25.04 41.63 3.74
C ALA E 336 24.19 40.36 3.61
N PHE E 337 22.88 40.53 3.34
CA PHE E 337 22.00 39.37 3.17
C PHE E 337 22.31 38.63 1.86
N LYS E 338 22.67 39.36 0.81
CA LYS E 338 22.99 38.78 -0.48
C LYS E 338 24.18 37.81 -0.45
N CYS E 339 25.21 38.12 0.33
CA CYS E 339 26.40 37.28 0.38
C CYS E 339 26.57 36.49 1.68
N CYS E 340 25.61 36.60 2.61
CA CYS E 340 25.73 35.99 3.92
C CYS E 340 26.99 36.50 4.62
N ALA E 341 27.13 37.84 4.62
CA ALA E 341 28.25 38.53 5.22
C ALA E 341 28.36 38.19 6.69
N ALA E 342 29.57 37.91 7.17
CA ALA E 342 29.79 37.57 8.57
C ALA E 342 29.53 38.77 9.48
N ALA E 343 29.83 39.98 8.99
CA ALA E 343 29.69 41.20 9.77
C ALA E 343 29.59 42.43 8.87
N ILE E 344 29.13 43.55 9.44
CA ILE E 344 29.09 44.85 8.81
C ILE E 344 29.96 45.69 9.73
N ILE E 345 31.12 46.16 9.24
CA ILE E 345 32.00 46.98 10.06
C ILE E 345 31.70 48.44 9.76
N VAL E 346 31.31 49.20 10.79
CA VAL E 346 30.95 50.60 10.61
C VAL E 346 31.76 51.55 11.53
N LEU E 347 32.19 52.69 10.98
CA LEU E 347 32.91 53.69 11.74
C LEU E 347 31.84 54.69 12.21
N THR E 348 31.76 54.96 13.52
CA THR E 348 30.75 55.86 14.05
C THR E 348 31.28 56.73 15.19
N THR E 349 30.83 57.99 15.25
CA THR E 349 31.26 58.92 16.28
C THR E 349 30.22 58.95 17.41
N THR E 350 28.95 59.09 17.04
CA THR E 350 27.82 59.17 17.96
C THR E 350 27.08 57.84 18.15
N GLY E 351 27.35 56.86 17.28
CA GLY E 351 26.66 55.57 17.28
C GLY E 351 25.50 55.53 16.29
N ARG E 352 25.15 56.68 15.66
CA ARG E 352 24.03 56.79 14.74
C ARG E 352 24.13 55.88 13.50
N SER E 353 25.28 55.82 12.81
CA SER E 353 25.44 54.94 11.65
C SER E 353 25.19 53.48 12.01
N ALA E 354 25.61 53.07 13.20
CA ALA E 354 25.40 51.71 13.66
C ALA E 354 23.89 51.50 13.97
N GLN E 355 23.23 52.50 14.55
CA GLN E 355 21.82 52.42 14.88
C GLN E 355 20.97 52.29 13.60
N LEU E 356 21.32 53.04 12.53
CA LEU E 356 20.60 52.95 11.26
C LEU E 356 20.80 51.61 10.56
N LEU E 357 21.93 50.93 10.79
CA LEU E 357 22.15 49.61 10.22
C LEU E 357 21.28 48.59 11.01
N SER E 358 21.31 48.70 12.35
CA SER E 358 20.61 47.80 13.27
CA SER E 358 20.61 47.80 13.27
C SER E 358 19.09 47.83 13.11
N ARG E 359 18.49 48.98 12.72
CA ARG E 359 17.04 49.07 12.54
C ARG E 359 16.50 48.13 11.45
N TYR E 360 17.34 47.77 10.46
CA TYR E 360 16.96 46.84 9.41
C TYR E 360 17.17 45.37 9.80
N ARG E 361 17.51 45.12 11.08
CA ARG E 361 17.73 43.81 11.69
C ARG E 361 18.53 42.85 10.83
N PRO E 362 19.77 43.20 10.47
CA PRO E 362 20.57 42.26 9.69
C PRO E 362 20.94 41.02 10.51
N ARG E 363 21.19 39.91 9.82
CA ARG E 363 21.70 38.71 10.47
C ARG E 363 23.21 38.90 10.76
N ALA E 364 23.92 39.70 9.92
CA ALA E 364 25.32 40.03 10.10
C ALA E 364 25.51 40.93 11.32
N ALA E 365 26.58 40.69 12.10
CA ALA E 365 26.89 41.48 13.28
C ALA E 365 27.33 42.87 12.85
N VAL E 366 26.85 43.91 13.53
CA VAL E 366 27.26 45.27 13.21
C VAL E 366 28.40 45.64 14.14
N ILE E 367 29.64 45.51 13.67
CA ILE E 367 30.82 45.84 14.47
C ILE E 367 31.07 47.34 14.36
N ALA E 368 30.76 48.10 15.42
CA ALA E 368 30.90 49.55 15.41
C ALA E 368 32.23 49.99 16.04
N VAL E 369 33.11 50.59 15.22
CA VAL E 369 34.42 51.09 15.66
C VAL E 369 34.30 52.59 15.98
N THR E 370 34.52 52.95 17.25
CA THR E 370 34.37 54.33 17.69
C THR E 370 35.51 54.76 18.62
N ARG E 371 35.80 56.06 18.59
CA ARG E 371 36.76 56.63 19.54
C ARG E 371 36.03 57.13 20.81
N SER E 372 34.69 57.33 20.75
CA SER E 372 33.88 57.81 21.87
C SER E 372 33.57 56.68 22.83
N ALA E 373 34.12 56.74 24.05
CA ALA E 373 33.87 55.70 25.06
C ALA E 373 32.40 55.67 25.46
N GLN E 374 31.75 56.85 25.51
CA GLN E 374 30.33 56.91 25.84
C GLN E 374 29.48 56.29 24.72
N ALA E 375 29.77 56.59 23.43
CA ALA E 375 29.02 56.02 22.32
C ALA E 375 29.20 54.50 22.31
N ALA E 376 30.40 54.01 22.61
CA ALA E 376 30.67 52.58 22.68
C ALA E 376 29.80 51.89 23.76
N ARG E 377 29.57 52.57 24.89
CA ARG E 377 28.72 52.02 25.94
C ARG E 377 27.27 52.11 25.56
N GLN E 378 26.83 53.23 24.99
CA GLN E 378 25.44 53.45 24.62
C GLN E 378 24.91 52.63 23.43
N VAL E 379 25.79 52.17 22.50
CA VAL E 379 25.28 51.38 21.36
C VAL E 379 24.81 49.97 21.77
N HIS E 380 25.04 49.57 23.03
CA HIS E 380 24.51 48.31 23.56
C HIS E 380 22.97 48.36 23.56
N LEU E 381 22.36 49.56 23.56
CA LEU E 381 20.93 49.72 23.50
C LEU E 381 20.35 49.22 22.17
N CYS E 382 21.17 49.16 21.10
CA CYS E 382 20.78 48.73 19.75
C CYS E 382 21.14 47.28 19.49
N ARG E 383 20.15 46.46 19.12
CA ARG E 383 20.36 45.06 18.85
C ARG E 383 21.33 44.80 17.70
N GLY E 384 22.29 43.93 17.95
CA GLY E 384 23.24 43.52 16.94
C GLY E 384 24.43 44.44 16.74
N VAL E 385 24.58 45.46 17.59
CA VAL E 385 25.72 46.36 17.51
C VAL E 385 26.77 45.94 18.55
N PHE E 386 27.97 45.62 18.07
CA PHE E 386 29.10 45.16 18.87
C PHE E 386 30.15 46.28 18.91
N PRO E 387 30.17 47.04 20.02
CA PRO E 387 31.09 48.20 20.09
C PRO E 387 32.55 47.87 20.33
N LEU E 388 33.42 48.53 19.57
CA LEU E 388 34.86 48.43 19.72
C LEU E 388 35.38 49.82 20.01
N LEU E 389 36.09 49.98 21.15
CA LEU E 389 36.65 51.28 21.50
C LEU E 389 38.08 51.39 20.96
N TYR E 390 38.28 52.32 20.01
CA TYR E 390 39.55 52.61 19.36
C TYR E 390 40.30 53.66 20.21
N ARG E 391 41.48 53.29 20.72
CA ARG E 391 42.25 54.15 21.61
C ARG E 391 43.44 54.85 20.93
N GLU E 392 43.79 54.46 19.69
CA GLU E 392 44.91 55.06 18.99
C GLU E 392 44.72 56.52 18.62
N PRO E 393 45.79 57.33 18.72
CA PRO E 393 45.67 58.73 18.29
C PRO E 393 45.61 58.82 16.75
N PRO E 394 44.97 59.87 16.24
CA PRO E 394 44.80 59.99 14.78
C PRO E 394 46.06 60.02 13.94
N GLU E 395 46.03 59.32 12.79
CA GLU E 395 47.07 59.31 11.78
C GLU E 395 47.11 60.68 11.06
N ALA E 396 48.24 60.99 10.39
CA ALA E 396 48.37 62.25 9.67
C ALA E 396 47.42 62.30 8.48
N ILE E 397 47.35 61.21 7.70
CA ILE E 397 46.43 61.15 6.57
C ILE E 397 45.11 60.51 7.03
N TRP E 398 43.99 61.25 6.96
CA TRP E 398 42.68 60.77 7.41
C TRP E 398 42.27 59.46 6.73
N ALA E 399 42.56 59.33 5.43
CA ALA E 399 42.30 58.11 4.67
C ALA E 399 42.98 56.88 5.34
N ASP E 400 44.21 57.03 5.81
CA ASP E 400 44.96 55.95 6.45
C ASP E 400 44.43 55.65 7.86
N ASP E 401 43.89 56.67 8.55
CA ASP E 401 43.32 56.54 9.89
C ASP E 401 42.03 55.70 9.80
N VAL E 402 41.20 55.99 8.78
CA VAL E 402 39.97 55.24 8.48
C VAL E 402 40.33 53.76 8.25
N ASP E 403 41.32 53.47 7.38
CA ASP E 403 41.75 52.09 7.10
C ASP E 403 42.28 51.37 8.31
N ARG E 404 42.94 52.10 9.21
CA ARG E 404 43.45 51.51 10.44
C ARG E 404 42.29 51.11 11.34
N ARG E 405 41.24 51.95 11.40
CA ARG E 405 40.05 51.69 12.20
C ARG E 405 39.21 50.51 11.65
N VAL E 406 39.28 50.27 10.31
CA VAL E 406 38.62 49.15 9.64
C VAL E 406 39.40 47.87 9.95
N GLN E 407 40.75 47.93 9.86
CA GLN E 407 41.62 46.79 10.18
C GLN E 407 41.56 46.38 11.65
N PHE E 408 41.36 47.35 12.54
CA PHE E 408 41.19 47.08 13.96
C PHE E 408 39.89 46.28 14.17
N GLY E 409 38.83 46.63 13.43
CA GLY E 409 37.54 45.95 13.44
C GLY E 409 37.67 44.53 12.93
N ILE E 410 38.46 44.32 11.87
CA ILE E 410 38.71 42.99 11.31
C ILE E 410 39.52 42.13 12.28
N GLU E 411 40.57 42.71 12.89
CA GLU E 411 41.39 41.98 13.83
C GLU E 411 40.64 41.63 15.10
N SER E 412 39.83 42.55 15.64
CA SER E 412 39.03 42.28 16.85
C SER E 412 37.99 41.20 16.54
N GLY E 413 37.37 41.26 15.38
CA GLY E 413 36.36 40.29 14.96
C GLY E 413 36.98 38.92 14.81
N LYS E 414 38.19 38.85 14.23
CA LYS E 414 38.88 37.57 14.05
C LYS E 414 39.20 36.97 15.42
N LEU E 415 39.72 37.79 16.33
CA LEU E 415 40.10 37.39 17.67
C LEU E 415 38.89 36.89 18.43
N ARG E 416 37.74 37.55 18.29
CA ARG E 416 36.53 37.19 19.02
C ARG E 416 35.67 36.10 18.37
N GLY E 417 36.05 35.64 17.19
CA GLY E 417 35.30 34.58 16.52
C GLY E 417 34.21 35.03 15.57
N PHE E 418 34.03 36.35 15.39
CA PHE E 418 33.05 36.88 14.45
C PHE E 418 33.46 36.61 13.00
N LEU E 419 34.77 36.68 12.72
CA LEU E 419 35.27 36.56 11.36
C LEU E 419 36.31 35.49 11.22
N ARG E 420 36.40 34.95 10.01
CA ARG E 420 37.40 33.98 9.63
C ARG E 420 37.87 34.35 8.22
N VAL E 421 39.02 33.81 7.81
CA VAL E 421 39.55 34.08 6.48
C VAL E 421 38.62 33.47 5.44
N GLY E 422 38.35 34.24 4.39
CA GLY E 422 37.45 33.78 3.33
C GLY E 422 36.04 34.32 3.45
N ASP E 423 35.67 34.85 4.64
CA ASP E 423 34.36 35.45 4.88
C ASP E 423 34.26 36.80 4.19
N LEU E 424 33.05 37.21 3.78
CA LEU E 424 32.84 38.52 3.19
C LEU E 424 32.32 39.46 4.28
N VAL E 425 32.75 40.71 4.24
CA VAL E 425 32.27 41.71 5.18
C VAL E 425 31.82 42.94 4.40
N ILE E 426 30.90 43.69 4.97
CA ILE E 426 30.45 44.93 4.39
C ILE E 426 31.05 46.03 5.25
N VAL E 427 31.75 46.99 4.65
CA VAL E 427 32.38 48.07 5.41
C VAL E 427 31.66 49.38 5.11
N VAL E 428 31.15 50.04 6.17
CA VAL E 428 30.42 51.30 6.05
C VAL E 428 31.23 52.47 6.65
N THR E 429 31.60 53.45 5.79
CA THR E 429 32.40 54.63 6.14
C THR E 429 31.76 55.94 5.53
N GLY E 430 32.41 57.08 5.74
CA GLY E 430 31.98 58.37 5.21
C GLY E 430 33.03 59.04 4.36
N TRP E 431 32.68 60.15 3.70
CA TRP E 431 33.58 60.85 2.77
C TRP E 431 34.49 61.93 3.41
N ARG E 432 34.16 62.36 4.63
CA ARG E 432 34.92 63.36 5.35
C ARG E 432 34.79 63.12 6.86
N PRO E 433 35.74 63.63 7.67
CA PRO E 433 35.64 63.41 9.13
C PRO E 433 34.44 64.11 9.77
N GLY E 434 34.10 63.68 10.97
CA GLY E 434 32.98 64.24 11.70
C GLY E 434 31.74 63.41 11.50
N SER E 435 30.83 63.54 12.44
CA SER E 435 29.56 62.85 12.43
C SER E 435 28.65 63.37 11.33
N GLY E 436 27.83 62.47 10.78
CA GLY E 436 26.80 62.79 9.79
C GLY E 436 27.16 62.64 8.33
N TYR E 437 28.36 62.12 8.00
CA TYR E 437 28.79 62.02 6.60
C TYR E 437 28.97 60.62 6.07
N THR E 438 28.38 59.59 6.72
CA THR E 438 28.46 58.21 6.22
C THR E 438 27.78 58.14 4.84
N ASN E 439 28.45 57.57 3.84
CA ASN E 439 27.91 57.47 2.49
C ASN E 439 28.57 56.37 1.63
N ILE E 440 29.47 55.56 2.21
CA ILE E 440 30.19 54.55 1.45
C ILE E 440 29.98 53.14 2.00
N MET E 441 29.80 52.19 1.08
CA MET E 441 29.67 50.78 1.42
CA MET E 441 29.62 50.77 1.39
C MET E 441 30.59 49.96 0.52
N ARG E 442 31.40 49.08 1.14
CA ARG E 442 32.37 48.27 0.40
C ARG E 442 32.24 46.80 0.72
N VAL E 443 32.39 45.95 -0.31
CA VAL E 443 32.34 44.50 -0.08
C VAL E 443 33.79 44.00 -0.06
N LEU E 444 34.20 43.47 1.10
CA LEU E 444 35.58 43.08 1.36
C LEU E 444 35.74 41.62 1.71
N SER E 445 36.78 40.97 1.19
CA SER E 445 37.04 39.57 1.51
CA SER E 445 37.05 39.57 1.49
C SER E 445 38.07 39.50 2.64
N ILE E 446 37.79 38.73 3.69
CA ILE E 446 38.71 38.62 4.81
C ILE E 446 39.94 37.79 4.45
N SER E 447 41.12 38.41 4.57
CA SER E 447 42.40 37.77 4.27
C SER E 447 43.20 37.53 5.57
N ALA F 13 2.79 57.71 4.67
CA ALA F 13 3.69 57.93 5.82
C ALA F 13 5.15 57.53 5.51
N ASP F 14 5.34 56.55 4.61
CA ASP F 14 6.69 56.15 4.16
C ASP F 14 7.20 57.07 3.01
N VAL F 15 6.42 58.08 2.62
CA VAL F 15 6.74 59.05 1.59
C VAL F 15 6.51 60.49 2.09
N ALA F 16 5.89 60.71 3.28
CA ALA F 16 5.52 62.03 3.81
C ALA F 16 6.67 63.06 3.83
N GLN F 17 7.87 62.66 4.29
CA GLN F 17 9.00 63.58 4.33
C GLN F 17 9.52 63.86 2.92
N LEU F 18 9.72 62.81 2.11
CA LEU F 18 10.15 63.01 0.74
C LEU F 18 9.14 63.77 -0.13
N THR F 19 7.87 63.79 0.30
CA THR F 19 6.78 64.50 -0.37
C THR F 19 6.89 65.97 0.00
N GLN F 20 7.19 66.28 1.27
CA GLN F 20 7.39 67.67 1.68
C GLN F 20 8.61 68.26 0.96
N GLU F 21 9.68 67.47 0.86
CA GLU F 21 10.93 67.87 0.22
C GLU F 21 10.83 67.98 -1.28
N LEU F 22 10.42 66.90 -1.97
CA LEU F 22 10.36 66.88 -3.44
C LEU F 22 9.10 67.48 -4.03
N GLY F 23 8.07 67.66 -3.21
CA GLY F 23 6.83 68.26 -3.67
C GLY F 23 5.80 67.29 -4.19
N THR F 24 4.53 67.70 -4.16
CA THR F 24 3.44 66.86 -4.62
C THR F 24 3.55 66.60 -6.11
N ALA F 25 4.00 67.58 -6.90
CA ALA F 25 4.10 67.39 -8.34
C ALA F 25 5.02 66.25 -8.72
N PHE F 26 6.14 66.08 -8.00
CA PHE F 26 7.11 65.02 -8.26
C PHE F 26 6.43 63.64 -8.15
N PHE F 27 5.62 63.46 -7.10
CA PHE F 27 4.95 62.21 -6.80
C PHE F 27 3.70 61.94 -7.66
N GLN F 28 3.26 62.90 -8.51
CA GLN F 28 2.18 62.65 -9.45
C GLN F 28 2.73 62.13 -10.81
N GLN F 29 3.98 62.46 -11.15
CA GLN F 29 4.61 62.04 -12.40
C GLN F 29 5.14 60.60 -12.36
N GLN F 30 5.55 60.07 -13.53
CA GLN F 30 6.12 58.75 -13.81
C GLN F 30 5.43 57.56 -13.10
N GLN F 31 4.09 57.60 -13.03
CA GLN F 31 3.22 56.61 -12.40
C GLN F 31 3.64 56.30 -10.96
N LEU F 32 4.10 57.32 -10.22
CA LEU F 32 4.50 57.13 -8.83
C LEU F 32 3.32 56.75 -7.94
N PRO F 33 2.06 57.26 -8.09
CA PRO F 33 0.98 56.77 -7.24
C PRO F 33 0.74 55.27 -7.46
N ALA F 34 0.80 54.80 -8.72
CA ALA F 34 0.62 53.40 -9.07
C ALA F 34 1.78 52.53 -8.57
N ALA F 35 2.99 53.11 -8.46
CA ALA F 35 4.17 52.40 -7.95
C ALA F 35 4.10 52.18 -6.43
N MET F 36 3.43 53.07 -5.70
CA MET F 36 3.30 52.96 -4.24
C MET F 36 2.25 51.93 -3.80
N ALA F 37 1.43 51.39 -4.74
CA ALA F 37 0.35 50.45 -4.46
C ALA F 37 0.79 49.17 -3.77
N ASP F 38 -0.05 48.66 -2.87
CA ASP F 38 0.27 47.45 -2.11
C ASP F 38 -0.09 46.16 -2.83
N THR F 39 -0.93 46.22 -3.87
CA THR F 39 -1.30 45.05 -4.68
C THR F 39 -1.20 45.43 -6.14
N PHE F 40 -1.07 44.42 -7.01
CA PHE F 40 -1.03 44.61 -8.46
C PHE F 40 -2.38 45.17 -8.97
N LEU F 41 -3.50 44.75 -8.37
CA LEU F 41 -4.81 45.23 -8.74
C LEU F 41 -4.91 46.73 -8.45
N GLU F 42 -4.45 47.18 -7.27
CA GLU F 42 -4.45 48.59 -6.89
C GLU F 42 -3.54 49.37 -7.83
N HIS F 43 -2.38 48.76 -8.23
CA HIS F 43 -1.42 49.32 -9.16
C HIS F 43 -2.11 49.60 -10.49
N LEU F 44 -2.85 48.63 -11.07
CA LEU F 44 -3.58 48.86 -12.32
C LEU F 44 -4.60 50.01 -12.16
N CYS F 45 -5.37 49.99 -11.06
CA CYS F 45 -6.37 51.01 -10.73
C CYS F 45 -5.80 52.41 -10.64
N LEU F 46 -4.55 52.53 -10.21
CA LEU F 46 -3.89 53.83 -10.06
C LEU F 46 -3.15 54.31 -11.28
N LEU F 47 -3.10 53.55 -12.39
CA LEU F 47 -2.44 54.01 -13.61
C LEU F 47 -3.15 55.28 -14.15
N ASP F 48 -2.40 56.30 -14.51
CA ASP F 48 -2.96 57.60 -14.86
C ASP F 48 -2.43 58.10 -16.21
N ILE F 49 -3.33 58.45 -17.13
CA ILE F 49 -2.94 58.99 -18.42
C ILE F 49 -2.35 60.42 -18.32
N ASP F 50 -2.62 61.12 -17.20
CA ASP F 50 -2.09 62.45 -16.93
C ASP F 50 -0.76 62.41 -16.17
N SER F 51 -0.29 61.21 -15.77
CA SER F 51 0.99 61.07 -15.10
C SER F 51 2.07 60.97 -16.17
N GLU F 52 2.79 62.07 -16.43
CA GLU F 52 3.80 62.08 -17.49
C GLU F 52 5.11 61.38 -17.16
N PRO F 53 5.63 60.58 -18.12
CA PRO F 53 6.92 59.90 -17.87
C PRO F 53 8.04 60.96 -17.79
N VAL F 54 8.99 60.77 -16.86
CA VAL F 54 10.07 61.74 -16.68
C VAL F 54 11.41 61.10 -17.01
N ALA F 55 11.60 59.81 -16.68
CA ALA F 55 12.86 59.13 -16.94
C ALA F 55 13.15 58.98 -18.44
N ALA F 56 14.44 58.83 -18.79
CA ALA F 56 14.87 58.56 -20.17
C ALA F 56 14.39 57.16 -20.55
N ARG F 57 14.09 56.94 -21.82
CA ARG F 57 13.59 55.66 -22.30
C ARG F 57 14.66 54.61 -22.19
N SER F 58 14.37 53.53 -21.46
CA SER F 58 15.35 52.51 -21.16
C SER F 58 15.33 51.23 -22.06
N THR F 59 14.23 50.88 -22.73
CA THR F 59 14.18 49.70 -23.60
C THR F 59 14.76 50.13 -24.93
N SER F 60 15.80 49.45 -25.42
CA SER F 60 16.44 49.84 -26.68
C SER F 60 15.63 49.50 -27.89
N ILE F 61 15.81 50.29 -28.94
CA ILE F 61 15.12 50.10 -30.18
C ILE F 61 16.09 49.57 -31.23
N ILE F 62 15.76 48.42 -31.81
CA ILE F 62 16.55 47.86 -32.90
C ILE F 62 15.83 48.20 -34.19
N ALA F 63 16.51 48.87 -35.14
CA ALA F 63 15.88 49.20 -36.41
C ALA F 63 16.54 48.44 -37.52
N THR F 64 15.74 47.76 -38.36
CA THR F 64 16.28 47.03 -39.50
C THR F 64 16.60 48.02 -40.61
N ILE F 65 17.82 47.92 -41.15
CA ILE F 65 18.28 48.81 -42.22
C ILE F 65 17.91 48.24 -43.57
N GLY F 66 17.34 49.08 -44.42
CA GLY F 66 16.97 48.71 -45.78
C GLY F 66 16.89 49.91 -46.69
N PRO F 67 16.23 49.77 -47.87
CA PRO F 67 16.11 50.92 -48.78
C PRO F 67 15.54 52.19 -48.15
N ALA F 68 14.57 52.05 -47.22
CA ALA F 68 13.93 53.19 -46.55
C ALA F 68 14.76 53.87 -45.47
N SER F 69 15.86 53.22 -45.04
CA SER F 69 16.66 53.76 -43.94
C SER F 69 18.17 53.66 -44.18
N ARG F 70 18.60 53.66 -45.45
CA ARG F 70 20.02 53.49 -45.77
C ARG F 70 20.82 54.75 -45.95
N SER F 71 20.22 55.85 -46.43
CA SER F 71 20.99 57.08 -46.61
C SER F 71 21.51 57.61 -45.25
N VAL F 72 22.66 58.29 -45.28
CA VAL F 72 23.31 58.86 -44.11
C VAL F 72 22.42 59.92 -43.43
N GLU F 73 21.70 60.72 -44.23
CA GLU F 73 20.81 61.74 -43.71
C GLU F 73 19.61 61.14 -42.99
N ARG F 74 19.08 60.04 -43.54
CA ARG F 74 17.94 59.33 -42.96
C ARG F 74 18.35 58.63 -41.65
N LEU F 75 19.55 58.08 -41.60
CA LEU F 75 20.08 57.44 -40.41
C LEU F 75 20.33 58.45 -39.26
N LYS F 76 20.68 59.70 -39.59
CA LYS F 76 20.87 60.73 -38.55
C LYS F 76 19.54 61.05 -37.89
N GLU F 77 18.44 61.06 -38.69
CA GLU F 77 17.09 61.30 -38.19
CA GLU F 77 17.12 61.30 -38.14
C GLU F 77 16.68 60.14 -37.26
N MET F 78 17.02 58.90 -37.64
CA MET F 78 16.69 57.71 -36.87
CA MET F 78 16.69 57.71 -36.87
C MET F 78 17.48 57.62 -35.57
N ILE F 79 18.73 58.11 -35.58
CA ILE F 79 19.54 58.13 -34.37
C ILE F 79 18.90 59.14 -33.40
N LYS F 80 18.51 60.31 -33.92
CA LYS F 80 17.86 61.37 -33.15
C LYS F 80 16.51 60.92 -32.59
N ALA F 81 15.77 60.07 -33.36
CA ALA F 81 14.49 59.52 -32.96
C ALA F 81 14.58 58.46 -31.85
N GLY F 82 15.74 57.81 -31.71
CA GLY F 82 15.93 56.80 -30.68
C GLY F 82 16.52 55.45 -31.07
N MET F 83 16.88 55.23 -32.35
CA MET F 83 17.49 53.96 -32.75
C MET F 83 18.81 53.70 -31.99
N ASN F 84 18.93 52.55 -31.31
CA ASN F 84 20.12 52.22 -30.55
C ASN F 84 20.95 51.15 -31.21
N ILE F 85 20.30 50.24 -31.97
CA ILE F 85 20.95 49.12 -32.66
C ILE F 85 20.45 49.08 -34.11
N ALA F 86 21.36 49.01 -35.10
CA ALA F 86 20.97 48.87 -36.50
C ALA F 86 21.09 47.39 -36.80
N ARG F 87 20.06 46.81 -37.44
CA ARG F 87 20.03 45.39 -37.80
C ARG F 87 20.19 45.22 -39.30
N LEU F 88 21.14 44.38 -39.70
CA LEU F 88 21.39 44.08 -41.10
C LEU F 88 20.86 42.68 -41.37
N ASN F 89 19.77 42.58 -42.14
CA ASN F 89 19.16 41.29 -42.41
C ASN F 89 19.90 40.61 -43.55
N PHE F 90 20.72 39.58 -43.22
CA PHE F 90 21.49 38.88 -44.24
C PHE F 90 20.68 37.88 -45.07
N SER F 91 19.35 37.87 -44.93
CA SER F 91 18.48 37.07 -45.79
C SER F 91 18.36 37.73 -47.19
N HIS F 92 18.62 39.04 -47.29
CA HIS F 92 18.56 39.80 -48.52
C HIS F 92 19.84 40.65 -48.64
N GLY F 93 20.19 41.05 -49.86
CA GLY F 93 21.35 41.88 -50.10
C GLY F 93 22.67 41.14 -50.15
N SER F 94 23.63 41.73 -50.86
CA SER F 94 24.96 41.17 -51.02
C SER F 94 25.91 41.71 -49.94
N HIS F 95 27.13 41.16 -49.84
CA HIS F 95 28.13 41.65 -48.91
C HIS F 95 28.48 43.12 -49.21
N GLU F 96 28.49 43.50 -50.50
CA GLU F 96 28.76 44.87 -50.95
C GLU F 96 27.70 45.83 -50.42
N TYR F 97 26.43 45.39 -50.46
CA TYR F 97 25.27 46.13 -49.99
C TYR F 97 25.36 46.37 -48.49
N HIS F 98 25.64 45.31 -47.72
CA HIS F 98 25.72 45.39 -46.27
C HIS F 98 26.94 46.19 -45.79
N ALA F 99 28.07 46.13 -46.52
CA ALA F 99 29.24 46.92 -46.17
C ALA F 99 28.93 48.43 -46.33
N GLU F 100 28.13 48.77 -47.34
CA GLU F 100 27.72 50.14 -47.58
C GLU F 100 26.75 50.59 -46.49
N SER F 101 25.85 49.71 -46.03
CA SER F 101 24.91 50.00 -44.94
C SER F 101 25.70 50.32 -43.67
N ILE F 102 26.70 49.46 -43.34
CA ILE F 102 27.58 49.63 -42.18
C ILE F 102 28.30 50.97 -42.24
N ALA F 103 28.87 51.31 -43.40
CA ALA F 103 29.58 52.56 -43.58
C ALA F 103 28.67 53.76 -43.41
N ASN F 104 27.43 53.69 -43.93
CA ASN F 104 26.45 54.77 -43.80
C ASN F 104 26.00 54.95 -42.36
N VAL F 105 25.86 53.84 -41.62
CA VAL F 105 25.50 53.87 -40.21
C VAL F 105 26.63 54.54 -39.44
N ARG F 106 27.87 54.07 -39.64
CA ARG F 106 29.06 54.64 -38.99
C ARG F 106 29.27 56.14 -39.29
N GLU F 107 28.99 56.56 -40.51
CA GLU F 107 29.12 57.96 -40.90
C GLU F 107 28.08 58.83 -40.15
N ALA F 108 26.81 58.37 -40.10
CA ALA F 108 25.75 59.08 -39.37
C ALA F 108 26.03 59.09 -37.84
N VAL F 109 26.56 57.99 -37.29
CA VAL F 109 26.90 57.91 -35.87
C VAL F 109 28.02 58.87 -35.51
N GLU F 110 29.11 58.88 -36.32
CA GLU F 110 30.24 59.74 -36.06
C GLU F 110 29.99 61.21 -36.34
N SER F 111 28.91 61.55 -37.06
CA SER F 111 28.55 62.95 -37.28
C SER F 111 28.18 63.68 -35.95
N PHE F 112 27.91 62.92 -34.88
CA PHE F 112 27.60 63.46 -33.56
C PHE F 112 28.78 63.38 -32.57
N ALA F 113 29.97 62.90 -33.02
CA ALA F 113 31.14 62.73 -32.16
C ALA F 113 31.83 64.02 -31.69
N GLY F 114 31.31 65.18 -32.10
CA GLY F 114 31.87 66.46 -31.67
C GLY F 114 31.84 66.65 -30.16
N SER F 115 30.67 66.49 -29.56
CA SER F 115 30.56 66.59 -28.11
C SER F 115 30.41 65.18 -27.59
N PRO F 116 31.48 64.58 -27.03
CA PRO F 116 31.32 63.23 -26.45
C PRO F 116 30.24 63.18 -25.33
N LEU F 117 29.75 64.34 -24.87
CA LEU F 117 28.66 64.41 -23.91
C LEU F 117 27.29 64.61 -24.63
N SER F 118 27.16 64.14 -25.90
CA SER F 118 25.94 64.19 -26.76
C SER F 118 26.07 63.35 -28.12
N TYR F 119 26.97 62.38 -28.07
CA TYR F 119 27.25 61.41 -29.09
C TYR F 119 26.43 60.19 -28.65
N ARG F 120 25.77 59.51 -29.61
CA ARG F 120 24.98 58.32 -29.27
C ARG F 120 25.67 57.08 -29.88
N PRO F 121 26.29 56.19 -29.07
CA PRO F 121 26.88 54.97 -29.65
C PRO F 121 25.77 54.05 -30.18
N VAL F 122 25.90 53.60 -31.42
CA VAL F 122 24.89 52.74 -32.02
C VAL F 122 25.52 51.40 -32.32
N ALA F 123 24.94 50.29 -31.82
CA ALA F 123 25.48 48.96 -32.10
C ALA F 123 25.08 48.48 -33.50
N ILE F 124 25.90 47.62 -34.12
CA ILE F 124 25.57 47.07 -35.44
C ILE F 124 25.40 45.58 -35.26
N ALA F 125 24.20 45.06 -35.62
CA ALA F 125 23.88 43.65 -35.46
C ALA F 125 23.68 42.96 -36.82
N LEU F 126 24.29 41.79 -36.99
CA LEU F 126 24.15 40.99 -38.22
C LEU F 126 23.12 39.91 -37.94
N ASP F 127 22.01 39.90 -38.69
CA ASP F 127 21.00 38.86 -38.53
C ASP F 127 21.28 37.81 -39.61
N THR F 128 21.66 36.59 -39.23
CA THR F 128 22.00 35.54 -40.19
C THR F 128 20.79 35.03 -40.99
N LYS F 129 21.05 34.47 -42.19
CA LYS F 129 20.01 33.93 -43.07
C LYS F 129 19.39 32.65 -42.47
N GLY F 130 20.19 31.84 -41.79
CA GLY F 130 19.70 30.62 -41.16
C GLY F 130 20.09 29.36 -41.89
N PRO F 131 19.78 28.20 -41.27
CA PRO F 131 20.17 26.92 -41.88
C PRO F 131 19.21 26.44 -42.98
N PRO F 135 20.20 21.20 -41.26
CA PRO F 135 20.64 20.51 -40.05
C PRO F 135 21.65 21.32 -39.22
N GLY F 136 22.68 21.86 -39.86
CA GLY F 136 23.70 22.64 -39.18
C GLY F 136 23.93 24.02 -39.78
N LEU F 137 25.10 24.60 -39.49
CA LEU F 137 25.46 25.93 -39.99
C LEU F 137 25.67 25.90 -41.49
N SER F 138 24.89 26.69 -42.23
CA SER F 138 24.98 26.74 -43.68
C SER F 138 26.29 27.38 -44.16
N GLU F 139 26.69 27.11 -45.43
CA GLU F 139 27.91 27.68 -45.99
C GLU F 139 27.80 29.19 -46.10
N GLN F 140 26.60 29.70 -46.46
CA GLN F 140 26.39 31.14 -46.56
C GLN F 140 26.54 31.79 -45.19
N ASP F 141 26.01 31.16 -44.14
CA ASP F 141 26.15 31.67 -42.78
C ASP F 141 27.60 31.75 -42.37
N VAL F 142 28.42 30.76 -42.72
CA VAL F 142 29.85 30.79 -42.39
C VAL F 142 30.53 31.99 -43.08
N ARG F 143 30.16 32.28 -44.32
CA ARG F 143 30.70 33.41 -45.07
C ARG F 143 30.23 34.76 -44.50
N ASP F 144 28.96 34.85 -44.12
CA ASP F 144 28.38 36.07 -43.59
C ASP F 144 28.91 36.36 -42.19
N LEU F 145 29.13 35.32 -41.38
CA LEU F 145 29.69 35.50 -40.04
C LEU F 145 31.13 35.98 -40.13
N ARG F 146 31.90 35.48 -41.12
CA ARG F 146 33.27 35.94 -41.36
C ARG F 146 33.27 37.42 -41.78
N PHE F 147 32.28 37.82 -42.60
CA PHE F 147 32.09 39.20 -43.03
C PHE F 147 31.84 40.11 -41.81
N GLY F 148 31.00 39.66 -40.88
CA GLY F 148 30.68 40.39 -39.67
C GLY F 148 31.90 40.65 -38.81
N VAL F 149 32.76 39.63 -38.67
CA VAL F 149 34.01 39.76 -37.91
C VAL F 149 34.93 40.77 -38.59
N GLU F 150 35.04 40.67 -39.92
CA GLU F 150 35.89 41.59 -40.70
C GLU F 150 35.39 43.02 -40.69
N HIS F 151 34.08 43.21 -40.59
CA HIS F 151 33.50 44.55 -40.55
C HIS F 151 33.19 45.07 -39.14
N GLY F 152 33.62 44.37 -38.11
CA GLY F 152 33.48 44.77 -36.72
C GLY F 152 32.07 44.89 -36.17
N VAL F 153 31.19 43.91 -36.51
CA VAL F 153 29.84 43.94 -35.97
C VAL F 153 29.89 43.65 -34.47
N ASP F 154 28.93 44.18 -33.72
CA ASP F 154 28.91 44.01 -32.26
C ASP F 154 28.05 42.80 -31.85
N ILE F 155 26.99 42.52 -32.60
CA ILE F 155 26.03 41.47 -32.25
C ILE F 155 25.69 40.61 -33.45
N VAL F 156 25.37 39.34 -33.18
CA VAL F 156 24.89 38.41 -34.18
C VAL F 156 23.53 37.90 -33.70
N PHE F 157 22.50 38.05 -34.52
CA PHE F 157 21.19 37.49 -34.22
C PHE F 157 21.19 36.19 -35.00
N ALA F 158 21.53 35.07 -34.34
CA ALA F 158 21.64 33.78 -35.01
C ALA F 158 20.27 33.18 -35.28
N SER F 159 19.91 33.06 -36.56
CA SER F 159 18.62 32.50 -36.97
C SER F 159 18.45 31.00 -36.69
N PHE F 160 17.19 30.59 -36.42
CA PHE F 160 16.73 29.23 -36.16
C PHE F 160 17.65 28.40 -35.25
N VAL F 161 17.97 28.92 -34.05
CA VAL F 161 18.76 28.18 -33.10
C VAL F 161 17.83 27.11 -32.49
N ARG F 162 18.24 25.85 -32.51
CA ARG F 162 17.44 24.74 -32.01
C ARG F 162 18.05 24.04 -30.81
N LYS F 163 19.36 24.16 -30.61
CA LYS F 163 20.06 23.48 -29.54
C LYS F 163 21.37 24.21 -29.20
N ALA F 164 22.01 23.85 -28.08
CA ALA F 164 23.26 24.48 -27.68
C ALA F 164 24.40 24.32 -28.72
N SER F 165 24.42 23.20 -29.47
CA SER F 165 25.45 22.98 -30.49
C SER F 165 25.37 23.97 -31.65
N ASP F 166 24.18 24.54 -31.91
CA ASP F 166 23.99 25.54 -32.95
C ASP F 166 24.72 26.84 -32.54
N VAL F 167 24.64 27.20 -31.26
CA VAL F 167 25.30 28.39 -30.72
C VAL F 167 26.82 28.19 -30.81
N ALA F 168 27.31 26.98 -30.46
CA ALA F 168 28.72 26.64 -30.52
C ALA F 168 29.24 26.75 -31.95
N ALA F 169 28.44 26.36 -32.94
CA ALA F 169 28.82 26.46 -34.35
C ALA F 169 28.97 27.92 -34.77
N VAL F 170 28.06 28.79 -34.30
CA VAL F 170 28.14 30.23 -34.61
C VAL F 170 29.39 30.84 -33.97
N ARG F 171 29.67 30.44 -32.71
CA ARG F 171 30.83 30.91 -31.96
CA ARG F 171 30.83 30.92 -31.96
C ARG F 171 32.12 30.49 -32.67
N ALA F 172 32.17 29.24 -33.17
CA ALA F 172 33.31 28.70 -33.91
C ALA F 172 33.53 29.45 -35.22
N ALA F 173 32.46 29.71 -36.01
CA ALA F 173 32.59 30.44 -37.28
C ALA F 173 33.03 31.90 -37.10
N LEU F 174 32.77 32.50 -35.91
CA LEU F 174 33.24 33.87 -35.60
C LEU F 174 34.78 33.89 -35.37
N GLY F 175 35.33 32.77 -34.93
CA GLY F 175 36.76 32.60 -34.76
C GLY F 175 37.34 33.33 -33.59
N PRO F 176 38.69 33.39 -33.56
CA PRO F 176 39.38 34.05 -32.44
C PRO F 176 39.19 35.57 -32.41
N GLU F 177 39.05 36.20 -33.59
CA GLU F 177 38.85 37.65 -33.66
C GLU F 177 37.42 38.11 -33.27
N GLY F 178 36.46 37.21 -33.39
CA GLY F 178 35.08 37.52 -33.04
C GLY F 178 34.67 36.99 -31.68
N HIS F 179 35.61 36.97 -30.72
CA HIS F 179 35.30 36.47 -29.38
C HIS F 179 34.48 37.48 -28.56
N GLY F 180 34.63 38.77 -28.86
CA GLY F 180 33.91 39.84 -28.18
C GLY F 180 32.51 40.10 -28.68
N ILE F 181 32.15 39.54 -29.86
CA ILE F 181 30.81 39.69 -30.45
C ILE F 181 29.77 38.95 -29.61
N LYS F 182 28.62 39.59 -29.36
CA LYS F 182 27.54 38.98 -28.57
C LYS F 182 26.63 38.11 -29.46
N ILE F 183 26.34 36.88 -29.02
CA ILE F 183 25.44 35.99 -29.78
C ILE F 183 24.05 35.96 -29.14
N ILE F 184 23.06 36.51 -29.88
CA ILE F 184 21.66 36.54 -29.45
C ILE F 184 20.95 35.45 -30.26
N SER F 185 20.60 34.34 -29.61
CA SER F 185 19.95 33.23 -30.31
C SER F 185 18.49 33.51 -30.63
N LYS F 186 18.09 33.35 -31.89
CA LYS F 186 16.69 33.53 -32.27
C LYS F 186 15.91 32.23 -32.07
N ILE F 187 14.84 32.28 -31.25
CA ILE F 187 14.00 31.11 -31.04
C ILE F 187 12.84 31.24 -32.02
N GLU F 188 12.83 30.38 -33.07
CA GLU F 188 11.84 30.49 -34.14
C GLU F 188 10.98 29.23 -34.37
N ASN F 189 11.15 28.18 -33.55
CA ASN F 189 10.37 26.94 -33.74
C ASN F 189 10.11 26.18 -32.42
N HIS F 190 9.35 25.09 -32.48
CA HIS F 190 9.04 24.28 -31.31
C HIS F 190 10.28 23.70 -30.62
N GLU F 191 11.28 23.23 -31.38
CA GLU F 191 12.48 22.66 -30.78
C GLU F 191 13.27 23.68 -29.98
N GLY F 192 13.38 24.90 -30.48
CA GLY F 192 14.07 25.98 -29.80
C GLY F 192 13.38 26.33 -28.50
N VAL F 193 12.02 26.32 -28.52
CA VAL F 193 11.23 26.60 -27.30
C VAL F 193 11.44 25.48 -26.28
N LYS F 194 11.43 24.22 -26.73
CA LYS F 194 11.62 23.09 -25.85
C LYS F 194 13.05 22.95 -25.29
N ARG F 195 14.08 23.29 -26.10
CA ARG F 195 15.48 23.22 -25.66
C ARG F 195 15.99 24.58 -25.15
N PHE F 196 15.09 25.53 -24.82
CA PHE F 196 15.39 26.89 -24.42
C PHE F 196 16.49 27.02 -23.34
N ASP F 197 16.37 26.26 -22.25
CA ASP F 197 17.32 26.36 -21.15
C ASP F 197 18.77 26.10 -21.54
N GLU F 198 18.99 25.07 -22.39
CA GLU F 198 20.35 24.77 -22.83
C GLU F 198 20.87 25.82 -23.82
N ILE F 199 19.98 26.46 -24.60
CA ILE F 199 20.35 27.49 -25.56
C ILE F 199 20.72 28.79 -24.80
N LEU F 200 19.88 29.22 -23.84
CA LEU F 200 20.14 30.42 -23.06
C LEU F 200 21.44 30.29 -22.26
N GLU F 201 21.72 29.11 -21.73
CA GLU F 201 22.92 28.86 -20.95
C GLU F 201 24.21 29.21 -21.71
N VAL F 202 24.24 28.91 -23.01
CA VAL F 202 25.42 29.16 -23.85
C VAL F 202 25.32 30.44 -24.71
N SER F 203 24.18 31.13 -24.70
CA SER F 203 24.02 32.35 -25.49
C SER F 203 24.19 33.60 -24.60
N ASP F 204 24.42 34.75 -25.25
CA ASP F 204 24.49 36.01 -24.53
C ASP F 204 23.10 36.60 -24.22
N GLY F 205 22.13 36.24 -25.05
CA GLY F 205 20.74 36.66 -24.94
C GLY F 205 19.87 35.93 -25.94
N ILE F 206 18.59 36.30 -25.99
CA ILE F 206 17.61 35.63 -26.85
C ILE F 206 16.77 36.64 -27.63
N MET F 207 16.29 36.24 -28.81
CA MET F 207 15.34 37.01 -29.57
C MET F 207 14.08 36.14 -29.75
N VAL F 208 12.91 36.69 -29.41
CA VAL F 208 11.63 36.01 -29.59
C VAL F 208 11.24 36.38 -31.01
N ALA F 209 11.58 35.50 -31.95
CA ALA F 209 11.39 35.71 -33.38
C ALA F 209 10.00 35.22 -33.69
N ARG F 210 9.01 36.10 -33.43
CA ARG F 210 7.58 35.80 -33.52
C ARG F 210 7.07 35.47 -34.91
N GLY F 211 7.68 36.00 -35.97
CA GLY F 211 7.25 35.71 -37.33
C GLY F 211 7.31 34.24 -37.68
N ASP F 212 8.49 33.63 -37.62
CA ASP F 212 8.63 32.20 -37.89
C ASP F 212 8.01 31.37 -36.79
N LEU F 213 8.14 31.79 -35.53
CA LEU F 213 7.55 31.07 -34.39
C LEU F 213 6.02 30.95 -34.54
N GLY F 214 5.38 31.97 -35.08
CA GLY F 214 3.94 31.99 -35.32
C GLY F 214 3.47 31.09 -36.45
N ILE F 215 4.40 30.61 -37.28
CA ILE F 215 4.14 29.67 -38.37
C ILE F 215 4.47 28.24 -37.91
N GLU F 216 5.52 28.07 -37.12
CA GLU F 216 6.00 26.78 -36.61
C GLU F 216 5.11 26.22 -35.52
N ILE F 217 4.59 27.10 -34.65
CA ILE F 217 3.67 26.73 -33.57
C ILE F 217 2.32 27.48 -33.80
N PRO F 218 1.19 27.03 -33.22
CA PRO F 218 -0.08 27.75 -33.41
C PRO F 218 0.03 29.22 -33.05
N ALA F 219 -0.56 30.09 -33.86
CA ALA F 219 -0.49 31.53 -33.63
C ALA F 219 -0.97 31.95 -32.23
N GLU F 220 -1.97 31.25 -31.69
CA GLU F 220 -2.53 31.56 -30.37
C GLU F 220 -1.64 31.12 -29.21
N LYS F 221 -0.51 30.44 -29.49
CA LYS F 221 0.42 29.99 -28.43
C LYS F 221 1.67 30.86 -28.34
N VAL F 222 1.93 31.75 -29.32
CA VAL F 222 3.13 32.56 -29.35
C VAL F 222 3.29 33.45 -28.12
N PHE F 223 2.20 34.03 -27.60
CA PHE F 223 2.30 34.89 -26.42
C PHE F 223 2.82 34.12 -25.20
N LEU F 224 2.53 32.81 -25.11
CA LEU F 224 3.00 31.98 -24.00
C LEU F 224 4.52 31.82 -24.12
N ALA F 225 5.01 31.60 -25.35
CA ALA F 225 6.42 31.44 -25.64
C ALA F 225 7.15 32.75 -25.38
N GLN F 226 6.58 33.87 -25.80
CA GLN F 226 7.18 35.18 -25.56
C GLN F 226 7.30 35.46 -24.05
N LYS F 227 6.19 35.33 -23.31
CA LYS F 227 6.18 35.61 -21.87
C LYS F 227 7.10 34.66 -21.08
N MET F 228 7.17 33.37 -21.48
CA MET F 228 8.04 32.41 -20.81
C MET F 228 9.52 32.77 -21.03
N MET F 229 9.91 33.00 -22.31
CA MET F 229 11.30 33.31 -22.66
C MET F 229 11.75 34.62 -22.03
N ILE F 230 10.90 35.66 -22.04
CA ILE F 230 11.25 36.92 -21.41
C ILE F 230 11.48 36.72 -19.90
N GLY F 231 10.58 36.00 -19.24
CA GLY F 231 10.69 35.72 -17.82
C GLY F 231 11.96 34.97 -17.47
N ARG F 232 12.33 33.94 -18.27
CA ARG F 232 13.55 33.16 -18.03
C ARG F 232 14.80 33.98 -18.28
N CYS F 233 14.78 34.90 -19.27
CA CYS F 233 15.91 35.79 -19.51
C CYS F 233 16.04 36.79 -18.38
N ASN F 234 14.93 37.32 -17.86
CA ASN F 234 14.96 38.23 -16.73
C ASN F 234 15.53 37.51 -15.48
N LEU F 235 15.12 36.27 -15.29
CA LEU F 235 15.61 35.46 -14.19
C LEU F 235 17.14 35.23 -14.33
N ALA F 236 17.62 34.92 -15.56
CA ALA F 236 19.03 34.69 -15.84
C ALA F 236 19.87 35.97 -15.87
N GLY F 237 19.25 37.12 -16.04
CA GLY F 237 19.96 38.38 -16.14
C GLY F 237 20.58 38.59 -17.50
N LYS F 238 19.99 37.97 -18.58
CA LYS F 238 20.51 38.06 -19.95
C LYS F 238 19.54 38.82 -20.86
N PRO F 239 20.06 39.61 -21.82
CA PRO F 239 19.15 40.39 -22.68
C PRO F 239 18.14 39.59 -23.50
N VAL F 240 16.94 40.16 -23.67
CA VAL F 240 15.89 39.52 -24.44
C VAL F 240 15.27 40.55 -25.36
N VAL F 241 15.10 40.17 -26.64
CA VAL F 241 14.54 41.04 -27.69
C VAL F 241 13.16 40.53 -28.08
N CYS F 242 12.19 41.44 -28.22
CA CYS F 242 10.89 41.06 -28.75
C CYS F 242 10.88 41.56 -30.17
N ALA F 243 10.52 40.70 -31.13
CA ALA F 243 10.59 41.10 -32.52
C ALA F 243 9.35 40.70 -33.34
N THR F 244 9.15 41.36 -34.49
CA THR F 244 8.25 41.11 -35.62
C THR F 244 6.79 41.59 -35.46
N GLN F 245 6.37 42.43 -36.43
CA GLN F 245 5.04 42.99 -36.64
C GLN F 245 4.54 43.86 -35.51
N MET F 246 5.47 44.41 -34.69
CA MET F 246 5.11 45.26 -33.55
C MET F 246 4.32 46.49 -33.97
N LEU F 247 4.74 47.17 -35.07
CA LEU F 247 4.05 48.36 -35.60
C LEU F 247 3.84 48.21 -37.11
N GLU F 248 3.57 46.97 -37.57
CA GLU F 248 3.38 46.58 -38.95
C GLU F 248 2.61 47.56 -39.82
N SER F 249 1.45 48.05 -39.38
CA SER F 249 0.64 48.98 -40.18
C SER F 249 1.35 50.30 -40.50
N MET F 250 2.38 50.65 -39.71
CA MET F 250 3.17 51.86 -39.95
C MET F 250 4.09 51.77 -41.20
N ILE F 251 4.12 50.59 -41.89
CA ILE F 251 4.87 50.47 -43.12
C ILE F 251 4.20 51.40 -44.20
N THR F 252 2.88 51.56 -44.15
CA THR F 252 2.14 52.39 -45.09
C THR F 252 1.36 53.52 -44.40
N LYS F 253 0.99 53.36 -43.12
CA LYS F 253 0.19 54.38 -42.41
C LYS F 253 1.00 55.20 -41.39
N PRO F 254 0.67 56.49 -41.19
CA PRO F 254 1.46 57.32 -40.26
C PRO F 254 1.22 57.05 -38.76
N ARG F 255 0.10 56.39 -38.44
CA ARG F 255 -0.26 56.03 -37.07
C ARG F 255 -0.52 54.52 -36.99
N PRO F 256 -0.13 53.86 -35.89
CA PRO F 256 -0.35 52.41 -35.78
C PRO F 256 -1.77 52.02 -35.32
N THR F 257 -2.07 50.72 -35.29
CA THR F 257 -3.36 50.25 -34.81
C THR F 257 -3.36 50.18 -33.24
N ARG F 258 -4.52 50.02 -32.64
CA ARG F 258 -4.65 49.94 -31.18
C ARG F 258 -3.97 48.66 -30.65
N ALA F 259 -3.97 47.58 -31.45
CA ALA F 259 -3.34 46.31 -31.11
C ALA F 259 -1.81 46.45 -31.10
N GLU F 260 -1.26 47.25 -32.04
CA GLU F 260 0.16 47.51 -32.19
C GLU F 260 0.76 48.28 -31.05
N THR F 261 0.14 49.40 -30.64
CA THR F 261 0.65 50.17 -29.49
C THR F 261 0.59 49.30 -28.21
N SER F 262 -0.48 48.54 -28.07
CA SER F 262 -0.70 47.61 -26.97
C SER F 262 0.40 46.54 -26.96
N ASP F 263 0.73 45.95 -28.12
CA ASP F 263 1.78 44.95 -28.25
C ASP F 263 3.14 45.46 -27.77
N VAL F 264 3.52 46.70 -28.20
CA VAL F 264 4.78 47.33 -27.81
C VAL F 264 4.82 47.52 -26.32
N ALA F 265 3.76 48.08 -25.77
CA ALA F 265 3.64 48.32 -24.33
C ALA F 265 3.74 47.04 -23.52
N ASN F 266 3.09 45.97 -24.00
CA ASN F 266 3.08 44.71 -23.31
C ASN F 266 4.39 44.01 -23.42
N ALA F 267 5.17 44.19 -24.52
CA ALA F 267 6.50 43.58 -24.61
C ALA F 267 7.42 44.23 -23.53
N VAL F 268 7.32 45.55 -23.36
CA VAL F 268 8.08 46.28 -22.34
C VAL F 268 7.62 45.82 -20.95
N LEU F 269 6.28 45.78 -20.71
CA LEU F 269 5.75 45.32 -19.43
C LEU F 269 6.12 43.85 -19.12
N ASP F 270 6.32 43.03 -20.17
CA ASP F 270 6.70 41.63 -20.01
C ASP F 270 8.10 41.51 -19.43
N GLY F 271 8.99 42.45 -19.80
CA GLY F 271 10.38 42.48 -19.34
C GLY F 271 11.41 42.50 -20.46
N ALA F 272 10.99 42.82 -21.70
CA ALA F 272 11.90 42.83 -22.84
C ALA F 272 12.93 43.92 -22.71
N ASP F 273 14.21 43.59 -22.94
CA ASP F 273 15.29 44.59 -22.91
C ASP F 273 15.28 45.42 -24.19
N CYS F 274 14.94 44.79 -25.34
CA CYS F 274 14.92 45.45 -26.62
C CYS F 274 13.63 45.17 -27.34
N ILE F 275 13.18 46.14 -28.14
CA ILE F 275 12.04 46.01 -29.05
C ILE F 275 12.55 46.26 -30.47
N MET F 276 11.99 45.57 -31.48
CA MET F 276 12.49 45.66 -32.83
C MET F 276 11.51 46.18 -33.88
N LEU F 277 12.06 46.76 -34.95
CA LEU F 277 11.31 47.22 -36.11
C LEU F 277 11.94 46.51 -37.31
N SER F 278 11.13 45.82 -38.11
CA SER F 278 11.64 45.10 -39.30
C SER F 278 11.27 45.91 -40.57
N GLY F 279 10.20 45.54 -41.26
CA GLY F 279 9.72 46.24 -42.45
C GLY F 279 9.36 47.68 -42.20
N GLU F 280 8.96 48.00 -40.95
CA GLU F 280 8.59 49.37 -40.54
C GLU F 280 9.71 50.38 -40.84
N THR F 281 10.98 49.97 -40.60
CA THR F 281 12.15 50.81 -40.86
C THR F 281 12.93 50.40 -42.14
N ALA F 282 12.88 49.11 -42.53
CA ALA F 282 13.59 48.63 -43.70
C ALA F 282 12.99 49.06 -45.04
N LYS F 283 11.66 48.98 -45.20
CA LYS F 283 11.01 49.31 -46.46
C LYS F 283 9.82 50.30 -46.37
N GLY F 284 9.36 50.59 -45.18
CA GLY F 284 8.16 51.41 -45.01
C GLY F 284 8.27 52.88 -45.36
N ASN F 285 7.14 53.56 -45.42
CA ASN F 285 7.07 54.98 -45.72
C ASN F 285 7.29 55.89 -44.50
N PHE F 286 7.32 55.33 -43.28
CA PHE F 286 7.50 56.15 -42.08
C PHE F 286 8.55 55.55 -41.14
N PRO F 287 9.80 55.29 -41.60
CA PRO F 287 10.79 54.66 -40.69
C PRO F 287 11.09 55.48 -39.44
N VAL F 288 11.22 56.81 -39.59
CA VAL F 288 11.53 57.68 -38.46
C VAL F 288 10.34 57.74 -37.47
N GLU F 289 9.12 57.82 -38.00
CA GLU F 289 7.89 57.88 -37.24
C GLU F 289 7.65 56.58 -36.46
N ALA F 290 8.11 55.43 -37.01
CA ALA F 290 7.99 54.12 -36.35
C ALA F 290 8.92 54.07 -35.12
N VAL F 291 10.14 54.62 -35.28
CA VAL F 291 11.11 54.69 -34.20
C VAL F 291 10.57 55.62 -33.10
N LYS F 292 10.02 56.80 -33.50
CA LYS F 292 9.45 57.75 -32.56
C LYS F 292 8.28 57.14 -31.77
N MET F 293 7.46 56.34 -32.47
CA MET F 293 6.34 55.67 -31.84
C MET F 293 6.81 54.63 -30.81
N GLN F 294 7.79 53.79 -31.16
CA GLN F 294 8.32 52.81 -30.21
C GLN F 294 8.92 53.48 -28.98
N HIS F 295 9.59 54.63 -29.20
CA HIS F 295 10.17 55.42 -28.14
C HIS F 295 9.08 55.92 -27.17
N ALA F 296 8.01 56.52 -27.73
CA ALA F 296 6.91 57.09 -26.96
C ALA F 296 6.19 56.05 -26.12
N ILE F 297 5.90 54.86 -26.70
CA ILE F 297 5.22 53.80 -25.99
C ILE F 297 6.12 53.19 -24.91
N ALA F 298 7.40 52.91 -25.22
CA ALA F 298 8.32 52.32 -24.27
C ALA F 298 8.47 53.18 -23.02
N ARG F 299 8.56 54.51 -23.17
CA ARG F 299 8.66 55.43 -22.03
C ARG F 299 7.43 55.33 -21.11
N GLU F 300 6.24 55.25 -21.70
CA GLU F 300 4.99 55.14 -20.96
C GLU F 300 4.92 53.81 -20.24
N ALA F 301 5.29 52.72 -20.93
CA ALA F 301 5.25 51.37 -20.38
C ALA F 301 6.27 51.13 -19.26
N GLU F 302 7.45 51.74 -19.36
CA GLU F 302 8.50 51.61 -18.36
C GLU F 302 8.05 52.21 -17.03
N ALA F 303 7.36 53.35 -17.07
CA ALA F 303 6.85 53.99 -15.85
C ALA F 303 5.74 53.14 -15.24
N ALA F 304 4.97 52.36 -16.06
CA ALA F 304 3.86 51.52 -15.61
C ALA F 304 4.31 50.17 -15.03
N VAL F 305 5.61 49.87 -15.04
CA VAL F 305 6.11 48.63 -14.45
C VAL F 305 5.86 48.68 -12.90
N TYR F 306 5.42 47.56 -12.28
CA TYR F 306 5.12 47.52 -10.86
C TYR F 306 6.38 47.13 -10.11
N HIS F 307 7.32 48.08 -9.99
CA HIS F 307 8.63 47.82 -9.39
C HIS F 307 8.60 47.20 -8.01
N ARG F 308 7.56 47.47 -7.20
CA ARG F 308 7.48 46.92 -5.85
C ARG F 308 7.51 45.38 -5.86
N GLN F 309 6.66 44.76 -6.68
CA GLN F 309 6.63 43.31 -6.76
C GLN F 309 7.80 42.81 -7.58
N LEU F 310 8.11 43.48 -8.71
CA LEU F 310 9.20 43.09 -9.59
C LEU F 310 10.52 42.99 -8.85
N PHE F 311 10.92 44.04 -8.13
CA PHE F 311 12.18 44.06 -7.39
C PHE F 311 12.25 42.97 -6.34
N GLU F 312 11.19 42.77 -5.55
CA GLU F 312 11.16 41.73 -4.53
C GLU F 312 11.25 40.35 -5.14
N GLU F 313 10.60 40.12 -6.29
CA GLU F 313 10.63 38.85 -6.95
C GLU F 313 12.01 38.56 -7.53
N LEU F 314 12.65 39.58 -8.14
CA LEU F 314 13.99 39.43 -8.68
C LEU F 314 14.97 39.14 -7.54
N ARG F 315 14.83 39.87 -6.43
CA ARG F 315 15.66 39.62 -5.25
C ARG F 315 15.44 38.16 -4.68
N ARG F 316 14.19 37.75 -4.41
CA ARG F 316 13.88 36.41 -3.91
C ARG F 316 14.39 35.30 -4.85
N ALA F 317 14.21 35.47 -6.16
CA ALA F 317 14.62 34.47 -7.14
C ALA F 317 16.11 34.43 -7.38
N ALA F 318 16.82 35.54 -7.14
CA ALA F 318 18.26 35.56 -7.35
C ALA F 318 18.93 34.78 -6.21
N PRO F 319 19.85 33.87 -6.58
CA PRO F 319 20.51 33.07 -5.55
C PRO F 319 21.52 33.90 -4.74
N LEU F 320 21.96 33.38 -3.58
CA LEU F 320 23.00 34.06 -2.80
C LEU F 320 24.29 34.14 -3.65
N SER F 321 25.02 35.25 -3.54
CA SER F 321 26.23 35.40 -4.34
C SER F 321 27.37 35.86 -3.51
N ARG F 322 28.56 35.38 -3.83
CA ARG F 322 29.77 35.86 -3.17
C ARG F 322 30.65 36.68 -4.12
N ASP F 323 30.13 37.05 -5.32
CA ASP F 323 30.81 37.87 -6.29
C ASP F 323 30.53 39.30 -5.87
N PRO F 324 31.56 40.06 -5.54
CA PRO F 324 31.35 41.44 -5.07
C PRO F 324 30.63 42.35 -6.06
N THR F 325 30.74 42.09 -7.37
CA THR F 325 30.07 42.90 -8.38
C THR F 325 28.55 42.70 -8.23
N GLU F 326 28.12 41.44 -8.10
CA GLU F 326 26.74 41.04 -7.92
C GLU F 326 26.18 41.62 -6.61
N VAL F 327 26.97 41.52 -5.52
CA VAL F 327 26.61 42.02 -4.20
C VAL F 327 26.49 43.55 -4.19
N THR F 328 27.40 44.25 -4.87
CA THR F 328 27.36 45.70 -4.95
C THR F 328 26.17 46.15 -5.79
N ALA F 329 25.89 45.42 -6.89
CA ALA F 329 24.77 45.74 -7.77
C ALA F 329 23.43 45.77 -7.02
N ILE F 330 23.13 44.75 -6.19
CA ILE F 330 21.87 44.72 -5.46
C ILE F 330 21.82 45.81 -4.39
N GLY F 331 22.94 46.04 -3.71
CA GLY F 331 23.04 47.09 -2.71
C GLY F 331 22.81 48.47 -3.30
N ALA F 332 23.36 48.71 -4.52
CA ALA F 332 23.20 49.97 -5.24
C ALA F 332 21.77 50.19 -5.71
N VAL F 333 21.11 49.14 -6.21
CA VAL F 333 19.73 49.25 -6.68
C VAL F 333 18.77 49.48 -5.49
N GLU F 334 19.06 48.85 -4.35
CA GLU F 334 18.28 49.01 -3.13
CA GLU F 334 18.27 49.00 -3.14
C GLU F 334 18.39 50.45 -2.64
N ALA F 335 19.63 51.01 -2.65
CA ALA F 335 19.92 52.37 -2.23
C ALA F 335 19.25 53.38 -3.15
N ALA F 336 19.25 53.11 -4.48
CA ALA F 336 18.62 53.95 -5.49
C ALA F 336 17.09 54.04 -5.25
N PHE F 337 16.43 52.91 -4.92
CA PHE F 337 14.99 52.93 -4.66
C PHE F 337 14.70 53.69 -3.36
N LYS F 338 15.55 53.56 -2.34
CA LYS F 338 15.38 54.20 -1.04
C LYS F 338 15.32 55.74 -1.11
N CYS F 339 16.13 56.34 -1.99
CA CYS F 339 16.17 57.80 -2.11
C CYS F 339 15.60 58.36 -3.39
N CYS F 340 15.01 57.50 -4.25
CA CYS F 340 14.47 57.89 -5.56
C CYS F 340 15.59 58.47 -6.41
N ALA F 341 16.77 57.82 -6.39
CA ALA F 341 17.99 58.27 -7.10
C ALA F 341 17.71 58.53 -8.55
N ALA F 342 18.22 59.65 -9.07
CA ALA F 342 18.02 60.01 -10.47
C ALA F 342 18.79 59.04 -11.40
N ALA F 343 19.94 58.54 -10.96
CA ALA F 343 20.77 57.69 -11.78
C ALA F 343 21.73 56.86 -10.91
N ILE F 344 22.31 55.81 -11.51
CA ILE F 344 23.33 54.99 -10.93
C ILE F 344 24.46 55.12 -11.92
N ILE F 345 25.59 55.74 -11.52
CA ILE F 345 26.72 55.91 -12.42
C ILE F 345 27.68 54.80 -12.15
N VAL F 346 28.02 54.02 -13.18
CA VAL F 346 28.90 52.87 -13.02
C VAL F 346 30.07 52.88 -14.01
N LEU F 347 31.26 52.52 -13.51
CA LEU F 347 32.46 52.44 -14.33
C LEU F 347 32.54 50.99 -14.79
N THR F 348 32.65 50.76 -16.10
CA THR F 348 32.71 49.40 -16.61
C THR F 348 33.63 49.27 -17.80
N THR F 349 34.33 48.13 -17.90
CA THR F 349 35.24 47.87 -19.00
C THR F 349 34.52 47.02 -20.06
N THR F 350 33.90 45.92 -19.62
CA THR F 350 33.20 44.99 -20.47
C THR F 350 31.68 45.21 -20.57
N GLY F 351 31.14 46.05 -19.68
CA GLY F 351 29.71 46.28 -19.59
C GLY F 351 29.05 45.43 -18.52
N ARG F 352 29.79 44.47 -17.92
CA ARG F 352 29.24 43.54 -16.94
C ARG F 352 28.67 44.19 -15.69
N SER F 353 29.37 45.16 -15.07
CA SER F 353 28.86 45.84 -13.88
C SER F 353 27.52 46.53 -14.17
N ALA F 354 27.38 47.10 -15.37
CA ALA F 354 26.15 47.76 -15.77
C ALA F 354 25.04 46.70 -15.98
N GLN F 355 25.39 45.52 -16.54
CA GLN F 355 24.45 44.44 -16.76
C GLN F 355 23.92 43.90 -15.44
N LEU F 356 24.78 43.76 -14.43
CA LEU F 356 24.35 43.28 -13.12
C LEU F 356 23.47 44.27 -12.37
N LEU F 357 23.61 45.57 -12.65
CA LEU F 357 22.74 46.57 -12.06
C LEU F 357 21.36 46.47 -12.76
N SER F 358 21.38 46.37 -14.11
CA SER F 358 20.25 46.29 -15.01
C SER F 358 19.30 45.09 -14.71
N ARG F 359 19.86 43.93 -14.28
CA ARG F 359 19.06 42.74 -14.00
C ARG F 359 18.10 42.93 -12.84
N TYR F 360 18.39 43.86 -11.90
CA TYR F 360 17.49 44.16 -10.79
C TYR F 360 16.43 45.19 -11.15
N ARG F 361 16.36 45.58 -12.42
CA ARG F 361 15.41 46.51 -13.00
C ARG F 361 15.18 47.76 -12.17
N PRO F 362 16.24 48.57 -11.94
CA PRO F 362 16.04 49.80 -11.19
C PRO F 362 15.23 50.80 -11.99
N ARG F 363 14.55 51.70 -11.28
CA ARG F 363 13.85 52.80 -11.94
C ARG F 363 14.91 53.90 -12.34
N ALA F 364 16.03 54.02 -11.56
CA ALA F 364 17.13 54.93 -11.83
C ALA F 364 17.89 54.52 -13.10
N ALA F 365 18.29 55.49 -13.94
CA ALA F 365 19.05 55.24 -15.17
C ALA F 365 20.42 54.74 -14.80
N VAL F 366 20.93 53.72 -15.50
CA VAL F 366 22.27 53.21 -15.25
C VAL F 366 23.20 53.87 -16.26
N ILE F 367 23.89 54.94 -15.84
CA ILE F 367 24.83 55.63 -16.72
C ILE F 367 26.19 54.89 -16.68
N ALA F 368 26.51 54.18 -17.77
CA ALA F 368 27.73 53.38 -17.80
C ALA F 368 28.86 54.13 -18.49
N VAL F 369 29.93 54.45 -17.74
CA VAL F 369 31.11 55.18 -18.24
C VAL F 369 32.17 54.17 -18.62
N THR F 370 32.52 54.12 -19.90
CA THR F 370 33.45 53.11 -20.42
C THR F 370 34.42 53.70 -21.42
N ARG F 371 35.60 53.10 -21.50
CA ARG F 371 36.59 53.47 -22.51
C ARG F 371 36.45 52.54 -23.76
N SER F 372 35.76 51.40 -23.63
CA SER F 372 35.58 50.45 -24.69
C SER F 372 34.43 50.88 -25.60
N ALA F 373 34.74 51.26 -26.85
CA ALA F 373 33.71 51.65 -27.81
C ALA F 373 32.76 50.48 -28.12
N GLN F 374 33.28 49.24 -28.15
CA GLN F 374 32.44 48.07 -28.41
C GLN F 374 31.49 47.81 -27.23
N ALA F 375 31.99 47.89 -25.98
CA ALA F 375 31.15 47.69 -24.81
C ALA F 375 30.07 48.78 -24.76
N ALA F 376 30.41 50.02 -25.14
CA ALA F 376 29.44 51.11 -25.16
C ALA F 376 28.29 50.81 -26.17
N ARG F 377 28.61 50.16 -27.31
CA ARG F 377 27.61 49.78 -28.29
C ARG F 377 26.79 48.58 -27.80
N GLN F 378 27.46 47.57 -27.25
CA GLN F 378 26.80 46.35 -26.79
C GLN F 378 25.94 46.49 -25.53
N VAL F 379 26.16 47.50 -24.64
CA VAL F 379 25.33 47.64 -23.44
C VAL F 379 23.90 48.10 -23.75
N HIS F 380 23.62 48.49 -25.01
CA HIS F 380 22.27 48.82 -25.43
C HIS F 380 21.38 47.55 -25.33
N LEU F 381 21.97 46.34 -25.34
CA LEU F 381 21.21 45.12 -25.20
C LEU F 381 20.53 45.01 -23.82
N CYS F 382 21.05 45.71 -22.80
CA CYS F 382 20.57 45.72 -21.41
C CYS F 382 19.71 46.90 -21.12
N ARG F 383 18.47 46.62 -20.66
CA ARG F 383 17.52 47.67 -20.36
C ARG F 383 17.99 48.65 -19.30
N GLY F 384 17.89 49.93 -19.62
CA GLY F 384 18.22 50.98 -18.67
C GLY F 384 19.66 51.39 -18.58
N VAL F 385 20.51 50.86 -19.46
CA VAL F 385 21.92 51.22 -19.49
C VAL F 385 22.17 52.28 -20.58
N PHE F 386 22.69 53.44 -20.14
CA PHE F 386 22.99 54.60 -20.99
C PHE F 386 24.50 54.73 -21.14
N PRO F 387 25.05 54.24 -22.27
CA PRO F 387 26.52 54.26 -22.43
C PRO F 387 27.16 55.63 -22.71
N LEU F 388 28.24 55.94 -21.99
CA LEU F 388 29.04 57.14 -22.22
C LEU F 388 30.45 56.69 -22.57
N LEU F 389 30.92 57.10 -23.74
CA LEU F 389 32.27 56.73 -24.17
C LEU F 389 33.29 57.79 -23.68
N TYR F 390 34.19 57.37 -22.79
CA TYR F 390 35.25 58.20 -22.22
C TYR F 390 36.47 58.12 -23.14
N ARG F 391 36.89 59.26 -23.69
CA ARG F 391 37.99 59.30 -24.63
C ARG F 391 39.31 59.84 -24.05
N GLU F 392 39.30 60.35 -22.81
CA GLU F 392 40.53 60.88 -22.21
C GLU F 392 41.57 59.82 -21.90
N PRO F 393 42.87 60.14 -22.13
CA PRO F 393 43.93 59.18 -21.79
C PRO F 393 44.06 59.04 -20.27
N PRO F 394 44.52 57.86 -19.82
CA PRO F 394 44.61 57.64 -18.37
C PRO F 394 45.50 58.61 -17.60
N GLU F 395 45.01 59.04 -16.43
CA GLU F 395 45.73 59.90 -15.50
C GLU F 395 46.90 59.11 -14.87
N ALA F 396 47.89 59.80 -14.30
CA ALA F 396 49.03 59.12 -13.69
C ALA F 396 48.57 58.35 -12.44
N ILE F 397 47.75 58.99 -11.60
CA ILE F 397 47.24 58.33 -10.41
C ILE F 397 45.88 57.71 -10.74
N TRP F 398 45.76 56.39 -10.63
CA TRP F 398 44.52 55.69 -10.95
C TRP F 398 43.29 56.24 -10.23
N ALA F 399 43.36 56.47 -8.92
CA ALA F 399 42.23 56.99 -8.17
C ALA F 399 41.74 58.33 -8.72
N ASP F 400 42.63 59.13 -9.29
CA ASP F 400 42.25 60.43 -9.87
C ASP F 400 41.56 60.23 -11.21
N ASP F 401 41.99 59.23 -12.00
CA ASP F 401 41.39 58.89 -13.29
C ASP F 401 39.92 58.44 -13.08
N VAL F 402 39.72 57.59 -12.05
CA VAL F 402 38.45 57.05 -11.61
C VAL F 402 37.50 58.21 -11.25
N ASP F 403 37.95 59.16 -10.41
CA ASP F 403 37.14 60.32 -10.04
C ASP F 403 36.81 61.20 -11.22
N ARG F 404 37.71 61.28 -12.20
CA ARG F 404 37.47 62.06 -13.41
C ARG F 404 36.36 61.42 -14.24
N ARG F 405 36.34 60.07 -14.31
CA ARG F 405 35.34 59.29 -15.04
C ARG F 405 33.95 59.44 -14.38
N VAL F 406 33.90 59.46 -13.03
CA VAL F 406 32.67 59.66 -12.26
C VAL F 406 32.14 61.07 -12.50
N GLN F 407 33.02 62.10 -12.45
CA GLN F 407 32.64 63.48 -12.69
C GLN F 407 32.18 63.71 -14.13
N PHE F 408 32.77 62.98 -15.09
CA PHE F 408 32.39 63.03 -16.51
C PHE F 408 30.92 62.55 -16.62
N GLY F 409 30.58 61.47 -15.91
CA GLY F 409 29.24 60.91 -15.86
C GLY F 409 28.25 61.89 -15.27
N ILE F 410 28.64 62.59 -14.18
CA ILE F 410 27.80 63.59 -13.51
C ILE F 410 27.58 64.80 -14.40
N GLU F 411 28.65 65.30 -15.04
CA GLU F 411 28.55 66.44 -15.94
C GLU F 411 27.76 66.10 -17.18
N SER F 412 28.02 64.95 -17.80
CA SER F 412 27.25 64.53 -18.98
C SER F 412 25.76 64.32 -18.61
N GLY F 413 25.52 63.76 -17.42
CA GLY F 413 24.18 63.52 -16.90
C GLY F 413 23.43 64.80 -16.64
N LYS F 414 24.12 65.84 -16.19
CA LYS F 414 23.51 67.15 -15.95
C LYS F 414 23.20 67.79 -17.30
N LEU F 415 24.14 67.71 -18.24
CA LEU F 415 24.04 68.23 -19.58
C LEU F 415 22.90 67.61 -20.32
N ARG F 416 22.68 66.29 -20.20
CA ARG F 416 21.61 65.60 -20.91
C ARG F 416 20.24 65.64 -20.22
N GLY F 417 20.15 66.19 -19.03
CA GLY F 417 18.89 66.26 -18.30
C GLY F 417 18.61 65.09 -17.38
N PHE F 418 19.52 64.09 -17.28
CA PHE F 418 19.36 62.97 -16.36
C PHE F 418 19.48 63.42 -14.92
N LEU F 419 20.37 64.37 -14.65
CA LEU F 419 20.61 64.84 -13.29
C LEU F 419 20.34 66.33 -13.10
N ARG F 420 19.80 66.63 -11.93
CA ARG F 420 19.45 67.97 -11.49
C ARG F 420 20.21 68.22 -10.15
N VAL F 421 20.53 69.49 -9.84
CA VAL F 421 21.19 69.83 -8.58
C VAL F 421 20.24 69.49 -7.44
N GLY F 422 20.77 68.84 -6.42
CA GLY F 422 19.96 68.38 -5.31
C GLY F 422 19.58 66.91 -5.43
N ASP F 423 19.79 66.31 -6.62
CA ASP F 423 19.47 64.91 -6.83
C ASP F 423 20.51 64.04 -6.17
N LEU F 424 20.09 62.84 -5.76
CA LEU F 424 21.03 61.88 -5.21
C LEU F 424 21.35 60.89 -6.32
N VAL F 425 22.62 60.50 -6.39
CA VAL F 425 23.08 59.54 -7.37
C VAL F 425 23.84 58.46 -6.62
N ILE F 426 23.81 57.24 -7.16
CA ILE F 426 24.53 56.13 -6.58
C ILE F 426 25.70 55.90 -7.52
N VAL F 427 26.92 55.84 -6.99
CA VAL F 427 28.11 55.64 -7.83
C VAL F 427 28.72 54.30 -7.55
N VAL F 428 28.89 53.49 -8.59
CA VAL F 428 29.44 52.14 -8.47
C VAL F 428 30.80 52.03 -9.16
N THR F 429 31.85 51.73 -8.36
CA THR F 429 33.25 51.62 -8.79
C THR F 429 33.93 50.34 -8.20
N GLY F 430 35.23 50.12 -8.49
CA GLY F 430 36.00 49.01 -7.96
C GLY F 430 37.22 49.44 -7.19
N TRP F 431 37.91 48.49 -6.54
CA TRP F 431 39.08 48.77 -5.70
C TRP F 431 40.42 48.78 -6.43
N ARG F 432 40.48 48.23 -7.65
CA ARG F 432 41.71 48.18 -8.44
C ARG F 432 41.34 48.19 -9.94
N PRO F 433 42.29 48.57 -10.83
CA PRO F 433 41.96 48.58 -12.27
C PRO F 433 41.73 47.20 -12.86
N GLY F 434 41.12 47.17 -14.04
CA GLY F 434 40.79 45.94 -14.72
C GLY F 434 39.38 45.48 -14.43
N SER F 435 38.83 44.68 -15.32
CA SER F 435 37.49 44.13 -15.18
C SER F 435 37.41 43.13 -14.04
N GLY F 436 36.23 43.05 -13.41
CA GLY F 436 35.94 42.09 -12.36
C GLY F 436 36.14 42.50 -10.92
N TYR F 437 36.50 43.76 -10.67
CA TYR F 437 36.78 44.20 -9.29
C TYR F 437 35.83 45.23 -8.71
N THR F 438 34.63 45.40 -9.31
CA THR F 438 33.63 46.32 -8.78
C THR F 438 33.22 45.88 -7.34
N ASN F 439 33.27 46.79 -6.37
CA ASN F 439 32.93 46.45 -4.99
C ASN F 439 32.53 47.67 -4.14
N ILE F 440 32.44 48.86 -4.75
CA ILE F 440 32.13 50.07 -3.99
C ILE F 440 30.85 50.75 -4.47
N MET F 441 30.04 51.21 -3.50
CA MET F 441 28.83 51.95 -3.78
CA MET F 441 28.80 51.93 -3.74
C MET F 441 28.82 53.21 -2.92
N ARG F 442 28.60 54.38 -3.54
CA ARG F 442 28.60 55.65 -2.84
C ARG F 442 27.34 56.44 -3.10
N VAL F 443 26.84 57.12 -2.05
CA VAL F 443 25.66 57.97 -2.18
C VAL F 443 26.18 59.39 -2.30
N LEU F 444 25.95 60.03 -3.45
CA LEU F 444 26.44 61.38 -3.70
CA LEU F 444 26.45 61.37 -3.70
C LEU F 444 25.31 62.36 -3.98
N SER F 445 25.42 63.59 -3.43
CA SER F 445 24.44 64.63 -3.67
C SER F 445 24.97 65.49 -4.83
N ILE F 446 24.15 65.72 -5.83
CA ILE F 446 24.56 66.50 -7.00
CA ILE F 446 24.55 66.49 -7.00
C ILE F 446 24.57 67.99 -6.69
N SER F 447 25.75 68.61 -6.80
CA SER F 447 25.93 70.03 -6.51
C SER F 447 26.13 70.87 -7.78
N ALA G 25 -18.11 51.23 16.74
CA ALA G 25 -17.74 50.58 17.99
C ALA G 25 -17.37 49.11 17.79
N PHE G 26 -18.09 48.44 16.86
CA PHE G 26 -17.84 47.03 16.54
C PHE G 26 -16.41 46.84 16.03
N PHE G 27 -15.96 47.77 15.17
CA PHE G 27 -14.63 47.68 14.55
C PHE G 27 -13.49 48.15 15.47
N GLN G 28 -13.79 48.62 16.69
CA GLN G 28 -12.74 48.96 17.64
C GLN G 28 -12.45 47.77 18.60
N GLN G 29 -13.44 46.86 18.80
CA GLN G 29 -13.33 45.68 19.66
C GLN G 29 -12.58 44.53 18.95
N GLN G 30 -12.24 43.46 19.74
CA GLN G 30 -11.56 42.21 19.37
C GLN G 30 -10.38 42.37 18.40
N GLN G 31 -9.57 43.42 18.61
CA GLN G 31 -8.38 43.78 17.84
C GLN G 31 -8.65 43.87 16.36
N LEU G 32 -9.84 44.38 15.98
CA LEU G 32 -10.19 44.50 14.55
C LEU G 32 -9.31 45.51 13.79
N PRO G 33 -8.88 46.65 14.36
CA PRO G 33 -7.92 47.50 13.60
C PRO G 33 -6.61 46.76 13.30
N ALA G 34 -6.08 45.98 14.29
CA ALA G 34 -4.86 45.18 14.14
C ALA G 34 -5.04 44.02 13.12
N ALA G 35 -6.27 43.51 13.00
CA ALA G 35 -6.60 42.43 12.07
C ALA G 35 -6.62 42.93 10.60
N MET G 36 -6.97 44.21 10.38
CA MET G 36 -7.03 44.79 9.04
C MET G 36 -5.64 45.13 8.45
N ALA G 37 -4.57 45.11 9.30
CA ALA G 37 -3.21 45.46 8.90
C ALA G 37 -2.65 44.67 7.72
N ASP G 38 -1.85 45.34 6.86
CA ASP G 38 -1.26 44.71 5.68
C ASP G 38 0.05 43.98 5.94
N THR G 39 0.69 44.23 7.08
CA THR G 39 1.92 43.52 7.46
C THR G 39 1.80 43.09 8.92
N PHE G 40 2.61 42.12 9.33
CA PHE G 40 2.67 41.67 10.71
C PHE G 40 3.19 42.78 11.64
N LEU G 41 4.15 43.60 11.13
CA LEU G 41 4.69 44.74 11.87
C LEU G 41 3.56 45.73 12.20
N GLU G 42 2.75 46.10 11.18
CA GLU G 42 1.61 47.02 11.37
CA GLU G 42 1.64 47.03 11.41
C GLU G 42 0.59 46.41 12.32
N HIS G 43 0.40 45.08 12.25
CA HIS G 43 -0.50 44.33 13.11
C HIS G 43 -0.07 44.50 14.58
N LEU G 44 1.24 44.29 14.88
CA LEU G 44 1.74 44.49 16.25
C LEU G 44 1.52 45.94 16.70
N CYS G 45 1.84 46.90 15.83
CA CYS G 45 1.69 48.33 16.10
C CYS G 45 0.28 48.73 16.43
N LEU G 46 -0.71 48.05 15.84
CA LEU G 46 -2.10 48.38 16.07
C LEU G 46 -2.75 47.65 17.25
N LEU G 47 -2.02 46.77 17.96
CA LEU G 47 -2.59 46.06 19.11
C LEU G 47 -2.99 47.07 20.20
N ASP G 48 -4.23 46.96 20.70
CA ASP G 48 -4.78 47.93 21.63
C ASP G 48 -5.23 47.30 22.95
N ILE G 49 -4.72 47.78 24.09
CA ILE G 49 -5.15 47.25 25.40
C ILE G 49 -6.62 47.62 25.75
N ASP G 50 -7.16 48.64 25.07
CA ASP G 50 -8.54 49.08 25.25
C ASP G 50 -9.51 48.35 24.30
N SER G 51 -8.98 47.53 23.37
CA SER G 51 -9.81 46.75 22.46
C SER G 51 -10.23 45.47 23.18
N GLU G 52 -11.48 45.44 23.66
CA GLU G 52 -11.96 44.31 24.44
C GLU G 52 -12.30 43.08 23.62
N PRO G 53 -11.91 41.88 24.13
CA PRO G 53 -12.27 40.66 23.42
C PRO G 53 -13.78 40.43 23.50
N VAL G 54 -14.39 40.03 22.39
CA VAL G 54 -15.83 39.79 22.39
C VAL G 54 -16.14 38.32 22.12
N ALA G 55 -15.31 37.65 21.28
CA ALA G 55 -15.47 36.22 21.00
C ALA G 55 -15.25 35.36 22.24
N ALA G 56 -15.89 34.19 22.27
CA ALA G 56 -15.72 33.26 23.37
C ALA G 56 -14.30 32.69 23.30
N ARG G 57 -13.77 32.29 24.47
CA ARG G 57 -12.42 31.74 24.57
C ARG G 57 -12.36 30.40 23.85
N SER G 58 -11.48 30.30 22.85
CA SER G 58 -11.39 29.13 21.99
C SER G 58 -10.29 28.09 22.33
N THR G 59 -9.22 28.47 23.02
CA THR G 59 -8.16 27.52 23.42
C THR G 59 -8.65 26.80 24.67
N SER G 60 -8.76 25.47 24.64
CA SER G 60 -9.28 24.73 25.80
C SER G 60 -8.31 24.65 26.94
N ILE G 61 -8.85 24.54 28.15
CA ILE G 61 -8.06 24.47 29.35
C ILE G 61 -8.11 23.06 29.92
N ILE G 62 -6.95 22.43 30.08
CA ILE G 62 -6.87 21.12 30.70
C ILE G 62 -6.43 21.33 32.13
N ALA G 63 -7.20 20.85 33.10
CA ALA G 63 -6.84 21.00 34.52
C ALA G 63 -6.54 19.65 35.13
N THR G 64 -5.36 19.53 35.78
CA THR G 64 -5.00 18.25 36.43
C THR G 64 -5.75 18.10 37.74
N ILE G 65 -6.40 16.98 37.94
CA ILE G 65 -7.17 16.70 39.14
C ILE G 65 -6.30 16.10 40.24
N GLY G 66 -6.39 16.65 41.43
CA GLY G 66 -5.62 16.17 42.58
C GLY G 66 -6.29 16.54 43.89
N PRO G 67 -5.54 16.48 45.02
CA PRO G 67 -6.13 16.87 46.32
C PRO G 67 -6.78 18.26 46.33
N ALA G 68 -6.19 19.25 45.63
CA ALA G 68 -6.72 20.61 45.57
C ALA G 68 -8.00 20.79 44.72
N SER G 69 -8.31 19.82 43.86
CA SER G 69 -9.43 19.95 42.92
C SER G 69 -10.32 18.70 42.80
N ARG G 70 -10.38 17.87 43.83
CA ARG G 70 -11.14 16.63 43.77
C ARG G 70 -12.59 16.68 44.24
N SER G 71 -12.94 17.63 45.11
CA SER G 71 -14.32 17.69 45.64
C SER G 71 -15.32 18.13 44.56
N VAL G 72 -16.53 17.55 44.59
CA VAL G 72 -17.60 17.85 43.66
C VAL G 72 -17.91 19.35 43.61
N GLU G 73 -17.91 20.02 44.77
CA GLU G 73 -18.17 21.46 44.84
C GLU G 73 -17.04 22.28 44.22
N ARG G 74 -15.80 21.85 44.41
CA ARG G 74 -14.62 22.52 43.86
C ARG G 74 -14.58 22.36 42.31
N LEU G 75 -14.96 21.18 41.82
CA LEU G 75 -15.03 20.89 40.40
C LEU G 75 -16.12 21.70 39.70
N LYS G 76 -17.25 22.00 40.38
CA LYS G 76 -18.31 22.86 39.82
C LYS G 76 -17.77 24.27 39.60
N GLU G 77 -16.93 24.76 40.52
CA GLU G 77 -16.31 26.07 40.41
C GLU G 77 -15.34 26.09 39.23
N MET G 78 -14.57 24.99 39.05
CA MET G 78 -13.62 24.89 37.96
CA MET G 78 -13.62 24.89 37.96
C MET G 78 -14.29 24.76 36.60
N ILE G 79 -15.46 24.11 36.55
CA ILE G 79 -16.23 23.99 35.30
C ILE G 79 -16.72 25.39 34.93
N LYS G 80 -17.28 26.11 35.92
CA LYS G 80 -17.74 27.48 35.75
C LYS G 80 -16.61 28.43 35.33
N ALA G 81 -15.39 28.22 35.84
CA ALA G 81 -14.20 29.02 35.53
C ALA G 81 -13.67 28.82 34.11
N GLY G 82 -13.95 27.66 33.50
CA GLY G 82 -13.53 27.38 32.14
C GLY G 82 -12.83 26.06 31.86
N MET G 83 -12.68 25.17 32.88
CA MET G 83 -12.04 23.86 32.66
C MET G 83 -12.83 23.06 31.62
N ASN G 84 -12.16 22.61 30.56
CA ASN G 84 -12.82 21.82 29.52
C ASN G 84 -12.46 20.35 29.59
N ILE G 85 -11.22 20.04 30.03
CA ILE G 85 -10.70 18.68 30.13
C ILE G 85 -10.12 18.46 31.50
N ALA G 86 -10.44 17.33 32.12
CA ALA G 86 -9.93 16.95 33.44
C ALA G 86 -8.83 15.91 33.23
N ARG G 87 -7.60 16.21 33.68
CA ARG G 87 -6.48 15.29 33.52
C ARG G 87 -6.23 14.48 34.77
N LEU G 88 -6.15 13.15 34.61
CA LEU G 88 -5.84 12.25 35.71
C LEU G 88 -4.40 11.80 35.54
N ASN G 89 -3.50 12.24 36.41
CA ASN G 89 -2.09 11.85 36.31
C ASN G 89 -1.88 10.48 36.93
N PHE G 90 -1.69 9.46 36.09
CA PHE G 90 -1.51 8.11 36.59
C PHE G 90 -0.09 7.83 37.12
N SER G 91 0.75 8.85 37.26
CA SER G 91 2.04 8.69 37.91
C SER G 91 1.85 8.57 39.45
N HIS G 92 0.72 9.06 39.98
CA HIS G 92 0.41 9.02 41.41
C HIS G 92 -1.03 8.53 41.57
N GLY G 93 -1.34 7.97 42.71
CA GLY G 93 -2.70 7.54 43.02
C GLY G 93 -3.03 6.16 42.53
N SER G 94 -3.94 5.51 43.23
CA SER G 94 -4.38 4.17 42.89
C SER G 94 -5.58 4.19 41.91
N HIS G 95 -5.96 3.01 41.37
CA HIS G 95 -7.12 2.92 40.51
C HIS G 95 -8.41 3.33 41.28
N GLU G 96 -8.48 3.01 42.58
CA GLU G 96 -9.62 3.36 43.43
C GLU G 96 -9.73 4.90 43.54
N TYR G 97 -8.58 5.57 43.68
CA TYR G 97 -8.47 7.02 43.80
C TYR G 97 -8.95 7.69 42.50
N HIS G 98 -8.45 7.21 41.35
CA HIS G 98 -8.80 7.78 40.05
C HIS G 98 -10.25 7.51 39.67
N ALA G 99 -10.81 6.36 40.07
CA ALA G 99 -12.22 6.09 39.80
C ALA G 99 -13.12 7.07 40.58
N GLU G 100 -12.70 7.46 41.80
CA GLU G 100 -13.42 8.43 42.62
CA GLU G 100 -13.43 8.43 42.60
C GLU G 100 -13.29 9.81 42.00
N SER G 101 -12.10 10.16 41.44
CA SER G 101 -11.90 11.45 40.77
C SER G 101 -12.88 11.55 39.55
N ILE G 102 -12.94 10.48 38.72
CA ILE G 102 -13.82 10.38 37.57
C ILE G 102 -15.27 10.57 37.98
N ALA G 103 -15.70 9.88 39.05
CA ALA G 103 -17.06 9.96 39.55
C ALA G 103 -17.42 11.38 40.02
N ASN G 104 -16.46 12.04 40.70
CA ASN G 104 -16.66 13.42 41.19
C ASN G 104 -16.75 14.40 40.05
N VAL G 105 -15.94 14.20 38.99
CA VAL G 105 -15.96 15.04 37.80
C VAL G 105 -17.34 14.88 37.12
N ARG G 106 -17.76 13.62 36.89
CA ARG G 106 -19.04 13.34 36.25
C ARG G 106 -20.23 13.88 37.05
N GLU G 107 -20.16 13.83 38.37
CA GLU G 107 -21.23 14.36 39.22
C GLU G 107 -21.30 15.90 39.09
N ALA G 108 -20.15 16.59 39.14
CA ALA G 108 -20.13 18.04 38.97
C ALA G 108 -20.59 18.45 37.54
N VAL G 109 -20.23 17.68 36.50
CA VAL G 109 -20.62 17.96 35.12
C VAL G 109 -22.13 17.79 34.94
N GLU G 110 -22.68 16.68 35.43
CA GLU G 110 -24.10 16.41 35.28
C GLU G 110 -25.00 17.25 36.17
N SER G 111 -24.43 17.94 37.18
CA SER G 111 -25.21 18.85 38.02
C SER G 111 -25.76 20.06 37.20
N PHE G 112 -25.21 20.31 35.99
CA PHE G 112 -25.66 21.38 35.12
C PHE G 112 -26.51 20.89 33.95
N ALA G 113 -26.78 19.57 33.83
CA ALA G 113 -27.54 18.98 32.72
C ALA G 113 -29.04 19.33 32.68
N GLY G 114 -29.55 19.94 33.76
CA GLY G 114 -30.93 20.37 33.87
C GLY G 114 -31.28 21.45 32.86
N SER G 115 -30.29 22.24 32.43
CA SER G 115 -30.49 23.29 31.44
C SER G 115 -29.64 22.92 30.22
N PRO G 116 -30.21 22.20 29.23
CA PRO G 116 -29.39 21.74 28.08
C PRO G 116 -28.86 22.82 27.15
N LEU G 117 -29.50 24.02 27.11
CA LEU G 117 -29.05 25.14 26.29
C LEU G 117 -27.76 25.77 26.81
N SER G 118 -27.41 25.52 28.10
CA SER G 118 -26.21 26.06 28.71
C SER G 118 -25.20 24.97 29.13
N TYR G 119 -25.58 23.64 29.00
CA TYR G 119 -24.77 22.50 29.45
C TYR G 119 -23.38 22.43 28.78
N ARG G 120 -22.35 22.42 29.63
CA ARG G 120 -20.97 22.35 29.18
C ARG G 120 -20.36 20.94 29.37
N PRO G 121 -20.09 20.19 28.28
CA PRO G 121 -19.45 18.86 28.42
C PRO G 121 -18.01 18.97 28.89
N VAL G 122 -17.51 17.99 29.67
CA VAL G 122 -16.11 18.05 30.13
C VAL G 122 -15.43 16.72 29.82
N ALA G 123 -14.30 16.73 29.09
CA ALA G 123 -13.61 15.50 28.75
C ALA G 123 -12.79 14.96 29.91
N ILE G 124 -12.52 13.66 29.92
CA ILE G 124 -11.66 13.05 30.93
C ILE G 124 -10.48 12.44 30.23
N ALA G 125 -9.27 12.90 30.56
CA ALA G 125 -8.04 12.40 29.95
C ALA G 125 -7.17 11.64 30.96
N LEU G 126 -6.66 10.47 30.56
CA LEU G 126 -5.77 9.67 31.39
C LEU G 126 -4.35 9.94 30.94
N ASP G 127 -3.49 10.45 31.83
CA ASP G 127 -2.10 10.69 31.50
C ASP G 127 -1.31 9.47 32.04
N THR G 128 -0.70 8.67 31.15
CA THR G 128 0.01 7.47 31.58
C THR G 128 1.31 7.75 32.36
N LYS G 129 1.75 6.78 33.19
CA LYS G 129 2.96 6.92 33.98
C LYS G 129 4.24 6.88 33.09
N GLY G 130 4.21 6.11 32.01
CA GLY G 130 5.33 6.05 31.09
C GLY G 130 6.12 4.75 31.18
N PRO G 131 7.07 4.57 30.25
CA PRO G 131 7.84 3.32 30.19
C PRO G 131 8.97 3.18 31.22
N GLY G 134 12.62 1.55 30.61
CA GLY G 134 11.85 0.50 29.97
C GLY G 134 11.86 0.56 28.45
N PRO G 135 11.84 -0.62 27.77
CA PRO G 135 11.91 -0.63 26.29
C PRO G 135 10.60 -0.29 25.57
N GLY G 136 9.50 -0.84 26.07
CA GLY G 136 8.21 -0.61 25.45
C GLY G 136 7.14 -0.23 26.46
N LEU G 137 5.90 -0.66 26.20
CA LEU G 137 4.79 -0.38 27.08
C LEU G 137 4.91 -1.15 28.41
N SER G 138 5.00 -0.41 29.52
CA SER G 138 5.13 -1.00 30.84
C SER G 138 3.89 -1.78 31.27
N GLU G 139 4.05 -2.71 32.22
CA GLU G 139 2.93 -3.51 32.74
C GLU G 139 1.88 -2.61 33.39
N GLN G 140 2.34 -1.58 34.12
CA GLN G 140 1.42 -0.65 34.79
C GLN G 140 0.63 0.12 33.76
N ASP G 141 1.28 0.56 32.66
CA ASP G 141 0.60 1.28 31.59
C ASP G 141 -0.48 0.43 30.96
N VAL G 142 -0.23 -0.86 30.73
CA VAL G 142 -1.24 -1.77 30.17
C VAL G 142 -2.45 -1.85 31.09
N ARG G 143 -2.20 -1.89 32.41
CA ARG G 143 -3.29 -1.97 33.39
C ARG G 143 -4.05 -0.67 33.50
N ASP G 144 -3.36 0.46 33.42
CA ASP G 144 -3.99 1.78 33.51
C ASP G 144 -4.79 2.09 32.25
N LEU G 145 -4.29 1.71 31.07
CA LEU G 145 -5.01 1.91 29.82
C LEU G 145 -6.29 1.07 29.82
N ARG G 146 -6.23 -0.17 30.38
CA ARG G 146 -7.43 -1.03 30.50
C ARG G 146 -8.46 -0.36 31.46
N PHE G 147 -7.97 0.28 32.53
CA PHE G 147 -8.80 1.01 33.47
C PHE G 147 -9.52 2.17 32.75
N GLY G 148 -8.78 2.90 31.91
CA GLY G 148 -9.34 4.02 31.14
C GLY G 148 -10.47 3.58 30.23
N VAL G 149 -10.27 2.45 29.58
CA VAL G 149 -11.27 1.87 28.71
C VAL G 149 -12.51 1.48 29.52
N GLU G 150 -12.33 0.85 30.66
CA GLU G 150 -13.44 0.43 31.51
C GLU G 150 -14.17 1.59 32.15
N HIS G 151 -13.49 2.70 32.38
CA HIS G 151 -14.11 3.87 32.97
C HIS G 151 -14.53 4.94 31.96
N GLY G 152 -14.45 4.64 30.67
CA GLY G 152 -14.89 5.52 29.62
C GLY G 152 -14.15 6.84 29.44
N VAL G 153 -12.81 6.82 29.55
CA VAL G 153 -12.04 8.03 29.35
C VAL G 153 -12.10 8.39 27.87
N ASP G 154 -11.94 9.68 27.58
CA ASP G 154 -12.04 10.17 26.22
C ASP G 154 -10.66 10.31 25.57
N ILE G 155 -9.64 10.64 26.36
CA ILE G 155 -8.31 10.91 25.83
C ILE G 155 -7.24 10.21 26.64
N VAL G 156 -6.12 9.88 26.00
CA VAL G 156 -4.95 9.30 26.64
C VAL G 156 -3.78 10.20 26.30
N PHE G 157 -3.10 10.74 27.29
CA PHE G 157 -1.88 11.51 27.07
C PHE G 157 -0.78 10.46 27.29
N ALA G 158 -0.26 9.86 26.22
CA ALA G 158 0.74 8.81 26.33
C ALA G 158 2.10 9.38 26.62
N SER G 159 2.64 9.07 27.80
CA SER G 159 3.97 9.56 28.22
C SER G 159 5.14 8.97 27.47
N PHE G 160 6.21 9.78 27.32
CA PHE G 160 7.48 9.45 26.69
C PHE G 160 7.37 8.68 25.36
N VAL G 161 6.58 9.20 24.41
CA VAL G 161 6.49 8.59 23.08
C VAL G 161 7.78 8.93 22.33
N ARG G 162 8.47 7.94 21.77
CA ARG G 162 9.75 8.17 21.06
C ARG G 162 9.69 7.80 19.59
N LYS G 163 8.77 6.92 19.21
CA LYS G 163 8.65 6.44 17.84
C LYS G 163 7.22 6.01 17.55
N ALA G 164 6.88 5.77 16.28
CA ALA G 164 5.53 5.37 15.89
C ALA G 164 5.09 4.08 16.54
N SER G 165 6.04 3.13 16.81
CA SER G 165 5.70 1.85 17.43
C SER G 165 5.20 2.01 18.88
N ASP G 166 5.58 3.09 19.57
CA ASP G 166 5.12 3.37 20.91
C ASP G 166 3.62 3.71 20.88
N VAL G 167 3.19 4.48 19.85
CA VAL G 167 1.78 4.83 19.67
C VAL G 167 0.98 3.58 19.35
N ALA G 168 1.52 2.70 18.49
CA ALA G 168 0.87 1.46 18.10
C ALA G 168 0.65 0.56 19.30
N ALA G 169 1.61 0.57 20.27
CA ALA G 169 1.49 -0.23 21.48
C ALA G 169 0.37 0.31 22.37
N VAL G 170 0.24 1.64 22.46
CA VAL G 170 -0.85 2.25 23.22
C VAL G 170 -2.21 1.94 22.57
N ARG G 171 -2.27 2.02 21.22
CA ARG G 171 -3.48 1.69 20.44
C ARG G 171 -3.92 0.27 20.67
N ALA G 172 -2.99 -0.70 20.61
CA ALA G 172 -3.28 -2.11 20.85
C ALA G 172 -3.72 -2.30 22.31
N ALA G 173 -3.10 -1.56 23.26
CA ALA G 173 -3.49 -1.61 24.65
C ALA G 173 -4.88 -1.08 24.89
N LEU G 174 -5.36 -0.15 24.05
CA LEU G 174 -6.72 0.36 24.18
C LEU G 174 -7.81 -0.71 23.80
N GLY G 175 -7.40 -1.97 23.94
CA GLY G 175 -8.16 -3.22 23.91
C GLY G 175 -9.17 -3.27 22.84
N PRO G 176 -10.16 -4.17 23.00
CA PRO G 176 -11.18 -4.30 21.94
C PRO G 176 -12.18 -3.12 21.90
N GLU G 177 -12.49 -2.54 23.06
CA GLU G 177 -13.52 -1.52 23.13
C GLU G 177 -13.03 -0.08 23.32
N GLY G 178 -11.75 0.22 23.13
CA GLY G 178 -11.23 1.58 23.31
C GLY G 178 -10.64 2.26 22.09
N HIS G 179 -11.03 1.81 20.90
CA HIS G 179 -10.53 2.37 19.64
C HIS G 179 -11.00 3.83 19.38
N GLY G 180 -12.08 4.24 20.04
CA GLY G 180 -12.65 5.58 19.95
C GLY G 180 -11.91 6.62 20.76
N ILE G 181 -11.11 6.20 21.74
CA ILE G 181 -10.33 7.08 22.60
C ILE G 181 -9.24 7.76 21.78
N LYS G 182 -9.03 9.08 21.99
CA LYS G 182 -8.00 9.82 21.26
C LYS G 182 -6.62 9.69 21.93
N ILE G 183 -5.57 9.39 21.13
CA ILE G 183 -4.22 9.28 21.66
C ILE G 183 -3.42 10.55 21.37
N ILE G 184 -3.07 11.29 22.41
CA ILE G 184 -2.25 12.47 22.29
C ILE G 184 -0.84 12.08 22.79
N SER G 185 0.14 11.99 21.88
CA SER G 185 1.49 11.57 22.21
C SER G 185 2.28 12.68 22.87
N LYS G 186 2.85 12.39 24.04
CA LYS G 186 3.67 13.36 24.73
C LYS G 186 5.10 13.31 24.22
N ILE G 187 5.62 14.43 23.73
CA ILE G 187 7.00 14.50 23.27
C ILE G 187 7.79 15.04 24.43
N GLU G 188 8.63 14.18 25.07
CA GLU G 188 9.37 14.53 26.27
C GLU G 188 10.88 14.40 26.18
N ASN G 189 11.42 14.03 25.02
CA ASN G 189 12.88 13.84 24.88
C ASN G 189 13.39 14.12 23.45
N HIS G 190 14.71 14.05 23.24
CA HIS G 190 15.32 14.31 21.94
C HIS G 190 14.84 13.33 20.85
N GLU G 191 14.69 12.03 21.19
CA GLU G 191 14.24 11.05 20.20
C GLU G 191 12.84 11.36 19.68
N GLY G 192 11.94 11.76 20.57
CA GLY G 192 10.58 12.12 20.21
C GLY G 192 10.55 13.32 19.30
N VAL G 193 11.42 14.33 19.58
CA VAL G 193 11.51 15.52 18.74
C VAL G 193 12.05 15.14 17.37
N LYS G 194 13.09 14.28 17.31
CA LYS G 194 13.67 13.89 16.04
C LYS G 194 12.75 12.98 15.21
N ARG G 195 11.98 12.13 15.86
CA ARG G 195 11.05 11.24 15.16
C ARG G 195 9.63 11.76 15.12
N PHE G 196 9.45 13.07 15.33
CA PHE G 196 8.16 13.75 15.39
C PHE G 196 7.22 13.42 14.24
N ASP G 197 7.68 13.54 12.99
CA ASP G 197 6.80 13.30 11.84
C ASP G 197 6.16 11.92 11.82
N GLU G 198 6.93 10.87 12.15
CA GLU G 198 6.38 9.53 12.18
C GLU G 198 5.40 9.32 13.35
N ILE G 199 5.62 10.04 14.47
CA ILE G 199 4.77 9.96 15.65
C ILE G 199 3.43 10.67 15.38
N LEU G 200 3.49 11.90 14.82
CA LEU G 200 2.29 12.68 14.52
C LEU G 200 1.41 11.96 13.51
N GLU G 201 2.02 11.30 12.54
CA GLU G 201 1.29 10.57 11.50
C GLU G 201 0.35 9.52 12.07
N VAL G 202 0.77 8.83 13.12
CA VAL G 202 -0.04 7.78 13.73
C VAL G 202 -0.77 8.21 15.02
N SER G 203 -0.57 9.43 15.50
CA SER G 203 -1.24 9.93 16.70
C SER G 203 -2.44 10.81 16.34
N ASP G 204 -3.34 11.03 17.30
CA ASP G 204 -4.47 11.93 17.11
C ASP G 204 -4.06 13.40 17.34
N GLY G 205 -3.01 13.61 18.11
CA GLY G 205 -2.46 14.92 18.43
C GLY G 205 -1.19 14.78 19.25
N ILE G 206 -0.63 15.92 19.69
CA ILE G 206 0.64 15.96 20.41
C ILE G 206 0.55 16.83 21.64
N MET G 207 1.35 16.50 22.67
CA MET G 207 1.49 17.34 23.84
C MET G 207 2.97 17.72 23.93
N VAL G 208 3.27 18.99 24.06
CA VAL G 208 4.63 19.49 24.21
C VAL G 208 4.81 19.44 25.71
N ALA G 209 5.39 18.32 26.17
CA ALA G 209 5.60 18.02 27.60
C ALA G 209 6.92 18.67 27.98
N ARG G 210 6.85 19.99 28.26
CA ARG G 210 8.01 20.84 28.51
C ARG G 210 8.81 20.50 29.75
N GLY G 211 8.18 19.92 30.77
CA GLY G 211 8.90 19.54 31.98
C GLY G 211 10.03 18.57 31.73
N ASP G 212 9.73 17.37 31.21
CA ASP G 212 10.77 16.39 30.91
C ASP G 212 11.61 16.83 29.72
N LEU G 213 10.99 17.46 28.73
CA LEU G 213 11.71 17.96 27.55
C LEU G 213 12.82 18.95 27.94
N GLY G 214 12.55 19.79 28.95
CA GLY G 214 13.51 20.75 29.46
C GLY G 214 14.68 20.15 30.22
N ILE G 215 14.57 18.88 30.62
CA ILE G 215 15.61 18.11 31.33
C ILE G 215 16.40 17.25 30.30
N GLU G 216 15.69 16.68 29.31
CA GLU G 216 16.27 15.83 28.27
C GLU G 216 17.07 16.62 27.23
N ILE G 217 16.61 17.82 26.90
CA ILE G 217 17.30 18.70 25.95
C ILE G 217 17.69 20.01 26.68
N PRO G 218 18.65 20.83 26.16
CA PRO G 218 18.97 22.08 26.84
C PRO G 218 17.74 22.95 27.08
N ALA G 219 17.63 23.57 28.26
CA ALA G 219 16.45 24.39 28.61
C ALA G 219 16.21 25.53 27.62
N GLU G 220 17.27 26.09 27.03
CA GLU G 220 17.17 27.18 26.07
C GLU G 220 16.70 26.73 24.69
N LYS G 221 16.55 25.43 24.45
CA LYS G 221 16.10 24.92 23.15
C LYS G 221 14.63 24.49 23.12
N VAL G 222 13.98 24.41 24.30
CA VAL G 222 12.59 23.99 24.40
C VAL G 222 11.62 24.85 23.57
N PHE G 223 11.83 26.17 23.53
CA PHE G 223 10.93 27.03 22.75
C PHE G 223 10.96 26.68 21.24
N LEU G 224 12.13 26.21 20.73
CA LEU G 224 12.24 25.82 19.32
C LEU G 224 11.41 24.58 19.08
N ALA G 225 11.47 23.61 20.01
CA ALA G 225 10.73 22.37 19.92
C ALA G 225 9.22 22.65 20.02
N GLN G 226 8.81 23.54 20.96
CA GLN G 226 7.40 23.91 21.10
C GLN G 226 6.87 24.55 19.81
N LYS G 227 7.57 25.58 19.31
CA LYS G 227 7.13 26.29 18.12
C LYS G 227 7.13 25.40 16.87
N MET G 228 8.11 24.48 16.75
CA MET G 228 8.16 23.56 15.62
C MET G 228 6.97 22.57 15.67
N MET G 229 6.75 21.93 16.82
CA MET G 229 5.68 20.95 16.97
C MET G 229 4.32 21.57 16.79
N ILE G 230 4.10 22.77 17.34
CA ILE G 230 2.82 23.46 17.16
C ILE G 230 2.58 23.76 15.68
N GLY G 231 3.61 24.26 15.00
CA GLY G 231 3.54 24.56 13.57
C GLY G 231 3.20 23.34 12.73
N ARG G 232 3.85 22.22 13.01
CA ARG G 232 3.60 20.97 12.28
C ARG G 232 2.23 20.39 12.55
N CYS G 233 1.73 20.55 13.79
CA CYS G 233 0.39 20.09 14.13
C CYS G 233 -0.65 20.97 13.47
N ASN G 234 -0.41 22.29 13.39
CA ASN G 234 -1.32 23.21 12.71
C ASN G 234 -1.37 22.85 11.22
N LEU G 235 -0.20 22.53 10.63
CA LEU G 235 -0.11 22.13 9.24
C LEU G 235 -0.88 20.81 9.02
N ALA G 236 -0.77 19.85 9.94
CA ALA G 236 -1.45 18.55 9.85
C ALA G 236 -2.91 18.60 10.20
N GLY G 237 -3.37 19.65 10.88
CA GLY G 237 -4.76 19.79 11.31
C GLY G 237 -5.08 18.89 12.49
N LYS G 238 -4.06 18.62 13.36
CA LYS G 238 -4.21 17.75 14.54
C LYS G 238 -3.99 18.53 15.82
N PRO G 239 -4.75 18.22 16.88
CA PRO G 239 -4.61 19.01 18.13
C PRO G 239 -3.21 19.02 18.75
N VAL G 240 -2.83 20.17 19.30
CA VAL G 240 -1.56 20.30 19.98
C VAL G 240 -1.77 20.98 21.33
N VAL G 241 -1.21 20.37 22.40
CA VAL G 241 -1.33 20.87 23.76
C VAL G 241 0.00 21.45 24.21
N CYS G 242 -0.02 22.63 24.83
CA CYS G 242 1.18 23.18 25.45
C CYS G 242 1.04 22.91 26.94
N ALA G 243 2.05 22.29 27.55
CA ALA G 243 1.96 21.89 28.94
C ALA G 243 3.18 22.25 29.76
N THR G 244 2.99 22.31 31.10
CA THR G 244 3.96 22.40 32.20
C THR G 244 4.55 23.80 32.47
N GLN G 245 4.39 24.21 33.75
CA GLN G 245 4.91 25.41 34.39
C GLN G 245 4.39 26.70 33.78
N MET G 246 3.23 26.65 33.11
CA MET G 246 2.64 27.84 32.48
C MET G 246 2.31 28.93 33.49
N LEU G 247 1.75 28.56 34.64
CA LEU G 247 1.41 29.49 35.73
C LEU G 247 1.93 28.92 37.06
N GLU G 248 3.12 28.28 37.03
CA GLU G 248 3.77 27.61 38.16
C GLU G 248 3.72 28.34 39.52
N SER G 249 3.99 29.66 39.52
CA SER G 249 3.96 30.45 40.74
C SER G 249 2.56 30.48 41.41
N MET G 250 1.49 30.22 40.63
CA MET G 250 0.13 30.19 41.17
C MET G 250 -0.16 28.95 42.06
N ILE G 251 0.81 28.03 42.22
CA ILE G 251 0.66 26.91 43.13
C ILE G 251 0.62 27.47 44.58
N THR G 252 1.38 28.53 44.86
CA THR G 252 1.41 29.15 46.17
C THR G 252 0.89 30.59 46.17
N LYS G 253 1.00 31.31 45.05
CA LYS G 253 0.59 32.72 45.00
C LYS G 253 -0.71 32.97 44.25
N PRO G 254 -1.55 33.95 44.65
CA PRO G 254 -2.81 34.19 43.93
C PRO G 254 -2.69 34.93 42.59
N ARG G 255 -1.51 35.49 42.27
CA ARG G 255 -1.27 36.14 40.99
C ARG G 255 -0.02 35.54 40.33
N PRO G 256 0.00 35.38 38.99
CA PRO G 256 1.20 34.81 38.34
C PRO G 256 2.27 35.86 38.04
N THR G 257 3.45 35.42 37.58
CA THR G 257 4.53 36.32 37.22
C THR G 257 4.30 36.90 35.80
N ARG G 258 5.06 37.93 35.42
CA ARG G 258 4.94 38.54 34.11
C ARG G 258 5.38 37.57 32.99
N ALA G 259 6.31 36.67 33.28
CA ALA G 259 6.79 35.66 32.34
C ALA G 259 5.72 34.58 32.09
N GLU G 260 4.94 34.25 33.13
CA GLU G 260 3.90 33.25 33.09
C GLU G 260 2.70 33.68 32.24
N THR G 261 2.22 34.93 32.41
CA THR G 261 1.12 35.42 31.58
C THR G 261 1.57 35.51 30.10
N SER G 262 2.81 35.92 29.89
CA SER G 262 3.44 36.02 28.59
C SER G 262 3.51 34.64 27.94
N ASP G 263 3.93 33.61 28.70
CA ASP G 263 4.01 32.23 28.21
C ASP G 263 2.65 31.71 27.72
N VAL G 264 1.59 31.93 28.50
CA VAL G 264 0.24 31.50 28.13
C VAL G 264 -0.19 32.17 26.84
N ALA G 265 0.00 33.48 26.76
CA ALA G 265 -0.35 34.28 25.60
C ALA G 265 0.40 33.82 24.36
N ASN G 266 1.69 33.50 24.53
CA ASN G 266 2.52 33.07 23.42
C ASN G 266 2.23 31.66 22.98
N ALA G 267 1.77 30.77 23.89
CA ALA G 267 1.37 29.42 23.48
C ALA G 267 0.14 29.52 22.56
N VAL G 268 -0.83 30.40 22.92
CA VAL G 268 -2.01 30.66 22.12
C VAL G 268 -1.59 31.28 20.77
N LEU G 269 -0.74 32.31 20.79
CA LEU G 269 -0.27 32.95 19.56
C LEU G 269 0.52 32.00 18.67
N ASP G 270 1.19 31.00 19.26
CA ASP G 270 1.98 29.98 18.53
C ASP G 270 1.08 29.07 17.70
N GLY G 271 -0.12 28.78 18.21
CA GLY G 271 -1.09 27.94 17.53
C GLY G 271 -1.59 26.78 18.35
N ALA G 272 -1.33 26.78 19.69
CA ALA G 272 -1.76 25.69 20.56
C ALA G 272 -3.27 25.59 20.66
N ASP G 273 -3.79 24.37 20.51
CA ASP G 273 -5.21 24.13 20.64
C ASP G 273 -5.60 24.12 22.11
N CYS G 274 -4.75 23.55 22.98
CA CYS G 274 -5.02 23.45 24.40
C CYS G 274 -3.87 23.96 25.21
N ILE G 275 -4.18 24.48 26.40
CA ILE G 275 -3.21 24.91 27.39
C ILE G 275 -3.50 24.12 28.66
N MET G 276 -2.44 23.77 29.42
CA MET G 276 -2.60 22.90 30.57
C MET G 276 -2.18 23.50 31.90
N LEU G 277 -2.80 23.01 32.97
CA LEU G 277 -2.46 23.32 34.34
C LEU G 277 -2.15 22.00 35.03
N SER G 278 -0.97 21.90 35.66
CA SER G 278 -0.58 20.67 36.34
CA SER G 278 -0.61 20.66 36.35
C SER G 278 -0.69 20.87 37.87
N GLY G 279 0.42 21.13 38.56
CA GLY G 279 0.42 21.35 40.00
C GLY G 279 -0.43 22.54 40.40
N GLU G 280 -0.59 23.53 39.51
CA GLU G 280 -1.40 24.71 39.75
C GLU G 280 -2.83 24.38 40.21
N THR G 281 -3.43 23.30 39.65
CA THR G 281 -4.78 22.87 40.01
C THR G 281 -4.80 21.55 40.80
N ALA G 282 -3.78 20.69 40.59
CA ALA G 282 -3.71 19.40 41.30
C ALA G 282 -3.40 19.55 42.80
N LYS G 283 -2.38 20.34 43.14
CA LYS G 283 -1.96 20.52 44.52
C LYS G 283 -1.86 21.99 44.96
N GLY G 284 -2.14 22.93 44.07
CA GLY G 284 -2.00 24.34 44.40
C GLY G 284 -3.05 24.93 45.30
N ASN G 285 -2.74 26.11 45.84
CA ASN G 285 -3.63 26.86 46.73
C ASN G 285 -4.73 27.65 45.96
N PHE G 286 -4.51 27.86 44.63
CA PHE G 286 -5.47 28.62 43.86
C PHE G 286 -5.85 27.91 42.58
N PRO G 287 -6.47 26.72 42.65
CA PRO G 287 -6.83 26.01 41.41
C PRO G 287 -7.84 26.74 40.54
N VAL G 288 -8.90 27.30 41.15
CA VAL G 288 -9.92 28.02 40.40
C VAL G 288 -9.38 29.31 39.77
N GLU G 289 -8.54 30.03 40.52
CA GLU G 289 -7.91 31.27 40.09
C GLU G 289 -6.93 31.02 38.94
N ALA G 290 -6.28 29.85 38.90
CA ALA G 290 -5.36 29.48 37.83
C ALA G 290 -6.16 29.25 36.52
N VAL G 291 -7.33 28.60 36.63
CA VAL G 291 -8.20 28.35 35.49
C VAL G 291 -8.72 29.69 34.96
N LYS G 292 -9.15 30.58 35.88
CA LYS G 292 -9.66 31.90 35.50
C LYS G 292 -8.59 32.72 34.79
N MET G 293 -7.35 32.61 35.26
CA MET G 293 -6.22 33.32 34.66
C MET G 293 -5.94 32.81 33.25
N GLN G 294 -5.91 31.49 33.05
CA GLN G 294 -5.68 30.94 31.71
C GLN G 294 -6.78 31.36 30.74
N HIS G 295 -8.03 31.41 31.24
CA HIS G 295 -9.19 31.84 30.46
C HIS G 295 -9.04 33.29 29.99
N ALA G 296 -8.71 34.19 30.94
CA ALA G 296 -8.53 35.62 30.67
C ALA G 296 -7.43 35.90 29.64
N ILE G 297 -6.27 35.26 29.77
CA ILE G 297 -5.15 35.46 28.85
C ILE G 297 -5.47 34.89 27.47
N ALA G 298 -6.03 33.67 27.41
CA ALA G 298 -6.34 33.04 26.14
C ALA G 298 -7.28 33.87 25.29
N ARG G 299 -8.33 34.46 25.90
CA ARG G 299 -9.28 35.34 25.20
C ARG G 299 -8.57 36.54 24.57
N GLU G 300 -7.63 37.14 25.31
CA GLU G 300 -6.90 38.29 24.82
C GLU G 300 -5.98 37.93 23.67
N ALA G 301 -5.30 36.78 23.79
CA ALA G 301 -4.35 36.29 22.81
C ALA G 301 -5.02 35.84 21.52
N GLU G 302 -6.21 35.25 21.62
CA GLU G 302 -6.95 34.81 20.44
C GLU G 302 -7.39 35.98 19.55
N ALA G 303 -7.77 37.11 20.17
CA ALA G 303 -8.11 38.30 19.40
C ALA G 303 -6.86 38.93 18.75
N ALA G 304 -5.69 38.74 19.35
CA ALA G 304 -4.43 39.27 18.82
C ALA G 304 -3.81 38.41 17.69
N VAL G 305 -4.43 37.28 17.34
CA VAL G 305 -3.93 36.44 16.25
C VAL G 305 -4.04 37.20 14.91
N TYR G 306 -3.03 37.12 14.04
CA TYR G 306 -3.04 37.82 12.76
C TYR G 306 -3.66 36.93 11.68
N HIS G 307 -4.97 36.80 11.73
CA HIS G 307 -5.73 35.94 10.84
C HIS G 307 -5.49 36.16 9.34
N ARG G 308 -5.16 37.39 8.92
CA ARG G 308 -4.90 37.66 7.50
C ARG G 308 -3.80 36.78 6.94
N GLN G 309 -2.66 36.74 7.63
CA GLN G 309 -1.53 35.93 7.18
C GLN G 309 -1.77 34.46 7.50
N LEU G 310 -2.29 34.18 8.71
CA LEU G 310 -2.54 32.83 9.16
C LEU G 310 -3.44 32.05 8.21
N PHE G 311 -4.61 32.62 7.86
CA PHE G 311 -5.53 31.97 6.94
C PHE G 311 -4.92 31.71 5.57
N GLU G 312 -4.22 32.69 4.99
CA GLU G 312 -3.57 32.52 3.69
C GLU G 312 -2.51 31.42 3.73
N GLU G 313 -1.75 31.34 4.82
CA GLU G 313 -0.71 30.33 4.95
C GLU G 313 -1.27 28.95 5.13
N LEU G 314 -2.33 28.83 5.95
CA LEU G 314 -3.00 27.55 6.15
C LEU G 314 -3.63 27.07 4.84
N ARG G 315 -4.26 28.01 4.12
CA ARG G 315 -4.88 27.81 2.81
C ARG G 315 -3.84 27.27 1.83
N ARG G 316 -2.70 27.99 1.63
CA ARG G 316 -1.62 27.64 0.71
C ARG G 316 -0.97 26.30 1.06
N ALA G 317 -0.75 26.04 2.35
CA ALA G 317 -0.11 24.81 2.78
C ALA G 317 -1.00 23.58 2.68
N ALA G 318 -2.31 23.76 2.78
CA ALA G 318 -3.22 22.63 2.70
C ALA G 318 -3.32 22.15 1.27
N PRO G 319 -3.19 20.84 1.07
CA PRO G 319 -3.23 20.30 -0.30
C PRO G 319 -4.64 20.30 -0.89
N LEU G 320 -4.74 20.11 -2.22
CA LEU G 320 -6.05 20.00 -2.85
C LEU G 320 -6.79 18.79 -2.29
N SER G 321 -8.11 18.92 -2.13
CA SER G 321 -8.85 17.82 -1.57
C SER G 321 -10.07 17.53 -2.33
N ARG G 322 -10.39 16.26 -2.45
CA ARG G 322 -11.62 15.83 -3.10
C ARG G 322 -12.62 15.27 -2.08
N ASP G 323 -12.37 15.44 -0.78
CA ASP G 323 -13.27 15.03 0.28
C ASP G 323 -14.22 16.19 0.47
N PRO G 324 -15.52 15.98 0.26
CA PRO G 324 -16.48 17.07 0.38
C PRO G 324 -16.51 17.74 1.75
N THR G 325 -16.16 17.03 2.85
CA THR G 325 -16.12 17.61 4.17
C THR G 325 -15.01 18.65 4.22
N GLU G 326 -13.84 18.32 3.69
CA GLU G 326 -12.69 19.20 3.66
CA GLU G 326 -12.69 19.20 3.66
C GLU G 326 -12.97 20.42 2.78
N VAL G 327 -13.60 20.21 1.62
CA VAL G 327 -13.96 21.27 0.66
C VAL G 327 -15.01 22.22 1.25
N THR G 328 -16.01 21.67 1.97
CA THR G 328 -17.04 22.46 2.61
C THR G 328 -16.43 23.27 3.75
N ALA G 329 -15.50 22.68 4.51
CA ALA G 329 -14.87 23.34 5.63
C ALA G 329 -14.15 24.61 5.21
N ILE G 330 -13.35 24.59 4.13
CA ILE G 330 -12.63 25.77 3.70
C ILE G 330 -13.57 26.83 3.14
N GLY G 331 -14.60 26.40 2.41
CA GLY G 331 -15.61 27.29 1.87
C GLY G 331 -16.36 28.01 2.96
N ALA G 332 -16.68 27.29 4.05
CA ALA G 332 -17.39 27.82 5.22
C ALA G 332 -16.54 28.80 5.97
N VAL G 333 -15.25 28.53 6.14
CA VAL G 333 -14.35 29.45 6.87
C VAL G 333 -14.11 30.73 6.03
N GLU G 334 -14.04 30.60 4.71
CA GLU G 334 -13.89 31.74 3.82
CA GLU G 334 -13.89 31.74 3.82
C GLU G 334 -15.15 32.62 3.92
N ALA G 335 -16.34 32.00 3.91
CA ALA G 335 -17.60 32.71 4.02
C ALA G 335 -17.74 33.41 5.34
N ALA G 336 -17.27 32.76 6.43
CA ALA G 336 -17.29 33.33 7.79
C ALA G 336 -16.44 34.59 7.88
N PHE G 337 -15.28 34.60 7.24
CA PHE G 337 -14.40 35.76 7.25
C PHE G 337 -15.01 36.91 6.43
N LYS G 338 -15.63 36.59 5.31
CA LYS G 338 -16.24 37.58 4.43
C LYS G 338 -17.32 38.41 5.10
N CYS G 339 -18.14 37.79 5.96
CA CYS G 339 -19.24 38.52 6.61
C CYS G 339 -19.03 38.81 8.09
N CYS G 340 -17.86 38.43 8.65
CA CYS G 340 -17.58 38.57 10.06
C CYS G 340 -18.62 37.77 10.86
N ALA G 341 -18.87 36.52 10.40
CA ALA G 341 -19.86 35.63 11.00
C ALA G 341 -19.60 35.45 12.45
N ALA G 342 -20.65 35.53 13.26
CA ALA G 342 -20.53 35.35 14.71
C ALA G 342 -20.13 33.91 15.06
N ALA G 343 -20.58 32.94 14.27
CA ALA G 343 -20.31 31.53 14.53
C ALA G 343 -20.50 30.69 13.27
N ILE G 344 -19.97 29.45 13.29
CA ILE G 344 -20.16 28.43 12.28
C ILE G 344 -20.83 27.31 13.02
N ILE G 345 -22.10 27.00 12.71
CA ILE G 345 -22.79 25.93 13.39
C ILE G 345 -22.67 24.67 12.55
N VAL G 346 -22.08 23.62 13.13
CA VAL G 346 -21.87 22.38 12.38
C VAL G 346 -22.50 21.15 13.08
N LEU G 347 -23.12 20.28 12.30
CA LEU G 347 -23.65 19.02 12.79
C LEU G 347 -22.56 17.97 12.60
N THR G 348 -22.25 17.24 13.67
CA THR G 348 -21.19 16.24 13.63
C THR G 348 -21.51 15.03 14.51
N THR G 349 -21.20 13.79 14.03
CA THR G 349 -21.42 12.57 14.80
C THR G 349 -20.14 12.12 15.48
N THR G 350 -18.99 12.28 14.80
CA THR G 350 -17.66 11.89 15.28
C THR G 350 -16.77 13.06 15.68
N GLY G 351 -17.17 14.28 15.32
CA GLY G 351 -16.41 15.48 15.59
C GLY G 351 -15.53 15.94 14.43
N ARG G 352 -15.44 15.10 13.38
CA ARG G 352 -14.57 15.35 12.26
C ARG G 352 -14.89 16.63 11.49
N SER G 353 -16.16 16.90 11.17
CA SER G 353 -16.54 18.10 10.45
C SER G 353 -16.14 19.36 11.22
N ALA G 354 -16.23 19.32 12.54
CA ALA G 354 -15.84 20.43 13.38
C ALA G 354 -14.31 20.56 13.37
N GLN G 355 -13.58 19.44 13.36
CA GLN G 355 -12.12 19.47 13.34
C GLN G 355 -11.61 20.08 12.05
N LEU G 356 -12.22 19.73 10.91
CA LEU G 356 -11.81 20.28 9.62
C LEU G 356 -12.10 21.75 9.49
N LEU G 357 -13.12 22.27 10.20
CA LEU G 357 -13.40 23.71 10.19
C LEU G 357 -12.31 24.41 11.02
N SER G 358 -12.02 23.84 12.21
CA SER G 358 -11.06 24.29 13.20
C SER G 358 -9.63 24.46 12.64
N ARG G 359 -9.18 23.55 11.76
CA ARG G 359 -7.83 23.58 11.19
C ARG G 359 -7.53 24.85 10.38
N TYR G 360 -8.58 25.50 9.81
CA TYR G 360 -8.42 26.75 9.07
C TYR G 360 -8.47 27.98 9.97
N ARG G 361 -8.50 27.79 11.29
CA ARG G 361 -8.45 28.81 12.31
C ARG G 361 -9.37 29.99 12.05
N PRO G 362 -10.68 29.74 11.95
CA PRO G 362 -11.60 30.85 11.79
C PRO G 362 -11.69 31.72 13.04
N ARG G 363 -12.04 32.99 12.87
CA ARG G 363 -12.29 33.87 14.00
C ARG G 363 -13.69 33.55 14.57
N ALA G 364 -14.62 33.05 13.73
CA ALA G 364 -15.95 32.65 14.16
C ALA G 364 -15.89 31.39 15.01
N ALA G 365 -16.70 31.33 16.07
CA ALA G 365 -16.75 30.16 16.92
C ALA G 365 -17.37 28.98 16.16
N VAL G 366 -16.82 27.78 16.32
CA VAL G 366 -17.36 26.61 15.67
C VAL G 366 -18.28 25.92 16.66
N ILE G 367 -19.60 26.16 16.57
CA ILE G 367 -20.55 25.53 17.47
C ILE G 367 -20.88 24.14 16.92
N ALA G 368 -20.40 23.08 17.57
CA ALA G 368 -20.64 21.73 17.09
C ALA G 368 -21.81 21.10 17.81
N VAL G 369 -22.87 20.79 17.10
CA VAL G 369 -24.04 20.15 17.65
C VAL G 369 -23.95 18.64 17.39
N THR G 370 -23.91 17.86 18.49
CA THR G 370 -23.76 16.42 18.36
C THR G 370 -24.65 15.66 19.29
N ARG G 371 -25.02 14.45 18.88
CA ARG G 371 -25.76 13.54 19.74
C ARG G 371 -24.77 12.61 20.52
N SER G 372 -23.46 12.58 20.08
CA SER G 372 -22.45 11.74 20.70
C SER G 372 -21.80 12.45 21.87
N ALA G 373 -22.10 11.95 23.08
CA ALA G 373 -21.51 12.53 24.29
C ALA G 373 -20.00 12.44 24.30
N GLN G 374 -19.42 11.35 23.76
CA GLN G 374 -17.96 11.25 23.68
C GLN G 374 -17.37 12.25 22.69
N ALA G 375 -17.98 12.41 21.50
CA ALA G 375 -17.51 13.38 20.51
C ALA G 375 -17.59 14.79 21.06
N ALA G 376 -18.66 15.09 21.81
CA ALA G 376 -18.81 16.40 22.44
C ALA G 376 -17.68 16.67 23.42
N ARG G 377 -17.24 15.65 24.17
CA ARG G 377 -16.12 15.82 25.10
C ARG G 377 -14.80 15.92 24.37
N GLN G 378 -14.59 15.09 23.34
CA GLN G 378 -13.32 15.07 22.60
C GLN G 378 -13.05 16.26 21.70
N VAL G 379 -14.08 16.98 21.19
CA VAL G 379 -13.83 18.14 20.33
C VAL G 379 -13.23 19.32 21.09
N HIS G 380 -13.13 19.26 22.43
CA HIS G 380 -12.44 20.28 23.21
C HIS G 380 -10.95 20.28 22.84
N LEU G 381 -10.41 19.18 22.26
CA LEU G 381 -9.03 19.13 21.83
C LEU G 381 -8.76 20.11 20.67
N CYS G 382 -9.78 20.47 19.89
CA CYS G 382 -9.71 21.35 18.72
C CYS G 382 -10.06 22.78 19.08
N ARG G 383 -9.15 23.70 18.78
CA ARG G 383 -9.35 25.11 19.07
C ARG G 383 -10.55 25.73 18.35
N GLY G 384 -11.36 26.42 19.13
CA GLY G 384 -12.51 27.13 18.62
C GLY G 384 -13.74 26.28 18.43
N VAL G 385 -13.75 25.02 18.89
CA VAL G 385 -14.93 24.18 18.79
C VAL G 385 -15.66 24.18 20.12
N PHE G 386 -16.92 24.63 20.10
CA PHE G 386 -17.81 24.73 21.26
C PHE G 386 -18.87 23.64 21.19
N PRO G 387 -18.67 22.53 21.90
CA PRO G 387 -19.61 21.41 21.79
C PRO G 387 -20.95 21.57 22.49
N LEU G 388 -22.03 21.17 21.81
CA LEU G 388 -23.35 21.20 22.37
C LEU G 388 -23.89 19.77 22.25
N LEU G 389 -24.31 19.19 23.36
CA LEU G 389 -24.84 17.83 23.36
C LEU G 389 -26.36 17.90 23.25
N TYR G 390 -26.90 17.26 22.20
CA TYR G 390 -28.29 17.27 21.89
C TYR G 390 -28.93 16.01 22.39
N ARG G 391 -29.84 16.19 23.31
CA ARG G 391 -30.56 15.13 24.01
C ARG G 391 -32.03 15.01 23.61
N GLU G 392 -32.49 15.81 22.66
CA GLU G 392 -33.88 15.80 22.26
C GLU G 392 -34.25 14.53 21.51
N PRO G 393 -35.49 14.06 21.66
CA PRO G 393 -35.92 12.89 20.88
C PRO G 393 -36.00 13.26 19.39
N PRO G 394 -35.84 12.27 18.51
CA PRO G 394 -35.79 12.57 17.09
C PRO G 394 -37.12 12.91 16.45
N GLU G 395 -37.06 13.63 15.36
CA GLU G 395 -38.21 13.92 14.52
C GLU G 395 -38.23 12.81 13.44
N ALA G 396 -39.44 12.43 13.01
CA ALA G 396 -39.61 11.38 12.02
C ALA G 396 -38.96 11.78 10.70
N ILE G 397 -39.08 13.07 10.32
CA ILE G 397 -38.48 13.53 9.09
C ILE G 397 -37.09 14.00 9.33
N TRP G 398 -36.12 13.38 8.67
CA TRP G 398 -34.73 13.74 8.82
C TRP G 398 -34.42 15.24 8.68
N ALA G 399 -34.93 15.91 7.64
CA ALA G 399 -34.69 17.34 7.46
C ALA G 399 -35.20 18.15 8.66
N ASP G 400 -36.37 17.80 9.22
CA ASP G 400 -36.90 18.49 10.41
C ASP G 400 -35.98 18.26 11.60
N ASP G 401 -35.44 17.05 11.74
CA ASP G 401 -34.53 16.75 12.82
C ASP G 401 -33.21 17.53 12.69
N VAL G 402 -32.72 17.68 11.45
CA VAL G 402 -31.53 18.47 11.14
C VAL G 402 -31.78 19.92 11.56
N ASP G 403 -32.88 20.54 11.11
CA ASP G 403 -33.23 21.92 11.44
C ASP G 403 -33.34 22.15 12.90
N ARG G 404 -33.90 21.20 13.66
CA ARG G 404 -34.01 21.36 15.10
C ARG G 404 -32.65 21.39 15.75
N ARG G 405 -31.68 20.62 15.24
CA ARG G 405 -30.33 20.63 15.76
C ARG G 405 -29.64 21.94 15.45
N VAL G 406 -29.85 22.46 14.24
CA VAL G 406 -29.34 23.79 13.89
C VAL G 406 -29.93 24.88 14.83
N GLN G 407 -31.22 24.91 15.03
CA GLN G 407 -31.90 25.85 15.92
C GLN G 407 -31.50 25.68 17.39
N PHE G 408 -31.15 24.48 17.79
CA PHE G 408 -30.59 24.20 19.12
C PHE G 408 -29.24 24.91 19.29
N GLY G 409 -28.45 24.97 18.22
CA GLY G 409 -27.17 25.65 18.24
C GLY G 409 -27.32 27.14 18.34
N ILE G 410 -28.30 27.72 17.59
CA ILE G 410 -28.63 29.14 17.61
C ILE G 410 -29.20 29.53 19.00
N GLU G 411 -30.18 28.76 19.52
CA GLU G 411 -30.74 29.07 20.85
C GLU G 411 -29.68 29.01 21.92
N SER G 412 -28.83 27.94 21.98
CA SER G 412 -27.70 27.88 22.94
C SER G 412 -26.72 29.05 22.70
N GLY G 413 -26.29 29.29 21.46
CA GLY G 413 -25.41 30.39 21.14
C GLY G 413 -25.96 31.73 21.52
N LYS G 414 -27.29 31.95 21.45
CA LYS G 414 -27.95 33.22 21.86
C LYS G 414 -27.89 33.32 23.37
N LEU G 415 -28.22 32.24 24.07
CA LEU G 415 -28.24 32.21 25.51
C LEU G 415 -26.87 32.51 26.10
N ARG G 416 -25.81 31.96 25.48
CA ARG G 416 -24.44 32.09 25.94
C ARG G 416 -23.72 33.35 25.45
N GLY G 417 -24.36 34.17 24.63
CA GLY G 417 -23.74 35.41 24.18
C GLY G 417 -22.94 35.35 22.90
N PHE G 418 -22.86 34.17 22.25
CA PHE G 418 -22.16 34.04 20.98
C PHE G 418 -22.94 34.75 19.85
N LEU G 419 -24.29 34.71 19.91
CA LEU G 419 -25.13 35.24 18.84
C LEU G 419 -26.14 36.25 19.31
N ARG G 420 -26.56 37.11 18.39
CA ARG G 420 -27.57 38.13 18.58
C ARG G 420 -28.42 38.15 17.32
N VAL G 421 -29.64 38.66 17.39
CA VAL G 421 -30.52 38.79 16.24
C VAL G 421 -29.87 39.79 15.28
N GLY G 422 -29.83 39.44 14.00
CA GLY G 422 -29.17 40.28 13.02
C GLY G 422 -27.78 39.79 12.65
N ASP G 423 -27.21 38.86 13.45
CA ASP G 423 -25.91 38.28 13.13
C ASP G 423 -26.01 37.35 11.93
N LEU G 424 -24.88 37.14 11.26
CA LEU G 424 -24.81 36.15 10.20
C LEU G 424 -24.09 34.93 10.77
N VAL G 425 -24.56 33.75 10.42
CA VAL G 425 -23.92 32.51 10.82
C VAL G 425 -23.75 31.66 9.59
N ILE G 426 -22.77 30.78 9.62
CA ILE G 426 -22.55 29.84 8.54
C ILE G 426 -22.99 28.50 9.11
N VAL G 427 -23.85 27.75 8.41
CA VAL G 427 -24.32 26.47 8.92
C VAL G 427 -23.81 25.38 8.03
N VAL G 428 -23.07 24.41 8.62
CA VAL G 428 -22.49 23.28 7.88
C VAL G 428 -23.21 21.93 8.20
N THR G 429 -23.81 21.32 7.18
CA THR G 429 -24.55 20.05 7.27
C THR G 429 -24.15 19.07 6.10
N GLY G 430 -24.81 17.93 6.01
CA GLY G 430 -24.59 16.91 4.98
C GLY G 430 -25.87 16.55 4.27
N TRP G 431 -25.78 15.77 3.19
CA TRP G 431 -26.94 15.46 2.35
C TRP G 431 -27.77 14.23 2.78
N ARG G 432 -27.23 13.43 3.69
CA ARG G 432 -27.92 12.23 4.16
C ARG G 432 -27.44 11.94 5.58
N PRO G 433 -28.21 11.15 6.37
CA PRO G 433 -27.77 10.87 7.74
C PRO G 433 -26.51 10.04 7.75
N GLY G 434 -25.77 10.17 8.83
CA GLY G 434 -24.56 9.42 9.04
C GLY G 434 -23.30 10.26 8.90
N SER G 435 -22.29 9.84 9.60
CA SER G 435 -21.01 10.44 9.52
C SER G 435 -20.38 10.31 8.13
N GLY G 436 -19.63 11.33 7.72
CA GLY G 436 -18.87 11.30 6.48
C GLY G 436 -19.46 11.90 5.24
N TYR G 437 -20.64 12.54 5.35
CA TYR G 437 -21.34 13.11 4.21
C TYR G 437 -21.56 14.61 4.24
N THR G 438 -20.79 15.36 5.06
CA THR G 438 -20.87 16.83 5.13
C THR G 438 -20.55 17.39 3.78
N ASN G 439 -21.44 18.19 3.19
CA ASN G 439 -21.21 18.78 1.87
C ASN G 439 -21.99 20.09 1.65
N ILE G 440 -22.72 20.61 2.68
CA ILE G 440 -23.53 21.81 2.51
C ILE G 440 -23.09 22.94 3.45
N MET G 441 -23.07 24.15 2.91
CA MET G 441 -22.70 25.36 3.63
C MET G 441 -23.83 26.39 3.37
N ARG G 442 -24.48 26.95 4.43
CA ARG G 442 -25.53 27.95 4.26
C ARG G 442 -25.21 29.23 5.00
N VAL G 443 -25.60 30.37 4.43
CA VAL G 443 -25.46 31.67 5.08
C VAL G 443 -26.82 32.01 5.68
N LEU G 444 -26.89 32.13 6.99
CA LEU G 444 -28.14 32.33 7.70
C LEU G 444 -28.11 33.63 8.49
N SER G 445 -29.19 34.38 8.46
CA SER G 445 -29.31 35.58 9.24
C SER G 445 -30.08 35.21 10.52
N ILE G 446 -29.54 35.51 11.71
CA ILE G 446 -30.18 35.17 12.96
C ILE G 446 -31.46 36.01 13.18
N SER G 447 -32.59 35.32 13.32
CA SER G 447 -33.89 35.91 13.58
C SER G 447 -34.42 35.55 14.99
N GLY H 23 -4.68 11.81 -12.12
CA GLY H 23 -3.65 11.43 -13.07
C GLY H 23 -2.54 12.46 -13.26
N THR H 24 -1.36 12.01 -13.67
CA THR H 24 -0.21 12.91 -13.91
C THR H 24 -0.48 13.84 -15.11
N ALA H 25 -1.19 13.32 -16.12
CA ALA H 25 -1.54 14.07 -17.31
C ALA H 25 -2.41 15.26 -16.99
N PHE H 26 -3.33 15.14 -16.01
CA PHE H 26 -4.22 16.22 -15.60
C PHE H 26 -3.43 17.43 -15.14
N PHE H 27 -2.37 17.19 -14.36
CA PHE H 27 -1.56 18.26 -13.81
C PHE H 27 -0.55 18.89 -14.79
N GLN H 28 -0.45 18.35 -16.01
CA GLN H 28 0.38 18.96 -17.05
C GLN H 28 -0.44 19.90 -17.96
N GLN H 29 -1.77 19.69 -18.06
CA GLN H 29 -2.69 20.50 -18.84
C GLN H 29 -3.08 21.80 -18.13
N GLN H 30 -3.76 22.74 -18.88
CA GLN H 30 -4.30 24.05 -18.51
C GLN H 30 -3.37 24.91 -17.63
N GLN H 31 -2.06 24.89 -17.95
CA GLN H 31 -0.98 25.62 -17.28
C GLN H 31 -0.95 25.37 -15.78
N LEU H 32 -1.25 24.12 -15.36
CA LEU H 32 -1.25 23.79 -13.93
C LEU H 32 0.14 23.90 -13.29
N PRO H 33 1.27 23.53 -13.95
CA PRO H 33 2.59 23.79 -13.33
C PRO H 33 2.82 25.29 -13.08
N ALA H 34 2.43 26.17 -14.05
CA ALA H 34 2.58 27.62 -13.91
C ALA H 34 1.64 28.21 -12.85
N ALA H 35 0.49 27.57 -12.63
CA ALA H 35 -0.49 27.99 -11.62
C ALA H 35 0.00 27.70 -10.20
N MET H 36 0.81 26.65 -10.02
CA MET H 36 1.34 26.27 -8.71
C MET H 36 2.49 27.18 -8.22
N ALA H 37 3.07 28.02 -9.11
CA ALA H 37 4.21 28.89 -8.82
C ALA H 37 4.00 29.86 -7.67
N ASP H 38 5.07 30.09 -6.89
CA ASP H 38 5.05 30.94 -5.71
C ASP H 38 5.25 32.42 -6.02
N THR H 39 5.77 32.74 -7.21
CA THR H 39 5.94 34.12 -7.63
C THR H 39 5.44 34.27 -9.05
N PHE H 40 5.13 35.51 -9.46
CA PHE H 40 4.71 35.82 -10.81
C PHE H 40 5.85 35.55 -11.82
N LEU H 41 7.11 35.81 -11.40
CA LEU H 41 8.27 35.53 -12.25
C LEU H 41 8.37 34.03 -12.53
N GLU H 42 8.22 33.19 -11.49
CA GLU H 42 8.24 31.73 -11.64
C GLU H 42 7.07 31.25 -12.50
N HIS H 43 5.90 31.90 -12.36
CA HIS H 43 4.68 31.64 -13.13
C HIS H 43 4.98 31.84 -14.61
N LEU H 44 5.58 32.98 -14.99
CA LEU H 44 5.95 33.23 -16.39
C LEU H 44 6.94 32.14 -16.89
N CYS H 45 7.95 31.84 -16.08
CA CYS H 45 8.97 30.84 -16.38
C CYS H 45 8.41 29.46 -16.64
N LEU H 46 7.31 29.11 -15.97
CA LEU H 46 6.69 27.80 -16.12
C LEU H 46 5.63 27.71 -17.22
N LEU H 47 5.32 28.81 -17.94
CA LEU H 47 4.31 28.77 -19.02
C LEU H 47 4.77 27.79 -20.10
N ASP H 48 3.89 26.88 -20.51
CA ASP H 48 4.22 25.81 -21.44
C ASP H 48 3.34 25.83 -22.69
N ILE H 49 3.96 25.90 -23.89
CA ILE H 49 3.20 25.87 -25.14
C ILE H 49 2.58 24.48 -25.42
N ASP H 50 3.08 23.44 -24.75
CA ASP H 50 2.55 22.08 -24.85
C ASP H 50 1.47 21.79 -23.82
N SER H 51 1.19 22.72 -22.89
CA SER H 51 0.14 22.54 -21.90
C SER H 51 -1.18 22.97 -22.53
N GLU H 52 -2.02 22.01 -22.93
CA GLU H 52 -3.27 22.30 -23.62
C GLU H 52 -4.39 22.79 -22.74
N PRO H 53 -5.13 23.81 -23.22
CA PRO H 53 -6.25 24.32 -22.41
C PRO H 53 -7.37 23.28 -22.32
N VAL H 54 -8.01 23.16 -21.15
CA VAL H 54 -9.04 22.14 -20.94
C VAL H 54 -10.38 22.79 -20.63
N ALA H 55 -10.35 23.88 -19.86
CA ALA H 55 -11.56 24.59 -19.51
C ALA H 55 -12.24 25.22 -20.75
N ALA H 56 -13.56 25.47 -20.64
CA ALA H 56 -14.28 26.15 -21.68
C ALA H 56 -13.81 27.61 -21.72
N ARG H 57 -13.84 28.23 -22.93
CA ARG H 57 -13.43 29.61 -23.10
C ARG H 57 -14.42 30.53 -22.37
N SER H 58 -13.91 31.33 -21.43
CA SER H 58 -14.71 32.15 -20.55
C SER H 58 -14.87 33.64 -20.93
N THR H 59 -13.98 34.22 -21.72
CA THR H 59 -14.12 35.63 -22.15
C THR H 59 -15.08 35.65 -23.32
N SER H 60 -16.17 36.41 -23.25
CA SER H 60 -17.16 36.44 -24.34
C SER H 60 -16.68 37.19 -25.56
N ILE H 61 -17.17 36.79 -26.72
CA ILE H 61 -16.83 37.42 -27.96
C ILE H 61 -18.02 38.21 -28.47
N ILE H 62 -17.80 39.52 -28.69
CA ILE H 62 -18.83 40.38 -29.26
C ILE H 62 -18.52 40.53 -30.75
N ALA H 63 -19.47 40.19 -31.62
CA ALA H 63 -19.23 40.29 -33.06
C ALA H 63 -20.15 41.38 -33.62
N THR H 64 -19.57 42.36 -34.33
CA THR H 64 -20.36 43.42 -34.96
C THR H 64 -21.02 42.85 -36.21
N ILE H 65 -22.32 43.08 -36.36
CA ILE H 65 -23.09 42.54 -37.46
C ILE H 65 -23.09 43.53 -38.61
N GLY H 66 -22.79 43.04 -39.81
CA GLY H 66 -22.79 43.86 -41.01
C GLY H 66 -23.03 43.04 -42.26
N PRO H 67 -22.72 43.60 -43.45
CA PRO H 67 -22.90 42.84 -44.70
C PRO H 67 -22.25 41.46 -44.71
N ALA H 68 -21.08 41.32 -44.07
CA ALA H 68 -20.33 40.06 -44.01
C ALA H 68 -20.88 39.03 -43.05
N SER H 69 -21.77 39.43 -42.14
CA SER H 69 -22.27 38.53 -41.13
C SER H 69 -23.78 38.61 -40.90
N ARG H 70 -24.58 39.11 -41.86
CA ARG H 70 -26.04 39.19 -41.66
C ARG H 70 -26.80 37.95 -42.19
N SER H 71 -26.15 37.09 -42.96
CA SER H 71 -26.78 35.90 -43.50
C SER H 71 -27.20 34.97 -42.35
N VAL H 72 -28.46 34.45 -42.33
CA VAL H 72 -28.90 33.51 -41.29
C VAL H 72 -27.96 32.27 -41.22
N GLU H 73 -27.54 31.76 -42.37
CA GLU H 73 -26.64 30.60 -42.43
C GLU H 73 -25.24 30.89 -41.92
N ARG H 74 -24.73 32.08 -42.15
CA ARG H 74 -23.41 32.48 -41.69
C ARG H 74 -23.47 32.82 -40.17
N LEU H 75 -24.58 33.39 -39.70
CA LEU H 75 -24.77 33.62 -38.26
C LEU H 75 -24.78 32.28 -37.49
N LYS H 76 -25.31 31.19 -38.09
CA LYS H 76 -25.27 29.86 -37.45
C LYS H 76 -23.82 29.38 -37.31
N GLU H 77 -22.98 29.68 -38.32
CA GLU H 77 -21.56 29.34 -38.28
C GLU H 77 -20.84 30.15 -37.20
N MET H 78 -21.19 31.43 -37.06
CA MET H 78 -20.60 32.31 -36.06
CA MET H 78 -20.59 32.32 -36.06
C MET H 78 -21.01 31.93 -34.65
N ILE H 79 -22.25 31.43 -34.47
CA ILE H 79 -22.71 30.98 -33.15
C ILE H 79 -21.89 29.74 -32.78
N LYS H 80 -21.74 28.82 -33.74
CA LYS H 80 -20.94 27.60 -33.55
C LYS H 80 -19.46 27.90 -33.28
N ALA H 81 -18.93 28.96 -33.87
CA ALA H 81 -17.52 29.40 -33.71
C ALA H 81 -17.24 30.03 -32.34
N GLY H 82 -18.26 30.60 -31.71
CA GLY H 82 -18.08 31.22 -30.41
C GLY H 82 -18.71 32.58 -30.14
N MET H 83 -19.41 33.19 -31.13
CA MET H 83 -20.03 34.51 -30.91
C MET H 83 -21.05 34.43 -29.79
N ASN H 84 -20.92 35.32 -28.76
CA ASN H 84 -21.85 35.35 -27.64
C ASN H 84 -22.76 36.54 -27.66
N ILE H 85 -22.28 37.69 -28.19
CA ILE H 85 -23.05 38.93 -28.29
C ILE H 85 -22.97 39.46 -29.69
N ALA H 86 -24.09 39.88 -30.26
CA ALA H 86 -24.19 40.47 -31.59
C ALA H 86 -24.33 41.98 -31.43
N ARG H 87 -23.38 42.75 -31.98
CA ARG H 87 -23.38 44.20 -31.85
C ARG H 87 -23.93 44.86 -33.10
N LEU H 88 -24.92 45.74 -32.92
CA LEU H 88 -25.52 46.51 -34.02
C LEU H 88 -24.98 47.92 -33.92
N ASN H 89 -24.09 48.31 -34.86
CA ASN H 89 -23.51 49.65 -34.81
C ASN H 89 -24.48 50.65 -35.42
N PHE H 90 -25.13 51.47 -34.59
CA PHE H 90 -26.09 52.44 -35.09
C PHE H 90 -25.45 53.69 -35.72
N SER H 91 -24.13 53.69 -35.93
CA SER H 91 -23.46 54.76 -36.67
C SER H 91 -23.69 54.60 -38.18
N HIS H 92 -24.02 53.37 -38.63
CA HIS H 92 -24.31 53.02 -40.02
C HIS H 92 -25.63 52.25 -40.09
N GLY H 93 -26.33 52.38 -41.20
CA GLY H 93 -27.58 51.66 -41.41
C GLY H 93 -28.79 52.36 -40.87
N SER H 94 -29.93 52.02 -41.42
CA SER H 94 -31.21 52.58 -41.02
C SER H 94 -31.89 51.66 -39.99
N HIS H 95 -33.03 52.10 -39.39
CA HIS H 95 -33.80 51.29 -38.47
C HIS H 95 -34.29 50.01 -39.15
N GLU H 96 -34.64 50.10 -40.42
CA GLU H 96 -35.10 48.96 -41.22
C GLU H 96 -34.00 47.91 -41.35
N TYR H 97 -32.78 48.38 -41.57
CA TYR H 97 -31.60 47.56 -41.71
C TYR H 97 -31.33 46.79 -40.40
N HIS H 98 -31.31 47.51 -39.27
CA HIS H 98 -31.04 46.92 -37.97
C HIS H 98 -32.14 45.98 -37.50
N ALA H 99 -33.41 46.25 -37.85
CA ALA H 99 -34.50 45.33 -37.51
C ALA H 99 -34.30 43.99 -38.24
N GLU H 100 -33.79 44.03 -39.48
CA GLU H 100 -33.49 42.86 -40.31
C GLU H 100 -32.34 42.09 -39.69
N SER H 101 -31.32 42.80 -39.19
CA SER H 101 -30.15 42.19 -38.54
C SER H 101 -30.61 41.41 -37.31
N ILE H 102 -31.45 42.05 -36.45
CA ILE H 102 -32.01 41.45 -35.24
C ILE H 102 -32.76 40.21 -35.57
N ALA H 103 -33.62 40.27 -36.58
CA ALA H 103 -34.44 39.13 -37.01
C ALA H 103 -33.59 37.96 -37.48
N ASN H 104 -32.53 38.24 -38.26
CA ASN H 104 -31.63 37.20 -38.77
C ASN H 104 -30.84 36.57 -37.65
N VAL H 105 -30.42 37.38 -36.66
CA VAL H 105 -29.68 36.86 -35.50
C VAL H 105 -30.61 35.93 -34.72
N ARG H 106 -31.85 36.41 -34.40
CA ARG H 106 -32.80 35.62 -33.67
C ARG H 106 -33.18 34.32 -34.39
N GLU H 107 -33.32 34.35 -35.70
CA GLU H 107 -33.63 33.15 -36.48
C GLU H 107 -32.49 32.14 -36.39
N ALA H 108 -31.22 32.58 -36.54
CA ALA H 108 -30.08 31.67 -36.41
C ALA H 108 -29.95 31.10 -34.98
N VAL H 109 -30.19 31.93 -33.95
CA VAL H 109 -30.12 31.52 -32.56
C VAL H 109 -31.21 30.49 -32.24
N GLU H 110 -32.46 30.77 -32.63
CA GLU H 110 -33.57 29.88 -32.36
C GLU H 110 -33.57 28.62 -33.17
N SER H 111 -32.77 28.54 -34.26
CA SER H 111 -32.64 27.32 -35.06
C SER H 111 -32.04 26.17 -34.22
N PHE H 112 -31.36 26.48 -33.11
CA PHE H 112 -30.79 25.47 -32.21
C PHE H 112 -31.65 25.18 -30.96
N ALA H 113 -32.79 25.87 -30.80
CA ALA H 113 -33.73 25.73 -29.68
C ALA H 113 -34.34 24.32 -29.50
N GLY H 114 -34.42 23.55 -30.58
CA GLY H 114 -34.99 22.21 -30.58
C GLY H 114 -34.19 21.18 -29.81
N SER H 115 -32.97 21.53 -29.38
CA SER H 115 -32.16 20.64 -28.55
C SER H 115 -31.73 21.50 -27.36
N PRO H 116 -32.59 21.57 -26.33
CA PRO H 116 -32.33 22.48 -25.21
C PRO H 116 -31.05 22.30 -24.42
N LEU H 117 -30.48 21.10 -24.42
CA LEU H 117 -29.23 20.81 -23.69
C LEU H 117 -27.99 21.41 -24.36
N SER H 118 -28.10 21.83 -25.62
CA SER H 118 -26.96 22.38 -26.36
C SER H 118 -27.25 23.80 -26.92
N TYR H 119 -28.47 24.35 -26.66
CA TYR H 119 -28.87 25.68 -27.10
C TYR H 119 -27.97 26.71 -26.46
N ARG H 120 -27.44 27.63 -27.29
CA ARG H 120 -26.58 28.72 -26.86
C ARG H 120 -27.31 30.04 -26.98
N PRO H 121 -27.60 30.71 -25.86
CA PRO H 121 -28.22 32.04 -25.97
C PRO H 121 -27.22 33.04 -26.57
N VAL H 122 -27.74 34.05 -27.31
CA VAL H 122 -26.89 35.10 -27.89
C VAL H 122 -27.51 36.45 -27.57
N ALA H 123 -26.74 37.36 -26.93
CA ALA H 123 -27.26 38.68 -26.61
C ALA H 123 -27.25 39.61 -27.82
N ILE H 124 -28.10 40.65 -27.83
CA ILE H 124 -28.12 41.63 -28.88
C ILE H 124 -27.85 42.98 -28.24
N ALA H 125 -26.78 43.65 -28.68
CA ALA H 125 -26.37 44.93 -28.15
C ALA H 125 -26.51 46.06 -29.18
N LEU H 126 -27.08 47.18 -28.77
CA LEU H 126 -27.23 48.34 -29.65
C LEU H 126 -26.12 49.30 -29.30
N ASP H 127 -25.24 49.62 -30.25
CA ASP H 127 -24.16 50.58 -30.01
C ASP H 127 -24.67 51.92 -30.59
N THR H 128 -24.86 52.93 -29.74
CA THR H 128 -25.40 54.22 -30.18
C THR H 128 -24.42 55.02 -31.04
N LYS H 129 -24.94 55.95 -31.87
CA LYS H 129 -24.13 56.79 -32.75
C LYS H 129 -23.32 57.81 -31.97
N GLY H 130 -23.88 58.31 -30.88
CA GLY H 130 -23.20 59.27 -30.04
C GLY H 130 -23.71 60.70 -30.15
N PRO H 131 -23.19 61.58 -29.29
CA PRO H 131 -23.65 62.98 -29.29
C PRO H 131 -23.07 63.88 -30.37
N GLY H 132 -21.92 63.49 -30.92
CA GLY H 132 -21.23 64.28 -31.92
C GLY H 132 -20.80 65.62 -31.37
N SER H 133 -21.15 66.70 -32.08
CA SER H 133 -20.84 68.07 -31.68
C SER H 133 -21.63 68.52 -30.42
N GLY H 134 -22.79 67.90 -30.17
CA GLY H 134 -23.66 68.26 -29.06
C GLY H 134 -23.16 67.99 -27.65
N PRO H 135 -23.82 68.64 -26.68
CA PRO H 135 -23.42 68.46 -25.26
C PRO H 135 -23.97 67.20 -24.58
N GLY H 136 -25.23 66.87 -24.89
CA GLY H 136 -25.93 65.74 -24.31
C GLY H 136 -26.48 64.76 -25.33
N LEU H 137 -27.58 64.08 -24.95
CA LEU H 137 -28.18 63.04 -25.78
C LEU H 137 -28.78 63.58 -27.05
N SER H 138 -28.28 63.14 -28.20
CA SER H 138 -28.76 63.59 -29.49
C SER H 138 -30.18 63.10 -29.79
N GLU H 139 -30.90 63.76 -30.72
CA GLU H 139 -32.24 63.34 -31.09
C GLU H 139 -32.24 61.98 -31.76
N GLN H 140 -31.20 61.68 -32.56
CA GLN H 140 -31.08 60.38 -33.22
C GLN H 140 -30.89 59.30 -32.17
N ASP H 141 -30.07 59.57 -31.13
CA ASP H 141 -29.86 58.61 -30.05
C ASP H 141 -31.15 58.32 -29.30
N VAL H 142 -31.99 59.33 -29.06
CA VAL H 142 -33.28 59.12 -28.42
C VAL H 142 -34.16 58.19 -29.26
N ARG H 143 -34.14 58.36 -30.57
CA ARG H 143 -34.91 57.53 -31.47
C ARG H 143 -34.38 56.11 -31.56
N ASP H 144 -33.06 55.95 -31.59
CA ASP H 144 -32.41 54.65 -31.65
C ASP H 144 -32.59 53.85 -30.38
N LEU H 145 -32.53 54.53 -29.23
CA LEU H 145 -32.76 53.88 -27.92
C LEU H 145 -34.23 53.40 -27.82
N ARG H 146 -35.18 54.20 -28.34
CA ARG H 146 -36.58 53.79 -28.36
C ARG H 146 -36.76 52.53 -29.26
N PHE H 147 -36.03 52.48 -30.39
CA PHE H 147 -36.04 51.37 -31.31
C PHE H 147 -35.52 50.10 -30.58
N GLY H 148 -34.45 50.23 -29.81
CA GLY H 148 -33.88 49.13 -29.06
C GLY H 148 -34.84 48.54 -28.06
N VAL H 149 -35.57 49.42 -27.34
CA VAL H 149 -36.58 48.97 -26.39
C VAL H 149 -37.69 48.22 -27.11
N GLU H 150 -38.18 48.78 -28.24
CA GLU H 150 -39.23 48.16 -29.03
C GLU H 150 -38.82 46.85 -29.64
N HIS H 151 -37.54 46.67 -29.96
CA HIS H 151 -37.07 45.42 -30.55
C HIS H 151 -36.41 44.46 -29.55
N GLY H 152 -36.50 44.76 -28.26
CA GLY H 152 -35.99 43.92 -27.19
C GLY H 152 -34.50 43.69 -27.11
N VAL H 153 -33.70 44.74 -27.32
CA VAL H 153 -32.25 44.59 -27.18
C VAL H 153 -31.91 44.36 -25.71
N ASP H 154 -30.80 43.66 -25.46
CA ASP H 154 -30.39 43.32 -24.09
C ASP H 154 -29.41 44.34 -23.52
N ILE H 155 -28.56 44.89 -24.38
CA ILE H 155 -27.50 45.78 -23.94
C ILE H 155 -27.44 47.03 -24.81
N VAL H 156 -26.98 48.13 -24.24
CA VAL H 156 -26.75 49.37 -24.94
C VAL H 156 -25.31 49.73 -24.70
N PHE H 157 -24.51 49.90 -25.76
CA PHE H 157 -23.14 50.37 -25.63
C PHE H 157 -23.30 51.87 -25.91
N ALA H 158 -23.40 52.67 -24.82
CA ALA H 158 -23.61 54.12 -24.99
C ALA H 158 -22.35 54.84 -25.38
N SER H 159 -22.31 55.39 -26.60
CA SER H 159 -21.15 56.12 -27.13
C SER H 159 -20.86 57.46 -26.42
N PHE H 160 -19.55 57.77 -26.36
CA PHE H 160 -18.97 59.00 -25.79
C PHE H 160 -19.56 59.44 -24.46
N VAL H 161 -19.54 58.54 -23.46
CA VAL H 161 -20.06 58.87 -22.14
C VAL H 161 -19.00 59.69 -21.48
N ARG H 162 -19.37 60.84 -20.93
CA ARG H 162 -18.44 61.80 -20.34
C ARG H 162 -18.63 62.04 -18.86
N LYS H 163 -19.82 61.75 -18.34
CA LYS H 163 -20.17 62.01 -16.96
C LYS H 163 -21.37 61.15 -16.58
N ALA H 164 -21.67 61.07 -15.28
CA ALA H 164 -22.79 60.29 -14.80
C ALA H 164 -24.14 60.74 -15.37
N SER H 165 -24.31 62.04 -15.66
CA SER H 165 -25.57 62.56 -16.21
C SER H 165 -25.86 62.05 -17.64
N ASP H 166 -24.80 61.66 -18.38
CA ASP H 166 -24.96 61.08 -19.72
C ASP H 166 -25.62 59.70 -19.61
N VAL H 167 -25.22 58.91 -18.59
CA VAL H 167 -25.78 57.60 -18.33
C VAL H 167 -27.24 57.74 -17.95
N ALA H 168 -27.56 58.73 -17.10
CA ALA H 168 -28.92 58.98 -16.65
C ALA H 168 -29.82 59.35 -17.81
N ALA H 169 -29.31 60.14 -18.78
CA ALA H 169 -30.05 60.51 -19.99
C ALA H 169 -30.36 59.27 -20.84
N VAL H 170 -29.42 58.31 -20.95
CA VAL H 170 -29.64 57.07 -21.72
C VAL H 170 -30.67 56.23 -21.02
N ARG H 171 -30.59 56.14 -19.69
N ARG H 171 -30.58 56.13 -19.69
CA ARG H 171 -31.53 55.39 -18.88
CA ARG H 171 -31.54 55.37 -18.90
C ARG H 171 -32.95 55.96 -19.05
C ARG H 171 -32.96 55.96 -19.06
N ALA H 172 -33.07 57.29 -19.03
CA ALA H 172 -34.35 57.98 -19.21
C ALA H 172 -34.92 57.73 -20.62
N ALA H 173 -34.06 57.75 -21.64
CA ALA H 173 -34.51 57.50 -23.01
C ALA H 173 -35.03 56.08 -23.20
N LEU H 174 -34.51 55.11 -22.45
CA LEU H 174 -35.01 53.74 -22.52
C LEU H 174 -36.42 53.59 -21.93
N GLY H 175 -36.80 54.52 -21.04
CA GLY H 175 -38.12 54.58 -20.43
C GLY H 175 -38.40 53.51 -19.40
N PRO H 176 -39.68 53.41 -19.02
CA PRO H 176 -40.07 52.37 -18.04
C PRO H 176 -39.94 50.92 -18.58
N GLU H 177 -40.16 50.73 -19.87
CA GLU H 177 -40.08 49.40 -20.49
C GLU H 177 -38.62 48.91 -20.68
N GLY H 178 -37.63 49.80 -20.66
CA GLY H 178 -36.24 49.40 -20.84
C GLY H 178 -35.46 49.36 -19.55
N HIS H 179 -36.13 49.14 -18.42
CA HIS H 179 -35.46 49.11 -17.11
CA HIS H 179 -35.46 49.10 -17.11
C HIS H 179 -34.47 47.93 -16.98
N GLY H 180 -34.78 46.81 -17.65
CA GLY H 180 -33.94 45.62 -17.63
C GLY H 180 -32.75 45.61 -18.57
N ILE H 181 -32.68 46.55 -19.53
CA ILE H 181 -31.56 46.64 -20.46
C ILE H 181 -30.30 47.08 -19.72
N LYS H 182 -29.13 46.47 -20.02
CA LYS H 182 -27.86 46.80 -19.39
C LYS H 182 -27.18 47.94 -20.13
N ILE H 183 -26.73 48.97 -19.40
CA ILE H 183 -26.03 50.09 -20.02
C ILE H 183 -24.51 49.96 -19.81
N ILE H 184 -23.76 49.74 -20.91
CA ILE H 184 -22.32 49.65 -20.89
C ILE H 184 -21.81 50.97 -21.46
N SER H 185 -21.22 51.81 -20.62
CA SER H 185 -20.73 53.11 -21.04
C SER H 185 -19.42 53.02 -21.79
N LYS H 186 -19.36 53.61 -22.99
CA LYS H 186 -18.13 53.63 -23.76
C LYS H 186 -17.27 54.82 -23.33
N ILE H 187 -16.01 54.55 -22.92
CA ILE H 187 -15.09 55.61 -22.57
C ILE H 187 -14.25 55.87 -23.81
N GLU H 188 -14.48 57.01 -24.48
CA GLU H 188 -13.82 57.33 -25.74
C GLU H 188 -12.99 58.62 -25.75
N ASN H 189 -12.87 59.31 -24.62
CA ASN H 189 -12.13 60.58 -24.56
C ASN H 189 -11.52 60.85 -23.17
N HIS H 190 -10.74 61.95 -23.05
CA HIS H 190 -10.09 62.33 -21.81
C HIS H 190 -11.08 62.55 -20.66
N GLU H 191 -12.20 63.24 -20.92
CA GLU H 191 -13.18 63.54 -19.87
C GLU H 191 -13.76 62.27 -19.25
N GLY H 192 -14.07 61.28 -20.10
CA GLY H 192 -14.61 60.00 -19.68
C GLY H 192 -13.61 59.27 -18.79
N VAL H 193 -12.32 59.33 -19.17
CA VAL H 193 -11.27 58.68 -18.39
C VAL H 193 -11.13 59.38 -17.04
N LYS H 194 -11.18 60.71 -17.02
CA LYS H 194 -11.07 61.45 -15.77
C LYS H 194 -12.28 61.35 -14.85
N ARG H 195 -13.46 61.25 -15.41
CA ARG H 195 -14.69 61.09 -14.62
C ARG H 195 -15.14 59.62 -14.52
N PHE H 196 -14.20 58.67 -14.75
CA PHE H 196 -14.44 57.23 -14.75
C PHE H 196 -15.20 56.72 -13.54
N ASP H 197 -14.77 57.05 -12.34
CA ASP H 197 -15.41 56.54 -11.13
C ASP H 197 -16.88 56.88 -11.04
N GLU H 198 -17.27 58.12 -11.37
CA GLU H 198 -18.67 58.51 -11.32
C GLU H 198 -19.50 57.84 -12.43
N ILE H 199 -18.88 57.56 -13.59
CA ILE H 199 -19.54 56.89 -14.72
C ILE H 199 -19.79 55.40 -14.39
N LEU H 200 -18.74 54.70 -13.88
CA LEU H 200 -18.83 53.30 -13.53
C LEU H 200 -19.87 53.09 -12.44
N GLU H 201 -19.95 54.01 -11.48
CA GLU H 201 -20.90 53.91 -10.37
C GLU H 201 -22.33 53.80 -10.82
N VAL H 202 -22.71 54.54 -11.88
CA VAL H 202 -24.09 54.53 -12.38
C VAL H 202 -24.32 53.64 -13.61
N SER H 203 -23.26 53.01 -14.16
CA SER H 203 -23.34 52.13 -15.33
C SER H 203 -23.35 50.66 -14.90
N ASP H 204 -23.78 49.77 -15.78
CA ASP H 204 -23.72 48.33 -15.56
C ASP H 204 -22.32 47.76 -15.85
N GLY H 205 -21.56 48.44 -16.71
CA GLY H 205 -20.22 48.07 -17.09
C GLY H 205 -19.62 49.13 -18.00
N ILE H 206 -18.41 48.83 -18.52
CA ILE H 206 -17.65 49.79 -19.36
C ILE H 206 -17.11 49.14 -20.62
N MET H 207 -16.96 49.94 -21.66
CA MET H 207 -16.27 49.50 -22.88
C MET H 207 -15.07 50.44 -23.08
N VAL H 208 -13.88 49.89 -23.26
CA VAL H 208 -12.67 50.64 -23.56
C VAL H 208 -12.71 50.78 -25.08
N ALA H 209 -13.25 51.90 -25.54
CA ALA H 209 -13.44 52.19 -26.94
C ALA H 209 -12.18 52.82 -27.45
N ARG H 210 -11.19 51.95 -27.78
CA ARG H 210 -9.85 52.34 -28.14
C ARG H 210 -9.72 53.15 -29.42
N GLY H 211 -10.62 52.97 -30.38
CA GLY H 211 -10.55 53.73 -31.63
C GLY H 211 -10.62 55.24 -31.43
N ASP H 212 -11.72 55.72 -30.83
CA ASP H 212 -11.85 57.16 -30.57
C ASP H 212 -10.91 57.60 -29.45
N LEU H 213 -10.71 56.76 -28.43
CA LEU H 213 -9.81 57.06 -27.32
C LEU H 213 -8.39 57.31 -27.83
N GLY H 214 -7.96 56.55 -28.84
CA GLY H 214 -6.65 56.68 -29.46
C GLY H 214 -6.45 57.95 -30.26
N ILE H 215 -7.53 58.65 -30.59
CA ILE H 215 -7.45 59.91 -31.30
C ILE H 215 -7.68 61.10 -30.36
N GLU H 216 -8.47 60.91 -29.28
CA GLU H 216 -8.74 61.93 -28.28
C GLU H 216 -7.56 62.13 -27.33
N ILE H 217 -6.88 61.03 -26.98
CA ILE H 217 -5.71 61.07 -26.12
C ILE H 217 -4.49 60.51 -26.92
N PRO H 218 -3.23 60.80 -26.55
CA PRO H 218 -2.10 60.25 -27.32
C PRO H 218 -2.19 58.74 -27.48
N ALA H 219 -1.89 58.23 -28.67
CA ALA H 219 -1.95 56.79 -28.95
C ALA H 219 -1.12 55.95 -27.98
N GLU H 220 0.00 56.46 -27.51
CA GLU H 220 0.87 55.73 -26.59
C GLU H 220 0.35 55.71 -25.14
N LYS H 221 -0.75 56.39 -24.85
CA LYS H 221 -1.33 56.39 -23.50
C LYS H 221 -2.57 55.48 -23.37
N VAL H 222 -3.11 54.97 -24.49
CA VAL H 222 -4.31 54.15 -24.47
C VAL H 222 -4.16 52.88 -23.64
N PHE H 223 -2.99 52.21 -23.68
CA PHE H 223 -2.79 51.00 -22.87
C PHE H 223 -2.92 51.29 -21.36
N LEU H 224 -2.54 52.52 -20.91
CA LEU H 224 -2.67 52.87 -19.51
C LEU H 224 -4.16 52.99 -19.13
N ALA H 225 -4.96 53.62 -20.03
CA ALA H 225 -6.38 53.80 -19.83
C ALA H 225 -7.08 52.44 -19.86
N GLN H 226 -6.68 51.55 -20.78
CA GLN H 226 -7.26 50.21 -20.86
C GLN H 226 -7.01 49.44 -19.56
N LYS H 227 -5.74 49.35 -19.14
CA LYS H 227 -5.35 48.61 -17.95
C LYS H 227 -5.98 49.21 -16.68
N MET H 228 -6.09 50.54 -16.59
CA MET H 228 -6.73 51.18 -15.43
C MET H 228 -8.22 50.82 -15.37
N MET H 229 -8.94 51.01 -16.48
CA MET H 229 -10.37 50.77 -16.52
C MET H 229 -10.70 49.34 -16.28
N ILE H 230 -9.94 48.42 -16.87
CA ILE H 230 -10.15 46.98 -16.62
C ILE H 230 -9.98 46.65 -15.13
N GLY H 231 -8.88 47.16 -14.54
CA GLY H 231 -8.60 46.95 -13.13
C GLY H 231 -9.70 47.45 -12.22
N ARG H 232 -10.22 48.67 -12.49
CA ARG H 232 -11.28 49.26 -11.68
C ARG H 232 -12.60 48.55 -11.84
N CYS H 233 -12.87 48.02 -13.04
CA CYS H 233 -14.09 47.23 -13.26
C CYS H 233 -13.97 45.89 -12.55
N ASN H 234 -12.80 45.27 -12.55
CA ASN H 234 -12.57 44.01 -11.84
C ASN H 234 -12.76 44.24 -10.33
N LEU H 235 -12.26 45.38 -9.83
CA LEU H 235 -12.42 45.74 -8.44
C LEU H 235 -13.91 45.95 -8.10
N ALA H 236 -14.67 46.64 -8.98
CA ALA H 236 -16.09 46.90 -8.80
C ALA H 236 -16.99 45.69 -9.05
N GLY H 237 -16.48 44.66 -9.73
CA GLY H 237 -17.25 43.47 -10.07
C GLY H 237 -18.25 43.74 -11.18
N LYS H 238 -17.92 44.70 -12.09
CA LYS H 238 -18.78 45.07 -13.21
C LYS H 238 -18.11 44.69 -14.54
N PRO H 239 -18.90 44.26 -15.55
CA PRO H 239 -18.28 43.85 -16.82
C PRO H 239 -17.46 44.92 -17.53
N VAL H 240 -16.37 44.51 -18.18
CA VAL H 240 -15.56 45.41 -18.94
C VAL H 240 -15.23 44.78 -20.29
N VAL H 241 -15.42 45.55 -21.37
CA VAL H 241 -15.19 45.12 -22.75
C VAL H 241 -13.95 45.80 -23.31
N CYS H 242 -13.09 45.05 -23.99
CA CYS H 242 -11.98 45.64 -24.71
C CYS H 242 -12.38 45.64 -26.18
N ALA H 243 -12.26 46.79 -26.83
CA ALA H 243 -12.72 46.91 -28.21
C ALA H 243 -11.73 47.60 -29.14
N THR H 244 -11.89 47.36 -30.48
CA THR H 244 -11.32 48.03 -31.66
C THR H 244 -9.90 47.62 -32.02
N GLN H 245 -9.76 47.16 -33.28
CA GLN H 245 -8.55 46.79 -34.00
C GLN H 245 -7.79 45.64 -33.40
N MET H 246 -8.47 44.77 -32.64
CA MET H 246 -7.87 43.59 -32.00
C MET H 246 -7.32 42.61 -33.02
N LEU H 247 -8.04 42.35 -34.12
CA LEU H 247 -7.60 41.44 -35.19
C LEU H 247 -7.83 42.13 -36.54
N GLU H 248 -7.61 43.46 -36.60
CA GLU H 248 -7.80 44.32 -37.77
C GLU H 248 -7.32 43.75 -39.12
N SER H 249 -6.14 43.14 -39.16
CA SER H 249 -5.62 42.58 -40.41
C SER H 249 -6.46 41.43 -40.96
N MET H 250 -7.28 40.78 -40.11
CA MET H 250 -8.16 39.69 -40.55
C MET H 250 -9.36 40.18 -41.37
N ILE H 251 -9.51 41.51 -41.56
CA ILE H 251 -10.55 42.01 -42.45
C ILE H 251 -10.25 41.57 -43.90
N THR H 252 -8.95 41.51 -44.26
CA THR H 252 -8.49 41.18 -45.59
C THR H 252 -7.65 39.92 -45.62
N LYS H 253 -6.96 39.56 -44.52
CA LYS H 253 -6.09 38.39 -44.52
C LYS H 253 -6.61 37.23 -43.66
N PRO H 254 -6.29 35.96 -44.05
CA PRO H 254 -6.79 34.80 -43.28
C PRO H 254 -6.18 34.56 -41.90
N ARG H 255 -5.00 35.13 -41.64
CA ARG H 255 -4.30 34.98 -40.37
C ARG H 255 -3.93 36.37 -39.83
N PRO H 256 -3.99 36.57 -38.49
CA PRO H 256 -3.67 37.89 -37.94
C PRO H 256 -2.17 38.13 -37.76
N THR H 257 -1.78 39.35 -37.39
CA THR H 257 -0.37 39.68 -37.14
C THR H 257 0.05 39.23 -35.73
N ARG H 258 1.35 39.20 -35.44
CA ARG H 258 1.85 38.80 -34.13
C ARG H 258 1.41 39.80 -33.04
N ALA H 259 1.25 41.08 -33.40
CA ALA H 259 0.80 42.12 -32.49
C ALA H 259 -0.67 41.94 -32.11
N GLU H 260 -1.47 41.49 -33.07
CA GLU H 260 -2.89 41.25 -32.91
C GLU H 260 -3.21 40.08 -31.96
N THR H 261 -2.54 38.94 -32.13
CA THR H 261 -2.75 37.81 -31.24
C THR H 261 -2.31 38.18 -29.80
N SER H 262 -1.22 38.92 -29.71
CA SER H 262 -0.66 39.42 -28.47
C SER H 262 -1.68 40.35 -27.78
N ASP H 263 -2.29 41.26 -28.52
CA ASP H 263 -3.26 42.21 -28.01
C ASP H 263 -4.49 41.47 -27.40
N VAL H 264 -5.01 40.43 -28.11
CA VAL H 264 -6.14 39.65 -27.64
C VAL H 264 -5.76 38.96 -26.32
N ALA H 265 -4.61 38.31 -26.29
CA ALA H 265 -4.10 37.60 -25.14
C ALA H 265 -3.92 38.52 -23.95
N ASN H 266 -3.40 39.72 -24.20
CA ASN H 266 -3.16 40.68 -23.15
C ASN H 266 -4.43 41.32 -22.66
N ALA H 267 -5.47 41.47 -23.49
CA ALA H 267 -6.76 41.99 -23.02
C ALA H 267 -7.38 40.99 -22.03
N VAL H 268 -7.30 39.68 -22.34
CA VAL H 268 -7.76 38.61 -21.46
C VAL H 268 -6.92 38.60 -20.17
N LEU H 269 -5.58 38.62 -20.30
CA LEU H 269 -4.71 38.65 -19.12
C LEU H 269 -4.92 39.90 -18.28
N ASP H 270 -5.33 41.03 -18.88
CA ASP H 270 -5.61 42.28 -18.15
C ASP H 270 -6.82 42.14 -17.23
N GLY H 271 -7.81 41.34 -17.64
CA GLY H 271 -9.02 41.10 -16.88
C GLY H 271 -10.31 41.41 -17.60
N ALA H 272 -10.25 41.57 -18.94
CA ALA H 272 -11.44 41.91 -19.72
C ALA H 272 -12.45 40.78 -19.70
N ASP H 273 -13.71 41.12 -19.48
CA ASP H 273 -14.78 40.14 -19.50
C ASP H 273 -15.14 39.80 -20.94
N CYS H 274 -15.10 40.80 -21.83
CA CYS H 274 -15.47 40.61 -23.23
C CYS H 274 -14.42 41.18 -24.14
N ILE H 275 -14.27 40.56 -25.31
CA ILE H 275 -13.39 41.04 -26.36
C ILE H 275 -14.28 41.26 -27.59
N MET H 276 -13.96 42.28 -28.41
CA MET H 276 -14.81 42.61 -29.54
C MET H 276 -14.17 42.48 -30.93
N LEU H 277 -15.01 42.26 -31.94
CA LEU H 277 -14.64 42.28 -33.35
C LEU H 277 -15.56 43.33 -34.01
N SER H 278 -14.98 44.29 -34.76
CA SER H 278 -15.75 45.33 -35.43
C SER H 278 -15.78 45.00 -36.94
N GLY H 279 -14.90 45.62 -37.76
CA GLY H 279 -14.81 45.35 -39.18
C GLY H 279 -14.50 43.91 -39.51
N GLU H 280 -13.78 43.20 -38.63
CA GLU H 280 -13.41 41.77 -38.77
C GLU H 280 -14.64 40.89 -38.98
N THR H 281 -15.78 41.21 -38.35
CA THR H 281 -17.02 40.43 -38.54
C THR H 281 -18.10 41.22 -39.31
N ALA H 282 -18.05 42.55 -39.32
CA ALA H 282 -19.02 43.37 -40.01
C ALA H 282 -18.82 43.44 -41.53
N LYS H 283 -17.59 43.64 -42.00
CA LYS H 283 -17.37 43.83 -43.42
C LYS H 283 -16.28 42.99 -44.09
N GLY H 284 -15.44 42.34 -43.31
CA GLY H 284 -14.30 41.62 -43.86
C GLY H 284 -14.62 40.35 -44.60
N ASN H 285 -13.58 39.64 -45.04
CA ASN H 285 -13.75 38.37 -45.72
C ASN H 285 -13.59 37.17 -44.81
N PHE H 286 -13.19 37.37 -43.54
CA PHE H 286 -12.99 36.27 -42.64
C PHE H 286 -13.80 36.40 -41.32
N PRO H 287 -15.15 36.65 -41.33
CA PRO H 287 -15.85 36.84 -40.07
C PRO H 287 -15.82 35.64 -39.14
N VAL H 288 -15.99 34.39 -39.67
CA VAL H 288 -16.02 33.17 -38.86
C VAL H 288 -14.64 32.83 -38.30
N GLU H 289 -13.60 32.97 -39.10
CA GLU H 289 -12.23 32.70 -38.71
C GLU H 289 -11.75 33.71 -37.69
N ALA H 290 -12.25 34.97 -37.72
CA ALA H 290 -11.89 35.99 -36.74
C ALA H 290 -12.46 35.58 -35.37
N VAL H 291 -13.70 35.06 -35.35
CA VAL H 291 -14.36 34.59 -34.13
C VAL H 291 -13.57 33.38 -33.61
N LYS H 292 -13.21 32.44 -34.49
CA LYS H 292 -12.43 31.25 -34.15
C LYS H 292 -11.07 31.63 -33.56
N MET H 293 -10.41 32.65 -34.14
CA MET H 293 -9.14 33.14 -33.66
C MET H 293 -9.25 33.73 -32.28
N GLN H 294 -10.24 34.59 -32.03
CA GLN H 294 -10.44 35.18 -30.69
C GLN H 294 -10.71 34.11 -29.66
N HIS H 295 -11.49 33.08 -30.04
CA HIS H 295 -11.81 31.95 -29.19
C HIS H 295 -10.52 31.18 -28.81
N ALA H 296 -9.67 30.86 -29.80
CA ALA H 296 -8.44 30.10 -29.60
C ALA H 296 -7.48 30.84 -28.66
N ILE H 297 -7.27 32.14 -28.88
CA ILE H 297 -6.36 32.94 -28.05
C ILE H 297 -6.91 33.09 -26.62
N ALA H 298 -8.21 33.41 -26.48
CA ALA H 298 -8.81 33.59 -25.17
C ALA H 298 -8.67 32.35 -24.28
N ARG H 299 -8.88 31.16 -24.82
CA ARG H 299 -8.72 29.89 -24.09
C ARG H 299 -7.27 29.73 -23.58
N GLU H 300 -6.28 30.07 -24.41
CA GLU H 300 -4.88 29.95 -24.05
C GLU H 300 -4.53 30.94 -22.96
N ALA H 301 -5.01 32.20 -23.09
CA ALA H 301 -4.75 33.28 -22.16
C ALA H 301 -5.42 33.07 -20.80
N GLU H 302 -6.63 32.50 -20.79
CA GLU H 302 -7.35 32.21 -19.54
C GLU H 302 -6.63 31.16 -18.70
N ALA H 303 -6.02 30.16 -19.33
CA ALA H 303 -5.23 29.17 -18.61
C ALA H 303 -3.93 29.79 -18.05
N ALA H 304 -3.39 30.82 -18.71
CA ALA H 304 -2.18 31.49 -18.29
C ALA H 304 -2.39 32.53 -17.18
N VAL H 305 -3.63 32.76 -16.74
CA VAL H 305 -3.91 33.70 -15.66
C VAL H 305 -3.29 33.14 -14.33
N TYR H 306 -2.66 34.01 -13.55
CA TYR H 306 -2.02 33.62 -12.31
C TYR H 306 -3.05 33.70 -11.17
N HIS H 307 -3.96 32.73 -11.14
CA HIS H 307 -5.04 32.69 -10.14
C HIS H 307 -4.60 32.80 -8.69
N ARG H 308 -3.39 32.33 -8.36
CA ARG H 308 -2.91 32.38 -6.98
C ARG H 308 -2.89 33.82 -6.45
N GLN H 309 -2.25 34.74 -7.20
CA GLN H 309 -2.19 36.14 -6.82
C GLN H 309 -3.53 36.83 -7.06
N LEU H 310 -4.17 36.56 -8.22
CA LEU H 310 -5.44 37.17 -8.57
C LEU H 310 -6.51 36.96 -7.52
N PHE H 311 -6.73 35.69 -7.10
CA PHE H 311 -7.75 35.40 -6.11
C PHE H 311 -7.49 36.09 -4.76
N GLU H 312 -6.23 36.07 -4.28
CA GLU H 312 -5.84 36.71 -3.03
C GLU H 312 -6.07 38.20 -3.10
N GLU H 313 -5.71 38.83 -4.24
CA GLU H 313 -5.91 40.27 -4.42
C GLU H 313 -7.37 40.65 -4.51
N LEU H 314 -8.20 39.86 -5.21
CA LEU H 314 -9.61 40.12 -5.29
C LEU H 314 -10.25 39.95 -3.92
N ARG H 315 -9.81 38.93 -3.11
CA ARG H 315 -10.41 38.82 -1.78
C ARG H 315 -9.99 39.98 -0.89
N ARG H 316 -8.69 40.33 -0.88
CA ARG H 316 -8.18 41.45 -0.07
C ARG H 316 -8.88 42.75 -0.43
N ALA H 317 -9.03 43.03 -1.73
CA ALA H 317 -9.66 44.26 -2.19
C ALA H 317 -11.15 44.34 -1.96
N ALA H 318 -11.84 43.21 -1.96
CA ALA H 318 -13.29 43.19 -1.76
C ALA H 318 -13.58 43.46 -0.29
N PRO H 319 -14.49 44.41 -0.03
CA PRO H 319 -14.84 44.71 1.37
C PRO H 319 -15.71 43.61 1.99
N LEU H 320 -15.83 43.63 3.33
CA LEU H 320 -16.73 42.71 4.04
C LEU H 320 -18.15 42.90 3.56
N SER H 321 -18.93 41.81 3.50
CA SER H 321 -20.29 41.92 3.02
C SER H 321 -21.23 41.19 3.91
N ARG H 322 -22.42 41.72 4.06
CA ARG H 322 -23.46 41.05 4.81
C ARG H 322 -24.59 40.50 3.91
N ASP H 323 -24.38 40.53 2.58
CA ASP H 323 -25.34 40.03 1.63
C ASP H 323 -25.02 38.54 1.47
N PRO H 324 -25.98 37.67 1.79
CA PRO H 324 -25.72 36.22 1.69
C PRO H 324 -25.34 35.73 0.30
N THR H 325 -25.78 36.42 -0.78
CA THR H 325 -25.43 36.04 -2.13
C THR H 325 -23.90 36.22 -2.31
N GLU H 326 -23.38 37.37 -1.87
CA GLU H 326 -21.98 37.73 -1.97
C GLU H 326 -21.14 36.80 -1.11
N VAL H 327 -21.62 36.49 0.12
CA VAL H 327 -20.94 35.59 1.05
C VAL H 327 -20.89 34.15 0.51
N THR H 328 -21.97 33.67 -0.09
CA THR H 328 -22.02 32.34 -0.69
C THR H 328 -21.13 32.27 -1.93
N ALA H 329 -21.08 33.35 -2.72
CA ALA H 329 -20.24 33.42 -3.91
C ALA H 329 -18.74 33.22 -3.58
N ILE H 330 -18.22 33.90 -2.57
CA ILE H 330 -16.81 33.73 -2.22
C ILE H 330 -16.53 32.33 -1.60
N GLY H 331 -17.46 31.82 -0.81
CA GLY H 331 -17.33 30.48 -0.24
C GLY H 331 -17.33 29.42 -1.32
N ALA H 332 -18.16 29.60 -2.36
CA ALA H 332 -18.26 28.68 -3.49
C ALA H 332 -17.00 28.72 -4.36
N VAL H 333 -16.42 29.90 -4.57
CA VAL H 333 -15.20 30.03 -5.37
C VAL H 333 -14.01 29.44 -4.62
N GLU H 334 -13.98 29.58 -3.30
CA GLU H 334 -12.94 28.98 -2.46
C GLU H 334 -13.05 27.44 -2.51
N ALA H 335 -14.28 26.92 -2.44
CA ALA H 335 -14.52 25.49 -2.50
C ALA H 335 -14.14 24.92 -3.85
N ALA H 336 -14.46 25.67 -4.93
CA ALA H 336 -14.13 25.25 -6.29
C ALA H 336 -12.60 25.14 -6.51
N PHE H 337 -11.82 26.07 -5.93
CA PHE H 337 -10.38 26.02 -6.06
C PHE H 337 -9.81 24.86 -5.25
N LYS H 338 -10.37 24.59 -4.08
CA LYS H 338 -9.92 23.52 -3.20
C LYS H 338 -9.96 22.14 -3.83
N CYS H 339 -10.98 21.85 -4.61
CA CYS H 339 -11.15 20.52 -5.20
C CYS H 339 -10.94 20.48 -6.69
N CYS H 340 -10.52 21.61 -7.33
CA CYS H 340 -10.39 21.68 -8.77
C CYS H 340 -11.72 21.34 -9.43
N ALA H 341 -12.80 21.98 -8.93
CA ALA H 341 -14.16 21.72 -9.41
C ALA H 341 -14.24 21.98 -10.91
N ALA H 342 -14.90 21.10 -11.66
CA ALA H 342 -15.07 21.29 -13.10
C ALA H 342 -16.00 22.49 -13.40
N ALA H 343 -16.95 22.78 -12.49
CA ALA H 343 -17.90 23.84 -12.71
C ALA H 343 -18.56 24.28 -11.38
N ILE H 344 -19.22 25.44 -11.40
CA ILE H 344 -20.04 25.96 -10.33
C ILE H 344 -21.39 26.11 -10.98
N ILE H 345 -22.38 25.29 -10.61
CA ILE H 345 -23.71 25.41 -11.19
C ILE H 345 -24.55 26.32 -10.30
N VAL H 346 -25.06 27.42 -10.85
CA VAL H 346 -25.85 28.37 -10.09
C VAL H 346 -27.23 28.62 -10.70
N LEU H 347 -28.24 28.71 -9.84
CA LEU H 347 -29.59 29.05 -10.26
C LEU H 347 -29.71 30.55 -10.13
N THR H 348 -30.20 31.22 -11.18
CA THR H 348 -30.29 32.67 -11.14
C THR H 348 -31.48 33.18 -11.93
N THR H 349 -32.17 34.22 -11.44
CA THR H 349 -33.33 34.78 -12.10
C THR H 349 -32.91 36.02 -12.87
N THR H 350 -32.12 36.90 -12.22
CA THR H 350 -31.62 38.15 -12.80
C THR H 350 -30.18 38.06 -13.35
N GLY H 351 -29.46 37.00 -13.02
CA GLY H 351 -28.06 36.82 -13.39
C GLY H 351 -27.08 37.26 -12.32
N ARG H 352 -27.59 37.91 -11.26
CA ARG H 352 -26.77 38.47 -10.20
C ARG H 352 -25.93 37.46 -9.45
N SER H 353 -26.49 36.31 -9.06
CA SER H 353 -25.71 35.26 -8.36
C SER H 353 -24.54 34.79 -9.18
N ALA H 354 -24.73 34.69 -10.50
CA ALA H 354 -23.66 34.27 -11.41
C ALA H 354 -22.60 35.39 -11.50
N GLN H 355 -23.03 36.66 -11.52
CA GLN H 355 -22.12 37.79 -11.58
C GLN H 355 -21.23 37.85 -10.35
N LEU H 356 -21.80 37.58 -9.16
CA LEU H 356 -21.01 37.61 -7.95
C LEU H 356 -20.02 36.45 -7.85
N LEU H 357 -20.30 35.34 -8.52
CA LEU H 357 -19.36 34.22 -8.57
C LEU H 357 -18.19 34.62 -9.49
N SER H 358 -18.55 35.19 -10.65
CA SER H 358 -17.66 35.63 -11.72
C SER H 358 -16.62 36.69 -11.26
N ARG H 359 -17.00 37.61 -10.37
CA ARG H 359 -16.10 38.68 -9.90
C ARG H 359 -14.86 38.16 -9.15
N TYR H 360 -14.96 36.94 -8.56
CA TYR H 360 -13.82 36.30 -7.89
C TYR H 360 -12.95 35.49 -8.82
N ARG H 361 -13.23 35.53 -10.15
CA ARG H 361 -12.47 34.91 -11.20
C ARG H 361 -12.09 33.47 -10.93
N PRO H 362 -13.09 32.59 -10.72
CA PRO H 362 -12.76 31.18 -10.52
C PRO H 362 -12.23 30.55 -11.81
N ARG H 363 -11.46 29.47 -11.67
CA ARG H 363 -11.01 28.70 -12.81
C ARG H 363 -12.20 27.80 -13.29
N ALA H 364 -13.09 27.38 -12.38
CA ALA H 364 -14.27 26.58 -12.69
C ALA H 364 -15.29 27.40 -13.47
N ALA H 365 -15.96 26.77 -14.44
CA ALA H 365 -16.94 27.41 -15.27
C ALA H 365 -18.16 27.71 -14.40
N VAL H 366 -18.78 28.88 -14.58
CA VAL H 366 -19.99 29.18 -13.84
C VAL H 366 -21.17 28.87 -14.73
N ILE H 367 -21.78 27.70 -14.56
CA ILE H 367 -22.92 27.31 -15.40
C ILE H 367 -24.20 27.90 -14.76
N ALA H 368 -24.78 28.93 -15.39
CA ALA H 368 -25.93 29.61 -14.84
C ALA H 368 -27.19 29.08 -15.45
N VAL H 369 -28.04 28.48 -14.65
CA VAL H 369 -29.34 27.98 -15.12
C VAL H 369 -30.41 28.99 -14.79
N THR H 370 -31.11 29.47 -15.83
CA THR H 370 -32.12 30.50 -15.68
C THR H 370 -33.32 30.28 -16.55
N ARG H 371 -34.48 30.77 -16.10
CA ARG H 371 -35.70 30.75 -16.93
C ARG H 371 -35.83 32.07 -17.69
N SER H 372 -35.07 33.12 -17.30
CA SER H 372 -35.11 34.41 -17.97
C SER H 372 -34.27 34.36 -19.22
N ALA H 373 -34.93 34.37 -20.39
CA ALA H 373 -34.23 34.42 -21.68
C ALA H 373 -33.36 35.70 -21.75
N GLN H 374 -33.84 36.85 -21.21
CA GLN H 374 -33.02 38.06 -21.20
C GLN H 374 -31.80 37.95 -20.29
N ALA H 375 -31.97 37.39 -19.08
CA ALA H 375 -30.83 37.20 -18.16
C ALA H 375 -29.82 36.26 -18.76
N ALA H 376 -30.27 35.21 -19.44
CA ALA H 376 -29.40 34.23 -20.12
C ALA H 376 -28.54 34.95 -21.19
N ARG H 377 -29.12 35.92 -21.90
CA ARG H 377 -28.36 36.66 -22.90
C ARG H 377 -27.40 37.63 -22.25
N GLN H 378 -27.85 38.35 -21.23
CA GLN H 378 -27.03 39.37 -20.56
C GLN H 378 -25.87 38.84 -19.73
N VAL H 379 -25.92 37.59 -19.21
CA VAL H 379 -24.79 37.11 -18.38
C VAL H 379 -23.52 36.84 -19.19
N HIS H 380 -23.59 36.90 -20.53
CA HIS H 380 -22.40 36.81 -21.38
C HIS H 380 -21.47 37.98 -21.10
N LEU H 381 -21.96 39.09 -20.52
CA LEU H 381 -21.12 40.22 -20.20
C LEU H 381 -20.12 39.89 -19.11
N CYS H 382 -20.40 38.84 -18.27
CA CYS H 382 -19.57 38.40 -17.14
C CYS H 382 -18.73 37.24 -17.51
N ARG H 383 -17.42 37.37 -17.34
CA ARG H 383 -16.47 36.32 -17.68
C ARG H 383 -16.70 35.03 -16.94
N GLY H 384 -16.71 33.94 -17.68
CA GLY H 384 -16.82 32.62 -17.08
C GLY H 384 -18.22 32.17 -16.80
N VAL H 385 -19.24 32.93 -17.21
CA VAL H 385 -20.62 32.53 -17.00
C VAL H 385 -21.17 31.89 -18.29
N PHE H 386 -21.62 30.65 -18.20
CA PHE H 386 -22.18 29.90 -19.30
C PHE H 386 -23.69 29.75 -19.09
N PRO H 387 -24.49 30.56 -19.80
CA PRO H 387 -25.94 30.53 -19.57
C PRO H 387 -26.68 29.36 -20.20
N LEU H 388 -27.59 28.77 -19.43
CA LEU H 388 -28.45 27.70 -19.91
C LEU H 388 -29.89 28.18 -19.71
N LEU H 389 -30.70 28.11 -20.75
CA LEU H 389 -32.09 28.54 -20.70
C LEU H 389 -32.97 27.32 -20.38
N TYR H 390 -33.64 27.35 -19.25
CA TYR H 390 -34.45 26.26 -18.76
C TYR H 390 -35.89 26.58 -19.19
N ARG H 391 -36.52 25.67 -19.92
CA ARG H 391 -37.79 25.91 -20.55
C ARG H 391 -39.00 25.27 -19.85
N GLU H 392 -38.78 24.33 -18.93
CA GLU H 392 -39.89 23.67 -18.25
C GLU H 392 -40.63 24.58 -17.30
N PRO H 393 -41.98 24.45 -17.25
CA PRO H 393 -42.74 25.27 -16.27
C PRO H 393 -42.46 24.78 -14.84
N PRO H 394 -42.61 25.65 -13.83
CA PRO H 394 -42.27 25.26 -12.45
C PRO H 394 -43.00 24.05 -11.91
N GLU H 395 -42.28 23.14 -11.26
CA GLU H 395 -42.82 21.96 -10.59
C GLU H 395 -43.65 22.40 -9.38
N ALA H 396 -44.55 21.52 -8.92
CA ALA H 396 -45.39 21.83 -7.76
C ALA H 396 -44.54 21.90 -6.49
N ILE H 397 -43.62 20.96 -6.31
CA ILE H 397 -42.72 20.96 -5.18
C ILE H 397 -41.45 21.72 -5.55
N TRP H 398 -41.26 22.92 -4.98
CA TRP H 398 -40.16 23.82 -5.25
C TRP H 398 -38.80 23.13 -5.13
N ALA H 399 -38.60 22.27 -4.13
CA ALA H 399 -37.34 21.54 -3.99
C ALA H 399 -37.02 20.70 -5.27
N ASP H 400 -38.04 20.08 -5.87
CA ASP H 400 -37.93 19.28 -7.08
C ASP H 400 -37.68 20.21 -8.27
N ASP H 401 -38.32 21.41 -8.31
CA ASP H 401 -38.03 22.38 -9.37
C ASP H 401 -36.54 22.80 -9.31
N VAL H 402 -36.00 22.99 -8.11
CA VAL H 402 -34.62 23.31 -7.92
C VAL H 402 -33.72 22.19 -8.45
N ASP H 403 -33.95 20.93 -8.01
CA ASP H 403 -33.17 19.78 -8.45
C ASP H 403 -33.23 19.51 -9.94
N ARG H 404 -34.37 19.77 -10.57
CA ARG H 404 -34.52 19.54 -11.99
C ARG H 404 -33.63 20.49 -12.77
N ARG H 405 -33.47 21.74 -12.31
CA ARG H 405 -32.63 22.72 -12.96
C ARG H 405 -31.15 22.36 -12.78
N VAL H 406 -30.78 21.90 -11.59
CA VAL H 406 -29.43 21.47 -11.28
C VAL H 406 -29.05 20.29 -12.18
N GLN H 407 -29.99 19.34 -12.39
CA GLN H 407 -29.79 18.19 -13.27
C GLN H 407 -29.71 18.62 -14.73
N PHE H 408 -30.47 19.65 -15.12
CA PHE H 408 -30.40 20.25 -16.45
C PHE H 408 -28.99 20.81 -16.68
N GLY H 409 -28.41 21.46 -15.66
CA GLY H 409 -27.05 22.00 -15.71
C GLY H 409 -26.03 20.90 -15.86
N ILE H 410 -26.22 19.78 -15.12
CA ILE H 410 -25.33 18.63 -15.20
C ILE H 410 -25.39 17.95 -16.59
N GLU H 411 -26.61 17.75 -17.10
CA GLU H 411 -26.79 17.11 -18.40
C GLU H 411 -26.23 17.96 -19.55
N SER H 412 -26.53 19.28 -19.55
CA SER H 412 -26.00 20.24 -20.51
C SER H 412 -24.48 20.26 -20.44
N GLY H 413 -23.91 20.23 -19.22
CA GLY H 413 -22.48 20.26 -19.04
C GLY H 413 -21.81 19.03 -19.55
N LYS H 414 -22.45 17.87 -19.36
CA LYS H 414 -21.90 16.58 -19.78
C LYS H 414 -21.90 16.52 -21.31
N LEU H 415 -23.02 16.91 -21.94
CA LEU H 415 -23.16 16.92 -23.38
C LEU H 415 -22.13 17.83 -24.03
N ARG H 416 -21.87 19.00 -23.43
CA ARG H 416 -20.95 19.98 -24.00
C ARG H 416 -19.49 19.78 -23.64
N GLY H 417 -19.17 18.79 -22.83
CA GLY H 417 -17.78 18.53 -22.45
C GLY H 417 -17.27 19.25 -21.20
N PHE H 418 -18.11 20.04 -20.51
CA PHE H 418 -17.68 20.70 -19.27
C PHE H 418 -17.49 19.66 -18.14
N LEU H 419 -18.33 18.62 -18.11
CA LEU H 419 -18.35 17.67 -17.03
C LEU H 419 -18.22 16.26 -17.48
N ARG H 420 -17.69 15.45 -16.61
CA ARG H 420 -17.49 14.02 -16.82
C ARG H 420 -17.85 13.33 -15.48
N VAL H 421 -18.20 12.05 -15.50
CA VAL H 421 -18.49 11.30 -14.28
C VAL H 421 -17.24 11.26 -13.40
N GLY H 422 -17.44 11.51 -12.11
CA GLY H 422 -16.32 11.57 -11.18
C GLY H 422 -15.84 12.96 -10.87
N ASP H 423 -16.32 13.97 -11.62
CA ASP H 423 -15.97 15.36 -11.38
C ASP H 423 -16.70 15.86 -10.13
N LEU H 424 -16.14 16.90 -9.50
CA LEU H 424 -16.80 17.55 -8.39
C LEU H 424 -17.34 18.88 -8.94
N VAL H 425 -18.55 19.25 -8.56
CA VAL H 425 -19.17 20.54 -8.91
C VAL H 425 -19.64 21.21 -7.63
N ILE H 426 -19.71 22.51 -7.65
CA ILE H 426 -20.20 23.30 -6.54
C ILE H 426 -21.56 23.78 -7.01
N VAL H 427 -22.61 23.52 -6.24
CA VAL H 427 -23.95 23.93 -6.63
C VAL H 427 -24.41 25.08 -5.74
N VAL H 428 -24.77 26.23 -6.34
CA VAL H 428 -25.21 27.43 -5.63
C VAL H 428 -26.70 27.67 -5.84
N THR H 429 -27.48 27.58 -4.74
CA THR H 429 -28.94 27.77 -4.71
C THR H 429 -29.36 28.74 -3.55
N GLY H 430 -30.65 28.94 -3.36
CA GLY H 430 -31.20 29.79 -2.32
C GLY H 430 -32.22 29.08 -1.47
N TRP H 431 -32.70 29.72 -0.40
CA TRP H 431 -33.64 29.10 0.54
C TRP H 431 -35.12 29.25 0.17
N ARG H 432 -35.47 30.11 -0.78
CA ARG H 432 -36.84 30.30 -1.19
C ARG H 432 -36.88 30.75 -2.65
N PRO H 433 -38.04 30.59 -3.33
CA PRO H 433 -38.14 31.09 -4.70
C PRO H 433 -38.03 32.62 -4.75
N GLY H 434 -37.72 33.12 -5.93
CA GLY H 434 -37.57 34.52 -6.16
C GLY H 434 -36.14 34.97 -6.09
N SER H 435 -35.83 36.05 -6.77
CA SER H 435 -34.51 36.63 -6.83
C SER H 435 -34.09 37.20 -5.49
N GLY H 436 -32.79 37.17 -5.21
CA GLY H 436 -32.21 37.76 -4.03
C GLY H 436 -32.00 36.89 -2.82
N TYR H 437 -32.33 35.59 -2.88
CA TYR H 437 -32.23 34.71 -1.72
C TYR H 437 -31.18 33.63 -1.78
N THR H 438 -30.15 33.72 -2.69
CA THR H 438 -29.08 32.71 -2.75
C THR H 438 -28.38 32.68 -1.40
N ASN H 439 -28.14 31.50 -0.87
CA ASN H 439 -27.45 31.38 0.41
C ASN H 439 -26.89 29.97 0.64
N ILE H 440 -26.97 29.06 -0.34
CA ILE H 440 -26.51 27.70 -0.13
C ILE H 440 -25.44 27.31 -1.14
N MET H 441 -24.37 26.63 -0.68
CA MET H 441 -23.39 26.03 -1.58
C MET H 441 -23.21 24.55 -1.19
N ARG H 442 -23.29 23.62 -2.19
CA ARG H 442 -23.15 22.19 -1.97
CA ARG H 442 -23.09 22.21 -1.92
C ARG H 442 -22.03 21.61 -2.81
N VAL H 443 -21.28 20.65 -2.27
CA VAL H 443 -20.24 19.94 -3.01
C VAL H 443 -20.90 18.66 -3.54
N LEU H 444 -20.95 18.48 -4.86
CA LEU H 444 -21.63 17.37 -5.50
C LEU H 444 -20.68 16.56 -6.39
N SER H 445 -20.82 15.25 -6.38
CA SER H 445 -20.01 14.39 -7.22
C SER H 445 -20.83 14.00 -8.44
N ILE H 446 -20.27 14.17 -9.64
CA ILE H 446 -20.99 13.84 -10.87
C ILE H 446 -21.09 12.33 -11.09
N SER H 447 -22.32 11.83 -11.19
CA SER H 447 -22.61 10.42 -11.43
C SER H 447 -23.29 10.27 -12.81
P1 FBP I . -25.87 -60.63 -26.34
O1P FBP I . -26.37 -61.94 -25.83
O2P FBP I . -26.90 -59.47 -26.11
O3P FBP I . -25.45 -60.64 -27.81
O1 FBP I . -24.52 -60.26 -25.56
C1 FBP I . -23.80 -59.03 -25.75
C2 FBP I . -22.91 -58.86 -24.50
O2 FBP I . -22.07 -57.77 -24.74
C3 FBP I . -22.14 -60.15 -24.15
O3 FBP I . -21.00 -60.35 -24.98
C4 FBP I . -21.86 -59.95 -22.69
O4 FBP I . -21.58 -61.19 -22.07
C5 FBP I . -23.22 -59.44 -22.23
O5 FBP I . -23.70 -58.65 -23.32
C6 FBP I . -23.19 -58.63 -20.96
O6 FBP I . -24.40 -58.89 -20.22
P2 FBP I . -24.40 -58.81 -18.60
O4P FBP I . -23.35 -59.78 -18.08
O5P FBP I . -25.74 -59.31 -18.13
O6P FBP I . -24.17 -57.39 -18.19
C1 OXL J . -40.15 -44.94 6.39
C2 OXL J . -40.44 -45.77 5.09
O1 OXL J . -40.67 -45.26 7.45
O2 OXL J . -41.26 -46.80 5.21
O3 OXL J . -39.34 -43.93 6.26
O4 OXL J . -39.93 -45.44 4.03
MG MG K . -41.55 -47.02 7.32
K K L . -44.73 -49.95 3.54
O4 O8X M . -14.75 -36.89 -2.50
C18 O8X M . -12.57 -31.06 5.06
C19 O8X M . -12.65 -29.75 4.67
O3 O8X M . -17.16 -36.29 -2.71
C17 O8X M . -14.62 -35.19 1.44
C15 O8X M . -17.70 -38.81 -1.05
C16 O8X M . -14.72 -35.80 0.20
C14 O8X M . -17.94 -40.06 -0.49
C1 O8X M . -14.90 -29.54 5.62
C13 O8X M . -16.91 -40.96 -0.23
C4 O8X M . -14.60 -34.47 4.22
C5 O8X M . -15.84 -34.16 3.42
O1 O8X M . -14.06 -33.12 7.68
C6 O8X M . -15.80 -34.79 2.09
O2 O8X M . -19.18 -40.52 -0.18
C3 O8X M . -13.65 -31.63 5.76
C2 O8X M . -14.79 -30.85 6.01
C7 O8X M . -17.03 -35.00 1.46
C12 O8X M . -15.63 -40.59 -0.55
C11 O8X M . -15.37 -39.35 -1.10
C10 O8X M . -16.39 -38.43 -1.35
C9 O8X M . -15.96 -36.05 -0.44
C8 O8X M . -17.11 -35.61 0.23
O5 O8X M . -12.33 -33.80 6.01
S O8X M . -13.57 -33.16 6.35
O6 O8X M . -11.59 -29.19 4.03
C O8X M . -13.81 -28.97 4.95
O O8X M . -13.87 -27.63 4.72
N O8X M . -14.75 -33.90 5.54
S1 O8X M . -16.05 -36.86 -1.92
H17 O8X M . -11.69 -31.63 4.80
H16 O8X M . -13.63 -35.03 1.86
H14 O8X M . -18.52 -38.13 -1.28
H15 O8X M . -13.79 -36.12 -0.28
H1 O8X M . -15.80 -28.97 5.82
H12 O8X M . -17.13 -41.93 0.22
H4 O8X M . -14.43 -35.55 4.28
H5 O8X M . -13.71 -34.05 3.75
H6 O8X M . -15.94 -33.08 3.31
H7 O8X M . -16.73 -34.47 3.96
H13 O8X M . -19.85 -39.83 -0.40
H2 O8X M . -15.63 -31.28 6.56
H8 O8X M . -17.95 -34.67 1.95
H11 O8X M . -14.81 -41.29 -0.37
H10 O8X M . -14.33 -39.10 -1.32
H9 O8X M . -18.09 -35.75 -0.23
H18 O8X M . -11.40 -29.75 3.24
H O8X M . -14.71 -27.23 5.07
H3 O8X M . -15.69 -33.99 5.92
P1 FBP N . -1.10 -53.97 -38.43
O1P FBP N . 0.13 -54.74 -37.90
O2P FBP N . -0.54 -52.84 -39.33
O3P FBP N . -2.10 -54.89 -39.08
O1 FBP N . -1.85 -53.25 -37.19
C1 FBP N . -2.23 -53.89 -35.96
C2 FBP N . -2.38 -52.76 -34.91
O2 FBP N . -2.91 -53.31 -33.73
C3 FBP N . -3.22 -51.58 -35.46
O3 FBP N . -4.61 -51.80 -35.39
C4 FBP N . -2.72 -50.44 -34.61
O4 FBP N . -2.99 -49.20 -35.25
C5 FBP N . -1.23 -50.72 -34.62
O5 FBP N . -1.12 -52.16 -34.63
C6 FBP N . -0.46 -50.15 -33.45
O6 FBP N . 0.85 -49.76 -33.92
P2 FBP N . 1.62 -48.51 -33.27
O4P FBP N . 1.89 -48.92 -31.82
O5P FBP N . 2.90 -48.23 -33.95
O6P FBP N . 0.70 -47.29 -33.33
C1 OXL O . 29.72 -39.99 -19.73
C2 OXL O . 29.49 -40.71 -21.08
O1 OXL O . 29.34 -40.52 -18.70
O2 OXL O . 28.87 -41.89 -21.08
O3 OXL O . 30.27 -38.80 -19.77
O4 OXL O . 29.91 -40.15 -22.11
MG MG P . 30.92 -38.51 -21.76
K K Q . 31.81 -41.21 -26.58
P1 FBP R . -2.65 -9.50 29.96
O1P FBP R . -1.79 -9.85 31.17
O2P FBP R . -4.08 -9.95 30.17
O3P FBP R . -2.59 -8.08 29.57
O1 FBP R . -2.07 -10.42 28.84
C1 FBP R . -2.00 -11.85 28.92
C2 FBP R . -1.81 -12.35 27.48
O2 FBP R . -1.61 -13.73 27.51
C3 FBP R . -0.68 -11.61 26.74
O3 FBP R . 0.63 -12.04 27.11
C4 FBP R . -1.06 -11.83 25.31
O4 FBP R . -0.43 -10.87 24.49
C5 FBP R . -2.56 -11.57 25.39
O5 FBP R . -2.96 -12.07 26.68
C6 FBP R . -3.37 -12.21 24.29
O6 FBP R . -4.48 -11.35 23.99
P2 FBP R . -5.06 -11.32 22.48
O4P FBP R . -5.67 -12.66 22.14
O5P FBP R . -6.09 -10.24 22.47
O6P FBP R . -3.87 -10.97 21.58
C1 OXL S . -32.46 -14.12 5.47
C2 OXL S . -32.24 -13.37 6.83
O1 OXL S . -32.33 -15.42 5.44
O2 OXL S . -31.98 -14.00 7.86
O3 OXL S . -32.74 -13.45 4.50
O4 OXL S . -32.38 -12.06 6.77
MG MG T . -33.02 -11.36 4.84
K K U . -33.59 -8.17 9.53
P1 FBP V . 18.19 -28.06 34.06
O1P FBP V . 18.39 -29.12 35.09
O2P FBP V . 19.35 -27.99 33.05
O3P FBP V . 17.99 -26.64 34.67
O1 FBP V . 16.89 -28.31 33.25
C1 FBP V . 16.47 -27.52 32.15
C2 FBP V . 15.45 -28.37 31.38
O2 FBP V . 14.90 -27.52 30.41
C3 FBP V . 14.38 -29.01 32.29
O3 FBP V . 13.34 -28.11 32.66
C4 FBP V . 13.93 -30.16 31.46
O4 FBP V . 13.29 -31.14 32.26
C5 FBP V . 15.27 -30.70 30.99
O5 FBP V . 16.06 -29.52 30.79
C6 FBP V . 15.20 -31.53 29.73
O6 FBP V . 16.21 -32.55 29.79
P2 FBP V . 15.95 -33.99 29.09
O4P FBP V . 17.15 -34.78 29.49
O5P FBP V . 14.73 -34.68 29.55
O6P FBP V . 15.86 -33.77 27.59
C1 OXL W . 31.17 -53.17 9.53
C2 OXL W . 30.73 -54.04 8.33
O1 OXL W . 31.39 -53.77 10.57
O2 OXL W . 30.71 -55.34 8.55
O3 OXL W . 31.36 -51.86 9.37
O4 OXL W . 30.33 -53.51 7.28
MG MG X . 31.68 -56.24 10.03
K K Y . 34.74 -54.32 14.33
O4 O8X Z . 8.93 -37.91 1.48
C18 O8X Z . 7.04 -41.89 -7.30
C19 O8X Z . 7.48 -41.05 -8.29
O3 O8X Z . 11.44 -38.00 1.35
C17 O8X Z . 8.66 -40.74 -1.74
C15 O8X Z . 11.19 -40.51 3.01
C16 O8X Z . 8.75 -39.88 -0.64
C14 O8X Z . 11.10 -41.53 3.94
C1 O8X Z . 9.54 -42.31 -8.51
C13 O8X Z . 9.88 -41.92 4.49
C4 O8X Z . 8.60 -43.17 -3.38
C5 O8X Z . 9.85 -42.36 -3.34
O1 O8X Z . 8.08 -45.07 -5.58
C6 O8X Z . 9.82 -41.37 -2.21
O2 O8X Z . 12.16 -42.26 4.38
C3 O8X Z . 7.82 -42.94 -6.90
C2 O8X Z . 9.07 -43.14 -7.52
C7 O8X Z . 11.04 -41.11 -1.60
C12 O8X Z . 8.73 -41.27 4.10
C11 O8X Z . 8.80 -40.25 3.16
C10 O8X Z . 10.04 -39.85 2.59
C9 O8X Z . 10.00 -39.64 0.02
C8 O8X Z . 11.14 -40.27 -0.51
O5 O8X Z . 5.90 -43.88 -5.53
S O8X Z . 7.31 -43.85 -5.63
O6 O8X Z . 6.69 -40.03 -8.68
C O8X Z . 8.74 -41.25 -8.91
O O8X Z . 9.23 -40.54 -9.95
N O8X Z . 7.67 -42.83 -4.41
S1 O8X Z . 10.13 -38.67 1.40
H17 O8X Z . 6.07 -41.70 -6.83
H16 O8X Z . 7.69 -40.88 -2.20
H14 O8X Z . 12.15 -40.22 2.60
H15 O8X Z . 7.86 -39.39 -0.28
H1 O8X Z . 10.50 -42.48 -8.98
H12 O8X Z . 9.83 -42.74 5.21
H4 O8X Z . 8.90 -44.21 -3.46
H5 O8X Z . 8.06 -43.15 -2.44
H6 O8X Z . 10.05 -41.81 -4.26
H7 O8X Z . 10.69 -43.04 -3.23
H13 O8X Z . 12.98 -41.93 3.93
H2 O8X Z . 9.69 -44.00 -7.25
H8 O8X Z . 11.95 -41.56 -1.98
H11 O8X Z . 7.78 -41.55 4.53
H10 O8X Z . 7.87 -39.75 2.87
H9 O8X Z . 12.11 -40.11 -0.05
H18 O8X Z . 5.94 -40.42 -9.21
H O8X Z . 8.60 -39.81 -10.19
H3 O8X Z . 7.25 -41.92 -4.29
P1 FBP AA . 35.94 60.49 12.05
O1P FBP AA . 35.97 59.43 13.14
O2P FBP AA . 35.41 61.78 12.74
O3P FBP AA . 37.27 60.62 11.32
O1 FBP AA . 34.82 60.03 10.99
C1 FBP AA . 34.77 58.74 10.36
C2 FBP AA . 33.32 58.57 9.83
O2 FBP AA . 33.28 57.39 9.06
C3 FBP AA . 32.84 59.81 9.08
O3 FBP AA . 33.29 59.89 7.74
C4 FBP AA . 31.34 59.67 9.25
O4 FBP AA . 30.70 60.93 9.05
C5 FBP AA . 31.26 59.30 10.72
O5 FBP AA . 32.41 58.45 10.93
C6 FBP AA . 30.00 58.57 11.14
O6 FBP AA . 29.67 58.98 12.49
P2 FBP AA . 28.13 59.01 12.96
O4P FBP AA . 27.60 57.60 12.98
O5P FBP AA . 28.13 59.64 14.33
O6P FBP AA . 27.36 59.91 12.02
C1 OXL BA . 10.17 48.74 36.54
C2 OXL BA . 8.85 47.93 36.53
O1 OXL BA . 11.22 48.23 35.90
O2 OXL BA . 8.79 46.84 35.98
O3 OXL BA . 10.20 49.82 37.13
O4 OXL BA . 7.82 48.47 37.13
MG MG CA . 8.25 50.13 38.06
K K DA . 12.85 52.74 40.01
P1 FBP EA . 39.71 50.60 -15.06
O1P FBP EA . 40.56 49.52 -15.61
O2P FBP EA . 38.85 51.27 -16.16
O3P FBP EA . 40.47 51.72 -14.32
O1 FBP EA . 38.72 50.02 -13.94
C1 FBP EA . 37.74 50.81 -13.25
C2 FBP EA . 36.73 49.80 -12.67
O2 FBP EA . 35.84 50.52 -11.85
C3 FBP EA . 37.43 48.66 -11.91
O3 FBP EA . 37.83 48.98 -10.58
C4 FBP EA . 36.38 47.58 -12.00
O4 FBP EA . 36.97 46.30 -11.80
C5 FBP EA . 35.96 47.72 -13.46
O5 FBP EA . 36.03 49.13 -13.73
C6 FBP EA . 34.59 47.20 -13.78
O6 FBP EA . 34.58 46.67 -15.13
P2 FBP EA . 33.63 45.42 -15.51
O4P FBP EA . 33.92 44.31 -14.50
O5P FBP EA . 34.04 45.01 -16.93
O6P FBP EA . 32.21 45.91 -15.42
C1 OXL FA . 11.21 36.27 -37.19
C2 OXL FA . 12.53 37.04 -37.37
O1 OXL FA . 11.16 35.06 -37.70
O2 OXL FA . 13.45 36.45 -38.08
O3 OXL FA . 10.30 36.76 -36.57
O4 OXL FA . 12.69 38.14 -36.83
MG MG GA . 12.78 34.45 -39.05
K K HA . 17.46 36.52 -41.25
P1 FBP IA . -27.05 12.77 11.40
O1P FBP IA . -26.90 11.31 11.22
O2P FBP IA . -26.62 13.22 12.75
O3P FBP IA . -28.36 13.26 10.90
O1 FBP IA . -26.00 13.46 10.42
C1 FBP IA . -26.15 14.82 10.00
C2 FBP IA . -24.81 15.16 9.41
O2 FBP IA . -24.76 16.54 9.20
C3 FBP IA . -24.59 14.31 8.14
O3 FBP IA . -25.37 14.63 6.99
C4 FBP IA . -23.09 14.45 7.98
O4 FBP IA . -22.64 13.40 7.15
C5 FBP IA . -22.64 14.21 9.42
O5 FBP IA . -23.71 14.76 10.24
C6 FBP IA . -21.31 14.81 9.76
O6 FBP IA . -20.75 14.06 10.84
P2 FBP IA . -19.15 13.85 10.90
O4P FBP IA . -18.86 12.97 12.07
O5P FBP IA . -18.48 15.20 11.19
O6P FBP IA . -18.70 13.23 9.58
C1 OXL JA . 5.99 16.60 31.32
C2 OXL JA . 4.54 16.12 31.50
O1 OXL JA . 6.95 15.72 31.50
O2 OXL JA . 4.37 14.91 31.65
O3 OXL JA . 6.17 17.77 31.09
O4 OXL JA . 3.56 17.01 31.46
MG MG KA . 6.48 13.86 31.80
K K LA . 2.56 11.21 33.80
O4 O8X MA . -0.17 34.96 10.93
C18 O8X MA . 8.60 39.67 13.27
C19 O8X MA . 8.24 40.94 13.61
O3 O8X MA . -0.50 34.82 13.42
C17 O8X MA . 3.86 36.22 11.56
C15 O8X MA . 1.12 32.46 10.89
C16 O8X MA . 2.56 35.80 11.40
C14 O8X MA . 1.44 31.12 10.80
C1 O8X MA . 7.70 41.44 11.28
C13 O8X MA . 1.53 30.28 11.91
C4 O8X MA . 6.74 36.51 11.92
C5 O8X MA . 5.83 36.57 13.13
O1 O8X MA . 10.34 37.57 12.09
C6 O8X MA . 4.44 36.16 12.82
O2 O8X MA . 1.55 30.49 9.62
C3 O8X MA . 8.53 39.29 11.92
C2 O8X MA . 8.05 40.19 10.95
C7 O8X MA . 3.70 35.69 13.90
C12 O8X MA . 1.25 30.83 13.14
C11 O8X MA . 0.88 32.16 13.26
C10 O8X MA . 0.80 32.99 12.13
C9 O8X MA . 1.80 35.31 12.46
C8 O8X MA . 2.40 35.29 13.72
O5 O8X MA . 8.84 37.60 10.14
S O8X MA . 9.07 37.82 11.53
O6 O8X MA . 8.30 41.36 14.91
C O8X MA . 7.78 41.84 12.59
O O8X MA . 7.43 43.10 12.80
N O8X MA . 8.05 36.89 12.39
S1 O8X MA . 0.30 34.60 12.21
H17 O8X MA . 8.94 38.99 14.03
H16 O8X MA . 4.39 36.61 10.69
H14 O8X MA . 1.12 33.09 10.01
H15 O8X MA . 2.12 35.85 10.41
H1 O8X MA . 7.34 42.14 10.51
H12 O8X MA . 1.81 29.24 11.79
H4 O8X MA . 6.75 35.51 11.50
H5 O8X MA . 6.41 37.19 11.13
H6 O8X MA . 5.82 37.58 13.52
H7 O8X MA . 6.24 35.96 13.94
H13 O8X MA . 1.48 31.15 8.87
H2 O8X MA . 7.94 39.88 9.91
H8 O8X MA . 4.14 35.64 14.88
H11 O8X MA . 1.34 30.21 14.04
H10 O8X MA . 0.66 32.55 14.25
H9 O8X MA . 1.84 34.95 14.58
H18 O8X MA . 8.84 42.20 14.92
H O8X MA . 7.52 43.32 13.76
H3 O8X MA . 8.29 36.53 13.30
P1 FBP NA . -36.58 30.40 -8.41
O1P FBP NA . -37.17 29.05 -7.93
O2P FBP NA . -36.08 30.31 -9.89
O3P FBP NA . -37.58 31.50 -8.24
O1 FBP NA . -35.42 30.62 -7.43
C1 FBP NA . -34.28 29.74 -7.36
C2 FBP NA . -33.14 30.58 -6.77
O2 FBP NA . -32.08 29.69 -6.51
C3 FBP NA . -33.58 31.35 -5.50
O3 FBP NA . -33.65 30.58 -4.32
C4 FBP NA . -32.58 32.45 -5.45
O4 FBP NA . -33.06 33.51 -4.64
C5 FBP NA . -32.55 32.86 -6.91
O5 FBP NA . -32.72 31.64 -7.64
C6 FBP NA . -31.29 33.56 -7.33
O6 FBP NA . -31.63 34.54 -8.35
P2 FBP NA . -30.77 35.94 -8.48
O4P FBP NA . -29.32 35.58 -8.94
O5P FBP NA . -30.76 36.69 -7.18
O6P FBP NA . -31.53 36.72 -9.51
C1 OXL OA . -15.82 52.29 -30.67
C2 OXL OA . -14.60 53.23 -30.78
O1 OXL OA . -15.71 51.06 -30.57
O2 OXL OA . -13.43 52.66 -30.75
O3 OXL OA . -16.95 52.92 -30.70
O4 OXL OA . -14.79 54.43 -30.92
MG MG PA . -16.41 55.41 -30.99
K K QA . -21.33 53.73 -32.65
O4 O8X RA . -2.24 37.58 -10.79
C18 O8X RA . 6.86 40.95 -12.00
C19 O8X RA . 7.65 39.97 -12.56
O3 O8X RA . -2.86 37.45 -13.22
C17 O8X RA . 1.09 40.11 -11.79
C15 O8X RA . -4.22 40.11 -12.75
C16 O8X RA . -0.04 39.35 -11.49
C14 O8X RA . -4.97 41.25 -12.47
C1 O8X RA . 7.42 41.03 -14.75
C13 O8X RA . -5.08 41.79 -11.15
C4 O8X RA . 2.99 42.15 -12.36
C5 O8X RA . 2.36 41.48 -13.54
O1 O8X RA . 5.31 42.94 -10.72
C6 O8X RA . 1.22 40.63 -13.10
O2 O8X RA . -5.61 41.97 -13.40
C3 O8X RA . 6.36 42.00 -12.80
C2 O8X RA . 6.66 42.00 -14.16
C7 O8X RA . 0.24 40.35 -14.05
C12 O8X RA . -4.43 41.17 -10.14
C11 O8X RA . -3.64 40.04 -10.40
C10 O8X RA . -3.52 39.51 -11.71
C9 O8X RA . -1.06 39.08 -12.45
C8 O8X RA . -0.88 39.59 -13.72
O5 O8X RA . 5.78 44.49 -12.71
S O8X RA . 5.46 43.20 -12.13
O6 O8X RA . 8.21 39.00 -11.78
C O8X RA . 7.93 40.01 -13.95
O O8X RA . 8.72 39.14 -14.57
N O8X RA . 4.03 42.99 -12.86
S1 O8X RA . -2.47 38.23 -12.05
H17 O8X RA . 6.64 40.88 -10.93
H16 O8X RA . 1.84 40.25 -11.00
H14 O8X RA . -4.16 39.71 -13.76
H15 O8X RA . -0.12 38.95 -10.49
H1 O8X RA . 7.61 41.04 -15.81
H12 O8X RA . -5.68 42.68 -10.98
H4 O8X RA . 2.26 42.74 -11.79
H5 O8X RA . 3.43 41.43 -11.69
H6 O8X RA . 3.10 40.87 -14.04
H7 O8X RA . 2.03 42.19 -14.29
H13 O8X RA . -5.50 41.54 -14.28
H2 O8X RA . 6.26 42.79 -14.78
H8 O8X RA . 0.34 40.72 -15.07
H11 O8X RA . -4.49 41.55 -9.12
H10 O8X RA . -3.11 39.60 -9.57
H9 O8X RA . -1.62 39.41 -14.50
H18 O8X RA . 7.45 38.53 -11.34
H O8X RA . 9.04 38.45 -13.94
H3 O8X RA . 3.80 43.46 -13.73
#